data_4CDR
#
_entry.id   4CDR
#
_cell.length_a   273.728
_cell.length_b   273.728
_cell.length_c   142.581
_cell.angle_alpha   90.00
_cell.angle_beta   90.00
_cell.angle_gamma   120.00
#
_symmetry.space_group_name_H-M   'P 3 2 1'
#
loop_
_entity.id
_entity.type
_entity.pdbx_description
1 polymer 'UDP-N-ACETYLGLUCOSAMINE--PEPTIDE N-ACETYLGLUCOSAMINYLTRANSFERASE 110 KDA SUBUNIT'
2 polymer GOBLIN1
3 non-polymer 'SULFATE ION'
4 non-polymer "URIDINE-5'-DIPHOSPHATE"
#
loop_
_entity_poly.entity_id
_entity_poly.type
_entity_poly.pdbx_seq_one_letter_code
_entity_poly.pdbx_strand_id
1 'polypeptide(L)'
;GPGSCPTHADSLNNLANIKREQGNIEEAVRLYRKALEVFPEFAAAHSNLASVLQQQGKLQEALMHYKEAIRISPTFADAY
SNMGNTLKEMQDVQGALQCYTRAIQINPAFADAHSNLASIHKDSGNIPEAIASYRTALKLKPDFPDAYCNLAHCLQIVCD
WTDYDERMKKLVSIVADQLEKNRLPSVHPHHSMLYPLSHGFRKAIAERHGNLCLDKINVLHKPPYEHPKDLKLSDGRLRV
GYVSSDFGNHPTSHLMQSIPGMHNPDKFEVFCYALSPDDGTNFRVKVMAEANHFIDLSQIPCNGKAADRIHQDGIHILVN
MNGYTKGARNELFALRPAPIQAMWLGYPGTSGALFMDYIITDQETSPAEVAEQYSEKLAYMPHTFFIGDHANMFPHLKKK
AVIDFKSNGHIYDNRIVLNGIDLKAFLDSLPDVKIVKMKCPDGGDNADSSNTALNMPVIPMNTIAEAVIEMINRGQIQIT
INGFSISNGLATTQINNKAATGEEVPRTIIVTTRSQYGLPEDAIVYCNFNQLYKIDPSTLQMWANILKRVPNSVLWLLRF
PAVGEPNIQQYAQNMGLPQNRIIFSPVAPKEEHVRRGQLADVCLDTPLCNGHTTGMDVLWAGTPMVTMPGETLASRVAAS
QLTCLGCLELIAKNRQEYEDIAVKLGTDLEYLKKVRGKVWKQRISSPLFNTKQYTMELERLYLQMWEHYAAGNKPDHMIK
PVE
;
A,B,C,D
2 'polypeptide(L)' (ACE)VTPV(SRZ)TA(NH2) E,F,G,H
#
loop_
_chem_comp.id
_chem_comp.type
_chem_comp.name
_chem_comp.formula
ACE non-polymer 'ACETYL GROUP' 'C2 H4 O'
NH2 non-polymer 'AMINO GROUP' 'H2 N'
SO4 non-polymer 'SULFATE ION' 'O4 S -2'
UDP RNA linking URIDINE-5'-DIPHOSPHATE 'C9 H14 N2 O12 P2'
#
# COMPACT_ATOMS: atom_id res chain seq x y z
N SER A 4 79.51 -23.72 7.87
CA SER A 4 79.37 -22.71 8.98
C SER A 4 79.17 -21.25 8.50
N CYS A 5 79.31 -21.07 7.18
CA CYS A 5 79.47 -19.75 6.55
C CYS A 5 78.14 -19.00 6.24
N PRO A 6 77.84 -17.90 6.99
CA PRO A 6 76.61 -17.11 6.68
C PRO A 6 76.50 -16.53 5.25
N THR A 7 77.64 -16.30 4.58
CA THR A 7 77.64 -15.76 3.20
C THR A 7 77.32 -16.84 2.18
N HIS A 8 77.82 -18.04 2.46
CA HIS A 8 77.48 -19.23 1.70
C HIS A 8 75.99 -19.43 1.81
N ALA A 9 75.50 -19.58 3.04
CA ALA A 9 74.06 -19.73 3.32
C ALA A 9 73.22 -18.64 2.64
N ASP A 10 73.66 -17.39 2.72
CA ASP A 10 72.93 -16.29 2.10
C ASP A 10 72.72 -16.51 0.62
N SER A 11 73.75 -17.06 -0.05
CA SER A 11 73.72 -17.31 -1.50
C SER A 11 72.67 -18.38 -1.80
N LEU A 12 72.78 -19.51 -1.09
CA LEU A 12 71.83 -20.60 -1.23
C LEU A 12 70.39 -20.15 -1.02
N ASN A 13 70.19 -19.15 -0.16
CA ASN A 13 68.87 -18.56 0.02
C ASN A 13 68.46 -17.82 -1.24
N ASN A 14 69.33 -16.94 -1.75
CA ASN A 14 69.05 -16.20 -2.98
C ASN A 14 68.73 -17.10 -4.17
N LEU A 15 69.43 -18.24 -4.23
CA LEU A 15 69.25 -19.22 -5.29
C LEU A 15 67.91 -19.94 -5.18
N ALA A 16 67.49 -20.23 -3.96
CA ALA A 16 66.19 -20.83 -3.68
C ALA A 16 65.02 -19.87 -3.95
N ASN A 17 65.20 -18.60 -3.58
CA ASN A 17 64.25 -17.55 -3.92
C ASN A 17 64.01 -17.43 -5.40
N ILE A 18 65.04 -17.76 -6.18
CA ILE A 18 64.99 -17.73 -7.63
C ILE A 18 64.19 -18.94 -8.17
N LYS A 19 64.55 -20.14 -7.72
CA LYS A 19 63.81 -21.35 -8.06
C LYS A 19 62.32 -21.31 -7.63
N ARG A 20 62.01 -20.56 -6.59
CA ARG A 20 60.64 -20.37 -6.14
C ARG A 20 59.83 -19.44 -7.07
N GLU A 21 60.45 -18.36 -7.55
CA GLU A 21 59.78 -17.43 -8.48
C GLU A 21 59.36 -18.13 -9.77
N GLN A 22 60.18 -19.09 -10.20
CA GLN A 22 59.91 -19.93 -11.37
C GLN A 22 59.07 -21.16 -11.02
N GLY A 23 58.40 -21.13 -9.87
CA GLY A 23 57.50 -22.22 -9.44
C GLY A 23 58.09 -23.62 -9.41
N ASN A 24 59.41 -23.74 -9.39
CA ASN A 24 60.06 -25.03 -9.18
C ASN A 24 60.25 -25.26 -7.68
N ILE A 25 59.11 -25.33 -7.00
CA ILE A 25 59.02 -25.44 -5.54
C ILE A 25 59.79 -26.67 -5.05
N GLU A 26 59.62 -27.78 -5.75
CA GLU A 26 60.45 -28.99 -5.62
C GLU A 26 61.88 -28.68 -5.17
N GLU A 27 62.57 -27.86 -5.97
CA GLU A 27 64.00 -27.55 -5.85
C GLU A 27 64.31 -26.44 -4.83
N ALA A 28 63.46 -25.42 -4.80
CA ALA A 28 63.52 -24.36 -3.80
C ALA A 28 63.74 -24.95 -2.40
N VAL A 29 62.86 -25.84 -1.99
CA VAL A 29 62.97 -26.54 -0.69
C VAL A 29 64.35 -27.14 -0.46
N ARG A 30 64.82 -27.97 -1.39
CA ARG A 30 66.13 -28.64 -1.30
C ARG A 30 67.25 -27.61 -1.02
N LEU A 31 67.22 -26.47 -1.71
CA LEU A 31 68.18 -25.39 -1.53
C LEU A 31 68.07 -24.66 -0.20
N TYR A 32 66.85 -24.26 0.18
CA TYR A 32 66.57 -23.67 1.50
C TYR A 32 67.09 -24.56 2.60
N ARG A 33 66.84 -25.87 2.48
CA ARG A 33 67.30 -26.85 3.46
C ARG A 33 68.83 -26.95 3.57
N LYS A 34 69.52 -26.76 2.44
CA LYS A 34 70.98 -26.76 2.40
C LYS A 34 71.51 -25.46 2.97
N ALA A 35 70.86 -24.34 2.66
CA ALA A 35 71.19 -23.06 3.29
C ALA A 35 71.19 -23.18 4.81
N LEU A 36 70.25 -23.96 5.34
CA LEU A 36 70.09 -24.11 6.79
C LEU A 36 71.02 -25.15 7.40
N GLU A 37 71.53 -26.04 6.55
CA GLU A 37 72.49 -27.05 6.99
C GLU A 37 73.86 -26.40 7.14
N VAL A 38 74.18 -25.52 6.19
CA VAL A 38 75.31 -24.61 6.28
C VAL A 38 75.19 -23.70 7.52
N PHE A 39 74.13 -22.88 7.59
CA PHE A 39 73.96 -21.88 8.67
C PHE A 39 72.60 -21.99 9.35
N PRO A 40 72.52 -22.80 10.43
CA PRO A 40 71.25 -23.10 11.12
C PRO A 40 70.58 -21.90 11.82
N GLU A 41 71.33 -20.85 12.12
CA GLU A 41 70.78 -19.65 12.76
C GLU A 41 70.40 -18.58 11.73
N PHE A 42 69.95 -19.01 10.55
CA PHE A 42 69.60 -18.08 9.49
C PHE A 42 68.10 -17.84 9.54
N ALA A 43 67.72 -16.63 9.93
CA ALA A 43 66.31 -16.33 10.14
C ALA A 43 65.51 -16.43 8.84
N ALA A 44 65.97 -15.74 7.80
CA ALA A 44 65.20 -15.66 6.56
C ALA A 44 65.05 -16.99 5.86
N ALA A 45 66.02 -17.88 6.00
CA ALA A 45 65.90 -19.21 5.37
C ALA A 45 64.85 -20.00 6.08
N HIS A 46 64.86 -19.97 7.41
CA HIS A 46 63.80 -20.64 8.16
C HIS A 46 62.42 -20.13 7.71
N SER A 47 62.28 -18.80 7.66
CA SER A 47 61.03 -18.18 7.28
C SER A 47 60.57 -18.61 5.90
N ASN A 48 61.48 -18.54 4.94
CA ASN A 48 61.18 -18.90 3.56
C ASN A 48 60.82 -20.38 3.42
N LEU A 49 61.60 -21.25 4.05
CA LEU A 49 61.33 -22.68 4.01
C LEU A 49 59.94 -22.97 4.58
N ALA A 50 59.61 -22.27 5.66
CA ALA A 50 58.33 -22.39 6.32
C ALA A 50 57.18 -22.03 5.38
N SER A 51 57.31 -20.89 4.70
CA SER A 51 56.21 -20.45 3.85
C SER A 51 56.05 -21.27 2.56
N VAL A 52 57.08 -22.01 2.15
CA VAL A 52 56.84 -22.97 1.07
C VAL A 52 56.31 -24.30 1.58
N LEU A 53 56.66 -24.69 2.80
CA LEU A 53 56.02 -25.85 3.41
C LEU A 53 54.52 -25.60 3.64
N GLN A 54 54.16 -24.34 3.89
CA GLN A 54 52.78 -23.98 4.11
C GLN A 54 51.99 -24.12 2.84
N GLN A 55 52.58 -23.67 1.74
CA GLN A 55 52.04 -23.88 0.40
C GLN A 55 51.78 -25.36 0.11
N GLN A 56 52.64 -26.21 0.64
CA GLN A 56 52.59 -27.64 0.37
C GLN A 56 51.63 -28.37 1.31
N GLY A 57 51.00 -27.61 2.20
CA GLY A 57 50.11 -28.20 3.19
C GLY A 57 50.82 -28.99 4.27
N LYS A 58 52.15 -28.90 4.32
CA LYS A 58 52.94 -29.51 5.39
C LYS A 58 52.99 -28.56 6.60
N LEU A 59 51.80 -28.29 7.16
CA LEU A 59 51.62 -27.28 8.19
C LEU A 59 52.37 -27.62 9.46
N GLN A 60 52.32 -28.90 9.88
CA GLN A 60 52.96 -29.34 11.14
C GLN A 60 54.40 -28.79 11.17
N GLU A 61 55.09 -28.99 10.03
CA GLU A 61 56.52 -28.72 9.86
C GLU A 61 56.82 -27.25 9.56
N ALA A 62 55.90 -26.61 8.85
CA ALA A 62 56.02 -25.21 8.50
C ALA A 62 56.04 -24.38 9.78
N LEU A 63 55.19 -24.78 10.72
CA LEU A 63 55.06 -24.14 12.02
C LEU A 63 56.37 -24.21 12.80
N MET A 64 57.03 -25.36 12.76
CA MET A 64 58.28 -25.53 13.48
C MET A 64 59.39 -24.59 12.96
N HIS A 65 59.39 -24.32 11.66
CA HIS A 65 60.38 -23.42 11.10
C HIS A 65 60.07 -21.94 11.33
N TYR A 66 58.79 -21.60 11.40
CA TYR A 66 58.40 -20.23 11.75
C TYR A 66 58.81 -19.95 13.18
N LYS A 67 58.59 -20.90 14.08
CA LYS A 67 58.97 -20.75 15.48
C LYS A 67 60.45 -20.47 15.60
N GLU A 68 61.25 -21.13 14.75
CA GLU A 68 62.68 -20.94 14.75
C GLU A 68 63.05 -19.57 14.26
N ALA A 69 62.42 -19.13 13.18
CA ALA A 69 62.69 -17.83 12.60
C ALA A 69 62.49 -16.75 13.63
N ILE A 70 61.45 -16.90 14.45
CA ILE A 70 61.12 -15.96 15.52
C ILE A 70 62.19 -16.00 16.61
N ARG A 71 62.57 -17.20 17.02
CA ARG A 71 63.61 -17.38 18.06
C ARG A 71 64.90 -16.66 17.68
N ILE A 72 65.25 -16.72 16.41
CA ILE A 72 66.45 -16.10 15.91
C ILE A 72 66.30 -14.59 15.77
N SER A 73 65.15 -14.14 15.27
CA SER A 73 64.93 -12.72 14.99
C SER A 73 63.64 -12.28 15.64
N PRO A 74 63.69 -11.84 16.91
CA PRO A 74 62.44 -11.67 17.64
C PRO A 74 61.58 -10.52 17.14
N THR A 75 62.16 -9.60 16.39
CA THR A 75 61.39 -8.48 15.84
C THR A 75 60.89 -8.74 14.42
N PHE A 76 60.97 -10.01 14.00
CA PHE A 76 60.52 -10.47 12.69
C PHE A 76 58.99 -10.47 12.66
N ALA A 77 58.41 -9.28 12.60
CA ALA A 77 56.95 -9.15 12.61
C ALA A 77 56.31 -9.99 11.50
N ASP A 78 56.96 -10.03 10.33
CA ASP A 78 56.47 -10.76 9.17
C ASP A 78 56.31 -12.27 9.41
N ALA A 79 57.22 -12.83 10.18
CA ALA A 79 57.20 -14.25 10.52
C ALA A 79 56.09 -14.56 11.51
N TYR A 80 55.78 -13.62 12.39
CA TYR A 80 54.67 -13.79 13.32
C TYR A 80 53.37 -13.93 12.54
N SER A 81 53.17 -12.99 11.61
CA SER A 81 51.98 -12.95 10.78
C SER A 81 51.74 -14.22 9.96
N ASN A 82 52.79 -14.78 9.39
CA ASN A 82 52.66 -16.01 8.64
C ASN A 82 52.49 -17.23 9.51
N MET A 83 53.14 -17.25 10.68
CA MET A 83 52.95 -18.32 11.66
C MET A 83 51.48 -18.36 12.02
N GLY A 84 50.93 -17.18 12.23
CA GLY A 84 49.52 -16.97 12.46
C GLY A 84 48.70 -17.69 11.42
N ASN A 85 48.94 -17.38 10.15
CA ASN A 85 48.22 -18.02 9.02
C ASN A 85 48.30 -19.55 9.07
N THR A 86 49.48 -20.07 9.40
CA THR A 86 49.67 -21.51 9.58
C THR A 86 48.77 -22.03 10.69
N LEU A 87 48.80 -21.41 11.86
CA LEU A 87 47.94 -21.85 12.96
C LEU A 87 46.48 -21.80 12.58
N LYS A 88 46.10 -20.79 11.80
CA LYS A 88 44.69 -20.62 11.40
C LYS A 88 44.23 -21.78 10.56
N GLU A 89 45.04 -22.17 9.58
CA GLU A 89 44.77 -23.29 8.70
C GLU A 89 44.76 -24.60 9.48
N MET A 90 45.52 -24.64 10.59
CA MET A 90 45.56 -25.80 11.45
C MET A 90 44.37 -25.86 12.41
N GLN A 91 43.40 -24.97 12.24
CA GLN A 91 42.22 -24.88 13.12
C GLN A 91 42.53 -24.33 14.54
N ASP A 92 43.72 -23.79 14.76
CA ASP A 92 44.06 -23.23 16.06
C ASP A 92 43.89 -21.72 16.02
N VAL A 93 42.66 -21.29 15.85
CA VAL A 93 42.32 -19.86 15.69
C VAL A 93 42.75 -19.04 16.92
N GLN A 94 42.62 -19.63 18.10
CA GLN A 94 43.09 -19.01 19.33
C GLN A 94 44.56 -18.56 19.20
N GLY A 95 45.45 -19.50 18.88
CA GLY A 95 46.88 -19.21 18.85
C GLY A 95 47.30 -18.41 17.63
N ALA A 96 46.48 -18.49 16.58
CA ALA A 96 46.69 -17.72 15.36
C ALA A 96 46.49 -16.27 15.65
N LEU A 97 45.46 -15.99 16.45
CA LEU A 97 45.06 -14.65 16.81
C LEU A 97 46.14 -14.04 17.68
N GLN A 98 46.69 -14.85 18.58
CA GLN A 98 47.75 -14.41 19.47
C GLN A 98 48.97 -14.00 18.68
N CYS A 99 49.25 -14.68 17.58
CA CYS A 99 50.34 -14.29 16.70
C CYS A 99 50.09 -12.95 16.09
N TYR A 100 48.89 -12.75 15.55
CA TYR A 100 48.59 -11.51 14.87
C TYR A 100 48.71 -10.37 15.85
N THR A 101 48.14 -10.51 17.04
CA THR A 101 48.18 -9.42 18.02
C THR A 101 49.58 -9.12 18.42
N ARG A 102 50.39 -10.18 18.55
CA ARG A 102 51.75 -10.04 18.99
C ARG A 102 52.60 -9.31 17.94
N ALA A 103 52.34 -9.57 16.67
CA ALA A 103 53.02 -8.86 15.59
C ALA A 103 52.73 -7.37 15.64
N ILE A 104 51.47 -7.00 15.90
CA ILE A 104 51.04 -5.61 15.88
C ILE A 104 51.69 -4.84 17.01
N GLN A 105 51.91 -5.53 18.13
CA GLN A 105 52.59 -4.95 19.30
C GLN A 105 54.03 -4.63 18.97
N ILE A 106 54.69 -5.58 18.32
CA ILE A 106 56.07 -5.43 17.90
C ILE A 106 56.26 -4.36 16.83
N ASN A 107 55.43 -4.39 15.78
CA ASN A 107 55.46 -3.34 14.78
C ASN A 107 54.08 -2.79 14.54
N PRO A 108 53.75 -1.65 15.19
CA PRO A 108 52.44 -1.06 15.07
C PRO A 108 52.08 -0.73 13.62
N ALA A 109 53.12 -0.59 12.80
CA ALA A 109 52.99 -0.05 11.45
C ALA A 109 52.85 -1.11 10.38
N PHE A 110 52.83 -2.36 10.80
CA PHE A 110 52.88 -3.51 9.91
C PHE A 110 51.51 -3.88 9.40
N ALA A 111 51.20 -3.52 8.17
CA ALA A 111 49.85 -3.67 7.62
C ALA A 111 49.29 -5.09 7.62
N ASP A 112 50.10 -6.09 7.26
CA ASP A 112 49.57 -7.45 7.04
C ASP A 112 48.96 -8.07 8.27
N ALA A 113 49.57 -7.87 9.42
CA ALA A 113 49.06 -8.40 10.67
C ALA A 113 47.67 -7.83 10.93
N HIS A 114 47.47 -6.55 10.62
CA HIS A 114 46.17 -5.92 10.80
C HIS A 114 45.13 -6.56 9.93
N SER A 115 45.47 -6.75 8.66
CA SER A 115 44.60 -7.44 7.72
C SER A 115 44.25 -8.87 8.17
N ASN A 116 45.27 -9.66 8.52
CA ASN A 116 45.06 -11.00 9.05
C ASN A 116 44.16 -11.04 10.28
N LEU A 117 44.30 -10.05 11.18
CA LEU A 117 43.45 -9.95 12.37
C LEU A 117 42.00 -9.71 11.94
N ALA A 118 41.82 -8.80 10.99
CA ALA A 118 40.50 -8.56 10.40
C ALA A 118 39.89 -9.81 9.80
N SER A 119 40.72 -10.68 9.22
CA SER A 119 40.22 -11.93 8.65
C SER A 119 39.64 -12.86 9.69
N ILE A 120 40.25 -12.93 10.88
CA ILE A 120 39.71 -13.74 11.97
C ILE A 120 38.35 -13.16 12.38
N HIS A 121 38.26 -11.85 12.42
CA HIS A 121 37.04 -11.23 12.85
C HIS A 121 35.93 -11.55 11.87
N LYS A 122 36.28 -11.52 10.58
CA LYS A 122 35.31 -11.75 9.51
C LYS A 122 34.74 -13.15 9.62
N ASP A 123 35.63 -14.12 9.83
CA ASP A 123 35.27 -15.52 9.94
C ASP A 123 34.39 -15.79 11.14
N SER A 124 34.54 -15.00 12.20
CA SER A 124 33.73 -15.17 13.39
C SER A 124 32.38 -14.54 13.25
N GLY A 125 32.20 -13.74 12.21
CA GLY A 125 30.93 -13.11 12.01
C GLY A 125 30.85 -11.70 12.55
N ASN A 126 31.86 -11.29 13.33
CA ASN A 126 31.87 -9.88 13.78
C ASN A 126 32.46 -8.94 12.72
N ILE A 127 31.55 -8.39 11.93
CA ILE A 127 31.91 -7.69 10.71
C ILE A 127 32.36 -6.25 10.93
N PRO A 128 31.72 -5.51 11.86
CA PRO A 128 32.22 -4.14 12.09
C PRO A 128 33.68 -4.12 12.58
N GLU A 129 34.07 -5.09 13.40
CA GLU A 129 35.46 -5.16 13.88
C GLU A 129 36.40 -5.61 12.76
N ALA A 130 35.89 -6.46 11.87
CA ALA A 130 36.62 -6.81 10.64
C ALA A 130 36.85 -5.57 9.76
N ILE A 131 35.81 -4.80 9.50
CA ILE A 131 35.95 -3.55 8.74
C ILE A 131 37.02 -2.62 9.33
N ALA A 132 36.92 -2.37 10.64
CA ALA A 132 37.86 -1.47 11.35
C ALA A 132 39.31 -1.85 11.10
N SER A 133 39.64 -3.13 11.30
CA SER A 133 41.00 -3.62 11.09
C SER A 133 41.45 -3.58 9.63
N TYR A 134 40.58 -3.96 8.69
CA TYR A 134 40.92 -3.82 7.27
C TYR A 134 41.28 -2.38 6.93
N ARG A 135 40.48 -1.43 7.44
CA ARG A 135 40.69 -0.01 7.21
C ARG A 135 42.02 0.45 7.78
N THR A 136 42.35 -0.01 8.99
CA THR A 136 43.67 0.25 9.57
C THR A 136 44.76 -0.22 8.63
N ALA A 137 44.70 -1.49 8.20
CA ALA A 137 45.69 -2.02 7.28
C ALA A 137 45.87 -1.19 6.03
N LEU A 138 44.79 -0.65 5.50
CA LEU A 138 44.82 0.13 4.27
C LEU A 138 45.35 1.53 4.45
N LYS A 139 45.13 2.12 5.63
CA LYS A 139 45.75 3.37 6.00
C LYS A 139 47.28 3.18 6.05
N LEU A 140 47.73 2.08 6.68
CA LEU A 140 49.15 1.75 6.79
C LEU A 140 49.77 1.33 5.47
N LYS A 141 49.01 0.69 4.60
CA LYS A 141 49.55 0.30 3.28
C LYS A 141 48.49 0.42 2.21
N PRO A 142 48.37 1.61 1.58
CA PRO A 142 47.24 1.92 0.67
C PRO A 142 47.13 1.03 -0.57
N ASP A 143 48.23 0.38 -0.96
CA ASP A 143 48.21 -0.60 -2.04
C ASP A 143 48.33 -2.02 -1.49
N PHE A 144 47.18 -2.65 -1.26
CA PHE A 144 47.10 -3.90 -0.54
C PHE A 144 45.88 -4.56 -1.12
N PRO A 145 46.04 -5.32 -2.20
CA PRO A 145 44.90 -5.97 -2.80
C PRO A 145 44.12 -6.88 -1.86
N ASP A 146 44.79 -7.78 -1.13
CA ASP A 146 44.11 -8.74 -0.25
C ASP A 146 43.15 -8.06 0.74
N ALA A 147 43.61 -6.98 1.37
CA ALA A 147 42.81 -6.23 2.34
C ALA A 147 41.71 -5.46 1.68
N TYR A 148 42.02 -4.85 0.55
CA TYR A 148 41.02 -4.09 -0.16
C TYR A 148 39.82 -4.93 -0.56
N CYS A 149 40.07 -6.09 -1.14
CA CYS A 149 39.00 -6.93 -1.63
C CYS A 149 38.24 -7.58 -0.50
N ASN A 150 38.96 -7.93 0.56
CA ASN A 150 38.32 -8.45 1.74
C ASN A 150 37.43 -7.40 2.39
N LEU A 151 37.90 -6.16 2.47
CA LEU A 151 37.08 -5.07 2.97
C LEU A 151 35.85 -4.89 2.10
N ALA A 152 36.05 -4.84 0.79
CA ALA A 152 34.97 -4.72 -0.18
C ALA A 152 33.88 -5.75 0.07
N HIS A 153 34.28 -6.98 0.38
CA HIS A 153 33.30 -8.02 0.67
C HIS A 153 32.57 -7.79 1.99
N CYS A 154 33.27 -7.30 3.02
CA CYS A 154 32.62 -6.93 4.28
C CYS A 154 31.60 -5.84 4.06
N LEU A 155 31.98 -4.82 3.31
CA LEU A 155 31.07 -3.75 3.03
C LEU A 155 29.87 -4.28 2.26
N GLN A 156 30.11 -5.24 1.38
CA GLN A 156 29.02 -5.86 0.66
C GLN A 156 28.04 -6.52 1.63
N ILE A 157 28.59 -7.24 2.59
CA ILE A 157 27.83 -8.04 3.58
C ILE A 157 26.88 -7.20 4.43
N VAL A 158 27.32 -6.02 4.81
CA VAL A 158 26.51 -5.09 5.62
C VAL A 158 25.75 -4.05 4.80
N CYS A 159 25.84 -4.14 3.49
CA CYS A 159 25.19 -3.19 2.58
C CYS A 159 25.66 -1.77 2.73
N ASP A 160 26.96 -1.57 2.92
CA ASP A 160 27.53 -0.25 2.84
C ASP A 160 27.92 -0.02 1.38
N TRP A 161 27.23 0.90 0.73
CA TRP A 161 27.49 1.12 -0.68
C TRP A 161 28.15 2.48 -0.95
N THR A 162 28.90 2.98 0.02
CA THR A 162 29.70 4.19 -0.13
C THR A 162 30.69 4.07 -1.30
N ASP A 163 30.64 5.00 -2.25
CA ASP A 163 31.52 4.98 -3.42
C ASP A 163 31.47 3.64 -4.10
N TYR A 164 30.29 3.07 -4.22
CA TYR A 164 30.12 1.72 -4.78
C TYR A 164 30.72 1.59 -6.17
N ASP A 165 30.36 2.50 -7.08
CA ASP A 165 30.73 2.34 -8.48
C ASP A 165 32.21 2.40 -8.67
N GLU A 166 32.85 3.30 -7.94
CA GLU A 166 34.30 3.45 -7.97
C GLU A 166 34.98 2.23 -7.34
N ARG A 167 34.38 1.70 -6.28
CA ARG A 167 34.88 0.51 -5.61
C ARG A 167 34.92 -0.70 -6.55
N MET A 168 33.89 -0.84 -7.38
CA MET A 168 33.81 -1.99 -8.28
C MET A 168 34.84 -1.89 -9.37
N LYS A 169 35.02 -0.69 -9.91
CA LYS A 169 36.01 -0.46 -10.97
C LYS A 169 37.42 -0.75 -10.49
N LYS A 170 37.66 -0.51 -9.20
CA LYS A 170 38.92 -0.85 -8.60
C LYS A 170 39.10 -2.34 -8.37
N LEU A 171 38.06 -3.05 -7.96
CA LEU A 171 38.19 -4.50 -7.80
C LEU A 171 38.56 -5.13 -9.10
N VAL A 172 37.83 -4.80 -10.13
CA VAL A 172 38.06 -5.36 -11.45
C VAL A 172 39.50 -5.07 -11.83
N SER A 173 39.87 -3.81 -11.73
CA SER A 173 41.25 -3.39 -11.96
C SER A 173 42.33 -4.19 -11.18
N ILE A 174 42.08 -4.45 -9.89
CA ILE A 174 43.00 -5.21 -9.06
C ILE A 174 43.12 -6.65 -9.55
N VAL A 175 41.99 -7.26 -9.89
CA VAL A 175 41.97 -8.63 -10.37
C VAL A 175 42.69 -8.71 -11.70
N ALA A 176 42.42 -7.74 -12.58
CA ALA A 176 43.02 -7.71 -13.90
C ALA A 176 44.53 -7.68 -13.83
N ASP A 177 45.05 -6.88 -12.92
CA ASP A 177 46.47 -6.73 -12.68
C ASP A 177 47.09 -8.00 -12.08
N GLN A 178 46.36 -8.67 -11.20
CA GLN A 178 46.87 -9.85 -10.53
C GLN A 178 46.86 -11.05 -11.46
N LEU A 179 45.90 -11.09 -12.37
CA LEU A 179 45.77 -12.20 -13.31
C LEU A 179 46.88 -12.11 -14.32
N GLU A 180 47.14 -10.90 -14.80
CA GLU A 180 48.18 -10.65 -15.75
C GLU A 180 49.61 -10.75 -15.19
N LYS A 181 49.80 -10.44 -13.91
CA LYS A 181 51.12 -10.63 -13.30
C LYS A 181 51.26 -12.08 -12.79
N ASN A 182 50.31 -12.95 -13.15
CA ASN A 182 50.25 -14.34 -12.70
C ASN A 182 50.29 -14.54 -11.15
N ARG A 183 49.52 -13.72 -10.43
CA ARG A 183 49.40 -13.82 -8.98
C ARG A 183 48.02 -14.45 -8.66
N LEU A 184 47.87 -14.96 -7.45
CA LEU A 184 46.59 -15.48 -6.96
C LEU A 184 45.72 -14.26 -6.65
N PRO A 185 44.56 -14.15 -7.33
CA PRO A 185 43.66 -13.02 -7.16
C PRO A 185 43.14 -12.91 -5.73
N SER A 186 42.79 -11.69 -5.36
CA SER A 186 42.35 -11.36 -4.01
C SER A 186 40.86 -11.59 -3.79
N VAL A 187 40.12 -11.70 -4.87
CA VAL A 187 38.70 -12.03 -4.83
C VAL A 187 38.53 -13.54 -4.78
N HIS A 188 37.65 -14.02 -3.93
CA HIS A 188 37.47 -15.45 -3.73
C HIS A 188 36.52 -15.94 -4.80
N PRO A 189 36.77 -17.14 -5.37
CA PRO A 189 35.86 -17.63 -6.39
C PRO A 189 34.41 -17.59 -5.95
N HIS A 190 34.13 -17.94 -4.69
CA HIS A 190 32.75 -18.00 -4.22
C HIS A 190 32.11 -16.62 -4.10
N HIS A 191 32.90 -15.55 -4.23
CA HIS A 191 32.40 -14.19 -4.21
C HIS A 191 32.41 -13.53 -5.57
N SER A 192 33.14 -14.12 -6.52
CA SER A 192 33.34 -13.50 -7.82
C SER A 192 32.07 -13.21 -8.61
N MET A 193 30.95 -13.82 -8.25
CA MET A 193 29.71 -13.50 -8.94
C MET A 193 29.07 -12.18 -8.54
N LEU A 194 29.54 -11.59 -7.44
CA LEU A 194 28.96 -10.38 -6.90
C LEU A 194 29.49 -9.10 -7.55
N TYR A 195 30.57 -9.22 -8.30
CA TYR A 195 31.22 -8.06 -8.84
C TYR A 195 31.18 -8.08 -10.38
N PRO A 196 31.19 -6.89 -11.02
CA PRO A 196 31.17 -6.83 -12.48
C PRO A 196 32.49 -7.23 -13.13
N LEU A 197 32.96 -8.43 -12.87
CA LEU A 197 34.22 -8.88 -13.40
C LEU A 197 34.08 -9.28 -14.88
N SER A 198 35.17 -9.08 -15.62
CA SER A 198 35.30 -9.37 -17.06
C SER A 198 35.27 -10.88 -17.46
N HIS A 199 34.84 -11.70 -16.49
CA HIS A 199 34.10 -12.98 -16.70
C HIS A 199 34.78 -14.28 -17.23
N GLY A 200 35.70 -14.06 -18.17
CA GLY A 200 36.83 -14.94 -18.40
C GLY A 200 37.66 -14.83 -17.14
N PHE A 201 37.51 -13.69 -16.46
CA PHE A 201 38.08 -13.40 -15.14
C PHE A 201 37.58 -14.36 -14.07
N ARG A 202 36.26 -14.55 -14.00
CA ARG A 202 35.66 -15.43 -13.01
C ARG A 202 36.18 -16.86 -13.14
N LYS A 203 36.22 -17.34 -14.37
CA LYS A 203 36.82 -18.62 -14.67
C LYS A 203 38.29 -18.64 -14.26
N ALA A 204 39.03 -17.58 -14.54
CA ALA A 204 40.45 -17.55 -14.24
C ALA A 204 40.74 -17.48 -12.75
N ILE A 205 39.87 -16.81 -11.98
CA ILE A 205 39.95 -16.78 -10.53
C ILE A 205 39.76 -18.18 -9.98
N ALA A 206 38.77 -18.88 -10.47
CA ALA A 206 38.52 -20.25 -10.06
C ALA A 206 39.68 -21.17 -10.42
N GLU A 207 40.13 -21.10 -11.66
CA GLU A 207 41.26 -21.89 -12.15
C GLU A 207 42.42 -21.80 -11.19
N ARG A 208 42.64 -20.57 -10.72
CA ARG A 208 43.81 -20.20 -9.99
C ARG A 208 43.74 -20.67 -8.56
N HIS A 209 42.52 -20.84 -8.03
CA HIS A 209 42.30 -21.51 -6.75
C HIS A 209 42.44 -23.02 -6.84
N GLY A 210 42.04 -23.59 -7.97
CA GLY A 210 42.30 -25.01 -8.25
C GLY A 210 43.77 -25.37 -8.09
N ASN A 211 44.66 -24.51 -8.57
CA ASN A 211 46.09 -24.75 -8.46
C ASN A 211 46.63 -24.89 -7.06
N LEU A 212 45.96 -24.27 -6.10
CA LEU A 212 46.43 -24.35 -4.72
C LEU A 212 46.44 -25.79 -4.22
N CYS A 213 45.57 -26.61 -4.79
CA CYS A 213 45.54 -28.04 -4.52
C CYS A 213 46.72 -28.76 -5.13
N LEU A 214 46.98 -28.50 -6.40
CA LEU A 214 48.03 -29.21 -7.12
C LEU A 214 49.32 -29.22 -6.29
N ASP A 215 49.69 -28.05 -5.79
CA ASP A 215 50.89 -27.90 -4.95
C ASP A 215 50.89 -28.76 -3.68
N LYS A 216 49.70 -29.03 -3.16
CA LYS A 216 49.53 -29.73 -1.89
C LYS A 216 49.48 -31.22 -2.10
N ILE A 217 49.20 -31.65 -3.34
CA ILE A 217 49.16 -33.09 -3.68
C ILE A 217 50.40 -33.63 -4.36
N ASN A 218 51.18 -32.74 -4.95
CA ASN A 218 52.46 -33.14 -5.55
C ASN A 218 53.46 -33.70 -4.58
N VAL A 219 53.41 -33.24 -3.33
CA VAL A 219 54.36 -33.66 -2.30
C VAL A 219 54.11 -35.09 -1.83
N LEU A 220 52.95 -35.62 -2.22
CA LEU A 220 52.60 -37.02 -1.93
C LEU A 220 53.13 -37.97 -3.00
N HIS A 221 53.59 -37.42 -4.14
CA HIS A 221 54.14 -38.19 -5.26
C HIS A 221 53.33 -39.46 -5.56
N LYS A 222 52.05 -39.28 -5.85
CA LYS A 222 51.19 -40.42 -6.14
C LYS A 222 51.07 -40.62 -7.64
N PRO A 223 51.27 -41.87 -8.09
CA PRO A 223 51.09 -42.21 -9.48
C PRO A 223 49.61 -42.12 -9.87
N PRO A 224 49.31 -41.89 -11.16
CA PRO A 224 47.92 -41.89 -11.62
C PRO A 224 47.22 -43.18 -11.23
N TYR A 225 45.95 -43.10 -10.88
CA TYR A 225 45.20 -44.30 -10.51
C TYR A 225 44.74 -45.05 -11.74
N GLU A 226 44.48 -46.34 -11.57
CA GLU A 226 43.93 -47.13 -12.64
C GLU A 226 42.43 -47.29 -12.51
N HIS A 227 41.70 -46.59 -13.37
CA HIS A 227 40.25 -46.57 -13.27
C HIS A 227 39.59 -47.80 -13.90
N PRO A 228 38.45 -48.27 -13.33
CA PRO A 228 37.71 -49.37 -13.95
C PRO A 228 37.22 -49.00 -15.36
N LYS A 229 37.04 -49.99 -16.22
CA LYS A 229 36.64 -49.71 -17.60
C LYS A 229 35.37 -50.45 -18.01
N ASP A 230 34.83 -51.18 -17.05
CA ASP A 230 33.56 -51.86 -17.20
C ASP A 230 32.81 -51.85 -15.86
N LEU A 231 31.61 -52.40 -15.83
CA LEU A 231 30.87 -52.51 -14.58
C LEU A 231 30.90 -53.94 -14.03
N LYS A 232 31.90 -54.71 -14.44
CA LYS A 232 31.91 -56.14 -14.11
C LYS A 232 32.18 -56.37 -12.64
N LEU A 233 33.22 -55.71 -12.12
CA LEU A 233 33.60 -55.85 -10.71
C LEU A 233 32.51 -55.36 -9.76
N SER A 234 31.86 -54.28 -10.19
CA SER A 234 30.78 -53.63 -9.42
C SER A 234 29.42 -54.23 -9.74
N ASP A 235 29.42 -55.37 -10.43
CA ASP A 235 28.25 -56.23 -10.52
C ASP A 235 27.11 -55.68 -11.41
N GLY A 236 27.48 -54.98 -12.47
CA GLY A 236 26.47 -54.32 -13.32
C GLY A 236 25.99 -52.96 -12.82
N ARG A 237 26.39 -52.61 -11.59
CA ARG A 237 26.00 -51.34 -10.96
C ARG A 237 27.04 -50.27 -11.18
N LEU A 238 26.59 -49.06 -11.52
CA LEU A 238 27.47 -47.92 -11.61
C LEU A 238 27.65 -47.34 -10.20
N ARG A 239 28.91 -47.20 -9.78
CA ARG A 239 29.25 -46.74 -8.44
C ARG A 239 29.42 -45.23 -8.41
N VAL A 240 28.50 -44.57 -7.72
CA VAL A 240 28.54 -43.11 -7.63
C VAL A 240 28.94 -42.70 -6.23
N GLY A 241 29.94 -41.83 -6.13
CA GLY A 241 30.37 -41.30 -4.84
C GLY A 241 30.05 -39.83 -4.68
N TYR A 242 29.26 -39.49 -3.66
CA TYR A 242 28.97 -38.11 -3.35
C TYR A 242 29.94 -37.60 -2.30
N VAL A 243 30.70 -36.56 -2.60
CA VAL A 243 31.64 -36.04 -1.61
C VAL A 243 31.18 -34.68 -1.10
N SER A 244 30.83 -34.64 0.19
CA SER A 244 30.40 -33.40 0.79
C SER A 244 30.84 -33.21 2.23
N SER A 245 31.11 -31.95 2.55
CA SER A 245 31.33 -31.58 3.95
C SER A 245 30.03 -31.22 4.61
N ASP A 246 28.91 -31.53 3.97
CA ASP A 246 27.64 -30.95 4.39
C ASP A 246 26.53 -31.98 4.63
N PHE A 247 26.91 -33.21 4.92
CA PHE A 247 25.90 -34.18 5.31
C PHE A 247 25.62 -33.92 6.78
N GLY A 248 24.61 -33.09 7.03
CA GLY A 248 24.26 -32.59 8.37
C GLY A 248 23.35 -31.38 8.24
N ASN A 249 23.22 -30.58 9.28
CA ASN A 249 22.36 -29.41 9.18
C ASN A 249 23.04 -28.36 8.33
N HIS A 250 22.81 -28.43 7.01
CA HIS A 250 23.35 -27.49 6.05
C HIS A 250 22.40 -27.41 4.86
N PRO A 251 22.26 -26.21 4.25
CA PRO A 251 21.40 -26.06 3.08
C PRO A 251 21.48 -27.20 2.07
N THR A 252 22.70 -27.63 1.75
CA THR A 252 22.92 -28.73 0.79
C THR A 252 22.16 -30.00 1.20
N SER A 253 22.22 -30.37 2.46
CA SER A 253 21.42 -31.50 2.94
C SER A 253 19.93 -31.22 2.87
N HIS A 254 19.52 -29.97 3.09
CA HIS A 254 18.08 -29.61 2.98
C HIS A 254 17.59 -29.73 1.54
N LEU A 255 18.52 -29.78 0.59
CA LEU A 255 18.15 -29.91 -0.81
C LEU A 255 18.13 -31.38 -1.17
N MET A 256 19.23 -32.10 -0.93
CA MET A 256 19.38 -33.43 -1.49
C MET A 256 19.38 -34.63 -0.53
N GLN A 257 19.02 -34.44 0.73
CA GLN A 257 19.07 -35.54 1.69
C GLN A 257 18.30 -36.79 1.24
N SER A 258 17.28 -36.62 0.41
CA SER A 258 16.44 -37.76 0.04
C SER A 258 17.00 -38.58 -1.12
N ILE A 259 17.91 -37.96 -1.90
CA ILE A 259 18.40 -38.56 -3.13
C ILE A 259 19.20 -39.87 -3.01
N PRO A 260 20.21 -39.94 -2.09
CA PRO A 260 20.94 -41.20 -2.02
C PRO A 260 19.99 -42.37 -1.84
N GLY A 261 19.00 -42.22 -0.98
CA GLY A 261 18.03 -43.29 -0.79
C GLY A 261 17.15 -43.61 -2.00
N MET A 262 17.04 -42.69 -2.94
CA MET A 262 16.11 -42.89 -4.05
C MET A 262 16.75 -43.48 -5.29
N HIS A 263 18.07 -43.66 -5.24
CA HIS A 263 18.78 -44.29 -6.34
C HIS A 263 18.32 -45.73 -6.49
N ASN A 264 18.22 -46.17 -7.75
CA ASN A 264 17.78 -47.53 -8.05
C ASN A 264 18.92 -48.53 -7.87
N PRO A 265 18.79 -49.40 -6.85
CA PRO A 265 19.87 -50.30 -6.40
C PRO A 265 20.22 -51.40 -7.42
N ASP A 266 19.43 -51.55 -8.47
CA ASP A 266 19.74 -52.49 -9.50
C ASP A 266 20.86 -51.95 -10.37
N LYS A 267 20.86 -50.65 -10.62
CA LYS A 267 21.84 -50.09 -11.55
C LYS A 267 22.87 -49.19 -10.89
N PHE A 268 22.64 -48.82 -9.63
CA PHE A 268 23.58 -47.91 -8.95
C PHE A 268 23.96 -48.35 -7.53
N GLU A 269 25.22 -48.17 -7.20
CA GLU A 269 25.71 -48.40 -5.84
C GLU A 269 26.23 -47.07 -5.31
N VAL A 270 25.64 -46.63 -4.21
CA VAL A 270 25.81 -45.25 -3.75
C VAL A 270 26.75 -45.14 -2.57
N PHE A 271 27.82 -44.39 -2.75
CA PHE A 271 28.79 -44.13 -1.71
C PHE A 271 28.73 -42.65 -1.31
N CYS A 272 28.52 -42.36 -0.03
CA CYS A 272 28.58 -40.98 0.43
C CYS A 272 29.81 -40.81 1.24
N TYR A 273 30.65 -39.88 0.84
CA TYR A 273 31.89 -39.61 1.54
C TYR A 273 31.74 -38.33 2.31
N ALA A 274 31.60 -38.44 3.61
CA ALA A 274 31.46 -37.28 4.48
C ALA A 274 32.81 -36.60 4.78
N LEU A 275 32.89 -35.29 4.60
CA LEU A 275 34.14 -34.60 4.91
C LEU A 275 34.11 -33.99 6.30
N SER A 276 33.00 -34.12 6.99
CA SER A 276 32.86 -33.58 8.33
C SER A 276 32.28 -34.62 9.30
N PRO A 277 32.60 -34.47 10.61
CA PRO A 277 32.15 -35.41 11.65
C PRO A 277 30.64 -35.34 11.86
N ASP A 278 30.07 -36.41 12.40
CA ASP A 278 28.62 -36.53 12.62
C ASP A 278 28.19 -35.39 13.52
N ASP A 279 27.33 -34.51 13.02
CA ASP A 279 26.85 -33.39 13.85
C ASP A 279 25.60 -33.75 14.66
N GLY A 280 25.22 -35.02 14.62
CA GLY A 280 24.15 -35.55 15.43
C GLY A 280 22.74 -35.29 14.95
N THR A 281 22.59 -34.55 13.85
CA THR A 281 21.28 -34.19 13.32
C THR A 281 20.69 -35.32 12.49
N ASN A 282 19.38 -35.31 12.31
CA ASN A 282 18.69 -36.32 11.50
C ASN A 282 19.08 -36.28 10.03
N PHE A 283 19.54 -35.14 9.54
CA PHE A 283 20.00 -35.06 8.18
C PHE A 283 21.14 -36.04 7.96
N ARG A 284 22.13 -36.01 8.85
CA ARG A 284 23.24 -36.95 8.82
C ARG A 284 22.76 -38.40 9.05
N VAL A 285 21.82 -38.59 9.97
CA VAL A 285 21.24 -39.93 10.20
C VAL A 285 20.68 -40.54 8.90
N LYS A 286 19.79 -39.81 8.24
CA LYS A 286 19.17 -40.28 7.00
C LYS A 286 20.19 -40.74 5.96
N VAL A 287 21.10 -39.85 5.57
CA VAL A 287 22.06 -40.17 4.55
C VAL A 287 22.83 -41.45 4.94
N MET A 288 23.32 -41.51 6.19
CA MET A 288 24.00 -42.73 6.67
C MET A 288 23.13 -43.98 6.54
N ALA A 289 21.84 -43.85 6.83
CA ALA A 289 20.94 -45.00 6.82
C ALA A 289 20.53 -45.41 5.42
N GLU A 290 20.68 -44.53 4.44
CA GLU A 290 20.07 -44.77 3.13
C GLU A 290 21.07 -44.93 2.01
N ALA A 291 22.21 -44.28 2.12
CA ALA A 291 23.28 -44.54 1.18
C ALA A 291 23.65 -46.02 1.27
N ASN A 292 23.95 -46.63 0.14
CA ASN A 292 24.52 -47.98 0.19
C ASN A 292 25.76 -48.09 1.08
N HIS A 293 26.62 -47.08 1.04
CA HIS A 293 27.82 -47.07 1.85
C HIS A 293 28.03 -45.66 2.32
N PHE A 294 28.35 -45.51 3.60
CA PHE A 294 28.69 -44.21 4.11
C PHE A 294 30.10 -44.22 4.66
N ILE A 295 30.93 -43.28 4.22
CA ILE A 295 32.35 -43.29 4.59
C ILE A 295 32.73 -41.99 5.26
N ASP A 296 33.20 -42.06 6.49
CA ASP A 296 33.57 -40.87 7.21
C ASP A 296 35.02 -40.46 6.96
N LEU A 297 35.22 -39.55 6.03
CA LEU A 297 36.57 -39.18 5.64
C LEU A 297 37.16 -38.16 6.56
N SER A 298 36.38 -37.66 7.52
CA SER A 298 36.92 -36.71 8.49
C SER A 298 37.87 -37.45 9.41
N GLN A 299 37.70 -38.77 9.49
CA GLN A 299 38.64 -39.68 10.18
C GLN A 299 39.91 -39.98 9.40
N ILE A 300 39.91 -39.68 8.09
CA ILE A 300 41.07 -39.92 7.25
C ILE A 300 41.59 -38.56 6.74
N PRO A 301 42.33 -37.84 7.60
CA PRO A 301 42.67 -36.47 7.26
C PRO A 301 43.72 -36.30 6.16
N CYS A 302 44.62 -37.28 5.95
CA CYS A 302 45.59 -37.26 4.84
C CYS A 302 44.85 -37.44 3.52
N ASN A 303 45.07 -36.51 2.59
CA ASN A 303 44.39 -36.57 1.31
C ASN A 303 44.75 -37.73 0.42
N GLY A 304 45.97 -38.20 0.52
CA GLY A 304 46.42 -39.38 -0.20
C GLY A 304 45.74 -40.67 0.25
N LYS A 305 45.60 -40.83 1.56
CA LYS A 305 44.99 -42.01 2.09
C LYS A 305 43.49 -42.03 1.80
N ALA A 306 42.89 -40.84 1.81
CA ALA A 306 41.48 -40.71 1.50
C ALA A 306 41.24 -41.00 0.03
N ALA A 307 42.02 -40.39 -0.86
CA ALA A 307 41.88 -40.68 -2.28
C ALA A 307 42.05 -42.16 -2.56
N ASP A 308 43.03 -42.79 -1.90
CA ASP A 308 43.23 -44.24 -1.97
C ASP A 308 41.95 -44.97 -1.68
N ARG A 309 41.26 -44.56 -0.63
CA ARG A 309 40.08 -45.22 -0.17
C ARG A 309 38.94 -45.08 -1.16
N ILE A 310 38.86 -43.90 -1.78
CA ILE A 310 37.85 -43.66 -2.81
C ILE A 310 38.08 -44.67 -3.96
N HIS A 311 39.33 -44.75 -4.40
CA HIS A 311 39.71 -45.58 -5.51
C HIS A 311 39.45 -47.04 -5.25
N GLN A 312 39.76 -47.45 -4.04
CA GLN A 312 39.71 -48.84 -3.68
C GLN A 312 38.27 -49.26 -3.50
N ASP A 313 37.40 -48.31 -3.23
CA ASP A 313 35.96 -48.58 -3.20
C ASP A 313 35.40 -48.80 -4.59
N GLY A 314 36.11 -48.29 -5.61
CA GLY A 314 35.82 -48.62 -7.00
C GLY A 314 34.89 -47.68 -7.72
N ILE A 315 34.90 -46.40 -7.34
CA ILE A 315 33.96 -45.39 -7.82
C ILE A 315 34.15 -45.10 -9.30
N HIS A 316 33.05 -45.05 -10.04
CA HIS A 316 33.08 -44.61 -11.45
C HIS A 316 32.88 -43.12 -11.56
N ILE A 317 31.81 -42.62 -10.97
CA ILE A 317 31.57 -41.18 -10.96
C ILE A 317 31.67 -40.58 -9.55
N LEU A 318 32.59 -39.64 -9.37
CA LEU A 318 32.78 -38.95 -8.11
C LEU A 318 32.20 -37.55 -8.22
N VAL A 319 31.28 -37.22 -7.32
CA VAL A 319 30.52 -35.98 -7.39
C VAL A 319 31.01 -35.00 -6.32
N ASN A 320 31.42 -33.81 -6.78
CA ASN A 320 31.93 -32.75 -5.89
C ASN A 320 30.78 -31.83 -5.51
N MET A 321 30.34 -31.93 -4.26
CA MET A 321 29.21 -31.11 -3.81
C MET A 321 29.67 -29.86 -3.09
N ASN A 322 30.93 -29.50 -3.23
CA ASN A 322 31.50 -28.48 -2.41
C ASN A 322 32.10 -27.34 -3.18
N GLY A 323 32.76 -27.63 -4.28
CA GLY A 323 33.47 -26.60 -5.01
C GLY A 323 34.41 -25.89 -4.06
N TYR A 324 34.31 -24.58 -3.97
CA TYR A 324 35.18 -23.80 -3.12
C TYR A 324 34.48 -23.30 -1.87
N THR A 325 33.56 -24.10 -1.34
CA THR A 325 32.92 -23.72 -0.09
C THR A 325 33.72 -24.26 1.09
N LYS A 326 33.42 -23.76 2.29
CA LYS A 326 34.09 -24.19 3.52
C LYS A 326 34.00 -25.70 3.71
N GLY A 327 35.13 -26.32 4.05
CA GLY A 327 35.16 -27.75 4.37
C GLY A 327 35.58 -28.63 3.22
N ALA A 328 35.53 -28.09 2.01
CA ALA A 328 35.95 -28.79 0.80
C ALA A 328 37.33 -29.37 0.94
N ARG A 329 37.57 -30.44 0.20
CA ARG A 329 38.89 -31.01 0.11
C ARG A 329 39.13 -31.39 -1.33
N ASN A 330 39.33 -30.39 -2.19
CA ASN A 330 39.40 -30.65 -3.62
C ASN A 330 40.66 -31.36 -4.02
N GLU A 331 41.64 -31.38 -3.11
CA GLU A 331 42.82 -32.21 -3.23
C GLU A 331 42.40 -33.64 -3.57
N LEU A 332 41.34 -34.15 -2.96
CA LEU A 332 40.77 -35.45 -3.30
C LEU A 332 40.46 -35.55 -4.75
N PHE A 333 39.90 -34.52 -5.34
CA PHE A 333 39.53 -34.58 -6.74
C PHE A 333 40.74 -34.38 -7.61
N ALA A 334 41.69 -33.60 -7.09
CA ALA A 334 42.90 -33.30 -7.83
C ALA A 334 43.67 -34.58 -8.00
N LEU A 335 43.62 -35.44 -6.98
CA LEU A 335 44.31 -36.74 -7.03
C LEU A 335 43.72 -37.67 -8.07
N ARG A 336 42.50 -37.35 -8.51
CA ARG A 336 41.86 -38.00 -9.62
C ARG A 336 41.74 -39.51 -9.43
N PRO A 337 40.97 -39.94 -8.40
CA PRO A 337 40.76 -41.37 -8.13
C PRO A 337 39.56 -42.00 -8.83
N ALA A 338 38.77 -41.21 -9.55
CA ALA A 338 37.69 -41.77 -10.33
C ALA A 338 37.77 -41.29 -11.78
N PRO A 339 37.33 -42.15 -12.73
CA PRO A 339 37.45 -41.86 -14.15
C PRO A 339 36.63 -40.64 -14.60
N ILE A 340 35.50 -40.40 -13.95
CA ILE A 340 34.64 -39.26 -14.28
C ILE A 340 34.36 -38.52 -12.98
N GLN A 341 34.52 -37.20 -12.99
CA GLN A 341 34.28 -36.39 -11.80
C GLN A 341 33.46 -35.14 -12.11
N ALA A 342 32.34 -34.97 -11.42
CA ALA A 342 31.37 -33.92 -11.75
C ALA A 342 31.10 -33.00 -10.59
N MET A 343 30.95 -31.70 -10.90
CA MET A 343 30.45 -30.70 -9.98
C MET A 343 28.93 -30.79 -9.92
N TRP A 344 28.36 -30.76 -8.72
CA TRP A 344 26.91 -30.85 -8.58
C TRP A 344 26.39 -30.07 -7.40
N LEU A 345 25.42 -29.19 -7.68
CA LEU A 345 24.48 -28.65 -6.67
C LEU A 345 24.99 -27.68 -5.60
N GLY A 346 26.06 -28.04 -4.90
CA GLY A 346 26.50 -27.30 -3.73
C GLY A 346 27.20 -26.00 -4.02
N TYR A 347 27.88 -25.93 -5.17
CA TYR A 347 28.66 -24.73 -5.54
C TYR A 347 28.19 -24.12 -6.86
N PRO A 348 27.77 -22.84 -6.82
CA PRO A 348 27.15 -22.20 -7.98
C PRO A 348 28.14 -21.48 -8.91
N GLY A 349 29.08 -22.20 -9.47
CA GLY A 349 30.05 -21.62 -10.39
C GLY A 349 30.99 -22.68 -10.92
N THR A 350 31.85 -22.28 -11.85
CA THR A 350 32.84 -23.20 -12.35
C THR A 350 33.96 -23.36 -11.34
N SER A 351 34.61 -24.52 -11.39
CA SER A 351 35.75 -24.80 -10.55
C SER A 351 37.01 -24.32 -11.22
N GLY A 352 36.96 -24.20 -12.55
CA GLY A 352 38.09 -23.69 -13.35
C GLY A 352 39.22 -24.69 -13.42
N ALA A 353 39.04 -25.81 -12.73
CA ALA A 353 40.09 -26.80 -12.56
C ALA A 353 40.02 -27.89 -13.62
N LEU A 354 41.18 -28.44 -13.96
CA LEU A 354 41.29 -29.52 -14.96
C LEU A 354 40.79 -30.85 -14.43
N PHE A 355 40.91 -31.07 -13.13
CA PHE A 355 40.51 -32.34 -12.54
C PHE A 355 39.00 -32.59 -12.48
N MET A 356 38.21 -31.52 -12.66
CA MET A 356 36.75 -31.67 -12.76
C MET A 356 36.33 -31.79 -14.22
N ASP A 357 35.56 -32.84 -14.55
CA ASP A 357 35.18 -33.12 -15.93
C ASP A 357 33.90 -32.43 -16.36
N TYR A 358 32.81 -32.71 -15.66
CA TYR A 358 31.50 -32.11 -15.96
C TYR A 358 31.03 -31.19 -14.86
N ILE A 359 30.12 -30.28 -15.21
CA ILE A 359 29.28 -29.60 -14.23
C ILE A 359 27.85 -29.97 -14.52
N ILE A 360 27.16 -30.51 -13.52
CA ILE A 360 25.74 -30.85 -13.66
C ILE A 360 24.91 -29.58 -13.48
N THR A 361 24.20 -29.22 -14.55
CA THR A 361 23.49 -27.98 -14.61
C THR A 361 22.27 -28.17 -15.50
N ASP A 362 21.72 -27.11 -16.08
CA ASP A 362 20.64 -27.26 -17.04
C ASP A 362 20.66 -26.20 -18.11
N GLN A 363 19.74 -26.28 -19.05
CA GLN A 363 19.79 -25.44 -20.22
C GLN A 363 19.39 -23.99 -19.94
N GLU A 364 18.61 -23.78 -18.88
CA GLU A 364 18.15 -22.44 -18.49
C GLU A 364 19.17 -21.71 -17.63
N THR A 365 19.92 -22.49 -16.86
CA THR A 365 20.94 -21.96 -15.98
C THR A 365 22.22 -21.69 -16.76
N SER A 366 22.62 -22.68 -17.56
CA SER A 366 23.82 -22.57 -18.37
C SER A 366 23.54 -22.82 -19.87
N PRO A 367 22.88 -21.87 -20.56
CA PRO A 367 22.68 -22.10 -21.97
C PRO A 367 24.02 -22.25 -22.71
N ALA A 368 24.00 -22.98 -23.83
CA ALA A 368 25.23 -23.27 -24.56
C ALA A 368 25.98 -22.03 -25.02
N GLU A 369 25.25 -20.93 -25.25
CA GLU A 369 25.87 -19.63 -25.63
C GLU A 369 27.01 -19.27 -24.69
N VAL A 370 26.84 -19.61 -23.41
CA VAL A 370 27.81 -19.19 -22.39
C VAL A 370 28.65 -20.34 -21.87
N ALA A 371 28.93 -21.33 -22.71
CA ALA A 371 29.76 -22.47 -22.30
C ALA A 371 31.17 -22.05 -21.93
N GLU A 372 31.55 -20.85 -22.33
CA GLU A 372 32.90 -20.38 -22.13
C GLU A 372 33.12 -19.84 -20.71
N GLN A 373 32.06 -19.80 -19.92
CA GLN A 373 32.12 -19.41 -18.52
C GLN A 373 32.68 -20.54 -17.68
N TYR A 374 32.51 -21.77 -18.16
CA TYR A 374 32.86 -22.96 -17.38
C TYR A 374 34.05 -23.70 -17.97
N SER A 375 34.91 -24.24 -17.12
CA SER A 375 36.03 -25.05 -17.57
C SER A 375 35.58 -26.49 -17.79
N GLU A 376 34.53 -26.89 -17.08
CA GLU A 376 33.98 -28.23 -17.20
C GLU A 376 33.09 -28.30 -18.42
N LYS A 377 32.73 -29.50 -18.84
CA LYS A 377 31.75 -29.69 -19.92
C LYS A 377 30.39 -29.69 -19.26
N LEU A 378 29.40 -29.16 -19.96
CA LEU A 378 28.08 -29.04 -19.39
C LEU A 378 27.33 -30.35 -19.43
N ALA A 379 26.72 -30.77 -18.33
CA ALA A 379 25.86 -31.94 -18.36
C ALA A 379 24.47 -31.53 -17.93
N TYR A 380 23.49 -31.69 -18.80
CA TYR A 380 22.18 -31.09 -18.58
C TYR A 380 21.17 -32.04 -17.94
N MET A 381 20.57 -31.57 -16.86
CA MET A 381 19.37 -32.19 -16.38
C MET A 381 18.25 -31.66 -17.27
N PRO A 382 17.16 -32.41 -17.40
CA PRO A 382 16.15 -32.04 -18.38
C PRO A 382 15.26 -30.86 -18.01
N HIS A 383 15.22 -30.49 -16.73
CA HIS A 383 14.37 -29.34 -16.31
C HIS A 383 15.12 -28.26 -15.53
N THR A 384 15.57 -28.64 -14.33
CA THR A 384 16.45 -27.79 -13.56
C THR A 384 17.36 -28.70 -12.78
N PHE A 385 18.59 -28.25 -12.56
CA PHE A 385 19.52 -29.03 -11.79
C PHE A 385 19.24 -28.83 -10.32
N PHE A 386 18.41 -27.85 -10.00
CA PHE A 386 18.11 -27.61 -8.61
C PHE A 386 17.06 -28.58 -8.12
N ILE A 387 17.10 -28.89 -6.83
CA ILE A 387 16.13 -29.79 -6.23
C ILE A 387 16.04 -29.40 -4.77
N GLY A 388 14.95 -29.78 -4.11
CA GLY A 388 14.75 -29.46 -2.71
C GLY A 388 13.96 -30.53 -2.03
N ASP A 389 14.18 -30.68 -0.73
CA ASP A 389 13.55 -31.77 -0.02
C ASP A 389 12.29 -31.36 0.70
N HIS A 390 11.68 -30.27 0.25
CA HIS A 390 10.58 -29.65 0.98
C HIS A 390 9.39 -30.55 1.08
N ALA A 391 9.15 -31.36 0.06
CA ALA A 391 8.01 -32.26 0.04
C ALA A 391 8.10 -33.26 1.18
N ASN A 392 9.33 -33.69 1.46
CA ASN A 392 9.64 -34.59 2.56
C ASN A 392 9.74 -33.91 3.92
N MET A 393 10.40 -32.76 3.94
CA MET A 393 10.75 -32.07 5.17
C MET A 393 9.56 -31.38 5.80
N PHE A 394 8.79 -30.69 4.95
CA PHE A 394 7.67 -29.81 5.36
C PHE A 394 6.33 -30.17 4.71
N PRO A 395 5.88 -31.42 4.85
CA PRO A 395 4.59 -31.78 4.24
C PRO A 395 3.39 -31.11 4.93
N HIS A 396 3.58 -30.58 6.13
CA HIS A 396 2.49 -29.88 6.80
C HIS A 396 2.10 -28.58 6.07
N LEU A 397 2.93 -28.15 5.12
CA LEU A 397 2.65 -26.95 4.33
C LEU A 397 2.04 -27.30 2.96
N LYS A 398 1.58 -28.53 2.81
CA LYS A 398 1.00 -28.92 1.53
C LYS A 398 -0.41 -28.33 1.38
N LYS A 399 -1.09 -28.16 2.50
CA LYS A 399 -2.43 -27.63 2.52
C LYS A 399 -2.48 -26.57 3.59
N LYS A 400 -3.32 -25.57 3.40
CA LYS A 400 -3.46 -24.52 4.40
C LYS A 400 -4.94 -24.25 4.67
N ALA A 401 -5.20 -23.38 5.64
CA ALA A 401 -6.53 -22.89 5.94
C ALA A 401 -6.36 -21.52 6.52
N VAL A 402 -7.38 -20.68 6.41
CA VAL A 402 -7.27 -19.31 6.91
C VAL A 402 -8.38 -18.97 7.89
N ILE A 403 -8.16 -17.91 8.64
CA ILE A 403 -9.19 -17.34 9.48
C ILE A 403 -9.61 -16.01 8.86
N ASP A 404 -10.92 -15.83 8.70
CA ASP A 404 -11.49 -14.58 8.21
C ASP A 404 -11.80 -13.64 9.38
N PHE A 405 -11.18 -12.46 9.40
CA PHE A 405 -11.32 -11.57 10.57
C PHE A 405 -12.02 -10.21 10.31
N LYS A 406 -12.87 -10.14 9.28
CA LYS A 406 -13.65 -8.93 8.94
C LYS A 406 -15.11 -9.00 9.44
N ILE A 411 -11.91 -12.40 2.03
CA ILE A 411 -11.30 -13.74 2.01
C ILE A 411 -9.83 -13.76 1.50
N TYR A 412 -8.89 -13.56 2.43
CA TYR A 412 -7.47 -13.45 2.10
C TYR A 412 -6.73 -14.74 2.40
N ASP A 413 -5.83 -15.13 1.52
CA ASP A 413 -5.09 -16.38 1.67
C ASP A 413 -3.82 -16.30 2.51
N ASN A 414 -3.50 -15.11 3.01
CA ASN A 414 -2.22 -14.93 3.67
C ASN A 414 -2.19 -13.95 4.84
N ARG A 415 -3.26 -13.92 5.62
CA ARG A 415 -3.33 -12.99 6.74
C ARG A 415 -3.22 -13.71 8.09
N ILE A 416 -4.01 -14.78 8.22
CA ILE A 416 -3.91 -15.68 9.35
C ILE A 416 -3.96 -17.08 8.75
N VAL A 417 -2.89 -17.86 8.94
CA VAL A 417 -2.74 -19.12 8.23
C VAL A 417 -2.59 -20.28 9.19
N LEU A 418 -3.24 -21.39 8.90
CA LEU A 418 -3.06 -22.60 9.69
C LEU A 418 -2.51 -23.73 8.84
N ASN A 419 -1.50 -24.42 9.35
CA ASN A 419 -1.01 -25.64 8.71
C ASN A 419 -0.92 -26.74 9.74
N GLY A 420 -1.04 -27.97 9.27
CA GLY A 420 -0.80 -29.10 10.16
C GLY A 420 -1.16 -30.38 9.49
N ILE A 421 -0.48 -31.45 9.87
CA ILE A 421 -0.81 -32.79 9.35
C ILE A 421 -2.26 -33.19 9.65
N ASP A 422 -2.76 -32.82 10.83
CA ASP A 422 -4.13 -33.12 11.26
C ASP A 422 -5.10 -31.94 11.10
N LEU A 423 -4.81 -31.05 10.14
CA LEU A 423 -5.62 -29.84 9.94
C LEU A 423 -7.04 -30.22 9.57
N LYS A 424 -7.17 -31.12 8.60
CA LYS A 424 -8.46 -31.58 8.12
C LYS A 424 -9.35 -32.07 9.27
N ALA A 425 -8.80 -32.95 10.10
CA ALA A 425 -9.56 -33.49 11.24
C ALA A 425 -10.04 -32.40 12.19
N PHE A 426 -9.21 -31.37 12.38
CA PHE A 426 -9.57 -30.24 13.24
C PHE A 426 -10.72 -29.45 12.66
N LEU A 427 -10.61 -29.16 11.37
CA LEU A 427 -11.63 -28.41 10.66
C LEU A 427 -12.96 -29.15 10.66
N ASP A 428 -12.93 -30.46 10.61
CA ASP A 428 -14.16 -31.24 10.64
C ASP A 428 -14.83 -31.19 11.98
N SER A 429 -14.12 -30.78 13.03
CA SER A 429 -14.75 -30.65 14.32
C SER A 429 -15.37 -29.26 14.51
N LEU A 430 -15.17 -28.37 13.54
CA LEU A 430 -15.66 -27.01 13.62
C LEU A 430 -16.99 -26.87 12.90
N PRO A 431 -17.88 -25.98 13.40
CA PRO A 431 -19.23 -25.88 12.84
C PRO A 431 -19.34 -25.20 11.45
N ASP A 432 -18.70 -24.04 11.26
CA ASP A 432 -19.09 -23.15 10.15
C ASP A 432 -18.06 -22.94 9.04
N VAL A 433 -17.22 -23.94 8.82
CA VAL A 433 -16.11 -23.84 7.87
C VAL A 433 -16.62 -23.70 6.44
N LYS A 434 -16.17 -22.68 5.72
CA LYS A 434 -16.53 -22.50 4.31
C LYS A 434 -15.37 -22.95 3.47
N ILE A 435 -15.65 -23.55 2.33
CA ILE A 435 -14.59 -24.07 1.46
C ILE A 435 -14.45 -23.28 0.15
N VAL A 436 -13.53 -22.31 0.11
CA VAL A 436 -13.23 -21.56 -1.12
C VAL A 436 -12.49 -22.44 -2.13
N LYS A 437 -12.98 -22.49 -3.36
CA LYS A 437 -12.37 -23.35 -4.40
C LYS A 437 -11.23 -22.66 -5.15
N MET A 438 -10.27 -23.46 -5.62
CA MET A 438 -9.12 -22.91 -6.37
C MET A 438 -9.12 -23.43 -7.83
N LEU A 454 -5.61 -27.68 -5.06
CA LEU A 454 -6.77 -28.22 -4.34
C LEU A 454 -7.89 -27.16 -4.11
N ASN A 455 -7.97 -26.62 -2.88
CA ASN A 455 -9.01 -25.66 -2.44
C ASN A 455 -8.71 -25.29 -0.98
N MET A 456 -9.21 -24.14 -0.53
CA MET A 456 -8.80 -23.57 0.75
C MET A 456 -9.92 -23.32 1.80
N PRO A 457 -9.93 -24.09 2.89
CA PRO A 457 -10.90 -23.88 3.97
C PRO A 457 -10.73 -22.54 4.68
N VAL A 458 -11.85 -21.93 5.05
CA VAL A 458 -11.88 -20.65 5.75
C VAL A 458 -12.70 -20.74 7.03
N ILE A 459 -12.04 -20.57 8.17
CA ILE A 459 -12.74 -20.50 9.44
C ILE A 459 -13.31 -19.08 9.59
N PRO A 460 -14.62 -18.97 9.89
CA PRO A 460 -15.27 -17.67 10.16
C PRO A 460 -14.95 -17.18 11.58
N MET A 461 -15.10 -15.88 11.79
CA MET A 461 -14.80 -15.26 13.09
C MET A 461 -15.81 -15.65 14.18
N ASN A 462 -15.62 -16.82 14.77
CA ASN A 462 -16.47 -17.27 15.90
C ASN A 462 -15.68 -17.19 17.22
N THR A 463 -16.12 -17.93 18.24
CA THR A 463 -15.44 -17.92 19.56
C THR A 463 -14.07 -18.61 19.46
N ILE A 464 -14.05 -19.70 18.69
CA ILE A 464 -12.84 -20.47 18.37
C ILE A 464 -11.78 -19.57 17.70
N ALA A 465 -12.12 -18.95 16.57
CA ALA A 465 -11.21 -18.01 15.91
C ALA A 465 -10.65 -16.95 16.87
N GLU A 466 -11.45 -16.51 17.84
CA GLU A 466 -11.04 -15.47 18.79
C GLU A 466 -10.05 -16.00 19.80
N ALA A 467 -10.24 -17.25 20.19
CA ALA A 467 -9.31 -17.91 21.11
C ALA A 467 -7.93 -18.05 20.46
N VAL A 468 -7.92 -18.40 19.16
CA VAL A 468 -6.68 -18.51 18.39
C VAL A 468 -5.98 -17.15 18.30
N ILE A 469 -6.73 -16.12 17.92
CA ILE A 469 -6.19 -14.77 17.79
C ILE A 469 -5.67 -14.29 19.13
N GLU A 470 -6.38 -14.62 20.20
CA GLU A 470 -5.95 -14.19 21.53
C GLU A 470 -4.61 -14.80 21.92
N MET A 471 -4.41 -16.08 21.57
CA MET A 471 -3.15 -16.77 21.80
C MET A 471 -2.03 -16.04 21.11
N ILE A 472 -2.21 -15.75 19.82
CA ILE A 472 -1.26 -14.99 19.04
C ILE A 472 -0.99 -13.60 19.64
N ASN A 473 -2.03 -12.89 20.07
CA ASN A 473 -1.88 -11.51 20.54
C ASN A 473 -1.20 -11.43 21.89
N ARG A 474 -1.61 -12.31 22.81
CA ARG A 474 -1.03 -12.35 24.14
C ARG A 474 0.37 -13.00 24.10
N GLY A 475 0.72 -13.59 22.96
CA GLY A 475 2.03 -14.23 22.77
C GLY A 475 2.19 -15.49 23.60
N GLN A 476 1.17 -16.34 23.62
CA GLN A 476 1.26 -17.60 24.34
C GLN A 476 1.73 -18.74 23.44
N ILE A 477 2.26 -19.80 24.06
CA ILE A 477 2.92 -20.89 23.35
C ILE A 477 1.92 -21.71 22.54
N GLN A 478 0.80 -22.07 23.15
CA GLN A 478 -0.12 -23.05 22.58
C GLN A 478 -1.45 -23.04 23.29
N ILE A 479 -2.49 -23.49 22.61
CA ILE A 479 -3.80 -23.67 23.22
C ILE A 479 -4.39 -25.01 22.79
N THR A 480 -5.50 -25.40 23.39
CA THR A 480 -6.22 -26.61 23.00
C THR A 480 -7.64 -26.21 22.58
N ILE A 481 -8.11 -26.77 21.47
CA ILE A 481 -9.47 -26.53 20.98
C ILE A 481 -10.01 -27.85 20.46
N ASN A 482 -11.08 -28.34 21.08
CA ASN A 482 -11.68 -29.64 20.73
C ASN A 482 -10.71 -30.80 20.78
N GLY A 483 -9.74 -30.72 21.69
CA GLY A 483 -8.72 -31.77 21.82
C GLY A 483 -7.52 -31.71 20.88
N PHE A 484 -7.54 -30.78 19.93
CA PHE A 484 -6.41 -30.57 19.04
C PHE A 484 -5.44 -29.56 19.61
N SER A 485 -4.14 -29.77 19.38
CA SER A 485 -3.14 -28.84 19.85
C SER A 485 -2.94 -27.79 18.80
N ILE A 486 -3.05 -26.52 19.22
CA ILE A 486 -2.86 -25.38 18.33
C ILE A 486 -1.68 -24.58 18.85
N SER A 487 -0.64 -24.48 18.01
CA SER A 487 0.62 -23.90 18.41
C SER A 487 0.89 -22.55 17.78
N ASN A 488 1.48 -21.67 18.56
CA ASN A 488 1.91 -20.37 18.09
C ASN A 488 3.12 -20.53 17.20
N GLY A 489 3.04 -20.07 15.96
CA GLY A 489 4.12 -20.15 14.98
C GLY A 489 5.48 -19.60 15.37
N LEU A 490 5.49 -18.65 16.31
CA LEU A 490 6.73 -18.07 16.82
C LEU A 490 7.40 -18.88 17.92
N ALA A 491 6.73 -19.93 18.38
CA ALA A 491 7.18 -20.66 19.55
C ALA A 491 7.47 -22.12 19.28
N THR A 492 7.81 -22.46 18.04
CA THR A 492 7.95 -23.89 17.75
C THR A 492 9.21 -24.51 18.36
N THR A 493 10.31 -23.77 18.50
CA THR A 493 11.51 -24.39 19.11
C THR A 493 11.25 -24.77 20.55
N GLN A 494 10.24 -24.16 21.16
CA GLN A 494 9.90 -24.47 22.54
C GLN A 494 8.97 -25.65 22.59
N ILE A 495 8.23 -25.86 21.52
CA ILE A 495 7.28 -26.97 21.49
C ILE A 495 7.98 -28.28 21.11
N ASN A 496 8.76 -28.21 20.05
CA ASN A 496 9.48 -29.36 19.51
C ASN A 496 10.70 -28.88 18.66
N ASN A 497 11.83 -28.71 19.32
CA ASN A 497 13.03 -28.18 18.70
C ASN A 497 13.44 -28.88 17.41
N LYS A 498 13.17 -30.18 17.30
CA LYS A 498 13.56 -30.89 16.09
C LYS A 498 12.67 -30.51 14.92
N ALA A 499 11.42 -30.21 15.22
CA ALA A 499 10.50 -29.75 14.18
C ALA A 499 10.94 -28.37 13.68
N ALA A 500 11.42 -27.53 14.58
CA ALA A 500 11.80 -26.19 14.20
C ALA A 500 12.94 -26.21 13.17
N THR A 501 13.83 -27.18 13.25
CA THR A 501 15.01 -27.19 12.38
C THR A 501 14.77 -27.93 11.06
N GLY A 502 13.64 -28.61 10.98
CA GLY A 502 13.31 -29.36 9.78
C GLY A 502 13.70 -30.81 9.92
N GLU A 503 14.21 -31.19 11.10
CA GLU A 503 14.59 -32.59 11.34
C GLU A 503 13.39 -33.49 11.59
N GLU A 504 12.28 -32.92 12.03
CA GLU A 504 11.04 -33.67 12.20
C GLU A 504 9.92 -32.87 11.56
N VAL A 505 8.83 -33.56 11.23
CA VAL A 505 7.60 -32.92 10.80
C VAL A 505 6.82 -32.58 12.07
N PRO A 506 6.32 -31.33 12.19
CA PRO A 506 5.56 -30.93 13.38
C PRO A 506 4.32 -31.81 13.61
N ARG A 507 4.00 -32.08 14.88
CA ARG A 507 2.83 -32.91 15.18
C ARG A 507 1.62 -32.12 15.72
N THR A 508 1.69 -30.81 15.63
CA THR A 508 0.61 -29.92 16.06
C THR A 508 0.15 -29.06 14.88
N ILE A 509 -1.01 -28.42 15.04
CA ILE A 509 -1.48 -27.42 14.09
C ILE A 509 -0.86 -26.04 14.42
N ILE A 510 -0.27 -25.40 13.43
CA ILE A 510 0.50 -24.18 13.66
C ILE A 510 -0.11 -22.94 12.99
N VAL A 511 -0.33 -21.92 13.82
CA VAL A 511 -0.89 -20.65 13.36
C VAL A 511 0.22 -19.67 13.01
N THR A 512 0.12 -19.09 11.82
CA THR A 512 1.06 -18.08 11.35
C THR A 512 0.26 -16.83 10.94
N THR A 513 0.64 -15.67 11.47
CA THR A 513 -0.10 -14.45 11.18
C THR A 513 0.80 -13.29 10.81
N ARG A 514 0.27 -12.34 10.03
CA ARG A 514 1.03 -11.16 9.66
C ARG A 514 1.31 -10.32 10.89
N SER A 515 0.36 -10.31 11.83
CA SER A 515 0.49 -9.46 13.00
C SER A 515 1.70 -9.87 13.82
N GLN A 516 1.99 -11.17 13.84
CA GLN A 516 3.20 -11.72 14.48
C GLN A 516 4.47 -11.02 14.08
N TYR A 517 4.58 -10.60 12.82
CA TYR A 517 5.82 -10.03 12.31
C TYR A 517 5.72 -8.55 12.05
N GLY A 518 4.63 -7.93 12.49
CA GLY A 518 4.39 -6.48 12.33
C GLY A 518 4.12 -6.06 10.90
N LEU A 519 3.51 -6.95 10.12
CA LEU A 519 3.18 -6.68 8.74
C LEU A 519 1.78 -6.15 8.75
N PRO A 520 1.49 -5.10 7.94
CA PRO A 520 0.13 -4.55 7.87
C PRO A 520 -0.90 -5.54 7.32
N GLU A 521 -2.01 -5.72 8.03
CA GLU A 521 -3.01 -6.71 7.64
C GLU A 521 -3.43 -6.59 6.19
N ASP A 522 -3.58 -5.37 5.68
CA ASP A 522 -4.28 -5.12 4.42
C ASP A 522 -3.34 -4.64 3.31
N ALA A 523 -2.11 -5.13 3.30
CA ALA A 523 -1.12 -4.56 2.39
C ALA A 523 -0.58 -5.58 1.41
N ILE A 524 0.05 -5.11 0.35
CA ILE A 524 0.74 -6.00 -0.57
C ILE A 524 2.11 -6.20 0.03
N VAL A 525 2.47 -7.44 0.35
CA VAL A 525 3.78 -7.70 0.93
C VAL A 525 4.75 -8.31 -0.07
N TYR A 526 5.84 -7.59 -0.35
CA TYR A 526 6.90 -8.07 -1.20
C TYR A 526 8.03 -8.52 -0.31
N CYS A 527 8.46 -9.76 -0.43
CA CYS A 527 9.49 -10.26 0.46
C CYS A 527 10.78 -10.57 -0.25
N ASN A 528 11.88 -10.54 0.49
CA ASN A 528 13.10 -11.20 0.11
C ASN A 528 13.83 -11.69 1.33
N PHE A 529 13.95 -13.01 1.43
CA PHE A 529 14.52 -13.61 2.61
C PHE A 529 16.00 -13.98 2.48
N ASN A 530 16.66 -13.52 1.44
CA ASN A 530 18.06 -13.81 1.29
C ASN A 530 18.88 -13.02 2.25
N GLN A 531 20.11 -13.43 2.47
CA GLN A 531 21.08 -12.61 3.15
C GLN A 531 21.29 -11.30 2.38
N LEU A 532 21.65 -10.25 3.09
CA LEU A 532 21.62 -8.92 2.50
C LEU A 532 22.74 -8.68 1.53
N TYR A 533 23.83 -9.45 1.61
CA TYR A 533 24.96 -9.27 0.67
C TYR A 533 24.54 -9.40 -0.78
N LYS A 534 23.38 -10.01 -1.04
CA LYS A 534 22.90 -10.23 -2.41
C LYS A 534 22.24 -8.99 -3.04
N ILE A 535 21.98 -7.99 -2.22
CA ILE A 535 21.40 -6.74 -2.68
C ILE A 535 22.49 -5.74 -3.06
N ASP A 536 22.28 -5.02 -4.15
CA ASP A 536 23.17 -3.95 -4.57
C ASP A 536 22.31 -2.68 -4.80
N PRO A 537 22.96 -1.50 -5.02
CA PRO A 537 22.18 -0.28 -5.15
C PRO A 537 21.16 -0.28 -6.29
N SER A 538 21.41 -1.02 -7.36
CA SER A 538 20.46 -1.11 -8.48
C SER A 538 19.28 -1.92 -8.05
N THR A 539 19.53 -3.01 -7.34
CA THR A 539 18.43 -3.86 -6.88
C THR A 539 17.52 -3.06 -5.97
N LEU A 540 18.10 -2.25 -5.10
CA LEU A 540 17.29 -1.57 -4.13
C LEU A 540 16.54 -0.48 -4.84
N GLN A 541 17.15 0.10 -5.88
CA GLN A 541 16.47 1.10 -6.70
C GLN A 541 15.23 0.53 -7.39
N MET A 542 15.41 -0.60 -8.07
CA MET A 542 14.31 -1.37 -8.61
C MET A 542 13.15 -1.55 -7.64
N TRP A 543 13.48 -1.81 -6.39
CA TRP A 543 12.46 -2.14 -5.42
C TRP A 543 11.76 -0.89 -4.96
N ALA A 544 12.52 0.17 -4.77
CA ALA A 544 11.94 1.46 -4.48
C ALA A 544 10.96 1.85 -5.57
N ASN A 545 11.36 1.68 -6.84
CA ASN A 545 10.45 1.93 -7.97
C ASN A 545 9.17 1.17 -7.84
N ILE A 546 9.24 -0.14 -7.56
CA ILE A 546 8.06 -0.96 -7.43
C ILE A 546 7.22 -0.48 -6.27
N LEU A 547 7.86 -0.14 -5.16
CA LEU A 547 7.13 0.28 -3.97
C LEU A 547 6.35 1.59 -4.13
N LYS A 548 6.95 2.55 -4.82
CA LYS A 548 6.27 3.81 -5.14
C LYS A 548 5.06 3.60 -6.06
N ARG A 549 5.20 2.75 -7.08
CA ARG A 549 4.14 2.49 -8.04
C ARG A 549 2.99 1.67 -7.49
N VAL A 550 3.24 0.91 -6.41
CA VAL A 550 2.20 0.13 -5.74
C VAL A 550 1.98 0.71 -4.36
N PRO A 551 1.11 1.74 -4.27
CA PRO A 551 1.07 2.39 -2.98
C PRO A 551 0.41 1.45 -1.94
N ASN A 552 0.72 1.66 -0.68
CA ASN A 552 0.30 0.80 0.45
C ASN A 552 1.12 -0.50 0.62
N SER A 553 1.81 -0.94 -0.43
CA SER A 553 2.72 -2.09 -0.33
C SER A 553 3.89 -1.88 0.65
N VAL A 554 4.49 -2.99 1.08
CA VAL A 554 5.69 -2.99 1.92
C VAL A 554 6.71 -4.00 1.43
N LEU A 555 7.98 -3.79 1.76
CA LEU A 555 9.04 -4.74 1.49
C LEU A 555 9.48 -5.45 2.76
N TRP A 556 9.53 -6.77 2.70
CA TRP A 556 9.84 -7.60 3.87
C TRP A 556 11.24 -8.22 3.75
N LEU A 557 12.14 -7.81 4.63
CA LEU A 557 13.54 -8.22 4.56
C LEU A 557 13.95 -8.78 5.89
N LEU A 558 15.11 -9.43 5.94
CA LEU A 558 15.58 -10.01 7.18
C LEU A 558 16.79 -9.30 7.72
N ARG A 559 16.94 -9.31 9.03
CA ARG A 559 18.15 -8.80 9.66
C ARG A 559 19.24 -9.87 9.52
N PHE A 560 19.87 -9.92 8.35
CA PHE A 560 20.67 -11.04 7.94
C PHE A 560 21.89 -10.56 7.19
N PRO A 561 22.82 -9.88 7.87
CA PRO A 561 22.91 -9.63 9.30
C PRO A 561 22.24 -8.34 9.76
N ALA A 562 21.88 -8.29 11.05
CA ALA A 562 21.23 -7.12 11.65
C ALA A 562 21.89 -5.78 11.38
N VAL A 563 23.22 -5.73 11.33
CA VAL A 563 23.92 -4.45 11.19
C VAL A 563 23.72 -3.86 9.80
N GLY A 564 23.24 -4.68 8.89
CA GLY A 564 22.96 -4.23 7.54
C GLY A 564 21.68 -3.44 7.47
N GLU A 565 20.77 -3.67 8.41
CA GLU A 565 19.47 -3.02 8.43
C GLU A 565 19.53 -1.49 8.40
N PRO A 566 20.22 -0.84 9.36
CA PRO A 566 20.25 0.60 9.31
C PRO A 566 20.79 1.17 8.01
N ASN A 567 21.68 0.45 7.34
CA ASN A 567 22.27 0.89 6.07
C ASN A 567 21.26 0.85 4.94
N ILE A 568 20.47 -0.22 4.86
CA ILE A 568 19.40 -0.27 3.90
C ILE A 568 18.39 0.85 4.15
N GLN A 569 17.81 0.94 5.36
CA GLN A 569 16.92 2.04 5.76
C GLN A 569 17.43 3.38 5.23
N GLN A 570 18.75 3.57 5.31
CA GLN A 570 19.39 4.82 4.93
C GLN A 570 19.23 5.07 3.45
N TYR A 571 19.67 4.13 2.62
CA TYR A 571 19.58 4.25 1.17
C TYR A 571 18.14 4.23 0.69
N ALA A 572 17.26 3.58 1.43
CA ALA A 572 15.86 3.56 1.13
C ALA A 572 15.27 4.94 1.24
N GLN A 573 15.66 5.70 2.26
CA GLN A 573 15.10 7.03 2.49
C GLN A 573 15.70 8.01 1.50
N ASN A 574 16.97 7.83 1.20
CA ASN A 574 17.59 8.51 0.06
C ASN A 574 16.84 8.39 -1.25
N MET A 575 16.18 7.26 -1.42
CA MET A 575 15.43 6.99 -2.63
C MET A 575 13.99 7.42 -2.48
N GLY A 576 13.66 8.03 -1.35
CA GLY A 576 12.34 8.55 -1.08
C GLY A 576 11.34 7.53 -0.58
N LEU A 577 11.76 6.58 0.25
CA LEU A 577 10.83 5.69 0.92
C LEU A 577 10.87 5.91 2.42
N PRO A 578 9.76 6.35 3.01
CA PRO A 578 9.67 6.43 4.47
C PRO A 578 10.08 5.13 5.16
N GLN A 579 10.62 5.24 6.36
CA GLN A 579 11.11 4.10 7.13
C GLN A 579 10.13 2.91 7.18
N ASN A 580 8.85 3.23 7.24
CA ASN A 580 7.83 2.23 7.48
C ASN A 580 7.42 1.41 6.26
N ARG A 581 8.07 1.64 5.13
CA ARG A 581 7.73 0.90 3.93
C ARG A 581 8.60 -0.35 3.79
N ILE A 582 9.62 -0.45 4.63
CA ILE A 582 10.43 -1.65 4.65
C ILE A 582 10.36 -2.20 6.05
N ILE A 583 9.97 -3.46 6.17
CA ILE A 583 9.86 -4.10 7.46
C ILE A 583 10.89 -5.23 7.62
N PHE A 584 11.66 -5.18 8.70
CA PHE A 584 12.70 -6.17 8.93
C PHE A 584 12.30 -7.15 10.01
N SER A 585 12.39 -8.44 9.72
CA SER A 585 12.23 -9.46 10.74
C SER A 585 13.56 -10.15 11.06
N PRO A 586 13.66 -10.76 12.26
CA PRO A 586 14.84 -11.55 12.59
C PRO A 586 14.90 -12.85 11.77
N VAL A 587 16.09 -13.43 11.70
CA VAL A 587 16.27 -14.72 11.04
C VAL A 587 15.57 -15.76 11.89
N ALA A 588 14.79 -16.62 11.25
CA ALA A 588 14.00 -17.66 11.94
C ALA A 588 14.65 -19.06 11.88
N PRO A 589 14.19 -19.99 12.73
CA PRO A 589 14.54 -21.39 12.53
C PRO A 589 14.07 -21.86 11.16
N LYS A 590 14.69 -22.89 10.61
CA LYS A 590 14.36 -23.31 9.24
C LYS A 590 12.86 -23.46 8.93
N GLU A 591 12.14 -24.17 9.78
CA GLU A 591 10.72 -24.42 9.54
C GLU A 591 9.86 -23.15 9.59
N GLU A 592 10.06 -22.31 10.60
CA GLU A 592 9.34 -21.05 10.67
C GLU A 592 9.62 -20.19 9.45
N HIS A 593 10.89 -20.12 9.06
CA HIS A 593 11.30 -19.36 7.88
C HIS A 593 10.55 -19.78 6.62
N VAL A 594 10.53 -21.07 6.31
CA VAL A 594 9.77 -21.58 5.17
C VAL A 594 8.27 -21.24 5.28
N ARG A 595 7.69 -21.53 6.44
CA ARG A 595 6.28 -21.40 6.69
C ARG A 595 5.81 -19.93 6.56
N ARG A 596 6.60 -18.98 7.04
CA ARG A 596 6.12 -17.60 7.08
C ARG A 596 6.17 -16.93 5.71
N GLY A 597 6.74 -17.61 4.73
CA GLY A 597 6.62 -17.17 3.35
C GLY A 597 5.18 -17.16 2.91
N GLN A 598 4.33 -17.94 3.59
CA GLN A 598 2.89 -17.99 3.25
C GLN A 598 2.20 -16.66 3.44
N LEU A 599 2.72 -15.84 4.36
CA LEU A 599 2.26 -14.50 4.64
C LEU A 599 2.59 -13.43 3.57
N ALA A 600 3.60 -13.68 2.74
CA ALA A 600 3.96 -12.75 1.66
C ALA A 600 2.95 -12.83 0.50
N ASP A 601 2.95 -11.80 -0.35
CA ASP A 601 2.12 -11.77 -1.53
C ASP A 601 2.95 -12.16 -2.75
N VAL A 602 4.08 -11.52 -2.91
CA VAL A 602 5.02 -11.82 -3.98
C VAL A 602 6.41 -11.76 -3.40
N CYS A 603 7.34 -12.55 -3.93
CA CYS A 603 8.73 -12.42 -3.52
C CYS A 603 9.61 -11.81 -4.63
N LEU A 604 10.40 -10.81 -4.27
CA LEU A 604 11.25 -10.15 -5.24
C LEU A 604 12.63 -10.72 -5.17
N ASP A 605 13.09 -11.34 -6.24
CA ASP A 605 14.36 -12.01 -6.19
C ASP A 605 15.54 -11.09 -6.56
N THR A 606 16.61 -11.20 -5.79
CA THR A 606 17.82 -10.44 -6.03
C THR A 606 18.49 -10.86 -7.34
N PRO A 607 18.60 -9.93 -8.32
CA PRO A 607 19.19 -10.24 -9.62
C PRO A 607 20.70 -10.44 -9.58
N LEU A 608 21.38 -9.85 -8.61
CA LEU A 608 22.84 -9.96 -8.59
C LEU A 608 23.29 -11.39 -8.40
N CYS A 609 22.72 -12.03 -7.38
CA CYS A 609 22.97 -13.40 -7.06
C CYS A 609 21.65 -13.89 -6.51
N ASN A 610 20.97 -14.76 -7.26
CA ASN A 610 19.61 -15.24 -6.96
C ASN A 610 19.53 -15.93 -5.62
N GLY A 611 18.33 -16.01 -5.07
CA GLY A 611 18.11 -16.93 -3.98
C GLY A 611 18.17 -18.35 -4.51
N HIS A 612 18.93 -19.21 -3.86
CA HIS A 612 19.06 -20.58 -4.34
C HIS A 612 18.18 -21.52 -3.55
N THR A 613 18.66 -21.94 -2.39
CA THR A 613 17.84 -22.70 -1.47
C THR A 613 16.63 -21.84 -1.13
N THR A 614 16.89 -20.55 -0.90
CA THR A 614 15.88 -19.56 -0.56
C THR A 614 14.79 -19.43 -1.64
N GLY A 615 15.15 -19.51 -2.91
CA GLY A 615 14.15 -19.64 -3.97
C GLY A 615 13.18 -20.80 -3.77
N MET A 616 13.71 -22.00 -3.53
CA MET A 616 12.89 -23.17 -3.30
C MET A 616 12.00 -23.00 -2.08
N ASP A 617 12.56 -22.40 -1.03
CA ASP A 617 11.86 -22.16 0.23
C ASP A 617 10.65 -21.27 0.02
N VAL A 618 10.76 -20.27 -0.85
CA VAL A 618 9.70 -19.30 -1.03
C VAL A 618 8.67 -19.89 -1.97
N LEU A 619 9.11 -20.71 -2.92
CA LEU A 619 8.18 -21.36 -3.84
C LEU A 619 7.36 -22.47 -3.17
N TRP A 620 7.93 -23.12 -2.15
CA TRP A 620 7.21 -24.18 -1.46
C TRP A 620 5.99 -23.61 -0.69
N ALA A 621 6.11 -22.33 -0.30
CA ALA A 621 5.06 -21.63 0.42
C ALA A 621 3.96 -21.22 -0.55
N GLY A 622 4.26 -21.30 -1.84
CA GLY A 622 3.27 -21.00 -2.85
C GLY A 622 3.25 -19.53 -3.14
N THR A 623 4.42 -18.91 -3.03
CA THR A 623 4.57 -17.49 -3.17
C THR A 623 5.29 -17.25 -4.48
N PRO A 624 4.64 -16.55 -5.43
CA PRO A 624 5.27 -16.25 -6.72
C PRO A 624 6.50 -15.42 -6.51
N MET A 625 7.51 -15.64 -7.34
CA MET A 625 8.77 -14.93 -7.23
C MET A 625 9.19 -14.33 -8.57
N VAL A 626 9.40 -13.03 -8.60
CA VAL A 626 9.84 -12.33 -9.79
C VAL A 626 11.37 -12.34 -9.88
N THR A 627 11.92 -12.69 -11.03
CA THR A 627 13.37 -12.77 -11.18
C THR A 627 13.82 -12.13 -12.49
N MET A 628 15.09 -11.76 -12.54
CA MET A 628 15.72 -11.25 -13.74
C MET A 628 17.06 -11.96 -13.97
N PRO A 629 17.05 -13.05 -14.77
CA PRO A 629 18.21 -13.89 -15.01
C PRO A 629 19.33 -13.08 -15.62
N GLY A 630 20.49 -13.10 -14.97
CA GLY A 630 21.66 -12.34 -15.40
C GLY A 630 22.58 -13.18 -16.25
N GLU A 631 23.88 -13.04 -16.05
CA GLU A 631 24.83 -13.75 -16.88
C GLU A 631 25.54 -14.94 -16.22
N THR A 632 26.01 -14.70 -14.99
CA THR A 632 26.57 -15.75 -14.13
C THR A 632 25.58 -16.83 -13.76
N LEU A 633 26.05 -18.05 -13.58
CA LEU A 633 25.20 -19.14 -13.07
C LEU A 633 24.35 -18.69 -11.87
N ALA A 634 25.04 -18.17 -10.86
CA ALA A 634 24.40 -17.80 -9.62
C ALA A 634 23.21 -16.87 -9.79
N SER A 635 23.15 -16.13 -10.91
CA SER A 635 22.05 -15.17 -11.14
C SER A 635 20.99 -15.72 -12.07
N ARG A 636 21.03 -17.02 -12.33
CA ARG A 636 20.12 -17.62 -13.29
C ARG A 636 19.32 -18.75 -12.71
N VAL A 637 19.66 -19.13 -11.48
CA VAL A 637 19.04 -20.25 -10.80
C VAL A 637 17.53 -20.07 -10.54
N ALA A 638 17.14 -18.87 -10.13
CA ALA A 638 15.74 -18.58 -9.86
C ALA A 638 14.88 -18.73 -11.11
N ALA A 639 15.36 -18.18 -12.23
CA ALA A 639 14.70 -18.33 -13.52
C ALA A 639 14.51 -19.80 -13.88
N SER A 640 15.56 -20.57 -13.63
CA SER A 640 15.60 -21.97 -13.91
C SER A 640 14.56 -22.71 -13.09
N GLN A 641 14.45 -22.32 -11.82
CA GLN A 641 13.46 -22.92 -10.93
C GLN A 641 12.07 -22.60 -11.43
N LEU A 642 11.86 -21.35 -11.84
CA LEU A 642 10.53 -20.93 -12.32
C LEU A 642 10.15 -21.55 -13.66
N THR A 643 11.11 -21.66 -14.58
CA THR A 643 10.88 -22.35 -15.85
C THR A 643 10.33 -23.74 -15.58
N CYS A 644 11.00 -24.47 -14.69
CA CYS A 644 10.64 -25.83 -14.33
C CYS A 644 9.24 -25.94 -13.74
N LEU A 645 8.89 -24.96 -12.91
CA LEU A 645 7.57 -24.88 -12.30
C LEU A 645 6.50 -24.57 -13.35
N GLY A 646 6.91 -23.91 -14.43
CA GLY A 646 6.01 -23.53 -15.52
C GLY A 646 5.39 -22.14 -15.36
N CYS A 647 6.22 -21.18 -14.96
CA CYS A 647 5.76 -19.81 -14.72
C CYS A 647 6.62 -18.80 -15.44
N LEU A 648 6.60 -18.85 -16.77
CA LEU A 648 7.43 -17.96 -17.56
C LEU A 648 7.06 -16.48 -17.42
N GLU A 649 5.86 -16.19 -16.93
CA GLU A 649 5.40 -14.80 -16.74
C GLU A 649 6.07 -14.05 -15.59
N LEU A 650 6.86 -14.76 -14.78
CA LEU A 650 7.55 -14.16 -13.65
C LEU A 650 9.02 -13.91 -13.95
N ILE A 651 9.44 -14.20 -15.17
CA ILE A 651 10.82 -14.04 -15.59
C ILE A 651 10.97 -12.77 -16.43
N ALA A 652 11.77 -11.83 -15.96
CA ALA A 652 11.94 -10.57 -16.67
C ALA A 652 13.16 -10.52 -17.58
N LYS A 653 13.03 -9.87 -18.74
CA LYS A 653 14.16 -9.70 -19.68
C LYS A 653 15.07 -8.55 -19.31
N ASN A 654 14.54 -7.59 -18.57
CA ASN A 654 15.29 -6.41 -18.12
C ASN A 654 14.67 -5.79 -16.86
N ARG A 655 15.30 -4.74 -16.34
CA ARG A 655 14.84 -4.10 -15.11
C ARG A 655 13.46 -3.49 -15.26
N GLN A 656 13.19 -2.90 -16.42
CA GLN A 656 11.87 -2.31 -16.63
C GLN A 656 10.82 -3.41 -16.55
N GLU A 657 11.08 -4.54 -17.17
CA GLU A 657 10.11 -5.62 -17.17
C GLU A 657 9.89 -6.26 -15.79
N TYR A 658 10.96 -6.29 -14.99
CA TYR A 658 10.92 -6.78 -13.62
C TYR A 658 9.96 -5.92 -12.81
N GLU A 659 10.16 -4.60 -12.88
CA GLU A 659 9.32 -3.67 -12.15
C GLU A 659 7.87 -3.82 -12.59
N ASP A 660 7.66 -4.00 -13.88
CA ASP A 660 6.31 -4.07 -14.44
C ASP A 660 5.52 -5.29 -13.96
N ILE A 661 6.19 -6.45 -13.99
CA ILE A 661 5.63 -7.71 -13.54
C ILE A 661 5.25 -7.61 -12.09
N ALA A 662 6.16 -7.09 -11.29
CA ALA A 662 5.96 -6.89 -9.87
C ALA A 662 4.79 -5.96 -9.58
N VAL A 663 4.76 -4.83 -10.28
CA VAL A 663 3.72 -3.83 -10.08
C VAL A 663 2.34 -4.36 -10.52
N LYS A 664 2.29 -5.08 -11.63
CA LYS A 664 1.05 -5.69 -12.05
C LYS A 664 0.54 -6.59 -10.94
N LEU A 665 1.43 -7.39 -10.36
CA LEU A 665 1.07 -8.35 -9.31
C LEU A 665 0.54 -7.65 -8.08
N GLY A 666 1.09 -6.48 -7.80
CA GLY A 666 0.63 -5.69 -6.67
C GLY A 666 -0.67 -4.94 -6.88
N THR A 667 -0.92 -4.44 -8.10
CA THR A 667 -2.11 -3.62 -8.39
C THR A 667 -3.31 -4.38 -8.92
N ASP A 668 -3.08 -5.48 -9.61
CA ASP A 668 -4.18 -6.25 -10.21
C ASP A 668 -4.49 -7.49 -9.39
N LEU A 669 -5.30 -7.32 -8.35
CA LEU A 669 -5.60 -8.41 -7.42
C LEU A 669 -6.15 -9.71 -8.02
N GLU A 670 -6.85 -9.62 -9.13
CA GLU A 670 -7.38 -10.81 -9.83
C GLU A 670 -6.27 -11.62 -10.50
N TYR A 671 -5.31 -10.92 -11.07
CA TYR A 671 -4.13 -11.53 -11.66
C TYR A 671 -3.25 -12.15 -10.58
N LEU A 672 -3.14 -11.49 -9.43
CA LEU A 672 -2.35 -12.02 -8.35
C LEU A 672 -2.92 -13.35 -7.90
N LYS A 673 -4.20 -13.37 -7.54
CA LYS A 673 -4.88 -14.59 -7.15
C LYS A 673 -4.63 -15.72 -8.16
N LYS A 674 -4.64 -15.38 -9.45
CA LYS A 674 -4.45 -16.34 -10.53
C LYS A 674 -3.04 -16.94 -10.52
N VAL A 675 -2.01 -16.09 -10.48
CA VAL A 675 -0.60 -16.54 -10.39
C VAL A 675 -0.29 -17.25 -9.06
N ARG A 676 -0.73 -16.69 -7.94
CA ARG A 676 -0.57 -17.36 -6.65
C ARG A 676 -1.11 -18.78 -6.66
N GLY A 677 -2.28 -18.95 -7.28
CA GLY A 677 -2.93 -20.25 -7.35
C GLY A 677 -2.15 -21.18 -8.27
N LYS A 678 -1.51 -20.60 -9.27
CA LYS A 678 -0.79 -21.39 -10.24
C LYS A 678 0.46 -21.97 -9.57
N VAL A 679 1.18 -21.14 -8.83
CA VAL A 679 2.35 -21.58 -8.05
C VAL A 679 1.95 -22.64 -7.01
N TRP A 680 0.90 -22.37 -6.23
CA TRP A 680 0.39 -23.32 -5.24
C TRP A 680 0.13 -24.71 -5.80
N LYS A 681 -0.31 -24.76 -7.05
CA LYS A 681 -0.68 -26.00 -7.72
C LYS A 681 0.56 -26.64 -8.32
N GLN A 682 1.32 -25.83 -9.05
CA GLN A 682 2.49 -26.28 -9.81
C GLN A 682 3.57 -26.86 -8.94
N ARG A 683 3.60 -26.45 -7.69
CA ARG A 683 4.70 -26.84 -6.81
C ARG A 683 4.58 -28.34 -6.49
N ILE A 684 3.38 -28.89 -6.58
CA ILE A 684 3.19 -30.33 -6.53
C ILE A 684 3.27 -30.97 -7.93
N SER A 685 2.58 -30.36 -8.89
CA SER A 685 2.39 -31.02 -10.18
C SER A 685 3.57 -30.92 -11.14
N SER A 686 4.42 -29.92 -10.98
CA SER A 686 5.59 -29.81 -11.85
C SER A 686 6.64 -30.75 -11.33
N PRO A 687 7.79 -30.86 -12.02
CA PRO A 687 8.84 -31.73 -11.49
C PRO A 687 9.70 -31.10 -10.41
N LEU A 688 9.48 -29.84 -10.06
CA LEU A 688 10.47 -29.06 -9.28
C LEU A 688 10.81 -29.62 -7.91
N PHE A 689 9.81 -30.15 -7.21
CA PHE A 689 9.99 -30.66 -5.84
C PHE A 689 9.91 -32.19 -5.76
N ASN A 690 9.90 -32.83 -6.92
CA ASN A 690 9.74 -34.27 -7.07
C ASN A 690 11.09 -34.96 -7.06
N THR A 691 11.52 -35.38 -5.87
CA THR A 691 12.87 -35.88 -5.69
C THR A 691 13.03 -37.24 -6.39
N LYS A 692 11.95 -38.02 -6.50
CA LYS A 692 12.05 -39.30 -7.17
C LYS A 692 12.40 -39.10 -8.64
N GLN A 693 11.58 -38.34 -9.37
CA GLN A 693 11.83 -38.02 -10.77
C GLN A 693 13.19 -37.36 -10.98
N TYR A 694 13.54 -36.40 -10.14
CA TYR A 694 14.87 -35.80 -10.21
C TYR A 694 15.95 -36.88 -10.21
N THR A 695 15.93 -37.77 -9.20
CA THR A 695 16.94 -38.84 -9.06
C THR A 695 17.05 -39.66 -10.34
N MET A 696 15.90 -40.12 -10.83
CA MET A 696 15.85 -40.85 -12.08
C MET A 696 16.48 -40.11 -13.25
N GLU A 697 16.22 -38.81 -13.35
CA GLU A 697 16.84 -37.97 -14.38
C GLU A 697 18.35 -37.87 -14.19
N LEU A 698 18.77 -37.73 -12.94
CA LEU A 698 20.15 -37.71 -12.57
C LEU A 698 20.82 -39.03 -12.93
N GLU A 699 20.15 -40.13 -12.64
CA GLU A 699 20.63 -41.47 -12.98
C GLU A 699 20.83 -41.60 -14.50
N ARG A 700 19.89 -41.07 -15.28
CA ARG A 700 20.00 -41.16 -16.73
C ARG A 700 21.25 -40.41 -17.20
N LEU A 701 21.46 -39.26 -16.61
CA LEU A 701 22.59 -38.43 -16.95
C LEU A 701 23.90 -39.15 -16.58
N TYR A 702 23.93 -39.81 -15.43
CA TYR A 702 25.12 -40.54 -15.03
C TYR A 702 25.47 -41.60 -16.06
N LEU A 703 24.48 -42.40 -16.43
CA LEU A 703 24.64 -43.47 -17.42
C LEU A 703 25.17 -42.96 -18.76
N GLN A 704 24.66 -41.80 -19.23
CA GLN A 704 25.19 -41.15 -20.45
C GLN A 704 26.66 -40.86 -20.33
N MET A 705 27.06 -40.34 -19.17
CA MET A 705 28.46 -39.96 -18.90
C MET A 705 29.35 -41.18 -18.93
N TRP A 706 28.81 -42.29 -18.44
CA TRP A 706 29.53 -43.52 -18.36
C TRP A 706 29.65 -44.23 -19.72
N GLU A 707 28.52 -44.43 -20.42
CA GLU A 707 28.52 -45.04 -21.77
C GLU A 707 29.59 -44.36 -22.62
N HIS A 708 29.62 -43.03 -22.50
CA HIS A 708 30.56 -42.22 -23.25
C HIS A 708 31.99 -42.53 -22.87
N TYR A 709 32.26 -42.72 -21.58
CA TYR A 709 33.63 -42.95 -21.12
C TYR A 709 34.10 -44.36 -21.45
N ALA A 710 33.19 -45.33 -21.28
CA ALA A 710 33.45 -46.75 -21.58
C ALA A 710 33.68 -46.97 -23.07
N ALA A 711 33.02 -46.16 -23.90
CA ALA A 711 33.30 -46.17 -25.33
C ALA A 711 34.69 -45.59 -25.70
N GLY A 712 35.46 -45.19 -24.69
CA GLY A 712 36.83 -44.74 -24.90
C GLY A 712 37.02 -43.26 -25.17
N ASN A 713 35.95 -42.48 -24.95
CA ASN A 713 35.96 -41.03 -25.20
C ASN A 713 36.30 -40.14 -23.99
N LYS A 714 36.99 -39.04 -24.27
CA LYS A 714 37.18 -37.99 -23.28
C LYS A 714 35.87 -37.20 -23.10
N PRO A 715 35.69 -36.53 -21.94
CA PRO A 715 34.40 -35.86 -21.72
C PRO A 715 34.09 -34.80 -22.75
N ASP A 716 32.85 -34.80 -23.24
CA ASP A 716 32.32 -33.71 -24.04
C ASP A 716 30.88 -33.38 -23.54
N HIS A 717 30.29 -32.28 -24.00
CA HIS A 717 29.00 -31.79 -23.50
C HIS A 717 27.86 -32.78 -23.63
N MET A 718 27.08 -32.93 -22.57
CA MET A 718 25.95 -33.87 -22.55
C MET A 718 24.63 -33.12 -22.63
N ILE A 719 24.40 -32.47 -23.77
CA ILE A 719 23.27 -31.55 -23.94
C ILE A 719 22.04 -32.15 -24.63
N LYS A 720 22.03 -33.48 -24.83
CA LYS A 720 20.82 -34.29 -25.13
C LYS A 720 20.02 -33.82 -26.36
N SER B 4 -31.59 16.23 49.40
CA SER B 4 -31.32 17.54 50.09
C SER B 4 -29.93 17.62 50.77
N CYS B 5 -29.23 16.47 50.77
CA CYS B 5 -28.07 16.22 51.64
C CYS B 5 -26.69 16.69 51.10
N PRO B 6 -26.10 17.78 51.67
CA PRO B 6 -24.79 18.27 51.17
C PRO B 6 -23.62 17.25 51.19
N THR B 7 -23.73 16.21 52.04
CA THR B 7 -22.65 15.21 52.18
C THR B 7 -22.82 14.11 51.13
N HIS B 8 -24.08 13.80 50.83
CA HIS B 8 -24.39 12.97 49.67
C HIS B 8 -23.85 13.66 48.41
N ALA B 9 -24.33 14.87 48.13
CA ALA B 9 -23.88 15.67 46.99
C ALA B 9 -22.35 15.74 46.93
N ASP B 10 -21.70 15.95 48.07
CA ASP B 10 -20.23 16.04 48.10
C ASP B 10 -19.54 14.78 47.59
N SER B 11 -20.13 13.63 47.91
CA SER B 11 -19.63 12.32 47.46
C SER B 11 -19.74 12.15 45.93
N LEU B 12 -20.95 12.34 45.42
CA LEU B 12 -21.20 12.36 43.98
C LEU B 12 -20.24 13.28 43.22
N ASN B 13 -19.85 14.41 43.83
CA ASN B 13 -18.86 15.31 43.22
C ASN B 13 -17.50 14.61 43.16
N ASN B 14 -17.08 14.01 44.27
CA ASN B 14 -15.81 13.28 44.34
C ASN B 14 -15.75 12.12 43.35
N LEU B 15 -16.91 11.48 43.15
CA LEU B 15 -17.04 10.35 42.22
C LEU B 15 -16.92 10.78 40.75
N ALA B 16 -17.52 11.93 40.42
CA ALA B 16 -17.44 12.54 39.10
C ALA B 16 -16.02 13.06 38.81
N ASN B 17 -15.39 13.71 39.79
CA ASN B 17 -13.99 14.11 39.67
C ASN B 17 -13.08 12.94 39.31
N ILE B 18 -13.44 11.75 39.79
CA ILE B 18 -12.67 10.54 39.52
C ILE B 18 -12.90 10.05 38.07
N LYS B 19 -14.17 9.91 37.68
CA LYS B 19 -14.53 9.60 36.29
C LYS B 19 -13.96 10.60 35.27
N ARG B 20 -13.78 11.85 35.68
CA ARG B 20 -13.18 12.86 34.82
C ARG B 20 -11.67 12.67 34.63
N GLU B 21 -10.96 12.28 35.70
CA GLU B 21 -9.50 12.03 35.63
C GLU B 21 -9.19 10.88 34.69
N GLN B 22 -10.10 9.91 34.63
CA GLN B 22 -10.01 8.78 33.70
C GLN B 22 -10.63 9.10 32.32
N GLY B 23 -10.76 10.38 31.97
CA GLY B 23 -11.39 10.81 30.71
C GLY B 23 -12.73 10.17 30.33
N ASN B 24 -13.48 9.62 31.28
CA ASN B 24 -14.84 9.17 30.99
C ASN B 24 -15.84 10.32 31.21
N ILE B 25 -15.65 11.36 30.40
CA ILE B 25 -16.38 12.62 30.48
C ILE B 25 -17.89 12.39 30.39
N GLU B 26 -18.30 11.57 29.44
CA GLU B 26 -19.65 11.00 29.36
C GLU B 26 -20.33 10.85 30.73
N GLU B 27 -19.67 10.13 31.64
CA GLU B 27 -20.23 9.74 32.93
C GLU B 27 -20.07 10.81 34.00
N ALA B 28 -18.89 11.44 34.04
CA ALA B 28 -18.63 12.59 34.91
C ALA B 28 -19.81 13.56 34.93
N VAL B 29 -20.22 14.03 33.76
CA VAL B 29 -21.39 14.89 33.61
C VAL B 29 -22.62 14.34 34.36
N ARG B 30 -22.98 13.08 34.09
CA ARG B 30 -24.19 12.46 34.66
C ARG B 30 -24.16 12.51 36.20
N LEU B 31 -22.97 12.29 36.78
CA LEU B 31 -22.73 12.34 38.24
C LEU B 31 -22.79 13.75 38.82
N TYR B 32 -22.01 14.67 38.23
CA TYR B 32 -22.11 16.10 38.56
C TYR B 32 -23.57 16.55 38.58
N ARG B 33 -24.34 16.13 37.56
CA ARG B 33 -25.73 16.54 37.41
C ARG B 33 -26.60 16.03 38.52
N LYS B 34 -26.29 14.83 38.99
CA LYS B 34 -27.02 14.20 40.12
C LYS B 34 -26.61 14.84 41.44
N ALA B 35 -25.32 15.15 41.59
CA ALA B 35 -24.84 15.92 42.73
C ALA B 35 -25.65 17.19 42.89
N LEU B 36 -25.97 17.85 41.77
CA LEU B 36 -26.70 19.12 41.76
C LEU B 36 -28.21 18.98 41.93
N GLU B 37 -28.72 17.77 41.67
CA GLU B 37 -30.14 17.47 41.83
C GLU B 37 -30.40 17.18 43.30
N VAL B 38 -29.45 16.48 43.93
CA VAL B 38 -29.39 16.36 45.37
C VAL B 38 -29.25 17.75 46.05
N PHE B 39 -28.16 18.47 45.79
CA PHE B 39 -27.86 19.75 46.45
C PHE B 39 -27.61 20.91 45.47
N PRO B 40 -28.68 21.60 45.06
CA PRO B 40 -28.58 22.62 44.00
C PRO B 40 -27.65 23.80 44.35
N GLU B 41 -27.41 24.04 45.64
CA GLU B 41 -26.61 25.17 46.12
C GLU B 41 -25.17 24.75 46.33
N PHE B 42 -24.73 23.78 45.55
CA PHE B 42 -23.34 23.30 45.63
C PHE B 42 -22.41 24.04 44.64
N ALA B 43 -21.51 24.86 45.16
CA ALA B 43 -20.73 25.74 44.29
C ALA B 43 -19.81 24.92 43.43
N ALA B 44 -19.03 24.04 44.05
CA ALA B 44 -18.00 23.30 43.30
C ALA B 44 -18.55 22.35 42.23
N ALA B 45 -19.74 21.80 42.43
CA ALA B 45 -20.34 20.95 41.40
C ALA B 45 -20.73 21.79 40.22
N HIS B 46 -21.33 22.96 40.48
CA HIS B 46 -21.69 23.88 39.40
C HIS B 46 -20.42 24.18 38.61
N SER B 47 -19.36 24.56 39.30
CA SER B 47 -18.12 24.94 38.65
C SER B 47 -17.52 23.79 37.83
N ASN B 48 -17.50 22.60 38.39
CA ASN B 48 -16.94 21.45 37.69
C ASN B 48 -17.78 21.05 36.46
N LEU B 49 -19.09 20.95 36.63
CA LEU B 49 -19.99 20.68 35.51
C LEU B 49 -19.79 21.72 34.40
N ALA B 50 -19.62 22.98 34.79
CA ALA B 50 -19.38 24.04 33.82
C ALA B 50 -18.11 23.78 33.03
N SER B 51 -17.03 23.45 33.70
CA SER B 51 -15.77 23.32 32.98
C SER B 51 -15.71 22.06 32.14
N VAL B 52 -16.55 21.07 32.41
CA VAL B 52 -16.61 19.97 31.43
C VAL B 52 -17.53 20.27 30.27
N LEU B 53 -18.57 21.08 30.48
CA LEU B 53 -19.41 21.52 29.38
C LEU B 53 -18.59 22.42 28.45
N GLN B 54 -17.65 23.14 29.01
CA GLN B 54 -16.79 24.01 28.21
C GLN B 54 -15.89 23.17 27.33
N GLN B 55 -15.32 22.11 27.89
CA GLN B 55 -14.57 21.09 27.14
C GLN B 55 -15.36 20.52 25.97
N GLN B 56 -16.68 20.41 26.15
CA GLN B 56 -17.58 19.80 25.19
C GLN B 56 -18.09 20.80 24.17
N GLY B 57 -17.66 22.04 24.30
CA GLY B 57 -18.10 23.10 23.41
C GLY B 57 -19.55 23.53 23.61
N LYS B 58 -20.19 23.04 24.67
CA LYS B 58 -21.51 23.48 25.09
C LYS B 58 -21.41 24.78 25.90
N LEU B 59 -20.85 25.82 25.29
CA LEU B 59 -20.53 27.07 25.98
C LEU B 59 -21.76 27.77 26.54
N GLN B 60 -22.86 27.77 25.80
CA GLN B 60 -24.09 28.49 26.18
C GLN B 60 -24.45 28.03 27.60
N GLU B 61 -24.41 26.73 27.81
CA GLU B 61 -24.83 26.07 29.06
C GLU B 61 -23.75 26.09 30.15
N ALA B 62 -22.48 25.98 29.74
CA ALA B 62 -21.36 26.06 30.66
C ALA B 62 -21.38 27.41 31.37
N LEU B 63 -21.75 28.45 30.63
CA LEU B 63 -21.77 29.81 31.15
C LEU B 63 -22.83 29.93 32.22
N MET B 64 -23.96 29.26 32.02
CA MET B 64 -25.04 29.35 32.98
C MET B 64 -24.67 28.76 34.33
N HIS B 65 -23.85 27.70 34.30
CA HIS B 65 -23.41 27.05 35.53
C HIS B 65 -22.25 27.78 36.23
N TYR B 66 -21.41 28.47 35.47
CA TYR B 66 -20.42 29.32 36.11
C TYR B 66 -21.13 30.43 36.84
N LYS B 67 -22.10 31.07 36.19
CA LYS B 67 -22.87 32.16 36.80
C LYS B 67 -23.45 31.69 38.14
N GLU B 68 -23.90 30.45 38.19
CA GLU B 68 -24.49 29.91 39.41
C GLU B 68 -23.44 29.70 40.48
N ALA B 69 -22.30 29.16 40.08
CA ALA B 69 -21.19 28.96 41.00
C ALA B 69 -20.80 30.27 41.68
N ILE B 70 -20.71 31.36 40.91
CA ILE B 70 -20.42 32.68 41.45
C ILE B 70 -21.53 33.13 42.40
N ARG B 71 -22.79 32.93 42.02
CA ARG B 71 -23.92 33.35 42.84
C ARG B 71 -23.82 32.74 44.22
N ILE B 72 -23.46 31.48 44.25
CA ILE B 72 -23.36 30.73 45.50
C ILE B 72 -22.10 31.05 46.27
N SER B 73 -20.97 31.21 45.61
CA SER B 73 -19.72 31.53 46.28
C SER B 73 -19.05 32.75 45.68
N PRO B 74 -19.40 33.94 46.17
CA PRO B 74 -19.00 35.15 45.47
C PRO B 74 -17.50 35.43 45.44
N THR B 75 -16.75 34.78 46.34
CA THR B 75 -15.30 34.94 46.38
C THR B 75 -14.57 33.85 45.60
N PHE B 76 -15.34 33.07 44.85
CA PHE B 76 -14.82 32.02 43.95
C PHE B 76 -14.05 32.62 42.76
N ALA B 77 -12.87 33.18 43.04
CA ALA B 77 -12.04 33.81 42.02
C ALA B 77 -11.77 32.88 40.82
N ASP B 78 -11.59 31.59 41.10
CA ASP B 78 -11.34 30.60 40.07
C ASP B 78 -12.49 30.46 39.07
N ALA B 79 -13.72 30.59 39.56
CA ALA B 79 -14.89 30.45 38.70
C ALA B 79 -15.07 31.68 37.82
N TYR B 80 -14.64 32.85 38.32
CA TYR B 80 -14.63 34.07 37.51
C TYR B 80 -13.73 33.88 36.32
N SER B 81 -12.52 33.39 36.60
CA SER B 81 -11.50 33.21 35.60
C SER B 81 -11.97 32.26 34.48
N ASN B 82 -12.59 31.14 34.86
CA ASN B 82 -13.10 30.22 33.86
C ASN B 82 -14.33 30.69 33.10
N MET B 83 -15.24 31.39 33.79
CA MET B 83 -16.36 32.05 33.12
C MET B 83 -15.80 32.97 32.01
N GLY B 84 -14.77 33.73 32.38
CA GLY B 84 -14.02 34.53 31.43
C GLY B 84 -13.65 33.74 30.20
N ASN B 85 -12.90 32.66 30.39
CA ASN B 85 -12.50 31.82 29.27
C ASN B 85 -13.66 31.35 28.39
N THR B 86 -14.80 31.07 29.01
CA THR B 86 -16.00 30.72 28.26
C THR B 86 -16.51 31.91 27.44
N LEU B 87 -16.62 33.08 28.04
CA LEU B 87 -17.04 34.26 27.29
C LEU B 87 -16.07 34.53 26.14
N LYS B 88 -14.78 34.32 26.37
CA LYS B 88 -13.80 34.58 25.33
C LYS B 88 -14.06 33.71 24.10
N GLU B 89 -14.30 32.42 24.34
CA GLU B 89 -14.54 31.44 23.28
C GLU B 89 -15.87 31.73 22.59
N MET B 90 -16.77 32.39 23.31
CA MET B 90 -18.05 32.81 22.75
C MET B 90 -17.94 34.13 21.97
N GLN B 91 -16.72 34.62 21.74
CA GLN B 91 -16.48 35.88 21.04
C GLN B 91 -16.90 37.14 21.85
N ASP B 92 -17.24 36.99 23.13
CA ASP B 92 -17.59 38.13 23.98
C ASP B 92 -16.39 38.64 24.77
N VAL B 93 -15.40 39.16 24.05
CA VAL B 93 -14.12 39.55 24.65
C VAL B 93 -14.32 40.65 25.68
N GLN B 94 -15.28 41.53 25.42
CA GLN B 94 -15.59 42.59 26.37
C GLN B 94 -15.94 42.00 27.74
N GLY B 95 -16.91 41.10 27.78
CA GLY B 95 -17.39 40.55 29.05
C GLY B 95 -16.44 39.55 29.69
N ALA B 96 -15.62 38.91 28.87
CA ALA B 96 -14.56 38.02 29.32
C ALA B 96 -13.53 38.80 30.13
N LEU B 97 -13.21 39.98 29.64
CA LEU B 97 -12.19 40.82 30.21
C LEU B 97 -12.68 41.36 31.53
N GLN B 98 -13.96 41.68 31.58
CA GLN B 98 -14.58 42.12 32.82
C GLN B 98 -14.53 41.04 33.92
N CYS B 99 -14.68 39.77 33.53
CA CYS B 99 -14.49 38.64 34.45
C CYS B 99 -13.08 38.58 34.97
N TYR B 100 -12.09 38.67 34.09
CA TYR B 100 -10.72 38.56 34.55
C TYR B 100 -10.41 39.70 35.51
N THR B 101 -10.79 40.93 35.17
CA THR B 101 -10.47 42.06 36.03
C THR B 101 -11.16 41.88 37.38
N ARG B 102 -12.37 41.34 37.35
CA ARG B 102 -13.15 41.21 38.56
C ARG B 102 -12.55 40.16 39.49
N ALA B 103 -11.97 39.11 38.92
CA ALA B 103 -11.30 38.09 39.71
C ALA B 103 -10.08 38.65 40.42
N ILE B 104 -9.33 39.53 39.74
CA ILE B 104 -8.10 40.12 40.28
C ILE B 104 -8.38 41.10 41.42
N GLN B 105 -9.54 41.74 41.39
CA GLN B 105 -9.97 42.62 42.44
C GLN B 105 -10.30 41.79 43.67
N ILE B 106 -11.01 40.69 43.47
CA ILE B 106 -11.41 39.82 44.55
C ILE B 106 -10.22 39.10 45.20
N ASN B 107 -9.33 38.52 44.39
CA ASN B 107 -8.11 37.94 44.91
C ASN B 107 -6.90 38.47 44.18
N PRO B 108 -6.25 39.51 44.72
CA PRO B 108 -5.10 40.11 44.04
C PRO B 108 -3.97 39.11 43.77
N ALA B 109 -3.98 38.00 44.50
CA ALA B 109 -2.88 37.03 44.52
C ALA B 109 -3.09 35.88 43.56
N PHE B 110 -4.21 35.90 42.85
CA PHE B 110 -4.67 34.79 42.00
C PHE B 110 -4.01 34.82 40.62
N ALA B 111 -3.00 33.98 40.42
CA ALA B 111 -2.18 34.01 39.20
C ALA B 111 -2.93 33.83 37.88
N ASP B 112 -3.89 32.89 37.81
CA ASP B 112 -4.53 32.52 36.54
C ASP B 112 -5.25 33.67 35.86
N ALA B 113 -5.97 34.47 36.64
CA ALA B 113 -6.69 35.62 36.12
C ALA B 113 -5.72 36.61 35.49
N HIS B 114 -4.56 36.82 36.10
CA HIS B 114 -3.55 37.67 35.49
C HIS B 114 -3.09 37.15 34.15
N SER B 115 -2.86 35.84 34.08
CA SER B 115 -2.43 35.19 32.87
C SER B 115 -3.50 35.33 31.80
N ASN B 116 -4.73 34.98 32.14
CA ASN B 116 -5.86 35.17 31.22
C ASN B 116 -5.98 36.58 30.67
N LEU B 117 -5.81 37.58 31.54
CA LEU B 117 -5.89 38.97 31.14
C LEU B 117 -4.79 39.27 30.14
N ALA B 118 -3.58 38.79 30.40
CA ALA B 118 -2.47 38.93 29.48
C ALA B 118 -2.80 38.30 28.12
N SER B 119 -3.56 37.19 28.14
CA SER B 119 -3.94 36.54 26.88
C SER B 119 -4.83 37.40 26.01
N ILE B 120 -5.73 38.15 26.62
CA ILE B 120 -6.55 39.13 25.90
C ILE B 120 -5.65 40.21 25.29
N HIS B 121 -4.66 40.66 26.03
CA HIS B 121 -3.82 41.70 25.55
C HIS B 121 -3.01 41.24 24.35
N LYS B 122 -2.60 39.97 24.39
CA LYS B 122 -1.75 39.37 23.35
C LYS B 122 -2.57 39.29 22.08
N ASP B 123 -3.79 38.76 22.19
CA ASP B 123 -4.71 38.66 21.05
C ASP B 123 -5.03 39.99 20.39
N SER B 124 -5.08 41.06 21.17
CA SER B 124 -5.32 42.41 20.64
C SER B 124 -4.10 43.02 19.98
N GLY B 125 -2.94 42.43 20.17
CA GLY B 125 -1.73 42.95 19.56
C GLY B 125 -0.92 43.85 20.47
N ASN B 126 -1.47 44.24 21.61
CA ASN B 126 -0.69 45.04 22.55
C ASN B 126 0.20 44.16 23.44
N ILE B 127 1.44 44.01 22.98
CA ILE B 127 2.33 42.98 23.48
C ILE B 127 3.04 43.36 24.76
N PRO B 128 3.45 44.65 24.89
CA PRO B 128 4.07 45.02 26.17
C PRO B 128 3.15 44.82 27.39
N GLU B 129 1.86 45.12 27.24
CA GLU B 129 0.90 44.93 28.31
C GLU B 129 0.65 43.44 28.55
N ALA B 130 0.73 42.66 27.49
CA ALA B 130 0.65 41.22 27.64
C ALA B 130 1.85 40.71 28.47
N ILE B 131 3.07 41.17 28.13
CA ILE B 131 4.26 40.75 28.87
C ILE B 131 4.09 41.07 30.35
N ALA B 132 3.75 42.33 30.64
CA ALA B 132 3.56 42.82 32.02
C ALA B 132 2.68 41.89 32.83
N SER B 133 1.48 41.59 32.33
CA SER B 133 0.58 40.69 33.04
C SER B 133 1.07 39.24 33.17
N TYR B 134 1.75 38.72 32.15
CA TYR B 134 2.31 37.36 32.25
C TYR B 134 3.34 37.29 33.35
N ARG B 135 4.18 38.34 33.41
CA ARG B 135 5.20 38.48 34.44
C ARG B 135 4.58 38.52 35.85
N THR B 136 3.53 39.30 36.02
CA THR B 136 2.82 39.33 37.28
C THR B 136 2.38 37.92 37.66
N ALA B 137 1.70 37.22 36.75
CA ALA B 137 1.23 35.87 37.05
C ALA B 137 2.36 34.96 37.49
N LEU B 138 3.52 35.12 36.89
CA LEU B 138 4.66 34.25 37.20
C LEU B 138 5.33 34.55 38.53
N LYS B 139 5.32 35.83 38.91
CA LYS B 139 5.74 36.26 40.23
C LYS B 139 4.79 35.64 41.26
N LEU B 140 3.49 35.70 41.00
CA LEU B 140 2.52 35.10 41.89
C LEU B 140 2.52 33.57 41.89
N LYS B 141 2.88 32.93 40.77
CA LYS B 141 2.94 31.47 40.73
C LYS B 141 4.05 31.04 39.81
N PRO B 142 5.26 30.85 40.38
CA PRO B 142 6.47 30.63 39.57
C PRO B 142 6.44 29.33 38.75
N ASP B 143 5.59 28.38 39.11
CA ASP B 143 5.42 27.18 38.32
C ASP B 143 4.06 27.23 37.63
N PHE B 144 4.07 27.74 36.40
CA PHE B 144 2.85 28.01 35.67
C PHE B 144 3.19 27.81 34.21
N PRO B 145 3.01 26.59 33.70
CA PRO B 145 3.43 26.33 32.32
C PRO B 145 2.73 27.24 31.29
N ASP B 146 1.39 27.29 31.34
CA ASP B 146 0.62 28.13 30.41
C ASP B 146 1.16 29.56 30.27
N ALA B 147 1.37 30.24 31.38
CA ALA B 147 1.86 31.60 31.36
C ALA B 147 3.32 31.67 30.93
N TYR B 148 4.11 30.69 31.33
CA TYR B 148 5.50 30.74 30.96
C TYR B 148 5.67 30.68 29.45
N CYS B 149 4.94 29.77 28.82
CA CYS B 149 5.11 29.53 27.40
C CYS B 149 4.51 30.67 26.62
N ASN B 150 3.39 31.19 27.11
CA ASN B 150 2.80 32.36 26.47
C ASN B 150 3.71 33.57 26.55
N LEU B 151 4.35 33.77 27.69
CA LEU B 151 5.32 34.85 27.84
C LEU B 151 6.48 34.66 26.89
N ALA B 152 6.96 33.42 26.81
CA ALA B 152 8.08 33.07 25.93
C ALA B 152 7.79 33.46 24.49
N HIS B 153 6.57 33.18 24.05
CA HIS B 153 6.14 33.55 22.72
C HIS B 153 6.10 35.08 22.54
N CYS B 154 5.59 35.81 23.53
CA CYS B 154 5.55 37.26 23.43
C CYS B 154 6.93 37.82 23.29
N LEU B 155 7.85 37.26 24.08
CA LEU B 155 9.22 37.71 24.07
C LEU B 155 9.80 37.45 22.70
N GLN B 156 9.47 36.27 22.14
CA GLN B 156 9.87 35.89 20.80
C GLN B 156 9.40 36.96 19.81
N ILE B 157 8.13 37.36 19.93
CA ILE B 157 7.48 38.30 19.02
C ILE B 157 8.17 39.63 18.95
N VAL B 158 8.64 40.14 20.09
CA VAL B 158 9.29 41.45 20.16
C VAL B 158 10.79 41.35 20.08
N CYS B 159 11.29 40.13 19.89
CA CYS B 159 12.72 39.86 19.82
C CYS B 159 13.45 40.21 21.11
N ASP B 160 12.88 39.83 22.24
CA ASP B 160 13.59 39.91 23.52
C ASP B 160 14.29 38.57 23.75
N TRP B 161 15.61 38.57 23.70
CA TRP B 161 16.33 37.32 23.79
C TRP B 161 17.12 37.18 25.11
N THR B 162 16.65 37.88 26.15
CA THR B 162 17.22 37.79 27.49
C THR B 162 17.14 36.35 27.95
N ASP B 163 18.30 35.79 28.33
CA ASP B 163 18.40 34.41 28.81
C ASP B 163 17.78 33.42 27.84
N TYR B 164 18.06 33.62 26.56
CA TYR B 164 17.41 32.84 25.51
C TYR B 164 17.66 31.35 25.64
N ASP B 165 18.92 30.96 25.75
CA ASP B 165 19.25 29.54 25.72
C ASP B 165 18.63 28.79 26.86
N GLU B 166 18.63 29.42 28.04
CA GLU B 166 18.06 28.84 29.25
C GLU B 166 16.55 28.76 29.11
N ARG B 167 15.97 29.79 28.49
CA ARG B 167 14.55 29.85 28.23
C ARG B 167 14.07 28.71 27.36
N MET B 168 14.86 28.36 26.34
CA MET B 168 14.49 27.28 25.42
C MET B 168 14.54 25.93 26.13
N LYS B 169 15.62 25.70 26.87
CA LYS B 169 15.81 24.45 27.61
C LYS B 169 14.65 24.22 28.55
N LYS B 170 14.11 25.31 29.11
CA LYS B 170 12.95 25.23 29.99
C LYS B 170 11.64 24.90 29.26
N LEU B 171 11.42 25.51 28.09
CA LEU B 171 10.23 25.19 27.30
C LEU B 171 10.17 23.72 26.97
N VAL B 172 11.28 23.22 26.39
CA VAL B 172 11.40 21.81 26.04
C VAL B 172 11.02 20.99 27.27
N SER B 173 11.73 21.26 28.37
CA SER B 173 11.50 20.63 29.68
C SER B 173 10.03 20.63 30.12
N ILE B 174 9.34 21.78 29.96
CA ILE B 174 7.92 21.92 30.33
C ILE B 174 7.01 21.04 29.47
N VAL B 175 7.24 21.06 28.15
CA VAL B 175 6.49 20.25 27.21
C VAL B 175 6.72 18.77 27.52
N ALA B 176 7.99 18.38 27.71
CA ALA B 176 8.35 17.00 27.99
C ALA B 176 7.57 16.49 29.21
N ASP B 177 7.47 17.33 30.23
CA ASP B 177 6.77 16.99 31.45
C ASP B 177 5.25 16.87 31.24
N GLN B 178 4.69 17.76 30.44
CA GLN B 178 3.27 17.76 30.21
C GLN B 178 2.85 16.61 29.32
N LEU B 179 3.73 16.22 28.40
CA LEU B 179 3.41 15.16 27.46
C LEU B 179 3.40 13.86 28.22
N GLU B 180 4.38 13.70 29.10
CA GLU B 180 4.54 12.49 29.87
C GLU B 180 3.49 12.36 30.99
N LYS B 181 3.04 13.48 31.55
CA LYS B 181 1.94 13.47 32.52
C LYS B 181 0.57 13.45 31.85
N ASN B 182 0.55 13.22 30.54
CA ASN B 182 -0.67 13.25 29.71
C ASN B 182 -1.56 14.49 29.88
N ARG B 183 -0.93 15.65 29.90
CA ARG B 183 -1.63 16.95 29.92
C ARG B 183 -1.58 17.60 28.54
N LEU B 184 -2.41 18.63 28.32
CA LEU B 184 -2.35 19.42 27.09
C LEU B 184 -1.17 20.39 27.15
N PRO B 185 -0.22 20.28 26.21
CA PRO B 185 0.98 21.11 26.25
C PRO B 185 0.67 22.58 26.16
N SER B 186 1.53 23.41 26.75
CA SER B 186 1.32 24.84 26.81
C SER B 186 1.81 25.57 25.58
N VAL B 187 2.68 24.95 24.80
CA VAL B 187 3.10 25.51 23.52
C VAL B 187 2.01 25.20 22.47
N HIS B 188 1.71 26.16 21.60
CA HIS B 188 0.70 25.99 20.57
C HIS B 188 1.30 25.32 19.35
N PRO B 189 0.58 24.36 18.73
CA PRO B 189 1.18 23.68 17.58
C PRO B 189 1.71 24.66 16.54
N HIS B 190 1.00 25.76 16.31
CA HIS B 190 1.43 26.71 15.30
C HIS B 190 2.70 27.48 15.71
N HIS B 191 3.13 27.32 16.95
CA HIS B 191 4.39 27.93 17.42
C HIS B 191 5.51 26.93 17.59
N SER B 192 5.16 25.65 17.65
CA SER B 192 6.12 24.63 18.00
C SER B 192 7.34 24.56 17.09
N MET B 193 7.27 25.16 15.91
CA MET B 193 8.43 25.12 15.03
C MET B 193 9.52 26.13 15.46
N LEU B 194 9.17 27.04 16.36
CA LEU B 194 10.09 28.10 16.74
C LEU B 194 11.07 27.69 17.83
N TYR B 195 10.79 26.57 18.48
CA TYR B 195 11.60 26.16 19.61
C TYR B 195 12.30 24.83 19.34
N PRO B 196 13.49 24.60 19.95
CA PRO B 196 14.23 23.37 19.75
C PRO B 196 13.59 22.13 20.39
N LEU B 197 12.34 21.86 20.05
CA LEU B 197 11.63 20.74 20.63
C LEU B 197 12.05 19.41 20.03
N SER B 198 11.98 18.38 20.86
CA SER B 198 12.44 17.01 20.57
C SER B 198 11.53 16.28 19.58
N HIS B 199 10.73 17.07 18.84
CA HIS B 199 10.31 16.77 17.45
C HIS B 199 9.30 15.64 17.08
N GLY B 200 9.41 14.50 17.77
CA GLY B 200 8.28 13.61 17.99
C GLY B 200 7.35 14.35 18.95
N PHE B 201 7.93 15.34 19.65
CA PHE B 201 7.22 16.33 20.49
C PHE B 201 6.28 17.18 19.68
N ARG B 202 6.80 17.79 18.61
CA ARG B 202 5.99 18.65 17.75
C ARG B 202 4.77 17.89 17.24
N LYS B 203 4.99 16.67 16.76
CA LYS B 203 3.90 15.81 16.36
C LYS B 203 2.94 15.57 17.51
N ALA B 204 3.46 15.33 18.70
CA ALA B 204 2.62 15.00 19.86
C ALA B 204 1.82 16.21 20.36
N ILE B 205 2.41 17.41 20.27
CA ILE B 205 1.70 18.65 20.61
C ILE B 205 0.52 18.84 19.67
N ALA B 206 0.73 18.61 18.38
CA ALA B 206 -0.33 18.67 17.39
C ALA B 206 -1.40 17.64 17.66
N GLU B 207 -0.99 16.38 17.84
CA GLU B 207 -1.90 15.25 18.10
C GLU B 207 -2.87 15.62 19.18
N ARG B 208 -2.31 16.27 20.19
CA ARG B 208 -2.95 16.53 21.44
C ARG B 208 -3.94 17.69 21.33
N HIS B 209 -3.70 18.60 20.38
CA HIS B 209 -4.68 19.62 19.99
C HIS B 209 -5.81 19.08 19.14
N GLY B 210 -5.50 18.10 18.31
CA GLY B 210 -6.52 17.37 17.58
C GLY B 210 -7.58 16.78 18.49
N ASN B 211 -7.16 16.26 19.65
CA ASN B 211 -8.10 15.68 20.62
C ASN B 211 -9.16 16.61 21.16
N LEU B 212 -8.83 17.89 21.22
CA LEU B 212 -9.78 18.86 21.74
C LEU B 212 -11.06 18.89 20.91
N CYS B 213 -10.94 18.55 19.63
CA CYS B 213 -12.09 18.39 18.74
C CYS B 213 -12.89 17.13 19.06
N LEU B 214 -12.22 16.01 19.25
CA LEU B 214 -12.94 14.75 19.48
C LEU B 214 -13.97 14.94 20.59
N ASP B 215 -13.56 15.61 21.65
CA ASP B 215 -14.40 15.84 22.82
C ASP B 215 -15.65 16.69 22.51
N LYS B 216 -15.50 17.62 21.57
CA LYS B 216 -16.55 18.54 21.18
C LYS B 216 -17.52 17.94 20.17
N ILE B 217 -17.11 16.87 19.49
CA ILE B 217 -17.99 16.20 18.50
C ILE B 217 -18.68 14.95 19.01
N ASN B 218 -18.14 14.36 20.07
CA ASN B 218 -18.76 13.18 20.65
C ASN B 218 -20.12 13.45 21.23
N VAL B 219 -20.33 14.67 21.70
CA VAL B 219 -21.58 15.04 22.35
C VAL B 219 -22.70 15.14 21.34
N LEU B 220 -22.37 15.15 20.06
CA LEU B 220 -23.37 15.16 18.98
C LEU B 220 -23.82 13.75 18.63
N HIS B 221 -23.09 12.75 19.10
CA HIS B 221 -23.40 11.33 18.87
C HIS B 221 -23.79 11.06 17.43
N LYS B 222 -22.88 11.36 16.50
CA LYS B 222 -23.13 11.14 15.09
C LYS B 222 -22.51 9.83 14.63
N PRO B 223 -23.31 9.01 13.93
CA PRO B 223 -22.81 7.78 13.32
C PRO B 223 -21.85 8.08 12.17
N PRO B 224 -20.91 7.16 11.91
CA PRO B 224 -20.00 7.36 10.78
C PRO B 224 -20.82 7.62 9.52
N TYR B 225 -20.28 8.44 8.62
CA TYR B 225 -20.95 8.76 7.34
C TYR B 225 -20.69 7.70 6.31
N GLU B 226 -21.60 7.57 5.35
CA GLU B 226 -21.41 6.63 4.26
C GLU B 226 -20.82 7.29 3.03
N HIS B 227 -19.54 7.08 2.80
CA HIS B 227 -18.85 7.77 1.74
C HIS B 227 -19.11 7.16 0.37
N PRO B 228 -19.09 7.97 -0.70
CA PRO B 228 -19.25 7.43 -2.05
C PRO B 228 -18.09 6.51 -2.39
N LYS B 229 -18.32 5.54 -3.29
CA LYS B 229 -17.27 4.59 -3.68
C LYS B 229 -16.94 4.57 -5.19
N ASP B 230 -17.63 5.44 -5.92
CA ASP B 230 -17.46 5.61 -7.34
C ASP B 230 -17.71 7.07 -7.68
N LEU B 231 -17.56 7.43 -8.95
CA LEU B 231 -17.87 8.78 -9.36
C LEU B 231 -19.18 8.84 -10.15
N LYS B 232 -20.05 7.85 -9.98
CA LYS B 232 -21.25 7.75 -10.80
C LYS B 232 -22.26 8.84 -10.49
N LEU B 233 -22.55 9.06 -9.21
CA LEU B 233 -23.52 10.09 -8.79
C LEU B 233 -23.05 11.49 -9.15
N SER B 234 -21.73 11.70 -9.06
CA SER B 234 -21.11 12.99 -9.32
C SER B 234 -20.74 13.16 -10.79
N ASP B 235 -21.21 12.22 -11.60
CA ASP B 235 -21.22 12.37 -13.05
C ASP B 235 -19.86 12.24 -13.73
N GLY B 236 -18.98 11.42 -13.14
CA GLY B 236 -17.62 11.22 -13.63
C GLY B 236 -16.65 12.19 -13.02
N ARG B 237 -17.16 13.18 -12.30
CA ARG B 237 -16.35 14.25 -11.75
C ARG B 237 -15.99 13.95 -10.32
N LEU B 238 -14.73 14.18 -9.98
CA LEU B 238 -14.27 14.12 -8.60
C LEU B 238 -14.58 15.42 -7.85
N ARG B 239 -15.34 15.31 -6.76
CA ARG B 239 -15.78 16.44 -5.96
C ARG B 239 -14.82 16.83 -4.86
N VAL B 240 -14.19 17.98 -5.02
CA VAL B 240 -13.17 18.45 -4.09
C VAL B 240 -13.70 19.64 -3.33
N GLY B 241 -13.62 19.59 -2.01
CA GLY B 241 -14.09 20.67 -1.17
C GLY B 241 -12.93 21.33 -0.46
N TYR B 242 -12.76 22.62 -0.67
CA TYR B 242 -11.74 23.36 0.00
C TYR B 242 -12.36 24.04 1.20
N VAL B 243 -11.85 23.77 2.40
CA VAL B 243 -12.39 24.40 3.61
C VAL B 243 -11.42 25.41 4.20
N SER B 244 -11.84 26.67 4.22
CA SER B 244 -10.98 27.72 4.75
C SER B 244 -11.74 28.83 5.43
N SER B 245 -11.14 29.38 6.48
CA SER B 245 -11.64 30.59 7.07
C SER B 245 -10.99 31.79 6.42
N ASP B 246 -10.32 31.60 5.30
CA ASP B 246 -9.51 32.67 4.71
C ASP B 246 -9.80 33.02 3.24
N PHE B 247 -11.01 32.75 2.78
CA PHE B 247 -11.43 33.26 1.50
C PHE B 247 -11.79 34.74 1.69
N GLY B 248 -10.80 35.61 1.46
CA GLY B 248 -10.95 37.02 1.78
C GLY B 248 -9.55 37.61 1.77
N ASN B 249 -9.38 38.79 2.35
CA ASN B 249 -8.07 39.40 2.40
C ASN B 249 -7.21 38.68 3.44
N HIS B 250 -6.50 37.65 2.98
CA HIS B 250 -5.65 36.82 3.83
C HIS B 250 -4.54 36.18 2.97
N PRO B 251 -3.34 36.03 3.51
CA PRO B 251 -2.26 35.46 2.75
C PRO B 251 -2.65 34.22 1.96
N THR B 252 -3.43 33.33 2.56
CA THR B 252 -3.86 32.11 1.90
C THR B 252 -4.62 32.38 0.58
N SER B 253 -5.53 33.35 0.59
CA SER B 253 -6.15 33.80 -0.64
C SER B 253 -5.17 34.43 -1.61
N HIS B 254 -4.16 35.12 -1.09
CA HIS B 254 -3.16 35.71 -1.95
C HIS B 254 -2.32 34.64 -2.64
N LEU B 255 -2.38 33.42 -2.13
CA LEU B 255 -1.63 32.33 -2.70
C LEU B 255 -2.51 31.57 -3.68
N MET B 256 -3.71 31.20 -3.27
CA MET B 256 -4.48 30.28 -4.08
C MET B 256 -5.81 30.76 -4.69
N GLN B 257 -6.09 32.05 -4.67
CA GLN B 257 -7.39 32.55 -5.18
C GLN B 257 -7.68 32.15 -6.62
N SER B 258 -6.64 31.93 -7.42
CA SER B 258 -6.87 31.57 -8.82
C SER B 258 -7.17 30.10 -9.07
N ILE B 259 -6.83 29.25 -8.11
CA ILE B 259 -6.93 27.82 -8.29
C ILE B 259 -8.35 27.21 -8.45
N PRO B 260 -9.32 27.56 -7.60
CA PRO B 260 -10.62 26.95 -7.83
C PRO B 260 -11.10 27.13 -9.28
N GLY B 261 -10.87 28.32 -9.83
CA GLY B 261 -11.29 28.60 -11.20
C GLY B 261 -10.53 27.82 -12.26
N MET B 262 -9.33 27.38 -11.92
CA MET B 262 -8.48 26.74 -12.90
C MET B 262 -8.62 25.23 -12.98
N HIS B 263 -9.45 24.67 -12.10
CA HIS B 263 -9.78 23.26 -12.15
C HIS B 263 -10.49 22.91 -13.44
N ASN B 264 -10.19 21.74 -13.97
CA ASN B 264 -10.84 21.25 -15.18
C ASN B 264 -12.21 20.68 -14.89
N PRO B 265 -13.26 21.34 -15.40
CA PRO B 265 -14.66 21.04 -15.05
C PRO B 265 -15.14 19.70 -15.62
N ASP B 266 -14.35 19.07 -16.49
CA ASP B 266 -14.72 17.78 -17.03
C ASP B 266 -14.48 16.71 -16.00
N LYS B 267 -13.43 16.85 -15.21
CA LYS B 267 -13.05 15.82 -14.26
C LYS B 267 -13.21 16.21 -12.79
N PHE B 268 -13.40 17.50 -12.49
CA PHE B 268 -13.56 17.94 -11.11
C PHE B 268 -14.74 18.87 -10.88
N GLU B 269 -15.41 18.71 -9.74
CA GLU B 269 -16.43 19.64 -9.30
C GLU B 269 -15.92 20.28 -8.02
N VAL B 270 -15.77 21.60 -8.02
CA VAL B 270 -15.10 22.30 -6.93
C VAL B 270 -16.06 22.99 -5.95
N PHE B 271 -16.01 22.59 -4.70
CA PHE B 271 -16.82 23.20 -3.67
C PHE B 271 -15.92 24.00 -2.75
N CYS B 272 -16.24 25.26 -2.51
CA CYS B 272 -15.51 26.02 -1.52
C CYS B 272 -16.35 26.26 -0.31
N TYR B 273 -15.87 25.81 0.84
CA TYR B 273 -16.59 25.99 2.09
C TYR B 273 -15.93 27.10 2.92
N ALA B 274 -16.57 28.27 2.97
CA ALA B 274 -16.03 29.41 3.71
C ALA B 274 -16.38 29.29 5.17
N LEU B 275 -15.41 29.49 6.05
CA LEU B 275 -15.68 29.40 7.47
C LEU B 275 -15.90 30.79 8.05
N SER B 276 -15.79 31.80 7.21
CA SER B 276 -15.92 33.18 7.66
C SER B 276 -16.85 33.97 6.76
N PRO B 277 -17.52 35.00 7.32
CA PRO B 277 -18.45 35.84 6.55
C PRO B 277 -17.74 36.65 5.45
N ASP B 278 -18.49 37.08 4.43
CA ASP B 278 -17.94 37.81 3.29
C ASP B 278 -17.31 39.05 3.85
N ASP B 279 -16.02 39.24 3.63
CA ASP B 279 -15.37 40.48 4.10
C ASP B 279 -15.44 41.64 3.09
N GLY B 280 -16.16 41.42 1.99
CA GLY B 280 -16.39 42.45 0.98
C GLY B 280 -15.27 42.63 -0.03
N THR B 281 -14.16 41.90 0.12
CA THR B 281 -12.99 42.10 -0.73
C THR B 281 -13.10 41.34 -2.03
N ASN B 282 -12.29 41.70 -3.02
CA ASN B 282 -12.29 41.01 -4.31
C ASN B 282 -11.81 39.57 -4.24
N PHE B 283 -11.01 39.25 -3.22
CA PHE B 283 -10.50 37.89 -3.06
C PHE B 283 -11.67 36.97 -2.84
N ARG B 284 -12.57 37.37 -1.93
CA ARG B 284 -13.79 36.61 -1.69
C ARG B 284 -14.66 36.62 -2.93
N VAL B 285 -14.77 37.76 -3.60
CA VAL B 285 -15.58 37.81 -4.84
C VAL B 285 -15.16 36.74 -5.82
N LYS B 286 -13.87 36.70 -6.13
CA LYS B 286 -13.31 35.78 -7.13
C LYS B 286 -13.61 34.30 -6.86
N VAL B 287 -13.26 33.85 -5.65
CA VAL B 287 -13.52 32.48 -5.27
C VAL B 287 -15.02 32.14 -5.41
N MET B 288 -15.92 33.00 -4.92
CA MET B 288 -17.38 32.81 -5.08
C MET B 288 -17.81 32.68 -6.54
N ALA B 289 -17.20 33.47 -7.40
CA ALA B 289 -17.56 33.55 -8.81
C ALA B 289 -17.02 32.39 -9.63
N GLU B 290 -15.96 31.75 -9.13
CA GLU B 290 -15.20 30.78 -9.93
C GLU B 290 -15.31 29.37 -9.43
N ALA B 291 -15.51 29.18 -8.14
CA ALA B 291 -15.78 27.86 -7.63
C ALA B 291 -17.08 27.39 -8.23
N ASN B 292 -17.14 26.12 -8.62
CA ASN B 292 -18.42 25.51 -9.02
C ASN B 292 -19.52 25.66 -8.00
N HIS B 293 -19.19 25.55 -6.71
CA HIS B 293 -20.14 25.83 -5.64
C HIS B 293 -19.45 26.57 -4.51
N PHE B 294 -20.11 27.57 -3.95
CA PHE B 294 -19.57 28.25 -2.81
C PHE B 294 -20.55 28.14 -1.66
N ILE B 295 -20.09 27.66 -0.53
CA ILE B 295 -20.96 27.40 0.61
C ILE B 295 -20.51 28.20 1.81
N ASP B 296 -21.39 29.04 2.33
CA ASP B 296 -21.05 29.84 3.49
C ASP B 296 -21.39 29.11 4.79
N LEU B 297 -20.37 28.50 5.40
CA LEU B 297 -20.56 27.72 6.62
C LEU B 297 -20.54 28.59 7.85
N SER B 298 -20.22 29.87 7.71
CA SER B 298 -20.26 30.77 8.86
C SER B 298 -21.73 30.96 9.27
N GLN B 299 -22.64 30.72 8.33
CA GLN B 299 -24.09 30.68 8.58
C GLN B 299 -24.58 29.39 9.22
N ILE B 300 -23.76 28.33 9.20
CA ILE B 300 -24.11 27.05 9.81
C ILE B 300 -23.12 26.80 10.95
N PRO B 301 -23.41 27.37 12.12
CA PRO B 301 -22.37 27.37 13.16
C PRO B 301 -22.27 26.03 13.91
N CYS B 302 -23.33 25.21 13.91
CA CYS B 302 -23.28 23.87 14.50
C CYS B 302 -22.38 22.98 13.66
N ASN B 303 -21.35 22.39 14.25
CA ASN B 303 -20.47 21.50 13.50
C ASN B 303 -21.11 20.24 12.91
N GLY B 304 -22.14 19.74 13.56
CA GLY B 304 -22.86 18.59 13.06
C GLY B 304 -23.63 18.91 11.80
N LYS B 305 -24.34 20.02 11.81
CA LYS B 305 -25.14 20.39 10.65
C LYS B 305 -24.27 20.80 9.47
N ALA B 306 -23.13 21.40 9.75
CA ALA B 306 -22.17 21.72 8.72
C ALA B 306 -21.55 20.47 8.10
N ALA B 307 -21.08 19.53 8.92
CA ALA B 307 -20.55 18.29 8.39
C ALA B 307 -21.58 17.58 7.55
N ASP B 308 -22.83 17.57 8.00
CA ASP B 308 -23.93 16.98 7.27
C ASP B 308 -24.01 17.55 5.88
N ARG B 309 -23.97 18.86 5.80
CA ARG B 309 -23.98 19.55 4.53
C ARG B 309 -22.84 19.16 3.59
N ILE B 310 -21.62 19.07 4.12
CA ILE B 310 -20.47 18.62 3.35
C ILE B 310 -20.72 17.23 2.79
N HIS B 311 -21.30 16.35 3.60
CA HIS B 311 -21.51 14.97 3.20
C HIS B 311 -22.55 14.86 2.11
N GLN B 312 -23.59 15.66 2.29
CA GLN B 312 -24.74 15.63 1.43
C GLN B 312 -24.43 16.29 0.10
N ASP B 313 -23.43 17.16 0.09
CA ASP B 313 -22.90 17.69 -1.16
C ASP B 313 -22.15 16.63 -1.96
N GLY B 314 -21.73 15.57 -1.27
CA GLY B 314 -21.09 14.40 -1.88
C GLY B 314 -19.58 14.45 -2.11
N ILE B 315 -18.85 15.14 -1.24
CA ILE B 315 -17.43 15.40 -1.42
C ILE B 315 -16.60 14.13 -1.34
N HIS B 316 -15.66 13.97 -2.27
CA HIS B 316 -14.73 12.87 -2.21
C HIS B 316 -13.47 13.26 -1.45
N ILE B 317 -12.83 14.35 -1.83
CA ILE B 317 -11.67 14.83 -1.11
C ILE B 317 -11.97 16.18 -0.43
N LEU B 318 -11.84 16.21 0.88
CA LEU B 318 -12.01 17.43 1.65
C LEU B 318 -10.65 17.97 2.06
N VAL B 319 -10.42 19.25 1.76
CA VAL B 319 -9.10 19.87 1.89
C VAL B 319 -9.11 20.86 3.04
N ASN B 320 -8.24 20.64 4.03
CA ASN B 320 -8.10 21.49 5.21
C ASN B 320 -7.02 22.52 4.95
N MET B 321 -7.45 23.77 4.79
CA MET B 321 -6.53 24.84 4.49
C MET B 321 -6.21 25.65 5.73
N ASN B 322 -6.53 25.10 6.89
CA ASN B 322 -6.45 25.87 8.10
C ASN B 322 -5.52 25.27 9.13
N GLY B 323 -5.58 23.97 9.32
CA GLY B 323 -4.80 23.36 10.37
C GLY B 323 -5.22 24.00 11.67
N TYR B 324 -4.26 24.46 12.46
CA TYR B 324 -4.55 25.05 13.76
C TYR B 324 -4.37 26.55 13.71
N THR B 325 -4.78 27.18 12.62
CA THR B 325 -4.77 28.63 12.55
C THR B 325 -6.13 29.17 12.99
N LYS B 326 -6.19 30.47 13.26
CA LYS B 326 -7.40 31.13 13.71
C LYS B 326 -8.55 30.91 12.72
N GLY B 327 -9.74 30.63 13.24
CA GLY B 327 -10.94 30.45 12.41
C GLY B 327 -11.24 29.01 12.08
N ALA B 328 -10.24 28.15 12.18
CA ALA B 328 -10.39 26.74 11.86
C ALA B 328 -11.56 26.10 12.57
N ARG B 329 -12.11 25.05 11.97
CA ARG B 329 -13.15 24.26 12.59
C ARG B 329 -12.88 22.81 12.29
N ASN B 330 -11.82 22.29 12.90
CA ASN B 330 -11.36 20.94 12.58
C ASN B 330 -12.33 19.88 13.05
N GLU B 331 -13.28 20.30 13.87
CA GLU B 331 -14.39 19.47 14.26
C GLU B 331 -15.08 18.93 13.00
N LEU B 332 -15.12 19.75 11.96
CA LEU B 332 -15.69 19.32 10.67
C LEU B 332 -14.92 18.13 10.10
N PHE B 333 -13.61 18.17 10.21
CA PHE B 333 -12.82 17.09 9.70
C PHE B 333 -12.89 15.89 10.62
N ALA B 334 -13.00 16.16 11.91
CA ALA B 334 -13.03 15.10 12.89
C ALA B 334 -14.29 14.29 12.72
N LEU B 335 -15.35 14.93 12.24
CA LEU B 335 -16.61 14.24 12.00
C LEU B 335 -16.51 13.31 10.80
N ARG B 336 -15.47 13.56 10.00
CA ARG B 336 -15.08 12.69 8.91
C ARG B 336 -16.23 12.48 7.91
N PRO B 337 -16.63 13.56 7.19
CA PRO B 337 -17.70 13.46 6.20
C PRO B 337 -17.26 13.09 4.81
N ALA B 338 -15.96 13.04 4.57
CA ALA B 338 -15.49 12.67 3.25
C ALA B 338 -14.48 11.54 3.38
N PRO B 339 -14.43 10.65 2.38
CA PRO B 339 -13.56 9.48 2.38
C PRO B 339 -12.06 9.77 2.43
N ILE B 340 -11.65 10.91 1.90
CA ILE B 340 -10.25 11.29 1.87
C ILE B 340 -10.19 12.72 2.32
N GLN B 341 -9.31 13.02 3.29
CA GLN B 341 -9.16 14.38 3.80
C GLN B 341 -7.69 14.77 3.89
N ALA B 342 -7.34 15.91 3.29
CA ALA B 342 -5.95 16.30 3.13
C ALA B 342 -5.69 17.66 3.72
N MET B 343 -4.51 17.84 4.29
CA MET B 343 -4.00 19.13 4.69
C MET B 343 -3.38 19.78 3.49
N TRP B 344 -3.63 21.07 3.31
CA TRP B 344 -3.01 21.77 2.19
C TRP B 344 -2.71 23.24 2.47
N LEU B 345 -1.47 23.63 2.21
CA LEU B 345 -1.08 25.03 1.97
C LEU B 345 -1.16 26.01 3.13
N GLY B 346 -2.28 26.07 3.83
CA GLY B 346 -2.51 27.09 4.83
C GLY B 346 -1.80 26.93 6.15
N TYR B 347 -1.55 25.69 6.55
CA TYR B 347 -0.84 25.41 7.80
C TYR B 347 0.47 24.61 7.58
N PRO B 348 1.61 25.15 8.06
CA PRO B 348 2.95 24.62 7.82
C PRO B 348 3.44 23.58 8.86
N GLY B 349 2.69 22.49 9.00
CA GLY B 349 3.09 21.47 9.96
C GLY B 349 2.09 20.34 9.99
N THR B 350 2.39 19.32 10.77
CA THR B 350 1.47 18.22 10.86
C THR B 350 0.30 18.62 11.73
N SER B 351 -0.83 17.95 11.51
CA SER B 351 -2.03 18.09 12.32
C SER B 351 -1.97 17.15 13.50
N GLY B 352 -1.21 16.07 13.33
CA GLY B 352 -1.03 15.04 14.36
C GLY B 352 -2.29 14.20 14.58
N ALA B 353 -3.35 14.57 13.86
CA ALA B 353 -4.66 14.01 14.09
C ALA B 353 -4.92 12.80 13.18
N LEU B 354 -5.75 11.89 13.66
CA LEU B 354 -6.09 10.69 12.91
C LEU B 354 -7.09 10.95 11.81
N PHE B 355 -7.92 11.97 11.97
CA PHE B 355 -8.92 12.27 10.95
C PHE B 355 -8.39 12.89 9.65
N MET B 356 -7.16 13.38 9.65
CA MET B 356 -6.52 13.86 8.43
C MET B 356 -5.69 12.75 7.82
N ASP B 357 -5.91 12.47 6.55
CA ASP B 357 -5.25 11.37 5.85
C ASP B 357 -3.91 11.76 5.24
N TYR B 358 -3.90 12.75 4.38
CA TYR B 358 -2.70 13.13 3.68
C TYR B 358 -2.28 14.54 4.05
N ILE B 359 -1.00 14.83 3.86
CA ILE B 359 -0.53 16.20 3.80
C ILE B 359 0.03 16.48 2.40
N ILE B 360 -0.53 17.48 1.72
CA ILE B 360 -0.01 17.82 0.42
C ILE B 360 1.26 18.65 0.62
N THR B 361 2.37 18.10 0.16
CA THR B 361 3.67 18.72 0.32
C THR B 361 4.54 18.36 -0.89
N ASP B 362 5.86 18.40 -0.75
CA ASP B 362 6.73 17.97 -1.82
C ASP B 362 8.01 17.36 -1.28
N GLN B 363 8.83 16.84 -2.18
CA GLN B 363 10.02 16.09 -1.83
C GLN B 363 11.13 16.93 -1.20
N GLU B 364 11.19 18.23 -1.50
CA GLU B 364 12.20 19.11 -0.93
C GLU B 364 11.81 19.65 0.43
N THR B 365 10.51 19.78 0.66
CA THR B 365 9.98 20.29 1.92
C THR B 365 9.93 19.16 2.93
N SER B 366 9.40 18.03 2.50
CA SER B 366 9.25 16.88 3.35
C SER B 366 9.88 15.64 2.74
N PRO B 367 11.22 15.55 2.73
CA PRO B 367 11.84 14.34 2.18
C PRO B 367 11.42 13.07 2.95
N ALA B 368 11.50 11.91 2.31
CA ALA B 368 11.02 10.71 2.96
C ALA B 368 11.76 10.39 4.24
N GLU B 369 13.02 10.81 4.34
CA GLU B 369 13.83 10.65 5.57
C GLU B 369 13.07 11.09 6.81
N VAL B 370 12.28 12.13 6.67
CA VAL B 370 11.58 12.70 7.82
C VAL B 370 10.08 12.47 7.84
N ALA B 371 9.62 11.36 7.29
CA ALA B 371 8.19 11.05 7.28
C ALA B 371 7.63 10.89 8.68
N GLU B 372 8.50 10.69 9.66
CA GLU B 372 8.08 10.44 11.02
C GLU B 372 7.66 11.71 11.77
N GLN B 373 7.91 12.88 11.15
CA GLN B 373 7.47 14.19 11.66
C GLN B 373 5.98 14.39 11.52
N TYR B 374 5.36 13.69 10.58
CA TYR B 374 3.97 13.91 10.19
C TYR B 374 3.15 12.69 10.54
N SER B 375 1.92 12.92 10.98
CA SER B 375 1.00 11.81 11.24
C SER B 375 0.25 11.42 9.98
N GLU B 376 0.16 12.33 9.03
CA GLU B 376 -0.50 12.09 7.76
C GLU B 376 0.47 11.38 6.83
N LYS B 377 -0.04 10.79 5.76
CA LYS B 377 0.81 10.23 4.72
C LYS B 377 1.16 11.37 3.80
N LEU B 378 2.37 11.39 3.28
CA LEU B 378 2.84 12.46 2.41
C LEU B 378 2.25 12.31 1.03
N ALA B 379 1.79 13.40 0.44
CA ALA B 379 1.38 13.37 -0.94
C ALA B 379 2.16 14.42 -1.68
N TYR B 380 2.92 14.02 -2.68
CA TYR B 380 3.89 14.93 -3.30
C TYR B 380 3.39 15.63 -4.55
N MET B 381 3.47 16.95 -4.54
CA MET B 381 3.44 17.70 -5.76
C MET B 381 4.83 17.54 -6.40
N PRO B 382 4.89 17.62 -7.73
CA PRO B 382 6.14 17.33 -8.42
C PRO B 382 7.23 18.40 -8.32
N HIS B 383 6.91 19.61 -7.88
CA HIS B 383 7.95 20.62 -7.75
C HIS B 383 8.01 21.28 -6.39
N THR B 384 6.98 22.06 -6.10
CA THR B 384 6.79 22.60 -4.77
C THR B 384 5.30 22.65 -4.49
N PHE B 385 4.91 22.48 -3.24
CA PHE B 385 3.51 22.52 -2.91
C PHE B 385 3.11 23.96 -2.78
N PHE B 386 4.09 24.84 -2.69
CA PHE B 386 3.77 26.24 -2.59
C PHE B 386 3.35 26.85 -3.92
N ILE B 387 2.48 27.84 -3.86
CA ILE B 387 2.05 28.52 -5.06
C ILE B 387 1.68 29.91 -4.64
N GLY B 388 1.61 30.83 -5.59
CA GLY B 388 1.26 32.23 -5.29
C GLY B 388 0.55 32.84 -6.45
N ASP B 389 -0.27 33.85 -6.17
CA ASP B 389 -1.06 34.43 -7.23
C ASP B 389 -0.46 35.70 -7.81
N HIS B 390 0.85 35.87 -7.68
CA HIS B 390 1.48 37.12 -8.03
C HIS B 390 1.38 37.45 -9.49
N ALA B 391 1.40 36.42 -10.34
CA ALA B 391 1.30 36.60 -11.79
C ALA B 391 -0.02 37.25 -12.17
N ASN B 392 -1.07 36.88 -11.46
CA ASN B 392 -2.40 37.46 -11.64
C ASN B 392 -2.63 38.78 -10.90
N MET B 393 -2.10 38.89 -9.68
CA MET B 393 -2.34 40.03 -8.77
C MET B 393 -1.48 41.22 -9.10
N PHE B 394 -0.22 40.99 -9.43
CA PHE B 394 0.77 42.04 -9.66
C PHE B 394 1.48 41.92 -11.03
N PRO B 395 0.72 41.92 -12.15
CA PRO B 395 1.38 41.81 -13.46
C PRO B 395 2.16 43.08 -13.84
N HIS B 396 1.91 44.18 -13.14
CA HIS B 396 2.63 45.41 -13.43
C HIS B 396 4.07 45.32 -13.00
N LEU B 397 4.42 44.28 -12.26
CA LEU B 397 5.80 44.05 -11.89
C LEU B 397 6.47 43.02 -12.78
N LYS B 398 5.88 42.70 -13.93
CA LYS B 398 6.50 41.74 -14.81
C LYS B 398 7.68 42.34 -15.56
N LYS B 399 7.64 43.64 -15.76
CA LYS B 399 8.68 44.37 -16.48
C LYS B 399 8.97 45.62 -15.69
N LYS B 400 10.20 46.10 -15.75
CA LYS B 400 10.56 47.33 -15.05
C LYS B 400 11.40 48.22 -15.93
N ALA B 401 11.64 49.44 -15.46
CA ALA B 401 12.52 50.39 -16.13
C ALA B 401 13.17 51.19 -15.04
N VAL B 402 14.35 51.75 -15.31
CA VAL B 402 15.08 52.51 -14.29
C VAL B 402 15.46 53.90 -14.75
N ILE B 403 15.73 54.79 -13.81
CA ILE B 403 16.26 56.10 -14.13
C ILE B 403 17.71 56.10 -13.71
N ASP B 404 18.58 56.52 -14.63
CA ASP B 404 20.01 56.70 -14.37
C ASP B 404 20.28 58.11 -13.83
N PHE B 405 20.83 58.21 -12.62
CA PHE B 405 20.98 59.52 -11.98
C PHE B 405 22.47 59.94 -11.71
N LYS B 406 23.41 59.43 -12.51
CA LYS B 406 24.83 59.81 -12.39
C LYS B 406 25.28 60.83 -13.45
N ILE B 411 24.71 52.13 -14.29
CA ILE B 411 23.44 51.50 -14.68
C ILE B 411 22.95 50.46 -13.66
N TYR B 412 22.20 50.91 -12.67
CA TYR B 412 21.73 50.07 -11.58
C TYR B 412 20.28 49.66 -11.81
N ASP B 413 19.97 48.40 -11.50
CA ASP B 413 18.61 47.88 -11.67
C ASP B 413 17.66 48.08 -10.49
N ASN B 414 18.12 48.75 -9.43
CA ASN B 414 17.32 48.86 -8.21
C ASN B 414 17.44 50.14 -7.39
N ARG B 415 17.66 51.27 -8.05
CA ARG B 415 17.82 52.52 -7.33
C ARG B 415 16.63 53.45 -7.51
N ILE B 416 16.20 53.60 -8.77
CA ILE B 416 14.95 54.24 -9.10
C ILE B 416 14.23 53.33 -10.11
N VAL B 417 13.06 52.83 -9.76
CA VAL B 417 12.39 51.83 -10.57
C VAL B 417 11.02 52.31 -10.98
N LEU B 418 10.65 52.05 -12.23
CA LEU B 418 9.29 52.28 -12.70
C LEU B 418 8.62 50.98 -13.10
N ASN B 419 7.37 50.79 -12.69
CA ASN B 419 6.53 49.70 -13.16
C ASN B 419 5.20 50.22 -13.61
N GLY B 420 4.58 49.51 -14.54
CA GLY B 420 3.22 49.85 -14.93
C GLY B 420 2.77 49.10 -16.16
N ILE B 421 1.46 48.88 -16.24
CA ILE B 421 0.88 48.19 -17.41
C ILE B 421 1.22 48.92 -18.71
N ASP B 422 1.16 50.25 -18.70
CA ASP B 422 1.40 51.09 -19.87
C ASP B 422 2.81 51.70 -19.87
N LEU B 423 3.76 51.00 -19.25
CA LEU B 423 5.15 51.49 -19.13
C LEU B 423 5.77 51.60 -20.49
N LYS B 424 5.63 50.56 -21.31
CA LYS B 424 6.16 50.58 -22.68
C LYS B 424 5.69 51.82 -23.46
N ALA B 425 4.37 52.07 -23.47
CA ALA B 425 3.80 53.22 -24.16
C ALA B 425 4.42 54.55 -23.71
N PHE B 426 4.68 54.67 -22.42
CA PHE B 426 5.27 55.88 -21.85
C PHE B 426 6.69 56.07 -22.32
N LEU B 427 7.46 54.99 -22.29
CA LEU B 427 8.84 55.01 -22.71
C LEU B 427 8.97 55.32 -24.19
N ASP B 428 8.00 54.91 -24.98
CA ASP B 428 8.02 55.22 -26.39
C ASP B 428 7.79 56.69 -26.66
N SER B 429 7.22 57.41 -25.69
CA SER B 429 7.01 58.84 -25.87
C SER B 429 8.24 59.64 -25.45
N LEU B 430 9.25 58.96 -24.91
CA LEU B 430 10.45 59.62 -24.44
C LEU B 430 11.57 59.58 -25.49
N PRO B 431 12.39 60.64 -25.53
CA PRO B 431 13.40 60.72 -26.59
C PRO B 431 14.60 59.73 -26.46
N ASP B 432 15.22 59.64 -25.28
CA ASP B 432 16.59 59.10 -25.19
C ASP B 432 16.76 57.79 -24.44
N VAL B 433 15.72 56.97 -24.48
CA VAL B 433 15.68 55.72 -23.73
C VAL B 433 16.71 54.73 -24.24
N LYS B 434 17.57 54.22 -23.35
CA LYS B 434 18.55 53.19 -23.73
C LYS B 434 18.06 51.85 -23.24
N ILE B 435 18.28 50.80 -24.02
CA ILE B 435 17.78 49.46 -23.69
C ILE B 435 18.91 48.49 -23.32
N VAL B 436 19.19 48.34 -22.03
CA VAL B 436 20.18 47.39 -21.55
C VAL B 436 19.65 45.96 -21.69
N LYS B 437 20.43 45.07 -22.30
CA LYS B 437 19.98 43.70 -22.55
C LYS B 437 20.30 42.78 -21.37
N MET B 438 19.47 41.74 -21.20
CA MET B 438 19.67 40.77 -20.10
C MET B 438 19.96 39.37 -20.66
N LEU B 454 13.78 39.11 -20.14
CA LEU B 454 13.64 40.07 -21.25
C LEU B 454 14.86 41.03 -21.43
N ASN B 455 14.73 42.26 -20.95
CA ASN B 455 15.73 43.35 -21.08
C ASN B 455 15.18 44.59 -20.36
N MET B 456 16.05 45.52 -20.00
CA MET B 456 15.65 46.61 -19.12
C MET B 456 15.89 48.04 -19.64
N PRO B 457 14.82 48.79 -19.93
CA PRO B 457 14.95 50.18 -20.38
C PRO B 457 15.51 51.12 -19.33
N VAL B 458 16.34 52.07 -19.76
CA VAL B 458 16.96 53.03 -18.86
C VAL B 458 16.71 54.46 -19.32
N ILE B 459 15.94 55.22 -18.56
CA ILE B 459 15.72 56.64 -18.83
C ILE B 459 16.94 57.41 -18.35
N PRO B 460 17.54 58.25 -19.23
CA PRO B 460 18.67 59.11 -18.89
C PRO B 460 18.22 60.33 -18.08
N MET B 461 19.16 60.96 -17.39
CA MET B 461 18.85 62.12 -16.54
C MET B 461 18.55 63.34 -17.40
N ASN B 462 17.30 63.47 -17.86
CA ASN B 462 16.86 64.67 -18.61
C ASN B 462 15.92 65.51 -17.75
N THR B 463 15.14 66.39 -18.37
CA THR B 463 14.19 67.23 -17.62
C THR B 463 13.05 66.38 -17.06
N ILE B 464 12.63 65.39 -17.85
CA ILE B 464 11.63 64.41 -17.44
C ILE B 464 12.05 63.65 -16.17
N ALA B 465 13.22 63.02 -16.22
CA ALA B 465 13.74 62.33 -15.07
C ALA B 465 13.76 63.20 -13.81
N GLU B 466 14.10 64.48 -13.97
CA GLU B 466 14.15 65.41 -12.86
C GLU B 466 12.80 65.71 -12.28
N ALA B 467 11.77 65.77 -13.14
CA ALA B 467 10.42 66.05 -12.70
C ALA B 467 9.94 64.89 -11.85
N VAL B 468 10.32 63.67 -12.25
CA VAL B 468 9.97 62.45 -11.52
C VAL B 468 10.64 62.47 -10.14
N ILE B 469 11.93 62.73 -10.13
CA ILE B 469 12.68 62.78 -8.89
C ILE B 469 12.15 63.89 -7.98
N GLU B 470 11.76 65.01 -8.57
CA GLU B 470 11.25 66.09 -7.76
C GLU B 470 9.95 65.68 -7.06
N MET B 471 9.10 64.96 -7.77
CA MET B 471 7.86 64.42 -7.18
C MET B 471 8.18 63.56 -5.96
N ILE B 472 9.10 62.62 -6.14
CA ILE B 472 9.57 61.75 -5.07
C ILE B 472 10.17 62.51 -3.88
N ASN B 473 11.00 63.52 -4.17
CA ASN B 473 11.68 64.31 -3.12
C ASN B 473 10.74 65.21 -2.36
N ARG B 474 9.88 65.94 -3.07
CA ARG B 474 8.93 66.81 -2.42
C ARG B 474 7.78 66.03 -1.73
N GLY B 475 7.74 64.70 -1.96
CA GLY B 475 6.70 63.79 -1.46
C GLY B 475 5.30 64.09 -1.99
N GLN B 476 5.17 64.29 -3.30
CA GLN B 476 3.87 64.56 -3.91
C GLN B 476 3.23 63.27 -4.42
N ILE B 477 1.89 63.28 -4.53
CA ILE B 477 1.11 62.08 -4.84
C ILE B 477 1.40 61.57 -6.25
N GLN B 478 1.36 62.46 -7.23
CA GLN B 478 1.39 62.10 -8.64
C GLN B 478 1.76 63.28 -9.54
N ILE B 479 2.24 62.98 -10.73
CA ILE B 479 2.46 63.99 -11.75
C ILE B 479 1.96 63.46 -13.09
N THR B 480 1.94 64.33 -14.09
CA THR B 480 1.62 63.93 -15.47
C THR B 480 2.84 64.25 -16.34
N ILE B 481 3.17 63.33 -17.23
CA ILE B 481 4.25 63.56 -18.20
C ILE B 481 3.77 62.99 -19.51
N ASN B 482 3.63 63.83 -20.53
CA ASN B 482 3.17 63.39 -21.85
C ASN B 482 1.85 62.67 -21.81
N GLY B 483 0.99 63.08 -20.87
CA GLY B 483 -0.35 62.52 -20.78
C GLY B 483 -0.46 61.27 -19.93
N PHE B 484 0.69 60.72 -19.54
CA PHE B 484 0.75 59.54 -18.69
C PHE B 484 0.72 59.92 -17.24
N SER B 485 -0.01 59.15 -16.43
CA SER B 485 -0.05 59.37 -15.00
C SER B 485 1.15 58.66 -14.37
N ILE B 486 1.94 59.44 -13.63
CA ILE B 486 3.07 58.90 -12.89
C ILE B 486 2.80 59.07 -11.41
N SER B 487 2.74 57.95 -10.69
CA SER B 487 2.39 57.92 -9.27
C SER B 487 3.56 57.63 -8.35
N ASN B 488 3.57 58.32 -7.23
CA ASN B 488 4.53 58.10 -6.16
C ASN B 488 4.19 56.78 -5.47
N GLY B 489 5.17 55.90 -5.42
CA GLY B 489 5.01 54.56 -4.82
C GLY B 489 4.58 54.49 -3.36
N LEU B 490 4.78 55.59 -2.63
CA LEU B 490 4.38 55.69 -1.24
C LEU B 490 2.94 56.13 -1.07
N ALA B 491 2.30 56.55 -2.16
CA ALA B 491 0.99 57.16 -2.08
C ALA B 491 -0.11 56.38 -2.78
N THR B 492 0.05 55.07 -2.93
CA THR B 492 -0.91 54.33 -3.74
C THR B 492 -2.27 54.17 -3.09
N THR B 493 -2.35 54.06 -1.76
CA THR B 493 -3.67 53.93 -1.12
C THR B 493 -4.53 55.17 -1.32
N GLN B 494 -3.88 56.28 -1.68
CA GLN B 494 -4.60 57.53 -1.89
C GLN B 494 -5.03 57.62 -3.32
N ILE B 495 -4.29 56.99 -4.20
CA ILE B 495 -4.62 57.02 -5.62
C ILE B 495 -5.73 56.00 -5.95
N ASN B 496 -5.53 54.77 -5.48
CA ASN B 496 -6.44 53.68 -5.73
C ASN B 496 -6.27 52.64 -4.63
N ASN B 497 -7.04 52.79 -3.56
CA ASN B 497 -7.00 51.88 -2.41
C ASN B 497 -7.14 50.39 -2.73
N LYS B 498 -7.94 50.02 -3.74
CA LYS B 498 -8.06 48.61 -4.11
C LYS B 498 -6.79 48.07 -4.74
N ALA B 499 -6.05 48.91 -5.46
CA ALA B 499 -4.76 48.51 -6.05
C ALA B 499 -3.72 48.31 -4.97
N ALA B 500 -3.76 49.14 -3.93
CA ALA B 500 -2.81 49.03 -2.83
C ALA B 500 -2.88 47.70 -2.11
N THR B 501 -4.07 47.11 -2.02
CA THR B 501 -4.27 45.86 -1.27
C THR B 501 -4.07 44.61 -2.13
N GLY B 502 -4.02 44.78 -3.44
CA GLY B 502 -3.83 43.69 -4.36
C GLY B 502 -5.13 43.23 -4.98
N GLU B 503 -6.22 43.88 -4.60
CA GLU B 503 -7.55 43.59 -5.16
C GLU B 503 -7.72 44.03 -6.62
N GLU B 504 -6.94 45.01 -7.06
CA GLU B 504 -6.94 45.52 -8.42
C GLU B 504 -5.51 45.68 -8.88
N VAL B 505 -5.31 45.64 -10.20
CA VAL B 505 -4.01 45.93 -10.78
C VAL B 505 -3.98 47.43 -10.96
N PRO B 506 -2.89 48.11 -10.53
CA PRO B 506 -2.79 49.56 -10.67
C PRO B 506 -2.90 50.04 -12.13
N ARG B 507 -3.54 51.18 -12.36
CA ARG B 507 -3.73 51.69 -13.72
C ARG B 507 -2.79 52.85 -14.03
N THR B 508 -1.83 53.09 -13.14
CA THR B 508 -0.88 54.17 -13.36
C THR B 508 0.52 53.63 -13.37
N ILE B 509 1.49 54.45 -13.78
CA ILE B 509 2.89 54.07 -13.76
C ILE B 509 3.43 54.48 -12.39
N ILE B 510 4.09 53.57 -11.70
CA ILE B 510 4.48 53.79 -10.31
C ILE B 510 5.99 53.80 -10.12
N VAL B 511 6.49 54.87 -9.50
CA VAL B 511 7.92 55.06 -9.24
C VAL B 511 8.27 54.58 -7.87
N THR B 512 9.28 53.75 -7.77
CA THR B 512 9.77 53.24 -6.49
C THR B 512 11.27 53.55 -6.39
N THR B 513 11.70 54.21 -5.31
CA THR B 513 13.10 54.58 -5.15
C THR B 513 13.64 54.23 -3.77
N ARG B 514 14.96 54.04 -3.70
CA ARG B 514 15.64 53.79 -2.44
C ARG B 514 15.59 54.98 -1.50
N SER B 515 15.70 56.18 -2.06
CA SER B 515 15.59 57.37 -1.23
C SER B 515 14.27 57.42 -0.44
N GLN B 516 13.16 56.99 -1.06
CA GLN B 516 11.88 56.91 -0.38
C GLN B 516 11.96 56.28 1.01
N TYR B 517 12.73 55.20 1.13
CA TYR B 517 12.79 54.40 2.37
C TYR B 517 14.08 54.62 3.16
N GLY B 518 14.86 55.63 2.76
CA GLY B 518 16.09 55.99 3.47
C GLY B 518 17.19 54.95 3.32
N LEU B 519 17.17 54.23 2.19
CA LEU B 519 18.23 53.28 1.85
C LEU B 519 19.33 54.02 1.08
N PRO B 520 20.59 53.72 1.38
CA PRO B 520 21.71 54.39 0.70
C PRO B 520 21.77 54.03 -0.76
N GLU B 521 21.87 55.05 -1.61
CA GLU B 521 21.85 54.89 -3.08
C GLU B 521 22.86 53.87 -3.61
N ASP B 522 24.05 53.85 -3.02
CA ASP B 522 25.19 53.11 -3.56
C ASP B 522 25.64 51.94 -2.65
N ALA B 523 24.69 51.26 -2.03
CA ALA B 523 25.02 50.22 -1.07
C ALA B 523 24.47 48.86 -1.48
N ILE B 524 25.01 47.79 -0.93
CA ILE B 524 24.38 46.49 -1.07
C ILE B 524 23.26 46.40 -0.03
N VAL B 525 22.03 46.16 -0.48
CA VAL B 525 20.91 46.03 0.45
C VAL B 525 20.49 44.58 0.64
N TYR B 526 20.64 44.09 1.87
CA TYR B 526 20.10 42.79 2.28
C TYR B 526 18.77 42.97 3.01
N CYS B 527 17.71 42.33 2.54
CA CYS B 527 16.40 42.57 3.13
C CYS B 527 15.87 41.33 3.80
N ASN B 528 15.04 41.53 4.82
CA ASN B 528 14.11 40.51 5.25
C ASN B 528 12.78 41.10 5.68
N PHE B 529 11.73 40.76 4.97
CA PHE B 529 10.45 41.39 5.23
C PHE B 529 9.52 40.52 6.03
N ASN B 530 10.03 39.48 6.68
CA ASN B 530 9.20 38.70 7.57
C ASN B 530 8.91 39.41 8.88
N GLN B 531 7.86 38.97 9.57
CA GLN B 531 7.65 39.41 10.95
C GLN B 531 8.87 39.04 11.79
N LEU B 532 9.19 39.86 12.79
CA LEU B 532 10.43 39.70 13.54
C LEU B 532 10.50 38.44 14.41
N TYR B 533 9.36 37.88 14.79
CA TYR B 533 9.37 36.65 15.59
C TYR B 533 10.18 35.50 14.96
N LYS B 534 10.43 35.57 13.66
CA LYS B 534 11.15 34.53 12.92
C LYS B 534 12.67 34.61 13.07
N ILE B 535 13.15 35.73 13.61
CA ILE B 535 14.55 35.91 13.89
C ILE B 535 14.89 35.37 15.29
N ASP B 536 16.04 34.71 15.39
CA ASP B 536 16.61 34.30 16.67
C ASP B 536 18.06 34.82 16.76
N PRO B 537 18.71 34.68 17.95
CA PRO B 537 20.04 35.29 18.10
C PRO B 537 21.10 34.74 17.16
N SER B 538 20.96 33.46 16.76
CA SER B 538 21.86 32.87 15.79
C SER B 538 21.68 33.53 14.44
N THR B 539 20.43 33.68 14.01
CA THR B 539 20.15 34.27 12.72
C THR B 539 20.76 35.65 12.68
N LEU B 540 20.56 36.44 13.74
CA LEU B 540 21.05 37.81 13.73
C LEU B 540 22.55 37.82 13.70
N GLN B 541 23.16 36.84 14.37
CA GLN B 541 24.61 36.68 14.37
C GLN B 541 25.08 36.48 12.92
N MET B 542 24.51 35.49 12.24
CA MET B 542 24.80 35.20 10.85
C MET B 542 24.80 36.44 10.01
N TRP B 543 23.81 37.29 10.24
CA TRP B 543 23.61 38.48 9.44
C TRP B 543 24.68 39.52 9.76
N ALA B 544 24.93 39.73 11.06
CA ALA B 544 26.04 40.57 11.48
C ALA B 544 27.37 40.12 10.82
N ASN B 545 27.65 38.82 10.80
CA ASN B 545 28.81 38.29 10.09
C ASN B 545 28.84 38.72 8.64
N ILE B 546 27.74 38.53 7.92
CA ILE B 546 27.65 38.92 6.51
C ILE B 546 27.87 40.43 6.37
N LEU B 547 27.21 41.23 7.20
CA LEU B 547 27.36 42.68 7.11
C LEU B 547 28.79 43.17 7.29
N LYS B 548 29.51 42.60 8.25
CA LYS B 548 30.91 42.97 8.50
C LYS B 548 31.79 42.61 7.31
N ARG B 549 31.55 41.46 6.72
CA ARG B 549 32.35 40.98 5.58
C ARG B 549 32.08 41.71 4.26
N VAL B 550 30.94 42.38 4.16
CA VAL B 550 30.57 43.11 2.95
C VAL B 550 30.44 44.58 3.31
N PRO B 551 31.56 45.31 3.25
CA PRO B 551 31.49 46.65 3.88
C PRO B 551 30.65 47.58 3.03
N ASN B 552 30.07 48.62 3.65
CA ASN B 552 29.07 49.54 3.06
C ASN B 552 27.61 48.95 2.95
N SER B 553 27.46 47.63 3.11
CA SER B 553 26.14 46.98 3.01
C SER B 553 25.23 47.38 4.16
N VAL B 554 23.92 47.20 3.96
CA VAL B 554 22.93 47.43 5.01
C VAL B 554 21.94 46.27 5.05
N LEU B 555 21.28 46.13 6.19
CA LEU B 555 20.20 45.17 6.36
C LEU B 555 18.87 45.91 6.46
N TRP B 556 17.88 45.46 5.70
CA TRP B 556 16.58 46.12 5.61
C TRP B 556 15.51 45.28 6.28
N LEU B 557 14.98 45.75 7.40
CA LEU B 557 13.98 45.00 8.15
C LEU B 557 12.74 45.83 8.34
N LEU B 558 11.66 45.19 8.80
CA LEU B 558 10.40 45.91 9.01
C LEU B 558 10.08 46.06 10.49
N ARG B 559 9.39 47.16 10.84
CA ARG B 559 8.86 47.34 12.19
C ARG B 559 7.63 46.47 12.32
N PHE B 560 7.86 45.18 12.54
CA PHE B 560 6.85 44.18 12.39
C PHE B 560 6.93 43.17 13.54
N PRO B 561 6.61 43.59 14.78
CA PRO B 561 6.04 44.86 15.23
C PRO B 561 7.09 45.89 15.62
N ALA B 562 6.71 47.18 15.57
CA ALA B 562 7.61 48.31 15.87
C ALA B 562 8.38 48.19 17.17
N VAL B 563 7.76 47.61 18.19
CA VAL B 563 8.40 47.54 19.50
C VAL B 563 9.55 46.56 19.50
N GLY B 564 9.64 45.75 18.44
CA GLY B 564 10.75 44.84 18.29
C GLY B 564 12.00 45.55 17.82
N GLU B 565 11.84 46.66 17.12
CA GLU B 565 12.98 47.35 16.53
C GLU B 565 14.09 47.71 17.54
N PRO B 566 13.76 48.50 18.61
CA PRO B 566 14.84 48.85 19.54
C PRO B 566 15.60 47.64 20.11
N ASN B 567 14.93 46.52 20.33
CA ASN B 567 15.59 45.29 20.81
C ASN B 567 16.61 44.75 19.81
N ILE B 568 16.27 44.76 18.51
CA ILE B 568 17.19 44.28 17.49
C ILE B 568 18.38 45.23 17.44
N GLN B 569 18.13 46.55 17.32
CA GLN B 569 19.19 47.57 17.35
C GLN B 569 20.15 47.30 18.49
N GLN B 570 19.60 46.92 19.65
CA GLN B 570 20.38 46.62 20.84
C GLN B 570 21.32 45.45 20.59
N TYR B 571 20.79 44.27 20.26
CA TYR B 571 21.62 43.09 20.00
C TYR B 571 22.58 43.28 18.83
N ALA B 572 22.21 44.17 17.92
CA ALA B 572 23.01 44.44 16.76
C ALA B 572 24.27 45.16 17.16
N GLN B 573 24.16 46.10 18.09
CA GLN B 573 25.32 46.89 18.54
C GLN B 573 26.23 46.08 19.45
N ASN B 574 25.63 45.29 20.33
CA ASN B 574 26.30 44.19 21.01
C ASN B 574 27.17 43.36 20.08
N MET B 575 26.74 43.14 18.84
CA MET B 575 27.46 42.31 17.88
C MET B 575 28.39 43.14 17.03
N GLY B 576 28.52 44.42 17.39
CA GLY B 576 29.46 45.34 16.73
C GLY B 576 28.98 45.94 15.42
N LEU B 577 27.69 46.19 15.31
CA LEU B 577 27.15 46.90 14.15
C LEU B 577 26.58 48.25 14.58
N PRO B 578 27.19 49.36 14.10
CA PRO B 578 26.61 50.71 14.31
C PRO B 578 25.13 50.78 13.89
N GLN B 579 24.36 51.62 14.58
CA GLN B 579 22.92 51.76 14.36
C GLN B 579 22.54 51.88 12.89
N ASN B 580 23.43 52.52 12.12
CA ASN B 580 23.16 52.87 10.75
C ASN B 580 23.31 51.78 9.71
N ARG B 581 23.64 50.58 10.15
CA ARG B 581 23.80 49.44 9.25
C ARG B 581 22.51 48.61 9.14
N ILE B 582 21.52 48.90 9.99
CA ILE B 582 20.24 48.25 9.87
C ILE B 582 19.18 49.32 9.71
N ILE B 583 18.41 49.23 8.63
CA ILE B 583 17.38 50.20 8.35
C ILE B 583 15.97 49.60 8.47
N PHE B 584 15.14 50.24 9.28
CA PHE B 584 13.80 49.72 9.49
C PHE B 584 12.78 50.53 8.73
N SER B 585 11.91 49.88 7.97
CA SER B 585 10.76 50.58 7.38
C SER B 585 9.44 50.13 8.00
N PRO B 586 8.39 50.95 7.88
CA PRO B 586 7.08 50.53 8.34
C PRO B 586 6.48 49.43 7.46
N VAL B 587 5.49 48.73 8.00
CA VAL B 587 4.79 47.71 7.22
C VAL B 587 3.99 48.46 6.16
N ALA B 588 4.08 47.98 4.92
CA ALA B 588 3.39 48.61 3.80
C ALA B 588 2.09 47.90 3.42
N PRO B 589 1.26 48.54 2.57
CA PRO B 589 0.14 47.81 1.96
C PRO B 589 0.67 46.68 1.05
N LYS B 590 -0.12 45.65 0.82
CA LYS B 590 0.38 44.48 0.12
C LYS B 590 1.16 44.81 -1.17
N GLU B 591 0.60 45.64 -2.03
CA GLU B 591 1.19 45.88 -3.34
C GLU B 591 2.51 46.64 -3.19
N GLU B 592 2.55 47.67 -2.34
CA GLU B 592 3.81 48.40 -2.09
C GLU B 592 4.91 47.50 -1.53
N HIS B 593 4.51 46.63 -0.61
CA HIS B 593 5.40 45.66 -0.01
C HIS B 593 6.07 44.78 -1.07
N VAL B 594 5.26 44.14 -1.91
CA VAL B 594 5.82 43.32 -2.99
C VAL B 594 6.73 44.14 -3.90
N ARG B 595 6.20 45.26 -4.38
CA ARG B 595 6.92 46.13 -5.29
C ARG B 595 8.26 46.62 -4.76
N ARG B 596 8.34 47.03 -3.50
CA ARG B 596 9.59 47.63 -2.99
C ARG B 596 10.73 46.59 -2.79
N GLY B 597 10.39 45.30 -2.86
CA GLY B 597 11.43 44.28 -2.93
C GLY B 597 12.42 44.53 -4.06
N GLN B 598 11.96 45.19 -5.13
CA GLN B 598 12.79 45.45 -6.31
C GLN B 598 13.97 46.34 -5.95
N LEU B 599 13.85 47.11 -4.86
CA LEU B 599 14.92 47.95 -4.36
C LEU B 599 16.07 47.20 -3.66
N ALA B 600 15.79 46.01 -3.13
CA ALA B 600 16.82 45.19 -2.47
C ALA B 600 17.80 44.59 -3.47
N ASP B 601 18.96 44.17 -2.97
CA ASP B 601 19.93 43.44 -3.78
C ASP B 601 19.81 41.94 -3.58
N VAL B 602 19.78 41.49 -2.32
CA VAL B 602 19.59 40.09 -1.99
C VAL B 602 18.68 40.03 -0.80
N CYS B 603 17.91 38.97 -0.66
CA CYS B 603 17.12 38.82 0.54
C CYS B 603 17.70 37.69 1.39
N LEU B 604 17.89 37.95 2.67
CA LEU B 604 18.35 36.93 3.59
C LEU B 604 17.20 36.27 4.35
N ASP B 605 17.02 34.99 4.12
CA ASP B 605 15.86 34.32 4.67
C ASP B 605 16.13 33.78 6.08
N THR B 606 15.19 33.98 6.99
CA THR B 606 15.23 33.46 8.34
C THR B 606 15.18 31.91 8.37
N PRO B 607 16.26 31.27 8.86
CA PRO B 607 16.35 29.82 8.91
C PRO B 607 15.47 29.17 9.95
N LEU B 608 15.11 29.90 11.01
CA LEU B 608 14.28 29.28 12.05
C LEU B 608 12.93 28.82 11.52
N CYS B 609 12.24 29.76 10.87
CA CYS B 609 10.97 29.55 10.22
C CYS B 609 11.08 30.45 9.01
N ASN B 610 11.08 29.84 7.82
CA ASN B 610 11.25 30.52 6.53
C ASN B 610 10.16 31.54 6.24
N GLY B 611 10.46 32.49 5.38
CA GLY B 611 9.40 33.29 4.77
C GLY B 611 8.58 32.36 3.89
N HIS B 612 7.26 32.36 4.07
CA HIS B 612 6.40 31.54 3.20
C HIS B 612 5.76 32.34 2.07
N THR B 613 4.67 33.01 2.36
CA THR B 613 4.10 33.95 1.44
C THR B 613 5.17 34.99 1.12
N THR B 614 5.91 35.37 2.14
CA THR B 614 6.96 36.38 2.02
C THR B 614 8.11 35.97 1.08
N GLY B 615 8.39 34.67 1.04
CA GLY B 615 9.33 34.11 0.08
C GLY B 615 8.87 34.39 -1.33
N MET B 616 7.63 34.03 -1.64
CA MET B 616 7.07 34.25 -2.96
C MET B 616 7.08 35.74 -3.34
N ASP B 617 6.75 36.58 -2.36
CA ASP B 617 6.71 38.03 -2.54
C ASP B 617 8.06 38.59 -2.97
N VAL B 618 9.13 38.08 -2.38
CA VAL B 618 10.44 38.63 -2.63
C VAL B 618 10.99 38.09 -3.95
N LEU B 619 10.62 36.86 -4.27
CA LEU B 619 11.01 36.25 -5.52
C LEU B 619 10.29 36.86 -6.72
N TRP B 620 9.05 37.30 -6.50
CA TRP B 620 8.31 37.93 -7.60
C TRP B 620 8.93 39.25 -8.04
N ALA B 621 9.64 39.89 -7.12
CA ALA B 621 10.34 41.14 -7.39
C ALA B 621 11.63 40.85 -8.16
N GLY B 622 12.02 39.59 -8.17
CA GLY B 622 13.22 39.22 -8.88
C GLY B 622 14.45 39.43 -8.03
N THR B 623 14.27 39.21 -6.73
CA THR B 623 15.30 39.40 -5.73
C THR B 623 15.75 38.05 -5.26
N PRO B 624 17.03 37.71 -5.43
CA PRO B 624 17.49 36.39 -5.01
C PRO B 624 17.43 36.28 -3.51
N MET B 625 17.16 35.08 -3.04
CA MET B 625 16.98 34.85 -1.62
C MET B 625 17.82 33.67 -1.14
N VAL B 626 18.74 33.94 -0.21
CA VAL B 626 19.59 32.92 0.40
C VAL B 626 18.85 32.22 1.55
N THR B 627 18.85 30.91 1.57
CA THR B 627 18.14 30.17 2.60
C THR B 627 19.02 29.07 3.16
N MET B 628 18.66 28.56 4.34
CA MET B 628 19.30 27.40 4.96
C MET B 628 18.22 26.45 5.52
N PRO B 629 17.83 25.43 4.71
CA PRO B 629 16.73 24.52 5.03
C PRO B 629 17.01 23.78 6.30
N GLY B 630 16.12 23.91 7.26
CA GLY B 630 16.29 23.23 8.52
C GLY B 630 15.66 21.85 8.49
N GLU B 631 15.02 21.47 9.61
CA GLU B 631 14.46 20.14 9.75
C GLU B 631 12.94 20.12 9.68
N THR B 632 12.30 21.06 10.40
CA THR B 632 10.84 21.30 10.32
C THR B 632 10.39 21.74 8.95
N LEU B 633 9.16 21.38 8.60
CA LEU B 633 8.54 21.86 7.36
C LEU B 633 8.72 23.36 7.20
N ALA B 634 8.29 24.11 8.20
CA ALA B 634 8.28 25.56 8.15
C ALA B 634 9.62 26.17 7.81
N SER B 635 10.71 25.42 8.03
CA SER B 635 12.06 25.93 7.77
C SER B 635 12.64 25.41 6.46
N ARG B 636 11.80 24.78 5.64
CA ARG B 636 12.28 24.16 4.42
C ARG B 636 11.60 24.70 3.17
N VAL B 637 10.57 25.51 3.40
CA VAL B 637 9.74 26.05 2.33
C VAL B 637 10.52 26.94 1.36
N ALA B 638 11.33 27.84 1.88
CA ALA B 638 12.11 28.71 1.02
C ALA B 638 13.00 27.91 0.10
N ALA B 639 13.70 26.90 0.62
CA ALA B 639 14.54 26.00 -0.17
C ALA B 639 13.73 25.36 -1.27
N SER B 640 12.52 24.97 -0.93
CA SER B 640 11.62 24.31 -1.84
C SER B 640 11.21 25.24 -2.97
N GLN B 641 10.93 26.48 -2.62
CA GLN B 641 10.59 27.49 -3.59
C GLN B 641 11.75 27.74 -4.53
N LEU B 642 12.97 27.78 -3.99
CA LEU B 642 14.16 28.02 -4.80
C LEU B 642 14.53 26.84 -5.67
N THR B 643 14.35 25.63 -5.17
CA THR B 643 14.60 24.44 -5.98
C THR B 643 13.74 24.48 -7.22
N CYS B 644 12.44 24.76 -7.04
CA CYS B 644 11.46 24.87 -8.12
C CYS B 644 11.84 25.92 -9.16
N LEU B 645 12.27 27.08 -8.68
CA LEU B 645 12.70 28.19 -9.52
C LEU B 645 13.94 27.81 -10.31
N GLY B 646 14.75 26.91 -9.76
CA GLY B 646 15.97 26.44 -10.40
C GLY B 646 17.20 27.20 -9.98
N CYS B 647 17.30 27.49 -8.68
CA CYS B 647 18.42 28.26 -8.14
C CYS B 647 19.08 27.59 -6.97
N LEU B 648 19.67 26.42 -7.22
CA LEU B 648 20.31 25.64 -6.16
C LEU B 648 21.49 26.35 -5.51
N GLU B 649 22.09 27.31 -6.20
CA GLU B 649 23.23 28.06 -5.65
C GLU B 649 22.90 29.01 -4.49
N LEU B 650 21.62 29.14 -4.17
CA LEU B 650 21.18 30.01 -3.10
C LEU B 650 20.78 29.21 -1.87
N ILE B 651 20.90 27.90 -1.95
CA ILE B 651 20.56 27.02 -0.83
C ILE B 651 21.80 26.57 -0.07
N ALA B 652 21.89 26.93 1.21
CA ALA B 652 23.06 26.59 2.02
C ALA B 652 22.91 25.29 2.84
N LYS B 653 24.01 24.55 2.97
CA LYS B 653 24.01 23.33 3.78
C LYS B 653 24.23 23.61 5.26
N ASN B 654 24.82 24.77 5.56
CA ASN B 654 25.10 25.17 6.94
C ASN B 654 25.29 26.67 7.05
N ARG B 655 25.47 27.16 8.28
CA ARG B 655 25.59 28.59 8.53
C ARG B 655 26.82 29.21 7.84
N GLN B 656 27.90 28.46 7.80
CA GLN B 656 29.07 29.00 7.16
C GLN B 656 28.80 29.20 5.66
N GLU B 657 28.12 28.24 5.03
CA GLU B 657 27.82 28.35 3.61
C GLU B 657 26.83 29.48 3.30
N TYR B 658 25.84 29.66 4.18
CA TYR B 658 24.86 30.74 4.09
C TYR B 658 25.59 32.08 4.04
N GLU B 659 26.46 32.31 5.02
CA GLU B 659 27.23 33.55 5.09
C GLU B 659 28.05 33.75 3.80
N ASP B 660 28.60 32.64 3.31
CA ASP B 660 29.51 32.66 2.15
C ASP B 660 28.81 33.06 0.84
N ILE B 661 27.69 32.37 0.57
CA ILE B 661 26.81 32.68 -0.56
C ILE B 661 26.39 34.17 -0.55
N ALA B 662 25.90 34.63 0.61
CA ALA B 662 25.48 36.00 0.80
C ALA B 662 26.62 36.98 0.53
N VAL B 663 27.79 36.67 1.07
CA VAL B 663 28.93 37.57 0.98
C VAL B 663 29.44 37.63 -0.45
N LYS B 664 29.44 36.47 -1.11
CA LYS B 664 29.82 36.46 -2.52
C LYS B 664 28.90 37.39 -3.30
N LEU B 665 27.59 37.24 -3.08
CA LEU B 665 26.59 38.07 -3.74
C LEU B 665 26.81 39.56 -3.50
N GLY B 666 27.28 39.91 -2.31
CA GLY B 666 27.52 41.30 -1.97
C GLY B 666 28.80 41.87 -2.55
N THR B 667 29.86 41.06 -2.61
CA THR B 667 31.18 41.56 -3.03
C THR B 667 31.47 41.38 -4.53
N ASP B 668 30.91 40.33 -5.14
CA ASP B 668 31.16 40.06 -6.57
C ASP B 668 30.02 40.56 -7.45
N LEU B 669 30.04 41.84 -7.79
CA LEU B 669 28.94 42.48 -8.54
C LEU B 669 28.54 41.84 -9.87
N GLU B 670 29.50 41.20 -10.56
CA GLU B 670 29.24 40.46 -11.80
C GLU B 670 28.39 39.22 -11.55
N TYR B 671 28.72 38.47 -10.50
CA TYR B 671 27.95 37.31 -10.05
C TYR B 671 26.58 37.73 -9.57
N LEU B 672 26.48 38.85 -8.88
CA LEU B 672 25.18 39.33 -8.43
C LEU B 672 24.27 39.54 -9.62
N LYS B 673 24.70 40.41 -10.56
CA LYS B 673 23.95 40.66 -11.81
C LYS B 673 23.48 39.36 -12.48
N LYS B 674 24.36 38.37 -12.51
CA LYS B 674 24.05 37.08 -13.10
C LYS B 674 22.91 36.35 -12.38
N VAL B 675 23.00 36.22 -11.06
CA VAL B 675 21.97 35.59 -10.24
C VAL B 675 20.68 36.39 -10.22
N ARG B 676 20.78 37.70 -10.08
CA ARG B 676 19.59 38.57 -10.18
C ARG B 676 18.83 38.40 -11.50
N GLY B 677 19.57 38.27 -12.59
CA GLY B 677 18.99 38.11 -13.91
C GLY B 677 18.33 36.76 -14.05
N LYS B 678 18.91 35.77 -13.38
CA LYS B 678 18.44 34.40 -13.45
C LYS B 678 17.09 34.32 -12.74
N VAL B 679 16.98 34.96 -11.57
CA VAL B 679 15.73 34.96 -10.83
C VAL B 679 14.67 35.68 -11.65
N TRP B 680 15.01 36.86 -12.16
CA TRP B 680 14.08 37.67 -12.94
C TRP B 680 13.46 36.90 -14.10
N LYS B 681 14.25 36.03 -14.71
CA LYS B 681 13.82 35.22 -15.83
C LYS B 681 13.02 34.01 -15.35
N GLN B 682 13.60 33.28 -14.42
CA GLN B 682 13.04 32.03 -13.89
C GLN B 682 11.67 32.18 -13.25
N ARG B 683 11.36 33.37 -12.78
CA ARG B 683 10.14 33.55 -12.05
C ARG B 683 8.97 33.41 -13.03
N ILE B 684 9.21 33.66 -14.31
CA ILE B 684 8.21 33.43 -15.36
C ILE B 684 8.35 32.05 -15.96
N SER B 685 9.58 31.63 -16.21
CA SER B 685 9.79 30.43 -17.00
C SER B 685 9.73 29.13 -16.20
N SER B 686 10.01 29.20 -14.91
CA SER B 686 9.90 28.03 -14.04
C SER B 686 8.44 27.75 -13.75
N PRO B 687 8.16 26.63 -13.07
CA PRO B 687 6.76 26.41 -12.71
C PRO B 687 6.25 27.16 -11.46
N LEU B 688 7.12 27.91 -10.76
CA LEU B 688 6.80 28.44 -9.42
C LEU B 688 5.55 29.29 -9.32
N PHE B 689 5.35 30.18 -10.28
CA PHE B 689 4.24 31.13 -10.25
C PHE B 689 3.13 30.79 -11.24
N ASN B 690 3.24 29.62 -11.86
CA ASN B 690 2.36 29.17 -12.91
C ASN B 690 1.18 28.46 -12.32
N THR B 691 0.11 29.20 -12.06
CA THR B 691 -1.03 28.65 -11.33
C THR B 691 -1.76 27.57 -12.15
N LYS B 692 -1.75 27.69 -13.47
CA LYS B 692 -2.43 26.70 -14.29
C LYS B 692 -1.77 25.34 -14.14
N GLN B 693 -0.46 25.29 -14.38
CA GLN B 693 0.33 24.05 -14.23
C GLN B 693 0.19 23.49 -12.84
N TYR B 694 0.39 24.33 -11.82
CA TYR B 694 0.15 23.91 -10.43
C TYR B 694 -1.17 23.17 -10.28
N THR B 695 -2.29 23.80 -10.67
CA THR B 695 -3.62 23.19 -10.53
C THR B 695 -3.68 21.82 -11.20
N MET B 696 -3.13 21.73 -12.41
CA MET B 696 -3.11 20.47 -13.13
C MET B 696 -2.31 19.39 -12.41
N GLU B 697 -1.20 19.78 -11.78
CA GLU B 697 -0.42 18.86 -10.95
C GLU B 697 -1.19 18.42 -9.72
N LEU B 698 -1.82 19.39 -9.07
CA LEU B 698 -2.71 19.13 -7.95
C LEU B 698 -3.85 18.19 -8.33
N GLU B 699 -4.44 18.40 -9.49
CA GLU B 699 -5.50 17.53 -10.03
C GLU B 699 -5.01 16.10 -10.23
N ARG B 700 -3.80 15.94 -10.78
CA ARG B 700 -3.20 14.62 -10.95
C ARG B 700 -3.04 13.92 -9.62
N LEU B 701 -2.57 14.66 -8.62
CA LEU B 701 -2.43 14.15 -7.27
C LEU B 701 -3.75 13.73 -6.63
N TYR B 702 -4.79 14.52 -6.81
CA TYR B 702 -6.12 14.15 -6.32
C TYR B 702 -6.56 12.83 -6.90
N LEU B 703 -6.36 12.66 -8.21
CA LEU B 703 -6.82 11.47 -8.89
C LEU B 703 -6.07 10.22 -8.43
N GLN B 704 -4.79 10.39 -8.09
CA GLN B 704 -3.98 9.30 -7.50
C GLN B 704 -4.56 8.87 -6.19
N MET B 705 -4.93 9.84 -5.37
CA MET B 705 -5.50 9.60 -4.04
C MET B 705 -6.82 8.88 -4.13
N TRP B 706 -7.60 9.24 -5.13
CA TRP B 706 -8.89 8.64 -5.36
C TRP B 706 -8.80 7.23 -5.93
N GLU B 707 -8.05 7.03 -7.02
CA GLU B 707 -7.88 5.70 -7.62
C GLU B 707 -7.50 4.69 -6.55
N HIS B 708 -6.60 5.13 -5.66
CA HIS B 708 -6.15 4.33 -4.55
C HIS B 708 -7.26 3.99 -3.57
N TYR B 709 -8.12 4.95 -3.26
CA TYR B 709 -9.22 4.72 -2.33
C TYR B 709 -10.31 3.83 -2.93
N ALA B 710 -10.64 4.08 -4.19
CA ALA B 710 -11.66 3.33 -4.91
C ALA B 710 -11.27 1.88 -5.10
N ALA B 711 -9.97 1.62 -5.20
CA ALA B 711 -9.43 0.27 -5.27
C ALA B 711 -9.55 -0.48 -3.94
N GLY B 712 -10.04 0.20 -2.91
CA GLY B 712 -10.28 -0.43 -1.60
C GLY B 712 -9.20 -0.25 -0.55
N ASN B 713 -8.17 0.53 -0.86
CA ASN B 713 -7.03 0.76 0.02
C ASN B 713 -7.15 1.92 1.02
N LYS B 714 -6.56 1.74 2.19
CA LYS B 714 -6.40 2.83 3.13
C LYS B 714 -5.25 3.71 2.66
N PRO B 715 -5.21 4.96 3.14
CA PRO B 715 -4.20 5.86 2.61
C PRO B 715 -2.76 5.37 2.83
N ASP B 716 -1.91 5.51 1.82
CA ASP B 716 -0.48 5.31 1.98
C ASP B 716 0.22 6.44 1.19
N HIS B 717 1.54 6.58 1.32
CA HIS B 717 2.28 7.68 0.71
C HIS B 717 2.15 7.72 -0.81
N MET B 718 1.96 8.93 -1.33
CA MET B 718 1.85 9.16 -2.76
C MET B 718 3.08 9.83 -3.32
N ILE B 719 4.19 9.10 -3.37
CA ILE B 719 5.50 9.67 -3.64
C ILE B 719 6.04 9.43 -5.06
N LYS B 720 5.19 8.90 -5.96
CA LYS B 720 5.38 8.95 -7.43
C LYS B 720 6.70 8.41 -8.01
N SER C 4 -71.35 77.08 -13.35
CA SER C 4 -72.23 75.89 -13.63
C SER C 4 -72.62 75.68 -15.13
N CYS C 5 -72.29 76.69 -15.95
CA CYS C 5 -72.76 76.80 -17.35
C CYS C 5 -71.95 76.03 -18.43
N PRO C 6 -72.52 74.96 -19.03
CA PRO C 6 -71.82 74.17 -20.08
C PRO C 6 -71.40 74.93 -21.37
N THR C 7 -72.04 76.04 -21.68
CA THR C 7 -71.71 76.83 -22.87
C THR C 7 -70.54 77.77 -22.56
N HIS C 8 -70.50 78.24 -21.30
CA HIS C 8 -69.37 79.02 -20.77
C HIS C 8 -68.15 78.11 -20.86
N ALA C 9 -68.24 76.95 -20.20
CA ALA C 9 -67.19 75.91 -20.25
C ALA C 9 -66.74 75.51 -21.66
N ASP C 10 -67.70 75.40 -22.57
CA ASP C 10 -67.39 75.06 -23.94
C ASP C 10 -66.56 76.11 -24.66
N SER C 11 -66.82 77.40 -24.38
CA SER C 11 -66.05 78.51 -24.93
C SER C 11 -64.59 78.45 -24.40
N LEU C 12 -64.42 78.40 -23.06
CA LEU C 12 -63.12 78.31 -22.43
C LEU C 12 -62.28 77.16 -22.99
N ASN C 13 -62.96 76.09 -23.42
CA ASN C 13 -62.29 74.97 -24.06
C ASN C 13 -61.79 75.40 -25.44
N ASN C 14 -62.65 76.01 -26.24
CA ASN C 14 -62.26 76.49 -27.57
C ASN C 14 -61.11 77.49 -27.52
N LEU C 15 -61.10 78.32 -26.47
CA LEU C 15 -60.08 79.33 -26.28
C LEU C 15 -58.74 78.68 -25.91
N ALA C 16 -58.78 77.63 -25.09
CA ALA C 16 -57.60 76.85 -24.72
C ALA C 16 -57.06 76.05 -25.90
N ASN C 17 -57.94 75.50 -26.73
CA ASN C 17 -57.55 74.82 -27.98
C ASN C 17 -56.82 75.74 -28.93
N ILE C 18 -57.14 77.02 -28.86
CA ILE C 18 -56.49 78.03 -29.67
C ILE C 18 -55.07 78.34 -29.14
N LYS C 19 -54.97 78.62 -27.84
CA LYS C 19 -53.68 78.85 -27.16
C LYS C 19 -52.72 77.65 -27.29
N ARG C 20 -53.28 76.46 -27.42
CA ARG C 20 -52.48 75.25 -27.64
C ARG C 20 -51.92 75.12 -29.07
N GLU C 21 -52.70 75.51 -30.08
CA GLU C 21 -52.22 75.51 -31.49
C GLU C 21 -51.03 76.44 -31.68
N GLN C 22 -51.05 77.54 -30.92
CA GLN C 22 -49.96 78.53 -30.92
C GLN C 22 -48.87 78.17 -29.91
N GLY C 23 -48.81 76.90 -29.51
CA GLY C 23 -47.80 76.42 -28.55
C GLY C 23 -47.62 77.22 -27.27
N ASN C 24 -48.61 78.03 -26.88
CA ASN C 24 -48.58 78.68 -25.57
C ASN C 24 -49.27 77.76 -24.54
N ILE C 25 -48.62 76.61 -24.35
CA ILE C 25 -49.09 75.51 -23.51
C ILE C 25 -49.32 76.01 -22.07
N GLU C 26 -48.34 76.76 -21.57
CA GLU C 26 -48.47 77.55 -20.33
C GLU C 26 -49.93 77.97 -20.05
N GLU C 27 -50.52 78.68 -21.02
CA GLU C 27 -51.83 79.36 -20.89
C GLU C 27 -53.03 78.43 -21.18
N ALA C 28 -52.90 77.58 -22.20
CA ALA C 28 -53.86 76.52 -22.51
C ALA C 28 -54.33 75.76 -21.26
N VAL C 29 -53.39 75.21 -20.50
CA VAL C 29 -53.67 74.58 -19.21
C VAL C 29 -54.55 75.46 -18.32
N ARG C 30 -54.14 76.71 -18.07
CA ARG C 30 -54.87 77.62 -17.18
C ARG C 30 -56.35 77.74 -17.59
N LEU C 31 -56.59 77.76 -18.90
CA LEU C 31 -57.94 77.89 -19.49
C LEU C 31 -58.75 76.61 -19.40
N TYR C 32 -58.14 75.49 -19.81
CA TYR C 32 -58.74 74.16 -19.64
C TYR C 32 -59.21 73.95 -18.21
N ARG C 33 -58.34 74.31 -17.24
CA ARG C 33 -58.62 74.18 -15.80
C ARG C 33 -59.80 75.02 -15.35
N LYS C 34 -59.92 76.22 -15.93
CA LYS C 34 -61.05 77.12 -15.64
C LYS C 34 -62.32 76.58 -16.29
N ALA C 35 -62.21 76.10 -17.53
CA ALA C 35 -63.32 75.38 -18.17
C ALA C 35 -63.90 74.27 -17.28
N LEU C 36 -63.03 73.58 -16.55
CA LEU C 36 -63.44 72.47 -15.68
C LEU C 36 -63.92 72.91 -14.30
N GLU C 37 -63.55 74.12 -13.90
CA GLU C 37 -63.99 74.70 -12.62
C GLU C 37 -65.44 75.19 -12.78
N VAL C 38 -65.70 75.76 -13.95
CA VAL C 38 -67.04 76.10 -14.41
C VAL C 38 -67.92 74.84 -14.51
N PHE C 39 -67.53 73.89 -15.37
CA PHE C 39 -68.32 72.67 -15.65
C PHE C 39 -67.52 71.36 -15.48
N PRO C 40 -67.54 70.78 -14.27
CA PRO C 40 -66.62 69.67 -13.93
C PRO C 40 -66.91 68.39 -14.67
N GLU C 41 -68.11 68.28 -15.26
CA GLU C 41 -68.55 67.06 -16.00
C GLU C 41 -68.33 67.20 -17.50
N PHE C 42 -67.34 67.99 -17.88
CA PHE C 42 -67.04 68.24 -19.29
C PHE C 42 -65.99 67.25 -19.78
N ALA C 43 -66.41 66.34 -20.64
CA ALA C 43 -65.53 65.25 -21.05
C ALA C 43 -64.32 65.79 -21.83
N ALA C 44 -64.58 66.51 -22.92
CA ALA C 44 -63.48 66.96 -23.77
C ALA C 44 -62.43 67.87 -23.08
N ALA C 45 -62.83 68.65 -22.07
CA ALA C 45 -61.85 69.46 -21.36
C ALA C 45 -60.96 68.55 -20.54
N HIS C 46 -61.55 67.55 -19.86
CA HIS C 46 -60.76 66.57 -19.11
C HIS C 46 -59.73 65.91 -20.04
N SER C 47 -60.19 65.47 -21.20
CA SER C 47 -59.32 64.83 -22.16
C SER C 47 -58.18 65.75 -22.63
N ASN C 48 -58.54 66.97 -23.02
CA ASN C 48 -57.58 67.91 -23.54
C ASN C 48 -56.54 68.29 -22.48
N LEU C 49 -57.02 68.61 -21.28
CA LEU C 49 -56.12 68.94 -20.18
C LEU C 49 -55.15 67.77 -19.95
N ALA C 50 -55.69 66.55 -20.01
CA ALA C 50 -54.90 65.35 -19.84
C ALA C 50 -53.79 65.26 -20.89
N SER C 51 -54.15 65.44 -22.16
CA SER C 51 -53.12 65.26 -23.17
C SER C 51 -52.04 66.36 -23.17
N VAL C 52 -52.36 67.53 -22.59
CA VAL C 52 -51.28 68.51 -22.43
C VAL C 52 -50.44 68.24 -21.20
N LEU C 53 -51.03 67.65 -20.16
CA LEU C 53 -50.26 67.22 -19.01
C LEU C 53 -49.29 66.10 -19.42
N GLN C 54 -49.70 65.31 -20.40
CA GLN C 54 -48.89 64.20 -20.86
C GLN C 54 -47.67 64.72 -21.59
N GLN C 55 -47.88 65.73 -22.44
CA GLN C 55 -46.81 66.44 -23.13
C GLN C 55 -45.79 66.98 -22.14
N GLN C 56 -46.28 67.42 -20.97
CA GLN C 56 -45.47 68.06 -19.94
C GLN C 56 -44.80 67.04 -19.02
N GLY C 57 -45.03 65.76 -19.30
CA GLY C 57 -44.46 64.69 -18.48
C GLY C 57 -45.09 64.56 -17.11
N LYS C 58 -46.17 65.30 -16.86
CA LYS C 58 -46.93 65.16 -15.62
C LYS C 58 -47.89 63.96 -15.69
N LEU C 59 -47.34 62.76 -15.90
CA LEU C 59 -48.11 61.56 -16.24
C LEU C 59 -49.06 61.15 -15.13
N GLN C 60 -48.60 61.31 -13.89
CA GLN C 60 -49.41 60.90 -12.69
C GLN C 60 -50.80 61.55 -12.77
N GLU C 61 -50.81 62.84 -13.10
CA GLU C 61 -51.98 63.72 -13.13
C GLU C 61 -52.74 63.67 -14.45
N ALA C 62 -52.03 63.47 -15.55
CA ALA C 62 -52.66 63.30 -16.87
C ALA C 62 -53.58 62.09 -16.86
N LEU C 63 -53.13 61.04 -16.18
CA LEU C 63 -53.88 59.78 -16.03
C LEU C 63 -55.18 59.98 -15.30
N MET C 64 -55.16 60.76 -14.24
CA MET C 64 -56.36 61.02 -13.46
C MET C 64 -57.45 61.75 -14.28
N HIS C 65 -57.03 62.61 -15.19
CA HIS C 65 -57.98 63.35 -16.01
C HIS C 65 -58.51 62.51 -17.15
N TYR C 66 -57.70 61.58 -17.67
CA TYR C 66 -58.20 60.66 -18.69
C TYR C 66 -59.25 59.75 -18.09
N LYS C 67 -58.98 59.25 -16.89
CA LYS C 67 -59.92 58.41 -16.17
C LYS C 67 -61.25 59.12 -16.02
N GLU C 68 -61.21 60.41 -15.70
CA GLU C 68 -62.42 61.22 -15.56
C GLU C 68 -63.16 61.35 -16.88
N ALA C 69 -62.42 61.60 -17.96
CA ALA C 69 -63.00 61.73 -19.30
C ALA C 69 -63.81 60.49 -19.67
N ILE C 70 -63.25 59.32 -19.35
CA ILE C 70 -63.90 58.03 -19.59
C ILE C 70 -65.15 57.88 -18.75
N ARG C 71 -65.04 58.17 -17.45
CA ARG C 71 -66.20 58.09 -16.54
C ARG C 71 -67.38 58.90 -17.10
N ILE C 72 -67.10 60.08 -17.63
CA ILE C 72 -68.15 60.96 -18.14
C ILE C 72 -68.68 60.48 -19.51
N SER C 73 -67.79 60.07 -20.40
CA SER C 73 -68.22 59.66 -21.74
C SER C 73 -67.66 58.31 -22.04
N PRO C 74 -68.41 57.25 -21.69
CA PRO C 74 -67.85 55.88 -21.71
C PRO C 74 -67.50 55.34 -23.09
N THR C 75 -68.07 55.92 -24.14
CA THR C 75 -67.76 55.52 -25.51
C THR C 75 -66.65 56.38 -26.14
N PHE C 76 -65.96 57.16 -25.30
CA PHE C 76 -64.83 58.01 -25.71
C PHE C 76 -63.62 57.16 -26.05
N ALA C 77 -63.70 56.47 -27.18
CA ALA C 77 -62.64 55.58 -27.62
C ALA C 77 -61.29 56.29 -27.67
N ASP C 78 -61.30 57.54 -28.14
CA ASP C 78 -60.07 58.32 -28.26
C ASP C 78 -59.35 58.51 -26.92
N ALA C 79 -60.12 58.62 -25.84
CA ALA C 79 -59.57 58.87 -24.51
C ALA C 79 -58.97 57.61 -23.94
N TYR C 80 -59.55 56.47 -24.28
CA TYR C 80 -58.97 55.18 -23.89
C TYR C 80 -57.60 55.05 -24.51
N SER C 81 -57.52 55.33 -25.80
CA SER C 81 -56.29 55.17 -26.53
C SER C 81 -55.16 56.05 -25.97
N ASN C 82 -55.49 57.28 -25.57
CA ASN C 82 -54.50 58.17 -24.99
C ASN C 82 -54.13 57.82 -23.56
N MET C 83 -55.11 57.34 -22.80
CA MET C 83 -54.85 56.89 -21.46
C MET C 83 -53.80 55.78 -21.54
N GLY C 84 -54.02 54.87 -22.49
CA GLY C 84 -53.08 53.80 -22.81
C GLY C 84 -51.67 54.32 -22.97
N ASN C 85 -51.48 55.24 -23.92
CA ASN C 85 -50.19 55.89 -24.12
C ASN C 85 -49.57 56.43 -22.82
N THR C 86 -50.39 57.05 -21.97
CA THR C 86 -49.91 57.50 -20.66
C THR C 86 -49.43 56.35 -19.79
N LEU C 87 -50.23 55.29 -19.67
CA LEU C 87 -49.79 54.10 -18.92
C LEU C 87 -48.52 53.48 -19.50
N LYS C 88 -48.41 53.43 -20.83
CA LYS C 88 -47.21 52.90 -21.47
C LYS C 88 -45.95 53.69 -21.03
N GLU C 89 -46.02 55.02 -21.10
CA GLU C 89 -44.91 55.89 -20.69
C GLU C 89 -44.62 55.75 -19.20
N MET C 90 -45.61 55.35 -18.42
CA MET C 90 -45.42 55.13 -16.98
C MET C 90 -44.91 53.74 -16.68
N GLN C 91 -44.47 53.01 -17.71
CA GLN C 91 -43.96 51.64 -17.57
C GLN C 91 -45.06 50.61 -17.16
N ASP C 92 -46.34 50.97 -17.22
CA ASP C 92 -47.42 50.01 -16.96
C ASP C 92 -47.98 49.35 -18.24
N VAL C 93 -47.12 48.62 -18.95
CA VAL C 93 -47.48 48.10 -20.27
C VAL C 93 -48.70 47.20 -20.20
N GLN C 94 -48.81 46.43 -19.12
CA GLN C 94 -49.98 45.61 -18.88
C GLN C 94 -51.29 46.41 -18.99
N GLY C 95 -51.44 47.46 -18.19
CA GLY C 95 -52.66 48.29 -18.16
C GLY C 95 -52.86 49.16 -19.39
N ALA C 96 -51.75 49.50 -20.06
CA ALA C 96 -51.78 50.24 -21.31
C ALA C 96 -52.46 49.41 -22.38
N LEU C 97 -52.11 48.13 -22.38
CA LEU C 97 -52.57 47.18 -23.38
C LEU C 97 -54.07 46.92 -23.21
N GLN C 98 -54.47 46.84 -21.95
CA GLN C 98 -55.86 46.72 -21.60
C GLN C 98 -56.67 47.93 -22.09
N CYS C 99 -56.10 49.14 -22.01
CA CYS C 99 -56.76 50.30 -22.59
C CYS C 99 -56.93 50.16 -24.07
N TYR C 100 -55.87 49.78 -24.77
CA TYR C 100 -55.95 49.69 -26.22
C TYR C 100 -56.98 48.66 -26.64
N THR C 101 -56.95 47.47 -26.04
CA THR C 101 -57.93 46.43 -26.38
C THR C 101 -59.36 46.88 -26.10
N ARG C 102 -59.55 47.60 -25.00
CA ARG C 102 -60.89 48.05 -24.60
C ARG C 102 -61.46 49.10 -25.57
N ALA C 103 -60.58 49.95 -26.12
CA ALA C 103 -61.00 50.94 -27.11
C ALA C 103 -61.47 50.23 -28.36
N ILE C 104 -60.78 49.17 -28.74
CA ILE C 104 -61.08 48.47 -29.99
C ILE C 104 -62.41 47.72 -29.89
N GLN C 105 -62.74 47.30 -28.67
CA GLN C 105 -64.01 46.64 -28.43
C GLN C 105 -65.15 47.64 -28.55
N ILE C 106 -64.94 48.83 -27.99
CA ILE C 106 -65.94 49.90 -28.04
C ILE C 106 -66.14 50.43 -29.46
N ASN C 107 -65.06 50.77 -30.13
CA ASN C 107 -65.14 51.19 -31.51
C ASN C 107 -64.22 50.38 -32.39
N PRO C 108 -64.74 49.29 -32.97
CA PRO C 108 -63.94 48.41 -33.83
C PRO C 108 -63.31 49.16 -34.99
N ALA C 109 -63.86 50.32 -35.32
CA ALA C 109 -63.47 51.06 -36.53
C ALA C 109 -62.37 52.11 -36.29
N PHE C 110 -61.95 52.21 -35.02
CA PHE C 110 -61.05 53.28 -34.51
C PHE C 110 -59.58 52.95 -34.77
N ALA C 111 -59.01 53.57 -35.81
CA ALA C 111 -57.66 53.23 -36.27
C ALA C 111 -56.54 53.38 -35.21
N ASP C 112 -56.54 54.46 -34.44
CA ASP C 112 -55.42 54.77 -33.53
C ASP C 112 -55.14 53.70 -32.48
N ALA C 113 -56.20 53.15 -31.90
CA ALA C 113 -56.06 52.09 -30.91
C ALA C 113 -55.36 50.87 -31.52
N HIS C 114 -55.67 50.56 -32.77
CA HIS C 114 -55.04 49.43 -33.46
C HIS C 114 -53.56 49.66 -33.60
N SER C 115 -53.22 50.87 -34.06
CA SER C 115 -51.84 51.30 -34.20
C SER C 115 -51.09 51.22 -32.86
N ASN C 116 -51.67 51.80 -31.82
CA ASN C 116 -51.07 51.74 -30.48
C ASN C 116 -50.85 50.33 -29.98
N LEU C 117 -51.79 49.44 -30.26
CA LEU C 117 -51.64 48.03 -29.94
C LEU C 117 -50.45 47.43 -30.69
N ALA C 118 -50.40 47.68 -32.00
CA ALA C 118 -49.24 47.25 -32.78
C ALA C 118 -47.94 47.73 -32.15
N SER C 119 -47.92 48.95 -31.60
CA SER C 119 -46.72 49.52 -30.98
C SER C 119 -46.22 48.73 -29.79
N ILE C 120 -47.14 48.20 -28.99
CA ILE C 120 -46.78 47.32 -27.87
C ILE C 120 -46.17 46.04 -28.43
N HIS C 121 -46.75 45.51 -29.51
CA HIS C 121 -46.25 44.27 -30.07
C HIS C 121 -44.85 44.45 -30.59
N LYS C 122 -44.61 45.60 -31.22
CA LYS C 122 -43.31 45.93 -31.80
C LYS C 122 -42.28 45.95 -30.70
N ASP C 123 -42.58 46.69 -29.63
CA ASP C 123 -41.68 46.83 -28.47
C ASP C 123 -41.35 45.50 -27.82
N SER C 124 -42.28 44.56 -27.86
CA SER C 124 -42.08 43.24 -27.24
C SER C 124 -41.28 42.34 -28.11
N GLY C 125 -41.06 42.73 -29.35
CA GLY C 125 -40.30 41.91 -30.27
C GLY C 125 -41.12 41.00 -31.15
N ASN C 126 -42.41 40.88 -30.88
CA ASN C 126 -43.26 40.10 -31.78
C ASN C 126 -43.73 40.92 -32.97
N ILE C 127 -42.96 40.83 -34.04
CA ILE C 127 -43.08 41.70 -35.20
C ILE C 127 -44.21 41.31 -36.17
N PRO C 128 -44.42 40.01 -36.43
CA PRO C 128 -45.56 39.69 -37.28
C PRO C 128 -46.89 40.20 -36.73
N GLU C 129 -47.09 40.14 -35.41
CA GLU C 129 -48.31 40.64 -34.78
C GLU C 129 -48.36 42.18 -34.77
N ALA C 130 -47.19 42.80 -34.72
CA ALA C 130 -47.12 44.23 -34.92
C ALA C 130 -47.53 44.62 -36.35
N ILE C 131 -47.02 43.92 -37.36
CA ILE C 131 -47.39 44.19 -38.76
C ILE C 131 -48.90 44.08 -38.92
N ALA C 132 -49.46 42.94 -38.49
CA ALA C 132 -50.89 42.67 -38.58
C ALA C 132 -51.72 43.85 -38.09
N SER C 133 -51.42 44.34 -36.89
CA SER C 133 -52.19 45.44 -36.33
C SER C 133 -51.97 46.76 -37.05
N TYR C 134 -50.75 47.03 -37.50
CA TYR C 134 -50.49 48.26 -38.27
C TYR C 134 -51.31 48.27 -39.54
N ARG C 135 -51.34 47.12 -40.20
CA ARG C 135 -52.11 46.93 -41.44
C ARG C 135 -53.61 47.18 -41.23
N THR C 136 -54.17 46.61 -40.17
CA THR C 136 -55.53 46.90 -39.76
C THR C 136 -55.76 48.41 -39.67
N ALA C 137 -54.95 49.10 -38.86
CA ALA C 137 -55.09 50.52 -38.67
C ALA C 137 -55.11 51.26 -39.98
N LEU C 138 -54.30 50.84 -40.94
CA LEU C 138 -54.18 51.55 -42.21
C LEU C 138 -55.33 51.28 -43.16
N LYS C 139 -55.91 50.09 -43.04
CA LYS C 139 -57.13 49.74 -43.75
C LYS C 139 -58.24 50.68 -43.25
N LEU C 140 -58.35 50.80 -41.92
CA LEU C 140 -59.31 51.69 -41.28
C LEU C 140 -59.05 53.18 -41.49
N LYS C 141 -57.80 53.58 -41.62
CA LYS C 141 -57.49 54.98 -41.87
C LYS C 141 -56.28 55.09 -42.76
N PRO C 142 -56.49 55.09 -44.09
CA PRO C 142 -55.40 55.01 -45.08
C PRO C 142 -54.39 56.16 -45.01
N ASP C 143 -54.79 57.30 -44.45
CA ASP C 143 -53.86 58.42 -44.26
C ASP C 143 -53.52 58.54 -42.75
N PHE C 144 -52.44 57.88 -42.37
CA PHE C 144 -52.08 57.75 -40.97
C PHE C 144 -50.56 57.68 -40.94
N PRO C 145 -49.88 58.84 -40.83
CA PRO C 145 -48.43 58.84 -40.92
C PRO C 145 -47.75 57.98 -39.85
N ASP C 146 -48.16 58.13 -38.59
CA ASP C 146 -47.57 57.34 -37.49
C ASP C 146 -47.57 55.84 -37.72
N ALA C 147 -48.71 55.27 -38.12
CA ALA C 147 -48.80 53.84 -38.41
C ALA C 147 -48.06 53.47 -39.70
N TYR C 148 -48.07 54.34 -40.70
CA TYR C 148 -47.38 53.99 -41.93
C TYR C 148 -45.89 53.85 -41.69
N CYS C 149 -45.31 54.79 -40.96
CA CYS C 149 -43.88 54.80 -40.75
C CYS C 149 -43.44 53.71 -39.79
N ASN C 150 -44.29 53.43 -38.82
CA ASN C 150 -44.00 52.33 -37.94
C ASN C 150 -44.09 50.99 -38.64
N LEU C 151 -45.06 50.83 -39.54
CA LEU C 151 -45.15 49.62 -40.32
C LEU C 151 -43.91 49.51 -41.16
N ALA C 152 -43.53 50.63 -41.79
CA ALA C 152 -42.38 50.67 -42.69
C ALA C 152 -41.12 50.17 -42.01
N HIS C 153 -40.96 50.57 -40.75
CA HIS C 153 -39.84 50.10 -39.95
C HIS C 153 -39.93 48.61 -39.61
N CYS C 154 -41.11 48.12 -39.22
CA CYS C 154 -41.30 46.67 -39.04
C CYS C 154 -40.93 45.89 -40.28
N LEU C 155 -41.42 46.35 -41.44
CA LEU C 155 -41.13 45.66 -42.67
C LEU C 155 -39.63 45.66 -42.89
N GLN C 156 -38.99 46.78 -42.59
CA GLN C 156 -37.53 46.87 -42.68
C GLN C 156 -36.85 45.78 -41.85
N ILE C 157 -37.30 45.63 -40.60
CA ILE C 157 -36.75 44.71 -39.62
C ILE C 157 -36.78 43.25 -40.06
N VAL C 158 -37.85 42.86 -40.74
CA VAL C 158 -38.00 41.48 -41.23
C VAL C 158 -37.58 41.33 -42.67
N CYS C 159 -37.03 42.39 -43.24
CA CYS C 159 -36.59 42.34 -44.62
C CYS C 159 -37.69 42.01 -45.61
N ASP C 160 -38.87 42.59 -45.42
CA ASP C 160 -39.94 42.57 -46.42
C ASP C 160 -39.75 43.78 -47.31
N TRP C 161 -39.43 43.55 -48.57
CA TRP C 161 -39.13 44.67 -49.43
C TRP C 161 -40.17 44.84 -50.54
N THR C 162 -41.39 44.39 -50.26
CA THR C 162 -42.54 44.57 -51.16
C THR C 162 -42.74 46.05 -51.44
N ASP C 163 -42.78 46.42 -52.72
CA ASP C 163 -42.97 47.82 -53.14
C ASP C 163 -42.01 48.75 -52.41
N TYR C 164 -40.76 48.34 -52.29
CA TYR C 164 -39.77 49.08 -51.52
C TYR C 164 -39.57 50.51 -52.03
N ASP C 165 -39.32 50.67 -53.32
CA ASP C 165 -38.98 51.99 -53.88
C ASP C 165 -40.07 53.01 -53.67
N GLU C 166 -41.30 52.56 -53.90
CA GLU C 166 -42.50 53.36 -53.74
C GLU C 166 -42.69 53.70 -52.27
N ARG C 167 -42.44 52.72 -51.39
CA ARG C 167 -42.55 52.89 -49.94
C ARG C 167 -41.62 53.97 -49.41
N MET C 168 -40.39 54.02 -49.91
CA MET C 168 -39.44 55.04 -49.48
C MET C 168 -39.87 56.42 -49.92
N LYS C 169 -40.32 56.56 -51.17
CA LYS C 169 -40.72 57.86 -51.72
C LYS C 169 -41.85 58.39 -50.88
N LYS C 170 -42.71 57.50 -50.41
CA LYS C 170 -43.81 57.90 -49.55
C LYS C 170 -43.37 58.35 -48.16
N LEU C 171 -42.37 57.69 -47.59
CA LEU C 171 -41.86 58.09 -46.27
C LEU C 171 -41.30 59.48 -46.33
N VAL C 172 -40.38 59.70 -47.27
CA VAL C 172 -39.79 61.01 -47.48
C VAL C 172 -40.94 62.03 -47.60
N SER C 173 -41.85 61.76 -48.54
CA SER C 173 -43.04 62.57 -48.73
C SER C 173 -43.80 62.89 -47.41
N ILE C 174 -44.03 61.89 -46.58
CA ILE C 174 -44.75 62.09 -45.30
C ILE C 174 -43.97 62.96 -44.32
N VAL C 175 -42.66 62.78 -44.26
CA VAL C 175 -41.79 63.58 -43.38
C VAL C 175 -41.75 65.00 -43.89
N ALA C 176 -41.56 65.18 -45.21
CA ALA C 176 -41.53 66.51 -45.82
C ALA C 176 -42.76 67.29 -45.42
N ASP C 177 -43.92 66.63 -45.51
CA ASP C 177 -45.21 67.25 -45.22
C ASP C 177 -45.33 67.61 -43.75
N GLN C 178 -44.85 66.74 -42.88
CA GLN C 178 -44.94 66.95 -41.43
C GLN C 178 -43.99 68.01 -40.93
N LEU C 179 -42.85 68.12 -41.58
CA LEU C 179 -41.86 69.10 -41.20
C LEU C 179 -42.37 70.47 -41.57
N GLU C 180 -42.95 70.57 -42.77
CA GLU C 180 -43.47 71.83 -43.31
C GLU C 180 -44.74 72.28 -42.59
N LYS C 181 -45.59 71.35 -42.17
CA LYS C 181 -46.78 71.68 -41.38
C LYS C 181 -46.46 71.88 -39.90
N ASN C 182 -45.18 71.91 -39.59
CA ASN C 182 -44.69 72.01 -38.21
C ASN C 182 -45.25 70.97 -37.20
N ARG C 183 -45.32 69.71 -37.63
CA ARG C 183 -45.74 68.59 -36.79
C ARG C 183 -44.51 67.78 -36.40
N LEU C 184 -44.65 66.93 -35.38
CA LEU C 184 -43.60 65.97 -35.00
C LEU C 184 -43.58 64.83 -36.01
N PRO C 185 -42.42 64.61 -36.70
CA PRO C 185 -42.31 63.58 -37.73
C PRO C 185 -42.55 62.18 -37.19
N SER C 186 -43.05 61.31 -38.07
CA SER C 186 -43.41 59.96 -37.68
C SER C 186 -42.22 59.00 -37.72
N VAL C 187 -41.16 59.38 -38.43
CA VAL C 187 -39.92 58.62 -38.46
C VAL C 187 -39.14 58.99 -37.21
N HIS C 188 -38.54 57.98 -36.56
CA HIS C 188 -37.77 58.19 -35.33
C HIS C 188 -36.34 58.57 -35.68
N PRO C 189 -35.75 59.54 -34.95
CA PRO C 189 -34.39 59.96 -35.32
C PRO C 189 -33.42 58.79 -35.42
N HIS C 190 -33.54 57.82 -34.51
CA HIS C 190 -32.67 56.66 -34.51
C HIS C 190 -32.87 55.75 -35.73
N HIS C 191 -33.95 55.96 -36.48
CA HIS C 191 -34.22 55.20 -37.70
C HIS C 191 -33.91 55.98 -38.95
N SER C 192 -33.83 57.29 -38.83
CA SER C 192 -33.79 58.15 -40.00
C SER C 192 -32.62 57.92 -40.93
N MET C 193 -31.59 57.19 -40.50
CA MET C 193 -30.48 56.90 -41.41
C MET C 193 -30.79 55.78 -42.41
N LEU C 194 -31.88 55.06 -42.17
CA LEU C 194 -32.23 53.92 -42.98
C LEU C 194 -32.95 54.32 -44.25
N TYR C 195 -33.46 55.53 -44.29
CA TYR C 195 -34.31 55.96 -45.42
C TYR C 195 -33.63 57.06 -46.25
N PRO C 196 -33.93 57.12 -47.58
CA PRO C 196 -33.33 58.16 -48.43
C PRO C 196 -33.88 59.55 -48.15
N LEU C 197 -33.85 59.98 -46.90
CA LEU C 197 -34.35 61.29 -46.51
C LEU C 197 -33.46 62.45 -46.96
N SER C 198 -34.12 63.57 -47.25
CA SER C 198 -33.50 64.78 -47.81
C SER C 198 -32.61 65.54 -46.79
N HIS C 199 -32.22 64.81 -45.73
CA HIS C 199 -30.94 65.01 -44.99
C HIS C 199 -30.63 66.26 -44.08
N GLY C 200 -31.05 67.43 -44.52
CA GLY C 200 -31.40 68.51 -43.61
C GLY C 200 -32.67 68.07 -42.89
N PHE C 201 -33.39 67.11 -43.50
CA PHE C 201 -34.53 66.39 -42.90
C PHE C 201 -34.14 65.62 -41.67
N ARG C 202 -33.07 64.84 -41.78
CA ARG C 202 -32.57 64.01 -40.66
C ARG C 202 -32.23 64.88 -39.47
N LYS C 203 -31.48 65.95 -39.74
CA LYS C 203 -31.24 66.96 -38.74
C LYS C 203 -32.53 67.49 -38.14
N ALA C 204 -33.52 67.79 -38.99
CA ALA C 204 -34.76 68.41 -38.50
C ALA C 204 -35.61 67.44 -37.69
N ILE C 205 -35.61 66.16 -38.07
CA ILE C 205 -36.32 65.13 -37.31
C ILE C 205 -35.75 65.04 -35.92
N ALA C 206 -34.42 65.09 -35.82
CA ALA C 206 -33.73 65.08 -34.55
C ALA C 206 -34.06 66.30 -33.70
N GLU C 207 -33.87 67.48 -34.29
CA GLU C 207 -34.16 68.78 -33.65
C GLU C 207 -35.51 68.72 -32.98
N ARG C 208 -36.44 68.10 -33.69
CA ARG C 208 -37.86 68.14 -33.37
C ARG C 208 -38.17 67.17 -32.21
N HIS C 209 -37.37 66.11 -32.10
CA HIS C 209 -37.41 65.24 -30.92
C HIS C 209 -36.78 65.86 -29.71
N GLY C 210 -35.74 66.65 -29.93
CA GLY C 210 -35.14 67.48 -28.89
C GLY C 210 -36.15 68.36 -28.18
N ASN C 211 -37.05 68.98 -28.94
CA ASN C 211 -38.12 69.83 -28.37
C ASN C 211 -39.05 69.16 -27.38
N LEU C 212 -39.29 67.87 -27.56
CA LEU C 212 -40.15 67.15 -26.65
C LEU C 212 -39.66 67.28 -25.21
N CYS C 213 -38.35 67.43 -25.05
CA CYS C 213 -37.74 67.65 -23.73
C CYS C 213 -38.06 69.04 -23.20
N LEU C 214 -37.84 70.05 -24.03
CA LEU C 214 -38.04 71.43 -23.60
C LEU C 214 -39.39 71.56 -22.90
N ASP C 215 -40.43 70.98 -23.49
CA ASP C 215 -41.79 71.05 -22.94
C ASP C 215 -41.91 70.43 -21.53
N LYS C 216 -41.10 69.41 -21.29
CA LYS C 216 -41.15 68.61 -20.07
C LYS C 216 -40.31 69.25 -18.97
N ILE C 217 -39.38 70.12 -19.34
CA ILE C 217 -38.53 70.80 -18.36
C ILE C 217 -39.00 72.20 -17.98
N ASN C 218 -39.80 72.83 -18.84
CA ASN C 218 -40.32 74.17 -18.59
C ASN C 218 -41.24 74.24 -17.38
N VAL C 219 -41.94 73.14 -17.13
CA VAL C 219 -42.90 73.07 -16.04
C VAL C 219 -42.21 73.02 -14.68
N LEU C 220 -40.90 72.81 -14.70
CA LEU C 220 -40.08 72.83 -13.48
C LEU C 220 -39.60 74.26 -13.15
N HIS C 221 -39.71 75.17 -14.14
CA HIS C 221 -39.33 76.57 -14.00
C HIS C 221 -37.97 76.74 -13.32
N LYS C 222 -36.94 76.11 -13.90
CA LYS C 222 -35.60 76.19 -13.31
C LYS C 222 -34.80 77.31 -13.95
N PRO C 223 -34.18 78.14 -13.10
CA PRO C 223 -33.31 79.20 -13.61
C PRO C 223 -32.06 78.59 -14.20
N PRO C 224 -31.41 79.29 -15.15
CA PRO C 224 -30.12 78.82 -15.68
C PRO C 224 -29.11 78.55 -14.56
N TYR C 225 -28.31 77.50 -14.68
CA TYR C 225 -27.29 77.16 -13.69
C TYR C 225 -26.07 78.05 -13.86
N GLU C 226 -25.32 78.20 -12.78
CA GLU C 226 -24.07 78.96 -12.82
C GLU C 226 -22.87 78.05 -12.93
N HIS C 227 -22.27 78.04 -14.11
CA HIS C 227 -21.22 77.06 -14.40
C HIS C 227 -19.88 77.54 -13.88
N PRO C 228 -19.00 76.59 -13.45
CA PRO C 228 -17.66 76.97 -13.01
C PRO C 228 -16.89 77.61 -14.16
N LYS C 229 -15.92 78.45 -13.83
CA LYS C 229 -15.16 79.13 -14.89
C LYS C 229 -13.64 78.92 -14.81
N ASP C 230 -13.26 78.13 -13.83
CA ASP C 230 -11.88 77.72 -13.61
C ASP C 230 -11.86 76.28 -13.10
N LEU C 231 -10.67 75.75 -12.87
CA LEU C 231 -10.54 74.43 -12.27
C LEU C 231 -10.12 74.49 -10.81
N LYS C 232 -10.29 75.64 -10.16
CA LYS C 232 -9.80 75.85 -8.79
C LYS C 232 -10.54 75.00 -7.74
N LEU C 233 -11.88 75.02 -7.76
CA LEU C 233 -12.68 74.27 -6.81
C LEU C 233 -12.44 72.77 -6.96
N SER C 234 -12.25 72.36 -8.21
CA SER C 234 -12.08 70.95 -8.57
C SER C 234 -10.62 70.57 -8.57
N ASP C 235 -9.79 71.42 -7.94
CA ASP C 235 -8.43 71.06 -7.57
C ASP C 235 -7.45 70.84 -8.75
N GLY C 236 -7.64 71.59 -9.83
CA GLY C 236 -6.83 71.46 -11.04
C GLY C 236 -7.33 70.39 -11.99
N ARG C 237 -8.31 69.61 -11.54
CA ARG C 237 -8.82 68.49 -12.31
C ARG C 237 -10.06 68.90 -13.08
N LEU C 238 -10.13 68.52 -14.34
CA LEU C 238 -11.34 68.69 -15.14
C LEU C 238 -12.37 67.62 -14.86
N ARG C 239 -13.57 68.02 -14.46
CA ARG C 239 -14.59 67.06 -14.07
C ARG C 239 -15.43 66.61 -15.26
N VAL C 240 -15.29 65.35 -15.65
CA VAL C 240 -16.08 64.81 -16.74
C VAL C 240 -17.17 63.87 -16.23
N GLY C 241 -18.39 64.07 -16.71
CA GLY C 241 -19.51 63.22 -16.30
C GLY C 241 -20.04 62.47 -17.49
N TYR C 242 -20.00 61.15 -17.41
CA TYR C 242 -20.57 60.31 -18.44
C TYR C 242 -22.00 59.96 -18.09
N VAL C 243 -22.96 60.28 -18.94
CA VAL C 243 -24.34 59.94 -18.64
C VAL C 243 -24.83 58.83 -19.56
N SER C 244 -25.21 57.68 -18.98
CA SER C 244 -25.69 56.58 -19.80
C SER C 244 -26.68 55.71 -19.08
N SER C 245 -27.62 55.18 -19.85
CA SER C 245 -28.53 54.17 -19.35
C SER C 245 -27.95 52.77 -19.57
N ASP C 246 -26.68 52.71 -19.94
CA ASP C 246 -26.11 51.48 -20.47
C ASP C 246 -24.87 51.00 -19.77
N PHE C 247 -24.67 51.41 -18.52
CA PHE C 247 -23.60 50.81 -17.72
C PHE C 247 -24.08 49.46 -17.21
N GLY C 248 -23.80 48.44 -18.00
CA GLY C 248 -24.37 47.12 -17.78
C GLY C 248 -24.17 46.28 -19.01
N ASN C 249 -24.89 45.18 -19.14
CA ASN C 249 -24.77 44.36 -20.32
C ASN C 249 -25.44 45.05 -21.48
N HIS C 250 -24.65 45.79 -22.22
CA HIS C 250 -25.12 46.53 -23.38
C HIS C 250 -23.93 46.87 -24.28
N PRO C 251 -24.13 46.89 -25.60
CA PRO C 251 -23.07 47.19 -26.53
C PRO C 251 -22.17 48.37 -26.15
N THR C 252 -22.77 49.46 -25.69
CA THR C 252 -22.04 50.64 -25.24
C THR C 252 -21.02 50.33 -24.14
N SER C 253 -21.40 49.51 -23.16
CA SER C 253 -20.43 49.04 -22.16
C SER C 253 -19.36 48.13 -22.74
N HIS C 254 -19.74 47.31 -23.73
CA HIS C 254 -18.77 46.46 -24.43
C HIS C 254 -17.72 47.27 -25.20
N LEU C 255 -18.01 48.53 -25.44
CA LEU C 255 -17.08 49.37 -26.15
C LEU C 255 -16.23 50.17 -25.18
N MET C 256 -16.87 50.81 -24.20
CA MET C 256 -16.11 51.76 -23.38
C MET C 256 -15.86 51.41 -21.89
N GLN C 257 -16.25 50.22 -21.44
CA GLN C 257 -16.19 49.89 -20.02
C GLN C 257 -14.82 50.16 -19.41
N SER C 258 -13.75 50.09 -20.21
CA SER C 258 -12.42 50.28 -19.64
C SER C 258 -12.00 51.73 -19.47
N ILE C 259 -12.69 52.64 -20.16
CA ILE C 259 -12.28 54.04 -20.26
C ILE C 259 -12.32 54.85 -18.97
N PRO C 260 -13.43 54.80 -18.20
CA PRO C 260 -13.42 55.56 -16.96
C PRO C 260 -12.19 55.28 -16.10
N GLY C 261 -11.82 54.02 -15.98
CA GLY C 261 -10.64 53.68 -15.19
C GLY C 261 -9.32 54.19 -15.74
N MET C 262 -9.28 54.47 -17.03
CA MET C 262 -8.02 54.79 -17.69
C MET C 262 -7.74 56.29 -17.74
N HIS C 263 -8.71 57.07 -17.28
CA HIS C 263 -8.52 58.49 -17.13
C HIS C 263 -7.36 58.79 -16.17
N ASN C 264 -6.57 59.82 -16.51
CA ASN C 264 -5.47 60.24 -15.68
C ASN C 264 -6.00 61.09 -14.52
N PRO C 265 -5.84 60.58 -13.27
CA PRO C 265 -6.44 61.15 -12.07
C PRO C 265 -5.77 62.45 -11.62
N ASP C 266 -4.67 62.82 -12.25
CA ASP C 266 -4.02 64.06 -11.92
C ASP C 266 -4.78 65.20 -12.57
N LYS C 267 -5.27 64.97 -13.78
CA LYS C 267 -5.93 66.03 -14.55
C LYS C 267 -7.44 65.86 -14.72
N PHE C 268 -7.97 64.69 -14.43
CA PHE C 268 -9.42 64.47 -14.57
C PHE C 268 -10.11 63.80 -13.38
N GLU C 269 -11.33 64.25 -13.09
CA GLU C 269 -12.14 63.61 -12.07
C GLU C 269 -13.39 63.08 -12.77
N VAL C 270 -13.56 61.75 -12.75
CA VAL C 270 -14.55 61.08 -13.57
C VAL C 270 -15.83 60.71 -12.82
N PHE C 271 -16.94 61.27 -13.26
CA PHE C 271 -18.22 60.94 -12.68
C PHE C 271 -19.02 60.10 -13.68
N CYS C 272 -19.55 58.97 -13.26
CA CYS C 272 -20.46 58.23 -14.12
C CYS C 272 -21.87 58.31 -13.56
N TYR C 273 -22.80 58.80 -14.38
CA TYR C 273 -24.20 58.93 -13.99
C TYR C 273 -25.01 57.85 -14.67
N ALA C 274 -25.42 56.86 -13.89
CA ALA C 274 -26.16 55.74 -14.43
C ALA C 274 -27.62 56.12 -14.53
N LEU C 275 -28.25 55.86 -15.68
CA LEU C 275 -29.68 56.12 -15.79
C LEU C 275 -30.51 54.87 -15.53
N SER C 276 -29.85 53.74 -15.28
CA SER C 276 -30.56 52.48 -15.05
C SER C 276 -30.04 51.77 -13.82
N PRO C 277 -30.91 50.97 -13.16
CA PRO C 277 -30.54 50.24 -11.95
C PRO C 277 -29.44 49.18 -12.24
N ASP C 278 -28.70 48.76 -11.21
CA ASP C 278 -27.65 47.77 -11.30
C ASP C 278 -28.22 46.50 -11.85
N ASP C 279 -27.81 46.08 -13.05
CA ASP C 279 -28.32 44.82 -13.60
C ASP C 279 -27.54 43.56 -13.16
N GLY C 280 -26.65 43.75 -12.20
CA GLY C 280 -25.89 42.65 -11.60
C GLY C 280 -24.67 42.18 -12.35
N THR C 281 -24.43 42.69 -13.54
CA THR C 281 -23.36 42.20 -14.40
C THR C 281 -22.00 42.82 -14.07
N ASN C 282 -20.92 42.15 -14.43
CA ASN C 282 -19.56 42.70 -14.24
C ASN C 282 -19.28 44.01 -14.98
N PHE C 283 -20.02 44.27 -16.05
CA PHE C 283 -19.85 45.50 -16.76
C PHE C 283 -20.17 46.65 -15.83
N ARG C 284 -21.32 46.55 -15.16
CA ARG C 284 -21.72 47.53 -14.17
C ARG C 284 -20.75 47.54 -13.00
N VAL C 285 -20.31 46.37 -12.53
CA VAL C 285 -19.31 46.31 -11.45
C VAL C 285 -18.06 47.13 -11.75
N LYS C 286 -17.48 46.89 -12.93
CA LYS C 286 -16.25 47.58 -13.33
C LYS C 286 -16.36 49.09 -13.29
N VAL C 287 -17.34 49.61 -14.01
CA VAL C 287 -17.55 51.05 -14.06
C VAL C 287 -17.69 51.64 -12.65
N MET C 288 -18.57 51.06 -11.82
CA MET C 288 -18.69 51.48 -10.42
C MET C 288 -17.34 51.47 -9.68
N ALA C 289 -16.52 50.46 -9.95
CA ALA C 289 -15.29 50.28 -9.20
C ALA C 289 -14.19 51.20 -9.67
N GLU C 290 -14.31 51.70 -10.90
CA GLU C 290 -13.19 52.40 -11.53
C GLU C 290 -13.42 53.87 -11.73
N ALA C 291 -14.65 54.27 -11.98
CA ALA C 291 -15.00 55.68 -12.02
C ALA C 291 -14.62 56.32 -10.69
N ASN C 292 -14.08 57.54 -10.71
CA ASN C 292 -13.87 58.27 -9.46
C ASN C 292 -15.14 58.43 -8.63
N HIS C 293 -16.28 58.59 -9.29
CA HIS C 293 -17.56 58.67 -8.63
C HIS C 293 -18.57 57.97 -9.49
N PHE C 294 -19.45 57.20 -8.87
CA PHE C 294 -20.56 56.62 -9.60
C PHE C 294 -21.87 57.06 -8.97
N ILE C 295 -22.77 57.58 -9.79
CA ILE C 295 -24.03 58.11 -9.27
C ILE C 295 -25.22 57.42 -9.90
N ASP C 296 -26.04 56.81 -9.07
CA ASP C 296 -27.21 56.12 -9.57
C ASP C 296 -28.42 57.04 -9.72
N LEU C 297 -28.67 57.50 -10.94
CA LEU C 297 -29.72 58.48 -11.14
C LEU C 297 -31.04 57.80 -11.33
N SER C 298 -31.04 56.48 -11.46
CA SER C 298 -32.30 55.79 -11.58
C SER C 298 -33.05 55.94 -10.27
N GLN C 299 -32.31 56.24 -9.19
CA GLN C 299 -32.90 56.53 -7.88
C GLN C 299 -33.40 57.96 -7.78
N ILE C 300 -33.03 58.81 -8.73
CA ILE C 300 -33.48 60.20 -8.73
C ILE C 300 -34.32 60.40 -9.99
N PRO C 301 -35.61 60.01 -9.93
CA PRO C 301 -36.37 60.00 -11.17
C PRO C 301 -36.78 61.39 -11.66
N CYS C 302 -36.91 62.37 -10.75
CA CYS C 302 -37.25 63.76 -11.15
C CYS C 302 -36.09 64.40 -11.90
N ASN C 303 -36.31 64.85 -13.13
CA ASN C 303 -35.22 65.47 -13.90
C ASN C 303 -34.59 66.74 -13.34
N GLY C 304 -35.40 67.52 -12.61
CA GLY C 304 -34.90 68.70 -11.94
C GLY C 304 -33.91 68.36 -10.82
N LYS C 305 -34.27 67.40 -9.98
CA LYS C 305 -33.42 67.02 -8.86
C LYS C 305 -32.15 66.36 -9.34
N ALA C 306 -32.26 65.64 -10.46
CA ALA C 306 -31.11 64.96 -11.06
C ALA C 306 -30.14 65.98 -11.65
N ALA C 307 -30.64 66.89 -12.46
CA ALA C 307 -29.82 67.96 -13.01
C ALA C 307 -29.14 68.76 -11.92
N ASP C 308 -29.84 69.05 -10.83
CA ASP C 308 -29.29 69.72 -9.66
C ASP C 308 -28.06 68.99 -9.16
N ARG C 309 -28.21 67.69 -8.99
CA ARG C 309 -27.13 66.84 -8.51
C ARG C 309 -25.93 66.90 -9.44
N ILE C 310 -26.17 66.87 -10.75
CA ILE C 310 -25.08 66.96 -11.70
C ILE C 310 -24.32 68.25 -11.46
N HIS C 311 -25.06 69.34 -11.32
CA HIS C 311 -24.48 70.69 -11.18
C HIS C 311 -23.69 70.85 -9.88
N GLN C 312 -24.27 70.28 -8.83
CA GLN C 312 -23.71 70.42 -7.52
C GLN C 312 -22.45 69.57 -7.41
N ASP C 313 -22.36 68.52 -8.24
CA ASP C 313 -21.13 67.72 -8.33
C ASP C 313 -20.01 68.50 -9.00
N GLY C 314 -20.39 69.52 -9.75
CA GLY C 314 -19.43 70.46 -10.30
C GLY C 314 -18.84 70.15 -11.67
N ILE C 315 -19.62 69.45 -12.51
CA ILE C 315 -19.18 68.94 -13.83
C ILE C 315 -18.83 70.04 -14.82
N HIS C 316 -17.69 69.92 -15.47
CA HIS C 316 -17.34 70.82 -16.57
C HIS C 316 -17.82 70.31 -17.90
N ILE C 317 -17.53 69.05 -18.22
CA ILE C 317 -18.03 68.45 -19.46
C ILE C 317 -18.95 67.27 -19.20
N LEU C 318 -20.18 67.38 -19.69
CA LEU C 318 -21.17 66.35 -19.49
C LEU C 318 -21.31 65.64 -20.82
N VAL C 319 -21.14 64.31 -20.79
CA VAL C 319 -21.12 63.50 -21.99
C VAL C 319 -22.41 62.69 -22.16
N ASN C 320 -23.10 62.90 -23.27
CA ASN C 320 -24.35 62.19 -23.59
C ASN C 320 -24.02 60.95 -24.40
N MET C 321 -24.16 59.77 -23.77
CA MET C 321 -23.86 58.52 -24.45
C MET C 321 -25.11 57.84 -25.00
N ASN C 322 -26.20 58.57 -25.04
CA ASN C 322 -27.48 57.94 -25.28
C ASN C 322 -28.15 58.47 -26.51
N GLY C 323 -28.09 59.78 -26.71
CA GLY C 323 -28.83 60.41 -27.78
C GLY C 323 -30.29 60.05 -27.64
N TYR C 324 -30.87 59.47 -28.68
CA TYR C 324 -32.29 59.11 -28.67
C TYR C 324 -32.51 57.63 -28.58
N THR C 325 -31.65 56.96 -27.83
CA THR C 325 -31.82 55.54 -27.61
C THR C 325 -32.68 55.31 -26.35
N LYS C 326 -33.25 54.12 -26.22
CA LYS C 326 -34.06 53.74 -25.05
C LYS C 326 -33.32 54.05 -23.76
N GLY C 327 -34.05 54.62 -22.79
CA GLY C 327 -33.51 54.85 -21.47
C GLY C 327 -32.97 56.24 -21.26
N ALA C 328 -32.70 56.95 -22.36
CA ALA C 328 -32.18 58.33 -22.34
C ALA C 328 -33.01 59.25 -21.48
N ARG C 329 -32.36 60.26 -20.95
CA ARG C 329 -33.06 61.30 -20.22
C ARG C 329 -32.44 62.63 -20.63
N ASN C 330 -32.69 63.03 -21.88
CA ASN C 330 -32.09 64.24 -22.44
C ASN C 330 -32.59 65.53 -21.79
N GLU C 331 -33.74 65.44 -21.13
CA GLU C 331 -34.20 66.47 -20.23
C GLU C 331 -33.05 66.96 -19.33
N LEU C 332 -32.20 66.04 -18.86
CA LEU C 332 -31.04 66.39 -18.04
C LEU C 332 -30.12 67.32 -18.78
N PHE C 333 -29.93 67.08 -20.07
CA PHE C 333 -29.02 67.91 -20.84
C PHE C 333 -29.69 69.22 -21.21
N ALA C 334 -30.98 69.15 -21.48
CA ALA C 334 -31.76 70.33 -21.84
C ALA C 334 -31.77 71.30 -20.68
N LEU C 335 -31.79 70.80 -19.45
CA LEU C 335 -31.68 71.65 -18.26
C LEU C 335 -30.34 72.36 -18.20
N ARG C 336 -29.37 71.83 -18.93
CA ARG C 336 -28.10 72.51 -19.12
C ARG C 336 -27.31 72.78 -17.82
N PRO C 337 -26.88 71.71 -17.10
CA PRO C 337 -26.18 71.86 -15.81
C PRO C 337 -24.70 71.90 -15.94
N ALA C 338 -24.18 71.71 -17.13
CA ALA C 338 -22.73 71.83 -17.30
C ALA C 338 -22.43 72.79 -18.43
N PRO C 339 -21.30 73.50 -18.34
CA PRO C 339 -20.90 74.51 -19.33
C PRO C 339 -20.62 73.99 -20.73
N ILE C 340 -20.15 72.75 -20.84
CA ILE C 340 -19.90 72.08 -22.11
C ILE C 340 -20.61 70.74 -22.09
N GLN C 341 -21.34 70.40 -23.16
CA GLN C 341 -22.04 69.13 -23.24
C GLN C 341 -21.80 68.45 -24.60
N ALA C 342 -21.33 67.20 -24.61
CA ALA C 342 -20.94 66.55 -25.85
C ALA C 342 -21.65 65.24 -26.05
N MET C 343 -22.02 64.96 -27.29
CA MET C 343 -22.53 63.66 -27.70
C MET C 343 -21.32 62.76 -27.87
N TRP C 344 -21.41 61.52 -27.40
CA TRP C 344 -20.29 60.58 -27.59
C TRP C 344 -20.73 59.11 -27.75
N LEU C 345 -20.21 58.48 -28.80
CA LEU C 345 -20.17 57.03 -28.92
C LEU C 345 -21.49 56.23 -28.99
N GLY C 346 -22.44 56.49 -28.11
CA GLY C 346 -23.63 55.65 -28.02
C GLY C 346 -24.67 55.82 -29.09
N TYR C 347 -24.78 57.04 -29.62
CA TYR C 347 -25.79 57.37 -30.61
C TYR C 347 -25.16 57.86 -31.91
N PRO C 348 -25.43 57.18 -33.05
CA PRO C 348 -24.76 57.45 -34.34
C PRO C 348 -25.45 58.50 -35.21
N GLY C 349 -25.60 59.71 -34.70
CA GLY C 349 -26.24 60.77 -35.46
C GLY C 349 -26.27 62.06 -34.66
N THR C 350 -26.74 63.13 -35.29
CA THR C 350 -26.92 64.38 -34.58
C THR C 350 -28.14 64.34 -33.68
N SER C 351 -28.11 65.17 -32.64
CA SER C 351 -29.21 65.31 -31.72
C SER C 351 -30.17 66.37 -32.23
N GLY C 352 -29.63 67.26 -33.05
CA GLY C 352 -30.40 68.37 -33.60
C GLY C 352 -30.73 69.44 -32.57
N ALA C 353 -30.36 69.17 -31.33
CA ALA C 353 -30.78 70.00 -30.21
C ALA C 353 -29.76 71.09 -29.93
N LEU C 354 -30.25 72.22 -29.44
CA LEU C 354 -29.38 73.36 -29.06
C LEU C 354 -28.60 73.11 -27.79
N PHE C 355 -29.15 72.30 -26.87
CA PHE C 355 -28.47 72.03 -25.60
C PHE C 355 -27.18 71.22 -25.70
N MET C 356 -26.97 70.54 -26.82
CA MET C 356 -25.74 69.77 -27.03
C MET C 356 -24.77 70.61 -27.82
N ASP C 357 -23.57 70.77 -27.31
CA ASP C 357 -22.58 71.65 -27.89
C ASP C 357 -21.75 70.99 -28.94
N TYR C 358 -21.08 69.89 -28.57
CA TYR C 358 -20.21 69.16 -29.52
C TYR C 358 -20.70 67.76 -29.79
N ILE C 359 -20.27 67.21 -30.92
CA ILE C 359 -20.33 65.78 -31.14
C ILE C 359 -18.91 65.26 -31.27
N ILE C 360 -18.56 64.27 -30.47
CA ILE C 360 -17.23 63.67 -30.58
C ILE C 360 -17.25 62.66 -31.72
N THR C 361 -16.45 62.94 -32.73
CA THR C 361 -16.42 62.13 -33.93
C THR C 361 -15.00 62.16 -34.51
N ASP C 362 -14.84 61.92 -35.80
CA ASP C 362 -13.51 62.01 -36.39
C ASP C 362 -13.61 62.43 -37.82
N GLN C 363 -12.46 62.61 -38.45
CA GLN C 363 -12.40 63.19 -39.78
C GLN C 363 -12.87 62.27 -40.92
N GLU C 364 -12.84 60.97 -40.68
CA GLU C 364 -13.33 60.02 -41.68
C GLU C 364 -14.84 59.77 -41.57
N THR C 365 -15.36 59.86 -40.36
CA THR C 365 -16.76 59.64 -40.10
C THR C 365 -17.54 60.88 -40.50
N SER C 366 -17.08 62.03 -40.01
CA SER C 366 -17.72 63.29 -40.29
C SER C 366 -16.74 64.27 -40.91
N PRO C 367 -16.44 64.13 -42.22
CA PRO C 367 -15.57 65.13 -42.84
C PRO C 367 -16.20 66.52 -42.82
N ALA C 368 -15.38 67.58 -42.86
CA ALA C 368 -15.90 68.95 -42.73
C ALA C 368 -16.90 69.34 -43.83
N GLU C 369 -16.75 68.76 -45.02
CA GLU C 369 -17.71 68.93 -46.12
C GLU C 369 -19.14 68.76 -45.64
N VAL C 370 -19.38 67.82 -44.73
CA VAL C 370 -20.75 67.52 -44.31
C VAL C 370 -21.11 68.04 -42.92
N ALA C 371 -20.47 69.13 -42.48
CA ALA C 371 -20.74 69.70 -41.15
C ALA C 371 -22.20 70.08 -40.95
N GLU C 372 -22.91 70.25 -42.06
CA GLU C 372 -24.28 70.76 -42.06
C GLU C 372 -25.29 69.67 -41.69
N GLN C 373 -24.82 68.42 -41.58
CA GLN C 373 -25.64 67.28 -41.15
C GLN C 373 -25.89 67.37 -39.66
N TYR C 374 -24.97 68.01 -38.94
CA TYR C 374 -25.00 68.03 -37.48
C TYR C 374 -25.30 69.41 -36.94
N SER C 375 -26.09 69.47 -35.87
CA SER C 375 -26.38 70.72 -35.20
C SER C 375 -25.27 71.08 -34.24
N GLU C 376 -24.55 70.07 -33.78
CA GLU C 376 -23.44 70.27 -32.85
C GLU C 376 -22.21 70.67 -33.63
N LYS C 377 -21.21 71.21 -32.95
CA LYS C 377 -19.92 71.45 -33.58
C LYS C 377 -19.13 70.16 -33.49
N LEU C 378 -18.35 69.89 -34.51
CA LEU C 378 -17.59 68.67 -34.60
C LEU C 378 -16.38 68.72 -33.70
N ALA C 379 -16.13 67.69 -32.92
CA ALA C 379 -14.88 67.60 -32.17
C ALA C 379 -14.19 66.33 -32.59
N TYR C 380 -12.96 66.45 -33.11
CA TYR C 380 -12.27 65.32 -33.75
C TYR C 380 -11.32 64.56 -32.85
N MET C 381 -11.55 63.25 -32.73
CA MET C 381 -10.51 62.35 -32.29
C MET C 381 -9.53 62.18 -33.46
N PRO C 382 -8.26 61.89 -33.15
CA PRO C 382 -7.25 61.87 -34.18
C PRO C 382 -7.26 60.65 -35.11
N HIS C 383 -7.98 59.58 -34.75
CA HIS C 383 -8.04 58.43 -35.65
C HIS C 383 -9.44 57.93 -35.96
N THR C 384 -10.10 57.42 -34.93
CA THR C 384 -11.50 57.09 -35.02
C THR C 384 -12.11 57.35 -33.67
N PHE C 385 -13.37 57.76 -33.64
CA PHE C 385 -14.04 58.00 -32.39
C PHE C 385 -14.49 56.68 -31.82
N PHE C 386 -14.48 55.65 -32.65
CA PHE C 386 -14.90 54.35 -32.18
C PHE C 386 -13.82 53.67 -31.35
N ILE C 387 -14.24 52.85 -30.42
CA ILE C 387 -13.33 52.10 -29.58
C ILE C 387 -14.06 50.85 -29.14
N GLY C 388 -13.31 49.84 -28.76
CA GLY C 388 -13.91 48.59 -28.30
C GLY C 388 -13.08 47.98 -27.18
N ASP C 389 -13.72 47.20 -26.32
CA ASP C 389 -12.99 46.68 -25.19
C ASP C 389 -12.45 45.27 -25.44
N HIS C 390 -12.33 44.88 -26.70
CA HIS C 390 -12.08 43.49 -27.03
C HIS C 390 -10.75 42.98 -26.49
N ALA C 391 -9.77 43.87 -26.42
CA ALA C 391 -8.45 43.47 -25.96
C ALA C 391 -8.52 43.04 -24.49
N ASN C 392 -9.45 43.64 -23.75
CA ASN C 392 -9.66 43.35 -22.36
C ASN C 392 -10.63 42.20 -22.16
N MET C 393 -11.68 42.16 -22.97
CA MET C 393 -12.82 41.23 -22.80
C MET C 393 -12.50 39.82 -23.30
N PHE C 394 -11.81 39.76 -24.44
CA PHE C 394 -11.57 38.54 -25.18
C PHE C 394 -10.09 38.36 -25.51
N PRO C 395 -9.19 38.42 -24.52
CA PRO C 395 -7.79 38.24 -24.83
C PRO C 395 -7.45 36.83 -25.30
N HIS C 396 -8.35 35.88 -25.10
CA HIS C 396 -8.12 34.51 -25.54
C HIS C 396 -8.16 34.38 -27.06
N LEU C 397 -8.59 35.44 -27.72
CA LEU C 397 -8.57 35.47 -29.18
C LEU C 397 -7.38 36.25 -29.75
N LYS C 398 -6.34 36.47 -28.95
CA LYS C 398 -5.20 37.21 -29.44
C LYS C 398 -4.34 36.30 -30.26
N LYS C 399 -4.35 35.02 -29.93
CA LYS C 399 -3.58 34.02 -30.65
C LYS C 399 -4.51 32.88 -30.99
N LYS C 400 -4.21 32.16 -32.07
CA LYS C 400 -5.01 31.00 -32.41
C LYS C 400 -4.12 29.87 -32.84
N ALA C 401 -4.72 28.70 -33.04
CA ALA C 401 -4.05 27.53 -33.58
C ALA C 401 -5.08 26.75 -34.35
N VAL C 402 -4.64 25.95 -35.32
CA VAL C 402 -5.57 25.21 -36.17
C VAL C 402 -5.25 23.74 -36.20
N ILE C 403 -6.23 22.94 -36.60
CA ILE C 403 -6.04 21.53 -36.85
C ILE C 403 -6.08 21.30 -38.35
N ASP C 404 -5.09 20.60 -38.86
CA ASP C 404 -5.04 20.21 -40.27
C ASP C 404 -5.72 18.86 -40.46
N PHE C 405 -6.76 18.81 -41.30
CA PHE C 405 -7.55 17.58 -41.44
C PHE C 405 -7.54 16.94 -42.86
N LYS C 406 -6.48 17.18 -43.63
CA LYS C 406 -6.32 16.57 -44.96
C LYS C 406 -5.37 15.37 -44.97
N ILE C 411 -3.24 23.83 -45.38
CA ILE C 411 -3.06 24.64 -44.16
C ILE C 411 -3.96 25.87 -44.14
N TYR C 412 -5.17 25.66 -43.63
CA TYR C 412 -6.17 26.72 -43.59
C TYR C 412 -6.25 27.35 -42.21
N ASP C 413 -6.39 28.67 -42.16
CA ASP C 413 -6.43 29.39 -40.90
C ASP C 413 -7.82 29.46 -40.25
N ASN C 414 -8.83 28.90 -40.87
CA ASN C 414 -10.20 29.12 -40.40
C ASN C 414 -11.18 27.98 -40.58
N ARG C 415 -10.69 26.76 -40.47
CA ARG C 415 -11.56 25.59 -40.62
C ARG C 415 -11.84 24.91 -39.29
N ILE C 416 -10.77 24.66 -38.52
CA ILE C 416 -10.88 24.23 -37.13
C ILE C 416 -9.94 25.10 -36.34
N VAL C 417 -10.48 25.83 -35.37
CA VAL C 417 -9.69 26.84 -34.66
C VAL C 417 -9.67 26.60 -33.16
N LEU C 418 -8.51 26.76 -32.54
CA LEU C 418 -8.41 26.71 -31.09
C LEU C 418 -7.96 28.05 -30.52
N ASN C 419 -8.61 28.47 -29.44
CA ASN C 419 -8.21 29.64 -28.69
C ASN C 419 -8.21 29.31 -27.23
N GLY C 420 -7.36 30.00 -26.48
CA GLY C 420 -7.36 29.84 -25.04
C GLY C 420 -6.16 30.48 -24.41
N ILE C 421 -6.32 30.92 -23.17
CA ILE C 421 -5.24 31.55 -22.43
C ILE C 421 -4.02 30.62 -22.30
N ASP C 422 -4.29 29.33 -22.10
CA ASP C 422 -3.25 28.31 -21.90
C ASP C 422 -3.03 27.49 -23.16
N LEU C 423 -3.26 28.08 -24.33
CA LEU C 423 -3.12 27.35 -25.59
C LEU C 423 -1.66 26.95 -25.79
N LYS C 424 -0.73 27.88 -25.61
CA LYS C 424 0.71 27.60 -25.74
C LYS C 424 1.14 26.37 -24.92
N ALA C 425 0.78 26.35 -23.64
CA ALA C 425 1.13 25.24 -22.75
C ALA C 425 0.59 23.88 -23.24
N PHE C 426 -0.63 23.86 -23.77
CA PHE C 426 -1.24 22.67 -24.34
C PHE C 426 -0.48 22.20 -25.56
N LEU C 427 -0.15 23.12 -26.46
CA LEU C 427 0.60 22.81 -27.66
C LEU C 427 1.97 22.27 -27.34
N ASP C 428 2.59 22.78 -26.29
CA ASP C 428 3.90 22.29 -25.89
C ASP C 428 3.85 20.85 -25.40
N SER C 429 2.69 20.37 -24.99
CA SER C 429 2.56 18.98 -24.57
C SER C 429 2.30 18.04 -25.73
N LEU C 430 2.15 18.60 -26.93
CA LEU C 430 1.86 17.80 -28.12
C LEU C 430 3.11 17.51 -28.91
N PRO C 431 3.16 16.33 -29.56
CA PRO C 431 4.40 15.94 -30.21
C PRO C 431 4.74 16.69 -31.53
N ASP C 432 3.77 16.80 -32.45
CA ASP C 432 4.08 17.10 -33.85
C ASP C 432 3.62 18.44 -34.38
N VAL C 433 3.55 19.44 -33.50
CA VAL C 433 3.05 20.75 -33.84
C VAL C 433 3.98 21.48 -34.83
N LYS C 434 3.44 21.91 -35.98
CA LYS C 434 4.21 22.69 -36.97
C LYS C 434 3.87 24.15 -36.81
N ILE C 435 4.84 25.03 -36.97
CA ILE C 435 4.63 26.46 -36.77
C ILE C 435 4.71 27.25 -38.08
N VAL C 436 3.57 27.53 -38.70
CA VAL C 436 3.47 28.38 -39.90
C VAL C 436 3.73 29.85 -39.54
N LYS C 437 4.64 30.48 -40.27
CA LYS C 437 5.00 31.87 -39.99
C LYS C 437 4.10 32.87 -40.73
N MET C 438 3.89 34.03 -40.12
CA MET C 438 3.06 35.08 -40.74
C MET C 438 3.90 36.32 -41.10
N LEU C 454 1.98 37.73 -35.35
CA LEU C 454 2.86 36.71 -34.77
C LEU C 454 3.17 35.54 -35.76
N ASN C 455 2.50 34.40 -35.57
CA ASN C 455 2.68 33.15 -36.35
C ASN C 455 1.67 32.12 -35.83
N MET C 456 1.37 31.09 -36.60
CA MET C 456 0.22 30.23 -36.29
C MET C 456 0.50 28.73 -36.20
N PRO C 457 0.41 28.17 -34.99
CA PRO C 457 0.64 26.74 -34.79
C PRO C 457 -0.42 25.86 -35.46
N VAL C 458 0.01 24.72 -36.00
CA VAL C 458 -0.87 23.77 -36.69
C VAL C 458 -0.71 22.37 -36.14
N ILE C 459 -1.75 21.85 -35.50
CA ILE C 459 -1.76 20.48 -35.04
C ILE C 459 -2.05 19.56 -36.22
N PRO C 460 -1.23 18.51 -36.41
CA PRO C 460 -1.44 17.55 -37.49
C PRO C 460 -2.51 16.56 -37.11
N MET C 461 -3.06 15.84 -38.09
CA MET C 461 -4.12 14.88 -37.85
C MET C 461 -3.62 13.62 -37.16
N ASN C 462 -3.47 13.66 -35.83
CA ASN C 462 -3.07 12.48 -35.06
C ASN C 462 -4.25 11.93 -34.27
N THR C 463 -4.00 11.15 -33.23
CA THR C 463 -5.08 10.60 -32.39
C THR C 463 -5.75 11.72 -31.59
N ILE C 464 -4.93 12.65 -31.10
CA ILE C 464 -5.39 13.82 -30.36
C ILE C 464 -6.34 14.65 -31.21
N ALA C 465 -5.91 15.06 -32.40
CA ALA C 465 -6.79 15.77 -33.32
C ALA C 465 -8.14 15.07 -33.55
N GLU C 466 -8.12 13.74 -33.58
CA GLU C 466 -9.32 12.97 -33.82
C GLU C 466 -10.27 12.98 -32.66
N ALA C 467 -9.71 12.97 -31.44
CA ALA C 467 -10.52 13.07 -30.19
C ALA C 467 -11.25 14.40 -30.13
N VAL C 468 -10.56 15.47 -30.52
CA VAL C 468 -11.13 16.81 -30.57
C VAL C 468 -12.26 16.86 -31.58
N ILE C 469 -12.01 16.35 -32.78
CA ILE C 469 -13.02 16.35 -33.84
C ILE C 469 -14.21 15.50 -33.45
N GLU C 470 -13.96 14.40 -32.74
CA GLU C 470 -15.06 13.52 -32.31
C GLU C 470 -15.96 14.23 -31.33
N MET C 471 -15.37 15.01 -30.41
CA MET C 471 -16.13 15.81 -29.46
C MET C 471 -17.08 16.72 -30.21
N ILE C 472 -16.52 17.46 -31.16
CA ILE C 472 -17.29 18.37 -32.00
C ILE C 472 -18.42 17.64 -32.76
N ASN C 473 -18.12 16.49 -33.38
CA ASN C 473 -19.10 15.79 -34.20
C ASN C 473 -20.20 15.14 -33.37
N ARG C 474 -19.84 14.51 -32.25
CA ARG C 474 -20.83 13.90 -31.38
C ARG C 474 -21.61 14.99 -30.58
N GLY C 475 -21.13 16.23 -30.63
CA GLY C 475 -21.73 17.35 -29.92
C GLY C 475 -21.62 17.23 -28.41
N GLN C 476 -20.43 16.95 -27.91
CA GLN C 476 -20.22 16.82 -26.48
C GLN C 476 -19.71 18.14 -25.94
N ILE C 477 -19.93 18.37 -24.65
CA ILE C 477 -19.55 19.61 -23.98
C ILE C 477 -18.04 19.85 -23.96
N GLN C 478 -17.25 18.86 -23.53
CA GLN C 478 -15.84 19.05 -23.25
C GLN C 478 -15.12 17.71 -23.20
N ILE C 479 -13.80 17.75 -23.33
CA ILE C 479 -12.97 16.58 -23.17
C ILE C 479 -11.72 17.00 -22.40
N THR C 480 -10.89 16.04 -22.02
CA THR C 480 -9.58 16.32 -21.42
C THR C 480 -8.51 15.70 -22.31
N ILE C 481 -7.42 16.43 -22.55
CA ILE C 481 -6.26 15.90 -23.25
C ILE C 481 -5.01 16.36 -22.54
N ASN C 482 -4.22 15.42 -22.02
CA ASN C 482 -2.97 15.74 -21.33
C ASN C 482 -3.20 16.67 -20.14
N GLY C 483 -4.39 16.55 -19.54
CA GLY C 483 -4.77 17.33 -18.38
C GLY C 483 -5.35 18.70 -18.64
N PHE C 484 -5.34 19.10 -19.91
CA PHE C 484 -5.94 20.37 -20.34
C PHE C 484 -7.41 20.18 -20.67
N SER C 485 -8.24 21.15 -20.28
CA SER C 485 -9.67 21.14 -20.61
C SER C 485 -9.89 21.73 -21.98
N ILE C 486 -10.50 20.94 -22.85
CA ILE C 486 -10.81 21.34 -24.22
C ILE C 486 -12.34 21.41 -24.31
N SER C 487 -12.85 22.59 -24.61
CA SER C 487 -14.28 22.86 -24.59
C SER C 487 -14.86 23.03 -25.98
N ASN C 488 -16.08 22.56 -26.16
CA ASN C 488 -16.82 22.72 -27.39
C ASN C 488 -17.34 24.14 -27.50
N GLY C 489 -17.00 24.84 -28.57
CA GLY C 489 -17.36 26.25 -28.74
C GLY C 489 -18.84 26.59 -28.68
N LEU C 490 -19.68 25.59 -28.94
CA LEU C 490 -21.12 25.76 -28.89
C LEU C 490 -21.70 25.60 -27.49
N ALA C 491 -20.89 25.14 -26.56
CA ALA C 491 -21.41 24.80 -25.25
C ALA C 491 -20.88 25.70 -24.12
N THR C 492 -20.44 26.91 -24.43
CA THR C 492 -19.76 27.67 -23.40
C THR C 492 -20.68 28.16 -22.29
N THR C 493 -21.95 28.44 -22.60
CA THR C 493 -22.83 28.91 -21.52
C THR C 493 -23.05 27.82 -20.49
N GLN C 494 -22.79 26.58 -20.85
CA GLN C 494 -22.93 25.47 -19.91
C GLN C 494 -21.68 25.27 -19.11
N ILE C 495 -20.55 25.69 -19.67
CA ILE C 495 -19.27 25.51 -19.01
C ILE C 495 -19.08 26.63 -18.00
N ASN C 496 -19.25 27.87 -18.46
CA ASN C 496 -19.03 29.06 -17.66
C ASN C 496 -19.84 30.21 -18.25
N ASN C 497 -21.10 30.34 -17.82
CA ASN C 497 -22.01 31.36 -18.30
C ASN C 497 -21.46 32.80 -18.33
N LYS C 498 -20.63 33.17 -17.37
CA LYS C 498 -20.07 34.53 -17.34
C LYS C 498 -19.07 34.72 -18.46
N ALA C 499 -18.40 33.65 -18.88
CA ALA C 499 -17.45 33.73 -19.98
C ALA C 499 -18.21 33.88 -21.27
N ALA C 500 -19.38 33.26 -21.34
CA ALA C 500 -20.20 33.33 -22.55
C ALA C 500 -20.65 34.76 -22.89
N THR C 501 -20.91 35.57 -21.86
CA THR C 501 -21.46 36.90 -22.04
C THR C 501 -20.38 37.95 -22.18
N GLY C 502 -19.14 37.58 -21.91
CA GLY C 502 -18.04 38.51 -21.97
C GLY C 502 -17.69 39.11 -20.62
N GLU C 503 -18.40 38.68 -19.57
CA GLU C 503 -18.11 39.17 -18.25
C GLU C 503 -16.83 38.59 -17.63
N GLU C 504 -16.41 37.42 -18.11
CA GLU C 504 -15.17 36.77 -17.69
C GLU C 504 -14.43 36.30 -18.93
N VAL C 505 -13.10 36.18 -18.79
CA VAL C 505 -12.30 35.52 -19.81
C VAL C 505 -12.44 34.02 -19.53
N PRO C 506 -12.72 33.20 -20.57
CA PRO C 506 -12.77 31.73 -20.45
C PRO C 506 -11.47 31.13 -19.91
N ARG C 507 -11.58 30.11 -19.07
CA ARG C 507 -10.41 29.46 -18.47
C ARG C 507 -10.10 28.09 -19.09
N THR C 508 -10.77 27.77 -20.18
CA THR C 508 -10.50 26.56 -20.92
C THR C 508 -10.04 26.85 -22.37
N ILE C 509 -9.55 25.83 -23.06
CA ILE C 509 -9.21 25.96 -24.47
C ILE C 509 -10.47 25.64 -25.27
N ILE C 510 -10.82 26.50 -26.23
CA ILE C 510 -12.09 26.38 -26.92
C ILE C 510 -11.93 26.10 -28.42
N VAL C 511 -12.55 25.01 -28.87
CA VAL C 511 -12.55 24.61 -30.28
C VAL C 511 -13.74 25.20 -31.01
N THR C 512 -13.46 25.81 -32.15
CA THR C 512 -14.47 26.43 -33.02
C THR C 512 -14.23 25.88 -34.42
N THR C 513 -15.26 25.30 -35.02
CA THR C 513 -15.14 24.72 -36.36
C THR C 513 -16.25 25.15 -37.33
N ARG C 514 -15.96 25.11 -38.62
CA ARG C 514 -16.98 25.38 -39.62
C ARG C 514 -18.11 24.39 -39.58
N SER C 515 -17.78 23.12 -39.40
CA SER C 515 -18.81 22.06 -39.38
C SER C 515 -19.85 22.33 -38.31
N GLN C 516 -19.46 22.88 -37.16
CA GLN C 516 -20.41 23.28 -36.10
C GLN C 516 -21.56 24.09 -36.62
N TYR C 517 -21.31 24.99 -37.58
CA TYR C 517 -22.34 25.92 -38.07
C TYR C 517 -22.86 25.58 -39.48
N GLY C 518 -22.50 24.42 -40.00
CA GLY C 518 -22.99 24.00 -41.30
C GLY C 518 -22.34 24.72 -42.47
N LEU C 519 -21.16 25.27 -42.28
CA LEU C 519 -20.44 25.97 -43.32
C LEU C 519 -19.58 24.93 -44.03
N PRO C 520 -19.47 25.04 -45.36
CA PRO C 520 -18.68 24.08 -46.13
C PRO C 520 -17.20 24.22 -45.84
N GLU C 521 -16.54 23.09 -45.62
CA GLU C 521 -15.14 23.08 -45.23
C GLU C 521 -14.24 23.85 -46.20
N ASP C 522 -14.48 23.72 -47.49
CA ASP C 522 -13.56 24.19 -48.52
C ASP C 522 -14.08 25.38 -49.34
N ALA C 523 -14.80 26.30 -48.70
CA ALA C 523 -15.46 27.38 -49.42
C ALA C 523 -15.00 28.75 -48.96
N ILE C 524 -15.26 29.77 -49.78
CA ILE C 524 -14.98 31.12 -49.35
C ILE C 524 -16.20 31.57 -48.58
N VAL C 525 -16.04 31.96 -47.32
CA VAL C 525 -17.18 32.35 -46.50
C VAL C 525 -17.23 33.85 -46.32
N TYR C 526 -18.30 34.47 -46.81
CA TYR C 526 -18.56 35.90 -46.64
C TYR C 526 -19.60 36.06 -45.57
N CYS C 527 -19.27 36.80 -44.53
CA CYS C 527 -20.19 36.91 -43.41
C CYS C 527 -20.76 38.32 -43.24
N ASN C 528 -21.95 38.39 -42.68
CA ASN C 528 -22.41 39.62 -42.05
C ASN C 528 -23.25 39.29 -40.84
N PHE C 529 -22.75 39.69 -39.68
CA PHE C 529 -23.41 39.38 -38.43
C PHE C 529 -24.31 40.51 -37.89
N ASN C 530 -24.60 41.53 -38.69
CA ASN C 530 -25.51 42.57 -38.24
C ASN C 530 -26.90 42.08 -38.17
N GLN C 531 -27.77 42.85 -37.51
CA GLN C 531 -29.21 42.62 -37.56
C GLN C 531 -29.68 42.85 -38.99
N LEU C 532 -30.71 42.12 -39.41
CA LEU C 532 -31.07 42.12 -40.81
C LEU C 532 -31.66 43.44 -41.29
N TYR C 533 -32.21 44.26 -40.39
CA TYR C 533 -32.77 45.57 -40.79
C TYR C 533 -31.77 46.46 -41.55
N LYS C 534 -30.48 46.19 -41.41
CA LYS C 534 -29.45 47.00 -42.08
C LYS C 534 -29.26 46.65 -43.57
N ILE C 535 -29.87 45.56 -43.99
CA ILE C 535 -29.83 45.14 -45.38
C ILE C 535 -31.00 45.78 -46.15
N ASP C 536 -30.74 46.18 -47.38
CA ASP C 536 -31.77 46.65 -48.29
C ASP C 536 -31.59 45.93 -49.63
N PRO C 537 -32.54 46.07 -50.56
CA PRO C 537 -32.45 45.31 -51.81
C PRO C 537 -31.20 45.54 -52.63
N SER C 538 -30.61 46.73 -52.54
CA SER C 538 -29.41 47.02 -53.27
C SER C 538 -28.28 46.23 -52.67
N THR C 539 -28.19 46.25 -51.34
CA THR C 539 -27.12 45.56 -50.64
C THR C 539 -27.17 44.09 -51.00
N LEU C 540 -28.34 43.49 -50.97
CA LEU C 540 -28.46 42.08 -51.27
C LEU C 540 -28.08 41.80 -52.71
N GLN C 541 -28.44 42.71 -53.60
CA GLN C 541 -28.05 42.60 -54.99
C GLN C 541 -26.53 42.57 -55.12
N MET C 542 -25.86 43.55 -54.54
CA MET C 542 -24.40 43.58 -54.46
C MET C 542 -23.79 42.25 -54.06
N TRP C 543 -24.40 41.60 -53.07
CA TRP C 543 -23.87 40.39 -52.52
C TRP C 543 -24.11 39.25 -53.46
N ALA C 544 -25.30 39.21 -54.06
CA ALA C 544 -25.60 38.23 -55.09
C ALA C 544 -24.59 38.31 -56.22
N ASN C 545 -24.26 39.53 -56.62
CA ASN C 545 -23.24 39.76 -57.61
C ASN C 545 -21.92 39.13 -57.24
N ILE C 546 -21.47 39.39 -56.02
CA ILE C 546 -20.22 38.85 -55.53
C ILE C 546 -20.28 37.32 -55.50
N LEU C 547 -21.37 36.77 -55.03
CA LEU C 547 -21.48 35.32 -54.91
C LEU C 547 -21.47 34.61 -56.25
N LYS C 548 -22.08 35.18 -57.27
CA LYS C 548 -22.03 34.59 -58.61
C LYS C 548 -20.61 34.61 -59.19
N ARG C 549 -19.87 35.69 -58.95
CA ARG C 549 -18.54 35.86 -59.51
C ARG C 549 -17.48 35.05 -58.79
N VAL C 550 -17.77 34.61 -57.57
CA VAL C 550 -16.82 33.80 -56.80
C VAL C 550 -17.44 32.44 -56.57
N PRO C 551 -17.21 31.51 -57.50
CA PRO C 551 -18.04 30.30 -57.40
C PRO C 551 -17.59 29.42 -56.24
N ASN C 552 -18.52 28.63 -55.69
CA ASN C 552 -18.35 27.83 -54.46
C ASN C 552 -18.50 28.62 -53.12
N SER C 553 -18.36 29.95 -53.17
CA SER C 553 -18.53 30.82 -52.00
C SER C 553 -19.94 30.75 -51.37
N VAL C 554 -20.03 31.14 -50.10
CA VAL C 554 -21.30 31.23 -49.41
C VAL C 554 -21.40 32.53 -48.65
N LEU C 555 -22.62 32.93 -48.33
CA LEU C 555 -22.85 34.09 -47.49
C LEU C 555 -23.38 33.64 -46.13
N TRP C 556 -22.82 34.20 -45.06
CA TRP C 556 -23.16 33.77 -43.71
C TRP C 556 -23.90 34.87 -42.97
N LEU C 557 -25.17 34.63 -42.66
CA LEU C 557 -26.00 35.65 -42.03
C LEU C 557 -26.63 35.08 -40.79
N LEU C 558 -27.19 35.94 -39.94
CA LEU C 558 -27.83 35.50 -38.71
C LEU C 558 -29.36 35.58 -38.76
N ARG C 559 -30.02 34.70 -38.00
CA ARG C 559 -31.47 34.75 -37.80
C ARG C 559 -31.71 35.84 -36.78
N PHE C 560 -31.63 37.08 -37.24
CA PHE C 560 -31.57 38.25 -36.40
C PHE C 560 -32.47 39.40 -36.91
N PRO C 561 -33.82 39.21 -36.90
CA PRO C 561 -34.61 38.11 -36.34
C PRO C 561 -34.90 36.98 -37.30
N ALA C 562 -35.17 35.80 -36.75
CA ALA C 562 -35.45 34.56 -37.52
C ALA C 562 -36.49 34.70 -38.61
N VAL C 563 -37.52 35.50 -38.36
CA VAL C 563 -38.63 35.59 -39.32
C VAL C 563 -38.20 36.32 -40.57
N GLY C 564 -37.06 37.00 -40.49
CA GLY C 564 -36.51 37.66 -41.65
C GLY C 564 -35.78 36.72 -42.60
N GLU C 565 -35.39 35.54 -42.12
CA GLU C 565 -34.66 34.58 -42.93
C GLU C 565 -35.43 34.15 -44.19
N PRO C 566 -36.68 33.64 -44.04
CA PRO C 566 -37.39 33.21 -45.25
C PRO C 566 -37.55 34.31 -46.30
N ASN C 567 -37.70 35.56 -45.86
CA ASN C 567 -37.79 36.69 -46.78
C ASN C 567 -36.51 36.90 -47.60
N ILE C 568 -35.35 36.82 -46.96
CA ILE C 568 -34.08 36.96 -47.66
C ILE C 568 -33.96 35.81 -48.64
N GLN C 569 -34.13 34.58 -48.18
CA GLN C 569 -34.03 33.38 -49.04
C GLN C 569 -34.83 33.58 -50.30
N GLN C 570 -35.99 34.21 -50.14
CA GLN C 570 -36.91 34.49 -51.23
C GLN C 570 -36.27 35.44 -52.25
N TYR C 571 -35.87 36.64 -51.82
CA TYR C 571 -35.27 37.61 -52.72
C TYR C 571 -33.96 37.11 -53.29
N ALA C 572 -33.32 36.21 -52.58
CA ALA C 572 -32.06 35.66 -52.99
C ALA C 572 -32.28 34.78 -54.19
N GLN C 573 -33.37 34.00 -54.17
CA GLN C 573 -33.68 33.09 -55.28
C GLN C 573 -34.19 33.80 -56.50
N ASN C 574 -35.03 34.80 -56.28
CA ASN C 574 -35.29 35.83 -57.27
C ASN C 574 -34.07 36.37 -58.01
N MET C 575 -32.95 36.51 -57.30
CA MET C 575 -31.71 37.04 -57.90
C MET C 575 -30.84 35.92 -58.47
N GLY C 576 -31.39 34.69 -58.49
CA GLY C 576 -30.71 33.51 -59.04
C GLY C 576 -29.67 32.84 -58.16
N LEU C 577 -29.89 32.81 -56.84
CA LEU C 577 -29.00 32.11 -55.90
C LEU C 577 -29.73 30.97 -55.24
N PRO C 578 -29.29 29.72 -55.53
CA PRO C 578 -29.90 28.54 -54.88
C PRO C 578 -29.86 28.67 -53.38
N GLN C 579 -30.84 28.08 -52.69
CA GLN C 579 -30.99 28.23 -51.22
C GLN C 579 -29.70 27.97 -50.43
N ASN C 580 -28.86 27.11 -51.00
CA ASN C 580 -27.65 26.63 -50.35
C ASN C 580 -26.46 27.55 -50.35
N ARG C 581 -26.61 28.72 -50.96
CA ARG C 581 -25.51 29.66 -51.04
C ARG C 581 -25.60 30.67 -49.90
N ILE C 582 -26.70 30.65 -49.17
CA ILE C 582 -26.83 31.51 -48.00
C ILE C 582 -27.12 30.67 -46.77
N ILE C 583 -26.23 30.76 -45.79
CA ILE C 583 -26.33 29.96 -44.59
C ILE C 583 -26.65 30.84 -43.39
N PHE C 584 -27.72 30.48 -42.69
CA PHE C 584 -28.18 31.23 -41.53
C PHE C 584 -27.86 30.50 -40.21
N SER C 585 -27.17 31.20 -39.30
CA SER C 585 -26.95 30.69 -37.94
C SER C 585 -27.76 31.46 -36.92
N PRO C 586 -28.09 30.82 -35.79
CA PRO C 586 -28.79 31.53 -34.74
C PRO C 586 -27.92 32.62 -34.10
N VAL C 587 -28.53 33.54 -33.39
CA VAL C 587 -27.78 34.53 -32.63
C VAL C 587 -27.05 33.85 -31.47
N ALA C 588 -25.78 34.15 -31.29
CA ALA C 588 -24.96 33.49 -30.27
C ALA C 588 -24.78 34.34 -29.02
N PRO C 589 -24.26 33.74 -27.94
CA PRO C 589 -23.82 34.58 -26.82
C PRO C 589 -22.65 35.46 -27.27
N LYS C 590 -22.44 36.58 -26.58
CA LYS C 590 -21.45 37.56 -27.04
C LYS C 590 -20.09 36.93 -27.41
N GLU C 591 -19.55 36.13 -26.51
CA GLU C 591 -18.22 35.57 -26.71
C GLU C 591 -18.19 34.64 -27.92
N GLU C 592 -19.16 33.74 -28.04
CA GLU C 592 -19.20 32.81 -29.18
C GLU C 592 -19.33 33.57 -30.49
N HIS C 593 -20.16 34.62 -30.46
CA HIS C 593 -20.35 35.51 -31.61
C HIS C 593 -19.05 36.13 -32.10
N VAL C 594 -18.32 36.79 -31.23
CA VAL C 594 -16.99 37.31 -31.57
C VAL C 594 -16.04 36.23 -32.10
N ARG C 595 -15.92 35.15 -31.34
CA ARG C 595 -15.03 34.03 -31.66
C ARG C 595 -15.29 33.35 -33.01
N ARG C 596 -16.55 33.19 -33.39
CA ARG C 596 -16.83 32.44 -34.61
C ARG C 596 -16.60 33.27 -35.87
N GLY C 597 -16.38 34.58 -35.73
CA GLY C 597 -15.89 35.38 -36.84
C GLY C 597 -14.59 34.81 -37.43
N GLN C 598 -13.85 34.06 -36.62
CA GLN C 598 -12.58 33.50 -37.04
C GLN C 598 -12.77 32.51 -38.15
N LEU C 599 -13.96 31.92 -38.24
CA LEU C 599 -14.31 30.97 -39.28
C LEU C 599 -14.58 31.57 -40.68
N ALA C 600 -14.92 32.87 -40.72
CA ALA C 600 -15.18 33.57 -41.98
C ALA C 600 -13.89 33.86 -42.73
N ASP C 601 -14.02 34.13 -44.02
CA ASP C 601 -12.90 34.53 -44.84
C ASP C 601 -12.88 36.04 -45.00
N VAL C 602 -14.02 36.62 -45.34
CA VAL C 602 -14.19 38.07 -45.46
C VAL C 602 -15.57 38.46 -44.93
N CYS C 603 -15.70 39.64 -44.37
CA CYS C 603 -17.00 40.06 -43.94
C CYS C 603 -17.45 41.19 -44.83
N LEU C 604 -18.69 41.11 -45.31
CA LEU C 604 -19.25 42.13 -46.17
C LEU C 604 -20.11 43.05 -45.37
N ASP C 605 -19.71 44.31 -45.26
CA ASP C 605 -20.41 45.26 -44.42
C ASP C 605 -21.57 45.97 -45.12
N THR C 606 -22.70 46.05 -44.43
CA THR C 606 -23.92 46.71 -44.91
C THR C 606 -23.65 48.20 -45.12
N PRO C 607 -23.74 48.69 -46.37
CA PRO C 607 -23.55 50.10 -46.68
C PRO C 607 -24.68 51.01 -46.17
N LEU C 608 -25.90 50.49 -45.99
CA LEU C 608 -26.99 51.37 -45.57
C LEU C 608 -26.71 51.96 -44.21
N CYS C 609 -26.44 51.10 -43.25
CA CYS C 609 -26.07 51.48 -41.91
C CYS C 609 -25.03 50.46 -41.51
N ASN C 610 -23.79 50.91 -41.36
CA ASN C 610 -22.64 50.04 -41.08
C ASN C 610 -22.79 49.23 -39.81
N GLY C 611 -22.06 48.11 -39.73
CA GLY C 611 -21.88 47.43 -38.46
C GLY C 611 -21.06 48.35 -37.58
N HIS C 612 -21.51 48.62 -36.36
CA HIS C 612 -20.74 49.50 -35.47
C HIS C 612 -19.94 48.72 -34.46
N THR C 613 -20.59 48.29 -33.38
CA THR C 613 -20.00 47.34 -32.47
C THR C 613 -19.63 46.09 -33.24
N THR C 614 -20.54 45.66 -34.11
CA THR C 614 -20.35 44.49 -34.95
C THR C 614 -19.10 44.56 -35.84
N GLY C 615 -18.77 45.76 -36.32
CA GLY C 615 -17.54 45.98 -37.06
C GLY C 615 -16.29 45.67 -36.24
N MET C 616 -16.23 46.21 -35.02
CA MET C 616 -15.15 45.93 -34.10
C MET C 616 -15.08 44.43 -33.78
N ASP C 617 -16.23 43.80 -33.54
CA ASP C 617 -16.32 42.37 -33.29
C ASP C 617 -15.69 41.52 -34.40
N VAL C 618 -15.91 41.89 -35.65
CA VAL C 618 -15.45 41.09 -36.76
C VAL C 618 -13.97 41.34 -37.02
N LEU C 619 -13.51 42.55 -36.69
CA LEU C 619 -12.11 42.91 -36.89
C LEU C 619 -11.25 42.30 -35.81
N TRP C 620 -11.81 42.11 -34.62
CA TRP C 620 -11.04 41.51 -33.54
C TRP C 620 -10.71 40.04 -33.83
N ALA C 621 -11.56 39.40 -34.63
CA ALA C 621 -11.35 38.03 -35.09
C ALA C 621 -10.30 37.97 -36.20
N GLY C 622 -9.94 39.14 -36.71
CA GLY C 622 -8.92 39.24 -37.73
C GLY C 622 -9.50 38.91 -39.09
N THR C 623 -10.74 39.31 -39.27
CA THR C 623 -11.47 39.04 -40.48
C THR C 623 -11.60 40.34 -41.24
N PRO C 624 -11.04 40.42 -42.46
CA PRO C 624 -11.12 41.67 -43.22
C PRO C 624 -12.57 41.96 -43.53
N MET C 625 -12.89 43.24 -43.60
CA MET C 625 -14.25 43.67 -43.83
C MET C 625 -14.28 44.71 -44.94
N VAL C 626 -15.03 44.43 -46.01
CA VAL C 626 -15.21 45.37 -47.10
C VAL C 626 -16.35 46.33 -46.81
N THR C 627 -16.14 47.61 -47.01
CA THR C 627 -17.16 48.63 -46.68
C THR C 627 -17.30 49.67 -47.80
N MET C 628 -18.47 50.29 -47.87
CA MET C 628 -18.73 51.40 -48.80
C MET C 628 -19.33 52.59 -48.08
N PRO C 629 -18.48 53.53 -47.63
CA PRO C 629 -18.88 54.65 -46.79
C PRO C 629 -19.91 55.51 -47.50
N GLY C 630 -21.05 55.69 -46.86
CA GLY C 630 -22.12 56.47 -47.43
C GLY C 630 -22.03 57.91 -46.99
N GLU C 631 -23.17 58.53 -46.75
CA GLU C 631 -23.21 59.95 -46.45
C GLU C 631 -23.48 60.23 -44.98
N THR C 632 -24.46 59.50 -44.44
CA THR C 632 -24.79 59.55 -43.02
C THR C 632 -23.63 59.06 -42.16
N LEU C 633 -23.53 59.57 -40.94
CA LEU C 633 -22.58 59.07 -39.94
C LEU C 633 -22.65 57.56 -39.84
N ALA C 634 -23.85 57.04 -39.58
CA ALA C 634 -24.06 55.60 -39.41
C ALA C 634 -23.49 54.73 -40.53
N SER C 635 -23.30 55.31 -41.71
CA SER C 635 -22.85 54.55 -42.86
C SER C 635 -21.39 54.78 -43.14
N ARG C 636 -20.71 55.48 -42.24
CA ARG C 636 -19.29 55.78 -42.42
C ARG C 636 -18.36 55.22 -41.36
N VAL C 637 -18.94 54.61 -40.33
CA VAL C 637 -18.21 54.11 -39.15
C VAL C 637 -17.25 52.99 -39.52
N ALA C 638 -17.70 52.06 -40.35
CA ALA C 638 -16.85 50.94 -40.71
C ALA C 638 -15.61 51.43 -41.47
N ALA C 639 -15.79 52.31 -42.44
CA ALA C 639 -14.66 52.93 -43.15
C ALA C 639 -13.66 53.57 -42.18
N SER C 640 -14.22 54.22 -41.16
CA SER C 640 -13.45 54.94 -40.17
C SER C 640 -12.64 53.99 -39.33
N GLN C 641 -13.26 52.87 -38.96
CA GLN C 641 -12.58 51.80 -38.26
C GLN C 641 -11.43 51.28 -39.10
N LEU C 642 -11.66 51.06 -40.40
CA LEU C 642 -10.65 50.44 -41.27
C LEU C 642 -9.51 51.39 -41.54
N THR C 643 -9.84 52.67 -41.72
CA THR C 643 -8.81 53.71 -41.92
C THR C 643 -7.83 53.69 -40.74
N CYS C 644 -8.37 53.68 -39.52
CA CYS C 644 -7.58 53.59 -38.30
C CYS C 644 -6.68 52.37 -38.21
N LEU C 645 -7.24 51.22 -38.59
CA LEU C 645 -6.52 49.96 -38.61
C LEU C 645 -5.41 50.00 -39.64
N GLY C 646 -5.58 50.80 -40.68
CA GLY C 646 -4.61 50.93 -41.75
C GLY C 646 -4.86 50.00 -42.92
N CYS C 647 -6.13 49.86 -43.31
CA CYS C 647 -6.51 49.01 -44.43
C CYS C 647 -7.33 49.72 -45.50
N LEU C 648 -6.75 50.73 -46.15
CA LEU C 648 -7.49 51.50 -47.14
C LEU C 648 -7.95 50.68 -48.36
N GLU C 649 -7.37 49.50 -48.56
CA GLU C 649 -7.74 48.67 -49.71
C GLU C 649 -9.07 47.96 -49.54
N LEU C 650 -9.69 48.11 -48.38
CA LEU C 650 -10.97 47.48 -48.13
C LEU C 650 -12.12 48.47 -48.17
N ILE C 651 -11.82 49.74 -48.46
CA ILE C 651 -12.81 50.80 -48.55
C ILE C 651 -13.17 51.08 -50.02
N ALA C 652 -14.43 50.89 -50.38
CA ALA C 652 -14.88 51.11 -51.77
C ALA C 652 -15.45 52.51 -52.02
N LYS C 653 -15.19 53.06 -53.19
CA LYS C 653 -15.77 54.36 -53.57
C LYS C 653 -17.18 54.25 -54.10
N ASN C 654 -17.54 53.07 -54.62
CA ASN C 654 -18.88 52.80 -55.17
C ASN C 654 -19.22 51.33 -55.14
N ARG C 655 -20.42 50.98 -55.56
CA ARG C 655 -20.86 49.58 -55.55
C ARG C 655 -20.05 48.68 -56.47
N GLN C 656 -19.62 49.18 -57.62
CA GLN C 656 -18.77 48.38 -58.51
C GLN C 656 -17.45 48.06 -57.82
N GLU C 657 -16.89 49.03 -57.09
CA GLU C 657 -15.61 48.80 -56.41
C GLU C 657 -15.74 47.84 -55.25
N TYR C 658 -16.84 47.92 -54.52
CA TYR C 658 -17.15 47.02 -53.41
C TYR C 658 -17.15 45.61 -53.91
N GLU C 659 -17.92 45.33 -54.95
CA GLU C 659 -17.98 44.00 -55.52
C GLU C 659 -16.59 43.52 -55.93
N ASP C 660 -15.79 44.41 -56.50
CA ASP C 660 -14.54 44.04 -57.08
C ASP C 660 -13.53 43.63 -56.03
N ILE C 661 -13.47 44.42 -54.95
CA ILE C 661 -12.62 44.17 -53.80
C ILE C 661 -12.97 42.82 -53.17
N ALA C 662 -14.26 42.59 -52.96
CA ALA C 662 -14.79 41.35 -52.44
C ALA C 662 -14.42 40.16 -53.32
N VAL C 663 -14.58 40.33 -54.62
CA VAL C 663 -14.38 39.24 -55.55
C VAL C 663 -12.91 38.90 -55.66
N LYS C 664 -12.05 39.93 -55.68
CA LYS C 664 -10.62 39.70 -55.63
C LYS C 664 -10.22 38.88 -54.39
N LEU C 665 -10.72 39.27 -53.23
CA LEU C 665 -10.46 38.56 -51.98
C LEU C 665 -10.90 37.11 -52.04
N GLY C 666 -11.99 36.83 -52.75
CA GLY C 666 -12.50 35.46 -52.88
C GLY C 666 -11.78 34.61 -53.90
N THR C 667 -11.31 35.22 -54.99
CA THR C 667 -10.67 34.45 -56.07
C THR C 667 -9.16 34.38 -56.01
N ASP C 668 -8.50 35.39 -55.46
CA ASP C 668 -7.04 35.42 -55.37
C ASP C 668 -6.55 35.02 -53.96
N LEU C 669 -6.42 33.73 -53.72
CA LEU C 669 -6.10 33.24 -52.37
C LEU C 669 -4.81 33.81 -51.73
N GLU C 670 -3.82 34.15 -52.56
CA GLU C 670 -2.57 34.74 -52.07
C GLU C 670 -2.78 36.13 -51.49
N TYR C 671 -3.62 36.93 -52.17
CA TYR C 671 -3.99 38.26 -51.75
C TYR C 671 -4.82 38.17 -50.49
N LEU C 672 -5.72 37.19 -50.42
CA LEU C 672 -6.53 37.00 -49.22
C LEU C 672 -5.65 36.79 -48.01
N LYS C 673 -4.80 35.75 -48.05
CA LYS C 673 -3.81 35.49 -46.99
C LYS C 673 -3.06 36.75 -46.57
N LYS C 674 -2.66 37.55 -47.55
CA LYS C 674 -1.95 38.79 -47.27
C LYS C 674 -2.79 39.80 -46.48
N VAL C 675 -4.02 40.05 -46.92
CA VAL C 675 -4.92 40.97 -46.23
C VAL C 675 -5.34 40.43 -44.89
N ARG C 676 -5.72 39.15 -44.84
CA ARG C 676 -6.07 38.53 -43.58
C ARG C 676 -4.95 38.66 -42.54
N GLY C 677 -3.72 38.51 -43.00
CA GLY C 677 -2.58 38.61 -42.11
C GLY C 677 -2.35 40.02 -41.63
N LYS C 678 -2.73 40.96 -42.49
CA LYS C 678 -2.51 42.36 -42.21
C LYS C 678 -3.47 42.80 -41.12
N VAL C 679 -4.72 42.34 -41.21
CA VAL C 679 -5.73 42.63 -40.22
C VAL C 679 -5.36 41.99 -38.89
N TRP C 680 -4.97 40.72 -38.93
CA TRP C 680 -4.55 40.00 -37.74
C TRP C 680 -3.47 40.73 -36.95
N LYS C 681 -2.56 41.36 -37.67
CA LYS C 681 -1.43 42.05 -37.06
C LYS C 681 -1.86 43.44 -36.59
N GLN C 682 -2.48 44.20 -37.50
CA GLN C 682 -2.92 45.58 -37.29
C GLN C 682 -3.89 45.76 -36.15
N ARG C 683 -4.63 44.72 -35.81
CA ARG C 683 -5.63 44.86 -34.78
C ARG C 683 -4.97 45.05 -33.42
N ILE C 684 -3.71 44.62 -33.27
CA ILE C 684 -2.91 44.91 -32.10
C ILE C 684 -2.09 46.17 -32.29
N SER C 685 -1.41 46.27 -33.43
CA SER C 685 -0.42 47.31 -33.59
C SER C 685 -1.01 48.69 -33.93
N SER C 686 -2.20 48.75 -34.51
CA SER C 686 -2.82 50.04 -34.82
C SER C 686 -3.42 50.59 -33.54
N PRO C 687 -3.95 51.82 -33.57
CA PRO C 687 -4.55 52.31 -32.34
C PRO C 687 -5.99 51.85 -32.11
N LEU C 688 -6.56 51.06 -33.02
CA LEU C 688 -8.01 50.78 -33.02
C LEU C 688 -8.57 50.14 -31.75
N PHE C 689 -7.83 49.21 -31.14
CA PHE C 689 -8.30 48.50 -29.96
C PHE C 689 -7.55 48.89 -28.68
N ASN C 690 -6.77 49.95 -28.76
CA ASN C 690 -5.87 50.43 -27.71
C ASN C 690 -6.59 51.44 -26.84
N THR C 691 -7.23 50.95 -25.80
CA THR C 691 -8.13 51.78 -25.01
C THR C 691 -7.33 52.81 -24.23
N LYS C 692 -6.08 52.49 -23.87
CA LYS C 692 -5.27 53.48 -23.16
C LYS C 692 -4.99 54.69 -24.04
N GLN C 693 -4.48 54.47 -25.24
CA GLN C 693 -4.23 55.57 -26.18
C GLN C 693 -5.50 56.34 -26.49
N TYR C 694 -6.58 55.62 -26.80
CA TYR C 694 -7.88 56.27 -27.01
C TYR C 694 -8.20 57.25 -25.89
N THR C 695 -8.16 56.82 -24.62
CA THR C 695 -8.52 57.67 -23.50
C THR C 695 -7.68 58.91 -23.48
N MET C 696 -6.39 58.75 -23.70
CA MET C 696 -5.48 59.87 -23.71
C MET C 696 -5.82 60.88 -24.80
N GLU C 697 -6.16 60.41 -25.99
CA GLU C 697 -6.63 61.27 -27.08
C GLU C 697 -7.92 61.98 -26.71
N LEU C 698 -8.85 61.23 -26.10
CA LEU C 698 -10.08 61.77 -25.58
C LEU C 698 -9.80 62.86 -24.54
N GLU C 699 -8.86 62.61 -23.64
CA GLU C 699 -8.51 63.59 -22.63
C GLU C 699 -7.98 64.86 -23.27
N ARG C 700 -7.14 64.73 -24.29
CA ARG C 700 -6.59 65.89 -24.96
C ARG C 700 -7.74 66.71 -25.58
N LEU C 701 -8.69 66.02 -26.18
CA LEU C 701 -9.81 66.67 -26.80
C LEU C 701 -10.61 67.41 -25.73
N TYR C 702 -10.80 66.79 -24.55
CA TYR C 702 -11.56 67.42 -23.48
C TYR C 702 -10.90 68.72 -23.05
N LEU C 703 -9.59 68.67 -22.90
CA LEU C 703 -8.84 69.84 -22.50
C LEU C 703 -8.94 70.98 -23.52
N GLN C 704 -8.91 70.67 -24.83
CA GLN C 704 -9.13 71.69 -25.87
C GLN C 704 -10.46 72.38 -25.69
N MET C 705 -11.51 71.58 -25.47
CA MET C 705 -12.85 72.09 -25.36
C MET C 705 -12.93 73.04 -24.20
N TRP C 706 -12.19 72.70 -23.14
CA TRP C 706 -12.23 73.47 -21.93
C TRP C 706 -11.43 74.77 -22.06
N GLU C 707 -10.19 74.68 -22.53
CA GLU C 707 -9.35 75.87 -22.73
C GLU C 707 -10.12 76.92 -23.51
N HIS C 708 -10.82 76.44 -24.53
CA HIS C 708 -11.65 77.28 -25.37
C HIS C 708 -12.78 77.93 -24.57
N TYR C 709 -13.45 77.17 -23.70
CA TYR C 709 -14.57 77.73 -22.96
C TYR C 709 -14.09 78.71 -21.90
N ALA C 710 -12.99 78.38 -21.24
CA ALA C 710 -12.45 79.22 -20.16
C ALA C 710 -11.89 80.54 -20.71
N ALA C 711 -11.46 80.51 -21.96
CA ALA C 711 -11.06 81.71 -22.67
C ALA C 711 -12.25 82.62 -23.01
N GLY C 712 -13.46 82.20 -22.62
CA GLY C 712 -14.68 83.01 -22.80
C GLY C 712 -15.38 82.83 -24.14
N ASN C 713 -14.98 81.82 -24.91
CA ASN C 713 -15.59 81.49 -26.22
C ASN C 713 -16.78 80.50 -26.21
N LYS C 714 -17.72 80.74 -27.13
CA LYS C 714 -18.80 79.80 -27.37
C LYS C 714 -18.22 78.65 -28.18
N PRO C 715 -18.87 77.47 -28.15
CA PRO C 715 -18.26 76.34 -28.85
C PRO C 715 -18.10 76.58 -30.36
N ASP C 716 -16.93 76.22 -30.88
CA ASP C 716 -16.71 76.15 -32.33
C ASP C 716 -15.97 74.84 -32.65
N HIS C 717 -15.84 74.49 -33.94
CA HIS C 717 -15.26 73.20 -34.35
C HIS C 717 -13.84 72.96 -33.83
N MET C 718 -13.60 71.77 -33.31
CA MET C 718 -12.28 71.36 -32.78
C MET C 718 -11.58 70.40 -33.74
N ILE C 719 -11.25 70.87 -34.92
CA ILE C 719 -10.74 70.01 -35.99
C ILE C 719 -9.21 69.99 -36.15
N LYS C 720 -8.50 70.58 -35.18
CA LYS C 720 -7.05 70.35 -34.94
C LYS C 720 -6.13 70.61 -36.17
N SER D 4 24.62 -75.39 69.43
CA SER D 4 25.33 -76.51 68.70
C SER D 4 24.43 -77.73 68.41
N CYS D 5 23.22 -77.70 68.97
CA CYS D 5 22.34 -78.87 69.08
C CYS D 5 21.45 -79.16 67.84
N PRO D 6 21.76 -80.23 67.07
CA PRO D 6 20.91 -80.59 65.89
C PRO D 6 19.40 -80.81 66.17
N THR D 7 19.04 -81.21 67.40
CA THR D 7 17.63 -81.49 67.73
C THR D 7 16.89 -80.19 68.03
N HIS D 8 17.61 -79.25 68.64
CA HIS D 8 17.13 -77.87 68.82
C HIS D 8 16.86 -77.28 67.44
N ALA D 9 17.90 -77.22 66.61
CA ALA D 9 17.79 -76.77 65.23
C ALA D 9 16.64 -77.45 64.48
N ASP D 10 16.50 -78.75 64.61
CA ASP D 10 15.41 -79.48 63.94
C ASP D 10 14.03 -78.96 64.33
N SER D 11 13.89 -78.55 65.59
CA SER D 11 12.62 -78.04 66.13
C SER D 11 12.29 -76.67 65.50
N LEU D 12 13.25 -75.76 65.58
CA LEU D 12 13.14 -74.46 64.95
C LEU D 12 12.81 -74.54 63.47
N ASN D 13 13.30 -75.58 62.78
CA ASN D 13 12.93 -75.82 61.38
C ASN D 13 11.44 -76.18 61.29
N ASN D 14 10.99 -77.14 62.09
CA ASN D 14 9.59 -77.53 62.10
C ASN D 14 8.65 -76.39 62.43
N LEU D 15 9.12 -75.48 63.28
CA LEU D 15 8.34 -74.32 63.69
C LEU D 15 8.23 -73.29 62.58
N ALA D 16 9.32 -73.14 61.82
CA ALA D 16 9.36 -72.27 60.64
C ALA D 16 8.53 -72.81 59.47
N ASN D 17 8.59 -74.12 59.24
CA ASN D 17 7.70 -74.81 58.28
C ASN D 17 6.22 -74.59 58.57
N ILE D 18 5.89 -74.41 59.86
CA ILE D 18 4.53 -74.14 60.31
C ILE D 18 4.15 -72.68 60.00
N LYS D 19 4.99 -71.73 60.41
CA LYS D 19 4.79 -70.30 60.09
C LYS D 19 4.74 -70.02 58.58
N ARG D 20 5.42 -70.84 57.78
CA ARG D 20 5.37 -70.73 56.33
C ARG D 20 4.05 -71.22 55.71
N GLU D 21 3.49 -72.32 56.23
CA GLU D 21 2.18 -72.83 55.77
C GLU D 21 1.05 -71.82 55.98
N GLN D 22 1.14 -71.05 57.06
CA GLN D 22 0.21 -69.97 57.38
C GLN D 22 0.62 -68.65 56.73
N GLY D 23 1.45 -68.72 55.68
CA GLY D 23 1.92 -67.53 54.95
C GLY D 23 2.50 -66.37 55.77
N ASN D 24 2.93 -66.62 57.00
CA ASN D 24 3.65 -65.61 57.76
C ASN D 24 5.16 -65.72 57.46
N ILE D 25 5.48 -65.49 56.19
CA ILE D 25 6.82 -65.64 55.63
C ILE D 25 7.82 -64.79 56.41
N GLU D 26 7.41 -63.56 56.72
CA GLU D 26 8.12 -62.66 57.65
C GLU D 26 8.85 -63.41 58.78
N GLU D 27 8.10 -64.23 59.51
CA GLU D 27 8.55 -64.90 60.72
C GLU D 27 9.29 -66.21 60.42
N ALA D 28 8.77 -66.98 59.46
CA ALA D 28 9.41 -68.20 58.96
C ALA D 28 10.91 -67.98 58.76
N VAL D 29 11.29 -66.98 57.96
CA VAL D 29 12.70 -66.58 57.78
C VAL D 29 13.46 -66.43 59.10
N ARG D 30 12.93 -65.64 60.03
CA ARG D 30 13.59 -65.38 61.32
C ARG D 30 13.91 -66.68 62.05
N LEU D 31 12.98 -67.64 62.01
CA LEU D 31 13.14 -68.97 62.62
C LEU D 31 14.15 -69.86 61.89
N TYR D 32 13.99 -70.00 60.58
CA TYR D 32 14.98 -70.69 59.75
C TYR D 32 16.39 -70.20 60.04
N ARG D 33 16.54 -68.88 60.17
CA ARG D 33 17.84 -68.27 60.42
C ARG D 33 18.40 -68.61 61.78
N LYS D 34 17.51 -68.74 62.76
CA LYS D 34 17.92 -69.15 64.11
C LYS D 34 18.29 -70.63 64.11
N ALA D 35 17.50 -71.44 63.39
CA ALA D 35 17.81 -72.85 63.24
C ALA D 35 19.22 -73.02 62.71
N LEU D 36 19.66 -72.12 61.84
CA LEU D 36 20.99 -72.21 61.23
C LEU D 36 22.10 -71.62 62.07
N GLU D 37 21.73 -70.78 63.03
CA GLU D 37 22.69 -70.18 63.95
C GLU D 37 23.03 -71.20 65.02
N VAL D 38 22.01 -71.93 65.45
CA VAL D 38 22.17 -73.09 66.30
C VAL D 38 23.04 -74.15 65.60
N PHE D 39 22.58 -74.65 64.44
CA PHE D 39 23.25 -75.76 63.73
C PHE D 39 23.50 -75.40 62.26
N PRO D 40 24.70 -74.83 61.98
CA PRO D 40 25.01 -74.30 60.63
C PRO D 40 25.11 -75.37 59.52
N GLU D 41 25.31 -76.63 59.88
CA GLU D 41 25.46 -77.72 58.92
C GLU D 41 24.13 -78.45 58.68
N PHE D 42 23.04 -77.69 58.78
CA PHE D 42 21.71 -78.28 58.69
C PHE D 42 21.26 -78.10 57.26
N ALA D 43 21.17 -79.22 56.52
CA ALA D 43 20.88 -79.17 55.10
C ALA D 43 19.46 -78.62 54.80
N ALA D 44 18.44 -79.20 55.42
CA ALA D 44 17.07 -78.82 55.12
C ALA D 44 16.74 -77.38 55.51
N ALA D 45 17.39 -76.84 56.56
CA ALA D 45 17.14 -75.44 56.91
C ALA D 45 17.73 -74.53 55.84
N HIS D 46 18.95 -74.79 55.40
CA HIS D 46 19.52 -74.04 54.28
C HIS D 46 18.56 -74.04 53.09
N SER D 47 18.08 -75.23 52.73
CA SER D 47 17.22 -75.39 51.57
C SER D 47 15.92 -74.63 51.71
N ASN D 48 15.31 -74.77 52.88
CA ASN D 48 14.05 -74.08 53.16
C ASN D 48 14.18 -72.55 53.18
N LEU D 49 15.21 -72.05 53.89
CA LEU D 49 15.51 -70.63 53.89
C LEU D 49 15.72 -70.09 52.47
N ALA D 50 16.46 -70.84 51.67
CA ALA D 50 16.70 -70.50 50.27
C ALA D 50 15.40 -70.37 49.51
N SER D 51 14.51 -71.35 49.63
CA SER D 51 13.30 -71.30 48.81
C SER D 51 12.31 -70.22 49.27
N VAL D 52 12.42 -69.74 50.51
CA VAL D 52 11.61 -68.55 50.86
C VAL D 52 12.27 -67.26 50.44
N LEU D 53 13.60 -67.21 50.44
CA LEU D 53 14.30 -66.05 49.85
C LEU D 53 14.03 -65.93 48.34
N GLN D 54 13.83 -67.07 47.66
CA GLN D 54 13.51 -67.09 46.25
C GLN D 54 12.11 -66.52 46.01
N GLN D 55 11.16 -66.90 46.85
CA GLN D 55 9.80 -66.32 46.84
C GLN D 55 9.85 -64.81 47.02
N GLN D 56 10.84 -64.34 47.78
CA GLN D 56 10.97 -62.92 48.13
C GLN D 56 11.75 -62.13 47.09
N GLY D 57 12.20 -62.84 46.04
CA GLY D 57 13.01 -62.25 44.99
C GLY D 57 14.43 -61.89 45.40
N LYS D 58 14.85 -62.33 46.59
CA LYS D 58 16.22 -62.12 47.03
C LYS D 58 17.10 -63.24 46.46
N LEU D 59 17.14 -63.36 45.13
CA LEU D 59 17.80 -64.46 44.44
C LEU D 59 19.28 -64.57 44.73
N GLN D 60 19.96 -63.43 44.84
CA GLN D 60 21.41 -63.42 45.07
C GLN D 60 21.74 -64.31 46.29
N GLU D 61 20.95 -64.13 47.36
CA GLU D 61 21.15 -64.74 48.67
C GLU D 61 20.55 -66.14 48.76
N ALA D 62 19.42 -66.35 48.07
CA ALA D 62 18.79 -67.65 48.00
C ALA D 62 19.74 -68.68 47.38
N LEU D 63 20.46 -68.25 46.36
CA LEU D 63 21.45 -69.08 45.67
C LEU D 63 22.55 -69.51 46.62
N MET D 64 22.99 -68.60 47.46
CA MET D 64 24.07 -68.91 48.37
C MET D 64 23.67 -70.03 49.35
N HIS D 65 22.41 -70.02 49.77
CA HIS D 65 21.91 -71.02 50.69
C HIS D 65 21.64 -72.34 50.01
N TYR D 66 21.26 -72.33 48.74
CA TYR D 66 21.14 -73.58 47.99
C TYR D 66 22.49 -74.25 47.83
N LYS D 67 23.51 -73.47 47.47
CA LYS D 67 24.86 -73.99 47.34
C LYS D 67 25.33 -74.69 48.62
N GLU D 68 24.98 -74.09 49.77
CA GLU D 68 25.32 -74.67 51.07
C GLU D 68 24.57 -75.98 51.31
N ALA D 69 23.28 -76.00 51.00
CA ALA D 69 22.49 -77.19 51.14
C ALA D 69 23.13 -78.34 50.39
N ILE D 70 23.58 -78.09 49.17
CA ILE D 70 24.25 -79.09 48.35
C ILE D 70 25.57 -79.54 49.00
N ARG D 71 26.37 -78.59 49.46
CA ARG D 71 27.66 -78.90 50.07
C ARG D 71 27.49 -79.87 51.23
N ILE D 72 26.44 -79.68 52.00
CA ILE D 72 26.18 -80.51 53.15
C ILE D 72 25.61 -81.88 52.76
N SER D 73 24.65 -81.88 51.84
CA SER D 73 23.97 -83.11 51.42
C SER D 73 24.09 -83.24 49.92
N PRO D 74 25.17 -83.88 49.44
CA PRO D 74 25.45 -83.89 48.00
C PRO D 74 24.44 -84.66 47.14
N THR D 75 23.67 -85.58 47.73
CA THR D 75 22.65 -86.30 47.01
C THR D 75 21.27 -85.61 47.09
N PHE D 76 21.26 -84.37 47.57
CA PHE D 76 20.03 -83.59 47.72
C PHE D 76 19.55 -83.15 46.33
N ALA D 77 19.06 -84.12 45.57
CA ALA D 77 18.54 -83.86 44.23
C ALA D 77 17.56 -82.67 44.21
N ASP D 78 16.69 -82.61 45.22
CA ASP D 78 15.67 -81.56 45.28
C ASP D 78 16.24 -80.14 45.33
N ALA D 79 17.39 -80.00 46.00
CA ALA D 79 18.02 -78.68 46.16
C ALA D 79 18.71 -78.26 44.88
N TYR D 80 19.20 -79.24 44.10
CA TYR D 80 19.78 -78.96 42.80
C TYR D 80 18.73 -78.35 41.92
N SER D 81 17.56 -78.97 41.93
CA SER D 81 16.48 -78.55 41.07
C SER D 81 16.03 -77.12 41.38
N ASN D 82 15.94 -76.77 42.65
CA ASN D 82 15.52 -75.43 43.04
C ASN D 82 16.61 -74.38 42.81
N MET D 83 17.85 -74.75 43.05
CA MET D 83 18.96 -73.89 42.70
C MET D 83 18.82 -73.52 41.25
N GLY D 84 18.58 -74.55 40.42
CA GLY D 84 18.37 -74.37 38.99
C GLY D 84 17.35 -73.30 38.70
N ASN D 85 16.16 -73.46 39.24
CA ASN D 85 15.12 -72.42 39.13
C ASN D 85 15.60 -71.02 39.54
N THR D 86 16.38 -70.91 40.61
CA THR D 86 16.94 -69.63 41.01
C THR D 86 17.87 -69.10 39.93
N LEU D 87 18.81 -69.91 39.45
CA LEU D 87 19.68 -69.46 38.37
C LEU D 87 18.87 -69.05 37.14
N LYS D 88 17.77 -69.75 36.87
CA LYS D 88 16.97 -69.44 35.69
C LYS D 88 16.36 -68.05 35.81
N GLU D 89 15.77 -67.75 36.97
CA GLU D 89 15.22 -66.43 37.25
C GLU D 89 16.30 -65.31 37.23
N MET D 90 17.55 -65.69 37.51
CA MET D 90 18.67 -64.76 37.47
C MET D 90 19.25 -64.60 36.07
N GLN D 91 18.56 -65.13 35.06
CA GLN D 91 18.98 -65.04 33.65
C GLN D 91 20.23 -65.88 33.35
N ASP D 92 20.63 -66.78 34.25
CA ASP D 92 21.77 -67.68 33.99
C ASP D 92 21.30 -69.04 33.52
N VAL D 93 20.66 -69.07 32.36
CA VAL D 93 20.04 -70.30 31.82
C VAL D 93 21.07 -71.43 31.64
N GLN D 94 22.28 -71.07 31.22
CA GLN D 94 23.37 -72.03 31.12
C GLN D 94 23.57 -72.84 32.43
N GLY D 95 23.81 -72.14 33.54
CA GLY D 95 24.07 -72.76 34.83
C GLY D 95 22.85 -73.42 35.45
N ALA D 96 21.68 -72.93 35.09
CA ALA D 96 20.41 -73.50 35.56
C ALA D 96 20.23 -74.88 34.97
N LEU D 97 20.63 -75.01 33.71
CA LEU D 97 20.46 -76.21 32.95
C LEU D 97 21.43 -77.25 33.47
N GLN D 98 22.64 -76.80 33.79
CA GLN D 98 23.63 -77.65 34.42
C GLN D 98 23.13 -78.23 35.75
N CYS D 99 22.41 -77.44 36.54
CA CYS D 99 21.78 -77.93 37.76
C CYS D 99 20.78 -79.00 37.47
N TYR D 100 19.85 -78.75 36.55
CA TYR D 100 18.83 -79.75 36.24
C TYR D 100 19.46 -81.05 35.76
N THR D 101 20.40 -80.99 34.81
CA THR D 101 21.05 -82.21 34.34
C THR D 101 21.75 -82.93 35.47
N ARG D 102 22.37 -82.17 36.38
CA ARG D 102 23.13 -82.78 37.45
C ARG D 102 22.22 -83.49 38.46
N ALA D 103 21.01 -82.98 38.64
CA ALA D 103 20.07 -83.60 39.54
C ALA D 103 19.67 -84.94 38.96
N ILE D 104 19.47 -84.99 37.63
CA ILE D 104 18.95 -86.18 36.97
C ILE D 104 19.98 -87.30 36.98
N GLN D 105 21.24 -86.92 36.92
CA GLN D 105 22.31 -87.89 37.03
C GLN D 105 22.33 -88.54 38.41
N ILE D 106 22.18 -87.72 39.45
CA ILE D 106 22.17 -88.15 40.83
C ILE D 106 20.95 -89.00 41.14
N ASN D 107 19.76 -88.53 40.79
CA ASN D 107 18.55 -89.33 40.98
C ASN D 107 17.78 -89.42 39.68
N PRO D 108 18.00 -90.53 38.93
CA PRO D 108 17.33 -90.72 37.64
C PRO D 108 15.82 -90.72 37.76
N ALA D 109 15.32 -90.95 38.98
CA ALA D 109 13.89 -91.18 39.22
C ALA D 109 13.14 -89.92 39.66
N PHE D 110 13.90 -88.84 39.83
CA PHE D 110 13.38 -87.59 40.35
C PHE D 110 12.63 -86.79 39.28
N ALA D 111 11.29 -86.80 39.34
CA ALA D 111 10.44 -86.15 38.34
C ALA D 111 10.67 -84.63 38.10
N ASP D 112 10.81 -83.85 39.17
CA ASP D 112 10.83 -82.38 39.04
C ASP D 112 11.92 -81.87 38.12
N ALA D 113 13.13 -82.41 38.28
CA ALA D 113 14.26 -81.98 37.47
C ALA D 113 13.98 -82.22 36.00
N HIS D 114 13.25 -83.29 35.69
CA HIS D 114 12.91 -83.58 34.31
C HIS D 114 12.00 -82.51 33.77
N SER D 115 11.00 -82.18 34.58
CA SER D 115 10.05 -81.15 34.23
C SER D 115 10.77 -79.80 34.04
N ASN D 116 11.60 -79.41 35.01
CA ASN D 116 12.37 -78.17 34.91
C ASN D 116 13.24 -78.11 33.67
N LEU D 117 13.83 -79.25 33.31
CA LEU D 117 14.63 -79.33 32.09
C LEU D 117 13.74 -79.08 30.87
N ALA D 118 12.56 -79.69 30.87
CA ALA D 118 11.60 -79.48 29.79
C ALA D 118 11.22 -78.02 29.68
N SER D 119 11.19 -77.31 30.81
CA SER D 119 10.83 -75.88 30.81
C SER D 119 11.87 -75.03 30.09
N ILE D 120 13.15 -75.40 30.24
CA ILE D 120 14.21 -74.71 29.52
C ILE D 120 14.05 -74.94 28.03
N HIS D 121 13.71 -76.16 27.65
CA HIS D 121 13.54 -76.48 26.25
C HIS D 121 12.39 -75.72 25.64
N LYS D 122 11.30 -75.62 26.39
CA LYS D 122 10.12 -74.91 25.91
C LYS D 122 10.45 -73.45 25.64
N ASP D 123 11.12 -72.81 26.61
CA ASP D 123 11.50 -71.41 26.51
C ASP D 123 12.40 -71.15 25.34
N SER D 124 13.25 -72.11 24.99
CA SER D 124 14.17 -71.98 23.85
C SER D 124 13.49 -72.18 22.52
N GLY D 125 12.25 -72.67 22.55
CA GLY D 125 11.51 -72.87 21.34
C GLY D 125 11.62 -74.28 20.79
N ASN D 126 12.50 -75.11 21.34
CA ASN D 126 12.55 -76.52 20.90
C ASN D 126 11.51 -77.37 21.64
N ILE D 127 10.36 -77.51 20.98
CA ILE D 127 9.15 -78.03 21.61
C ILE D 127 9.08 -79.56 21.67
N PRO D 128 9.52 -80.27 20.63
CA PRO D 128 9.55 -81.74 20.75
C PRO D 128 10.43 -82.24 21.93
N GLU D 129 11.60 -81.63 22.14
CA GLU D 129 12.42 -82.00 23.28
C GLU D 129 11.75 -81.60 24.61
N ALA D 130 11.00 -80.52 24.60
CA ALA D 130 10.22 -80.15 25.78
C ALA D 130 9.15 -81.22 26.09
N ILE D 131 8.43 -81.65 25.05
CA ILE D 131 7.40 -82.70 25.22
C ILE D 131 8.03 -83.96 25.80
N ALA D 132 9.09 -84.47 25.15
CA ALA D 132 9.83 -85.66 25.62
C ALA D 132 10.10 -85.60 27.13
N SER D 133 10.76 -84.53 27.58
CA SER D 133 11.08 -84.39 29.01
C SER D 133 9.86 -84.28 29.92
N TYR D 134 8.82 -83.56 29.49
CA TYR D 134 7.60 -83.49 30.30
C TYR D 134 7.00 -84.90 30.45
N ARG D 135 6.98 -85.64 29.33
CA ARG D 135 6.47 -86.99 29.33
C ARG D 135 7.24 -87.88 30.32
N THR D 136 8.58 -87.82 30.26
CA THR D 136 9.40 -88.53 31.25
C THR D 136 8.91 -88.20 32.66
N ALA D 137 8.83 -86.92 32.99
CA ALA D 137 8.44 -86.50 34.34
C ALA D 137 7.13 -87.12 34.77
N LEU D 138 6.19 -87.22 33.85
CA LEU D 138 4.86 -87.71 34.18
C LEU D 138 4.81 -89.23 34.32
N LYS D 139 5.69 -89.92 33.61
CA LYS D 139 5.89 -91.35 33.77
C LYS D 139 6.43 -91.57 35.19
N LEU D 140 7.43 -90.77 35.58
CA LEU D 140 8.02 -90.87 36.91
C LEU D 140 7.12 -90.38 38.04
N LYS D 141 6.26 -89.41 37.77
CA LYS D 141 5.31 -88.95 38.79
C LYS D 141 3.97 -88.59 38.16
N PRO D 142 3.05 -89.56 38.08
CA PRO D 142 1.84 -89.37 37.27
C PRO D 142 0.90 -88.26 37.78
N ASP D 143 1.05 -87.87 39.04
CA ASP D 143 0.28 -86.75 39.60
C ASP D 143 1.21 -85.54 39.81
N PHE D 144 1.26 -84.69 38.79
CA PHE D 144 2.24 -83.61 38.69
C PHE D 144 1.54 -82.53 37.91
N PRO D 145 0.82 -81.64 38.60
CA PRO D 145 0.08 -80.58 37.91
C PRO D 145 0.96 -79.66 37.04
N ASP D 146 2.06 -79.16 37.60
CA ASP D 146 2.95 -78.28 36.84
C ASP D 146 3.37 -78.86 35.49
N ALA D 147 3.85 -80.10 35.50
CA ALA D 147 4.29 -80.79 34.29
C ALA D 147 3.12 -81.11 33.36
N TYR D 148 2.00 -81.53 33.93
CA TYR D 148 0.85 -81.85 33.10
C TYR D 148 0.37 -80.64 32.26
N CYS D 149 0.19 -79.50 32.92
CA CYS D 149 -0.30 -78.30 32.25
C CYS D 149 0.74 -77.75 31.27
N ASN D 150 2.00 -77.79 31.67
CA ASN D 150 3.04 -77.35 30.76
C ASN D 150 3.06 -78.22 29.52
N LEU D 151 2.93 -79.55 29.71
CA LEU D 151 2.86 -80.44 28.56
C LEU D 151 1.63 -80.12 27.72
N ALA D 152 0.49 -79.88 28.39
CA ALA D 152 -0.75 -79.58 27.69
C ALA D 152 -0.58 -78.39 26.75
N HIS D 153 0.12 -77.37 27.25
CA HIS D 153 0.41 -76.17 26.46
C HIS D 153 1.33 -76.46 25.26
N CYS D 154 2.37 -77.27 25.47
CA CYS D 154 3.25 -77.65 24.35
C CYS D 154 2.46 -78.36 23.30
N LEU D 155 1.56 -79.24 23.73
CA LEU D 155 0.81 -80.01 22.78
C LEU D 155 -0.07 -79.06 22.00
N GLN D 156 -0.67 -78.11 22.72
CA GLN D 156 -1.46 -77.05 22.09
C GLN D 156 -0.66 -76.34 21.00
N ILE D 157 0.57 -75.97 21.34
CA ILE D 157 1.48 -75.23 20.44
C ILE D 157 1.74 -75.95 19.11
N VAL D 158 1.91 -77.28 19.16
CA VAL D 158 2.20 -78.05 17.94
C VAL D 158 0.94 -78.64 17.31
N CYS D 159 -0.21 -78.31 17.89
CA CYS D 159 -1.50 -78.83 17.42
C CYS D 159 -1.57 -80.34 17.50
N ASP D 160 -1.10 -80.92 18.60
CA ASP D 160 -1.36 -82.32 18.90
C ASP D 160 -2.66 -82.38 19.71
N TRP D 161 -3.69 -82.95 19.10
CA TRP D 161 -4.99 -82.98 19.78
C TRP D 161 -5.42 -84.39 20.21
N THR D 162 -4.44 -85.27 20.46
CA THR D 162 -4.65 -86.60 21.03
C THR D 162 -5.37 -86.51 22.37
N ASP D 163 -6.51 -87.19 22.47
CA ASP D 163 -7.34 -87.20 23.68
C ASP D 163 -7.65 -85.80 24.16
N TYR D 164 -7.98 -84.91 23.21
CA TYR D 164 -8.17 -83.49 23.52
C TYR D 164 -9.25 -83.24 24.57
N ASP D 165 -10.43 -83.84 24.39
CA ASP D 165 -11.55 -83.52 25.24
C ASP D 165 -11.30 -83.94 26.66
N GLU D 166 -10.65 -85.09 26.81
CA GLU D 166 -10.31 -85.63 28.13
C GLU D 166 -9.22 -84.78 28.77
N ARG D 167 -8.28 -84.33 27.94
CA ARG D 167 -7.19 -83.47 28.39
C ARG D 167 -7.70 -82.16 28.99
N MET D 168 -8.73 -81.59 28.38
CA MET D 168 -9.27 -80.31 28.83
C MET D 168 -9.98 -80.48 30.15
N LYS D 169 -10.79 -81.53 30.26
CA LYS D 169 -11.53 -81.82 31.48
C LYS D 169 -10.58 -82.00 32.65
N LYS D 170 -9.41 -82.58 32.37
CA LYS D 170 -8.39 -82.74 33.41
C LYS D 170 -7.73 -81.43 33.84
N LEU D 171 -7.44 -80.54 32.89
CA LEU D 171 -6.87 -79.24 33.20
C LEU D 171 -7.78 -78.48 34.11
N VAL D 172 -9.06 -78.39 33.72
CA VAL D 172 -10.07 -77.69 34.50
C VAL D 172 -10.07 -78.28 35.90
N SER D 173 -10.19 -79.60 35.96
CA SER D 173 -10.09 -80.36 37.20
C SER D 173 -8.85 -80.03 38.08
N ILE D 174 -7.66 -79.98 37.46
CA ILE D 174 -6.41 -79.66 38.16
C ILE D 174 -6.41 -78.24 38.74
N VAL D 175 -6.87 -77.28 37.94
CA VAL D 175 -6.97 -75.88 38.37
C VAL D 175 -7.97 -75.78 39.52
N ALA D 176 -9.12 -76.42 39.37
CA ALA D 176 -10.19 -76.38 40.39
C ALA D 176 -9.64 -76.82 41.73
N ASP D 177 -8.87 -77.91 41.69
CA ASP D 177 -8.27 -78.49 42.88
C ASP D 177 -7.21 -77.59 43.51
N GLN D 178 -6.40 -76.95 42.68
CA GLN D 178 -5.37 -76.08 43.20
C GLN D 178 -5.93 -74.78 43.76
N LEU D 179 -7.01 -74.28 43.16
CA LEU D 179 -7.62 -73.01 43.59
C LEU D 179 -8.27 -73.19 44.94
N GLU D 180 -8.93 -74.34 45.09
CA GLU D 180 -9.60 -74.70 46.33
C GLU D 180 -8.63 -75.10 47.46
N LYS D 181 -7.49 -75.70 47.11
CA LYS D 181 -6.46 -75.99 48.11
C LYS D 181 -5.56 -74.78 48.37
N ASN D 182 -5.93 -73.62 47.83
CA ASN D 182 -5.14 -72.38 47.94
C ASN D 182 -3.66 -72.51 47.52
N ARG D 183 -3.45 -73.19 46.37
CA ARG D 183 -2.13 -73.31 45.73
C ARG D 183 -2.08 -72.41 44.50
N LEU D 184 -0.86 -72.13 44.04
CA LEU D 184 -0.66 -71.41 42.78
C LEU D 184 -0.96 -72.33 41.59
N PRO D 185 -1.95 -71.96 40.77
CA PRO D 185 -2.36 -72.79 39.64
C PRO D 185 -1.24 -73.03 38.67
N SER D 186 -1.32 -74.16 37.98
CA SER D 186 -0.28 -74.58 37.07
C SER D 186 -0.46 -74.03 35.65
N VAL D 187 -1.68 -73.59 35.34
CA VAL D 187 -1.95 -72.89 34.08
C VAL D 187 -1.54 -71.43 34.26
N HIS D 188 -0.88 -70.89 33.23
CA HIS D 188 -0.42 -69.48 33.23
C HIS D 188 -1.56 -68.53 32.83
N PRO D 189 -1.67 -67.37 33.49
CA PRO D 189 -2.78 -66.47 33.15
C PRO D 189 -2.80 -66.18 31.66
N HIS D 190 -1.63 -65.97 31.06
CA HIS D 190 -1.55 -65.65 29.64
C HIS D 190 -1.98 -66.82 28.71
N HIS D 191 -2.17 -68.02 29.29
CA HIS D 191 -2.66 -69.18 28.54
C HIS D 191 -4.11 -69.48 28.85
N SER D 192 -4.59 -68.99 30.00
CA SER D 192 -5.90 -69.41 30.53
C SER D 192 -7.09 -69.22 29.58
N MET D 193 -6.95 -68.39 28.55
CA MET D 193 -8.03 -68.21 27.60
C MET D 193 -8.17 -69.37 26.61
N LEU D 194 -7.16 -70.23 26.51
CA LEU D 194 -7.15 -71.34 25.55
C LEU D 194 -7.93 -72.58 26.00
N TYR D 195 -8.26 -72.64 27.30
CA TYR D 195 -8.90 -73.82 27.87
C TYR D 195 -10.30 -73.51 28.41
N PRO D 196 -11.23 -74.49 28.35
CA PRO D 196 -12.62 -74.25 28.82
C PRO D 196 -12.72 -74.09 30.33
N LEU D 197 -11.94 -73.16 30.91
CA LEU D 197 -11.98 -72.94 32.34
C LEU D 197 -13.24 -72.22 32.82
N SER D 198 -13.67 -72.60 34.02
CA SER D 198 -14.90 -72.10 34.70
C SER D 198 -14.85 -70.60 35.13
N HIS D 199 -13.88 -69.86 34.54
CA HIS D 199 -14.02 -68.42 34.20
C HIS D 199 -13.98 -67.30 35.30
N GLY D 200 -14.64 -67.55 36.42
CA GLY D 200 -14.24 -66.95 37.68
C GLY D 200 -12.87 -67.57 38.02
N PHE D 201 -12.61 -68.74 37.41
CA PHE D 201 -11.30 -69.40 37.41
C PHE D 201 -10.18 -68.57 36.78
N ARG D 202 -10.45 -68.06 35.58
CA ARG D 202 -9.47 -67.27 34.85
C ARG D 202 -9.10 -66.06 35.67
N LYS D 203 -10.12 -65.38 36.20
CA LYS D 203 -9.88 -64.27 37.09
C LYS D 203 -9.04 -64.68 38.30
N ALA D 204 -9.33 -65.83 38.88
CA ALA D 204 -8.63 -66.29 40.08
C ALA D 204 -7.17 -66.70 39.82
N ILE D 205 -6.92 -67.30 38.65
CA ILE D 205 -5.56 -67.63 38.21
C ILE D 205 -4.74 -66.36 38.07
N ALA D 206 -5.33 -65.33 37.47
CA ALA D 206 -4.67 -64.05 37.35
C ALA D 206 -4.39 -63.45 38.73
N GLU D 207 -5.44 -63.37 39.56
CA GLU D 207 -5.35 -62.84 40.93
C GLU D 207 -4.13 -63.40 41.64
N ARG D 208 -3.96 -64.70 41.43
CA ARG D 208 -3.06 -65.52 42.20
C ARG D 208 -1.62 -65.30 41.72
N HIS D 209 -1.46 -64.95 40.45
CA HIS D 209 -0.15 -64.51 39.93
C HIS D 209 0.22 -63.11 40.40
N GLY D 210 -0.79 -62.27 40.54
CA GLY D 210 -0.63 -60.95 41.15
C GLY D 210 0.04 -61.03 42.50
N ASN D 211 -0.35 -62.01 43.32
CA ASN D 211 0.23 -62.21 44.66
C ASN D 211 1.71 -62.48 44.72
N LEU D 212 2.23 -63.11 43.67
CA LEU D 212 3.66 -63.38 43.61
C LEU D 212 4.47 -62.10 43.74
N CYS D 213 3.89 -60.99 43.29
CA CYS D 213 4.52 -59.69 43.41
C CYS D 213 4.49 -59.19 44.82
N LEU D 214 3.33 -59.27 45.47
CA LEU D 214 3.18 -58.75 46.83
C LEU D 214 4.32 -59.25 47.71
N ASP D 215 4.58 -60.55 47.64
CA ASP D 215 5.63 -61.17 48.43
C ASP D 215 7.04 -60.57 48.19
N LYS D 216 7.28 -60.13 46.96
CA LYS D 216 8.59 -59.65 46.50
C LYS D 216 8.78 -58.18 46.83
N ILE D 217 7.67 -57.47 47.09
CA ILE D 217 7.75 -56.03 47.42
C ILE D 217 7.66 -55.74 48.92
N ASN D 218 7.10 -56.70 49.67
CA ASN D 218 6.98 -56.54 51.12
C ASN D 218 8.30 -56.45 51.80
N VAL D 219 9.30 -57.10 51.22
CA VAL D 219 10.63 -57.17 51.82
C VAL D 219 11.36 -55.84 51.70
N LEU D 220 10.80 -54.96 50.87
CA LEU D 220 11.33 -53.59 50.74
C LEU D 220 10.77 -52.66 51.82
N HIS D 221 9.67 -53.08 52.46
CA HIS D 221 9.02 -52.33 53.55
C HIS D 221 8.83 -50.87 53.17
N LYS D 222 8.14 -50.63 52.06
CA LYS D 222 7.95 -49.25 51.58
C LYS D 222 6.61 -48.73 52.04
N PRO D 223 6.62 -47.51 52.61
CA PRO D 223 5.36 -46.88 53.02
C PRO D 223 4.57 -46.49 51.78
N PRO D 224 3.22 -46.41 51.88
CA PRO D 224 2.39 -45.94 50.77
C PRO D 224 2.89 -44.59 50.27
N TYR D 225 2.81 -44.37 48.96
CA TYR D 225 3.25 -43.12 48.37
C TYR D 225 2.19 -42.04 48.47
N GLU D 226 2.63 -40.79 48.46
CA GLU D 226 1.70 -39.66 48.49
C GLU D 226 1.43 -39.10 47.11
N HIS D 227 0.27 -39.43 46.58
CA HIS D 227 -0.04 -39.09 45.21
C HIS D 227 -0.49 -37.65 45.09
N PRO D 228 -0.19 -37.00 43.95
CA PRO D 228 -0.67 -35.64 43.72
C PRO D 228 -2.21 -35.58 43.68
N LYS D 229 -2.79 -34.43 44.03
CA LYS D 229 -4.26 -34.30 44.06
C LYS D 229 -4.83 -33.18 43.16
N ASP D 230 -3.92 -32.51 42.46
CA ASP D 230 -4.26 -31.50 41.48
C ASP D 230 -3.24 -31.58 40.33
N LEU D 231 -3.42 -30.72 39.33
CA LEU D 231 -2.44 -30.65 38.27
C LEU D 231 -1.56 -29.42 38.40
N LYS D 232 -1.48 -28.83 39.59
CA LYS D 232 -0.74 -27.57 39.78
C LYS D 232 0.77 -27.70 39.59
N LEU D 233 1.38 -28.70 40.24
CA LEU D 233 2.82 -28.96 40.11
C LEU D 233 3.23 -29.32 38.66
N SER D 234 2.35 -30.07 37.99
CA SER D 234 2.59 -30.53 36.62
C SER D 234 2.08 -29.55 35.58
N ASP D 235 1.81 -28.33 36.03
CA ASP D 235 1.59 -27.19 35.16
C ASP D 235 0.29 -27.23 34.32
N GLY D 236 -0.76 -27.81 34.87
CA GLY D 236 -2.03 -27.99 34.14
C GLY D 236 -2.06 -29.25 33.31
N ARG D 237 -0.90 -29.91 33.17
CA ARG D 237 -0.79 -31.11 32.35
C ARG D 237 -0.96 -32.36 33.19
N LEU D 238 -1.77 -33.29 32.67
CA LEU D 238 -1.87 -34.63 33.25
C LEU D 238 -0.69 -35.51 32.82
N ARG D 239 0.04 -36.03 33.81
CA ARG D 239 1.23 -36.84 33.56
C ARG D 239 0.88 -38.31 33.41
N VAL D 240 1.04 -38.83 32.18
CA VAL D 240 0.79 -40.24 31.90
C VAL D 240 2.12 -40.95 31.72
N GLY D 241 2.28 -42.08 32.42
CA GLY D 241 3.44 -42.95 32.25
C GLY D 241 3.03 -44.26 31.60
N TYR D 242 3.62 -44.56 30.45
CA TYR D 242 3.47 -45.87 29.81
C TYR D 242 4.61 -46.77 30.27
N VAL D 243 4.28 -47.94 30.82
CA VAL D 243 5.31 -48.90 31.26
C VAL D 243 5.28 -50.13 30.37
N SER D 244 6.40 -50.37 29.68
CA SER D 244 6.46 -51.52 28.79
C SER D 244 7.86 -52.06 28.65
N SER D 245 7.94 -53.37 28.57
CA SER D 245 9.19 -54.02 28.17
C SER D 245 9.31 -54.14 26.64
N ASP D 246 8.44 -53.46 25.91
CA ASP D 246 8.30 -53.71 24.47
C ASP D 246 8.45 -52.49 23.57
N PHE D 247 9.15 -51.47 24.05
CA PHE D 247 9.53 -50.36 23.20
C PHE D 247 10.74 -50.82 22.40
N GLY D 248 10.45 -51.37 21.22
CA GLY D 248 11.47 -51.98 20.36
C GLY D 248 10.76 -52.86 19.35
N ASN D 249 11.47 -53.78 18.72
CA ASN D 249 10.82 -54.65 17.76
C ASN D 249 9.95 -55.65 18.48
N HIS D 250 8.68 -55.29 18.65
CA HIS D 250 7.70 -56.13 19.31
C HIS D 250 6.30 -55.72 18.86
N PRO D 251 5.38 -56.69 18.70
CA PRO D 251 3.99 -56.39 18.29
C PRO D 251 3.38 -55.12 18.95
N THR D 252 3.54 -54.98 20.27
CA THR D 252 3.02 -53.86 20.99
C THR D 252 3.51 -52.54 20.40
N SER D 253 4.80 -52.46 20.07
CA SER D 253 5.32 -51.27 19.39
C SER D 253 4.76 -51.08 17.98
N HIS D 254 4.55 -52.19 17.26
CA HIS D 254 3.90 -52.13 15.96
C HIS D 254 2.45 -51.62 16.03
N LEU D 255 1.85 -51.68 17.23
CA LEU D 255 0.52 -51.15 17.41
C LEU D 255 0.56 -49.67 17.81
N MET D 256 1.33 -49.36 18.86
CA MET D 256 1.21 -48.03 19.45
C MET D 256 2.40 -47.07 19.35
N GLN D 257 3.41 -47.37 18.53
CA GLN D 257 4.63 -46.52 18.49
C GLN D 257 4.35 -45.04 18.17
N SER D 258 3.24 -44.76 17.47
CA SER D 258 2.94 -43.39 17.07
C SER D 258 2.26 -42.59 18.16
N ILE D 259 1.65 -43.28 19.12
CA ILE D 259 0.81 -42.64 20.13
C ILE D 259 1.50 -41.64 21.08
N PRO D 260 2.66 -42.00 21.64
CA PRO D 260 3.25 -41.02 22.55
C PRO D 260 3.45 -39.66 21.89
N GLY D 261 3.86 -39.68 20.62
CA GLY D 261 4.09 -38.44 19.91
C GLY D 261 2.82 -37.67 19.56
N MET D 262 1.68 -38.35 19.58
CA MET D 262 0.45 -37.71 19.17
C MET D 262 -0.32 -37.08 20.32
N HIS D 263 0.20 -37.24 21.53
CA HIS D 263 -0.45 -36.66 22.70
C HIS D 263 -0.40 -35.14 22.60
N ASN D 264 -1.48 -34.48 23.04
CA ASN D 264 -1.52 -33.03 23.05
C ASN D 264 -0.73 -32.48 24.22
N PRO D 265 0.38 -31.78 23.94
CA PRO D 265 1.34 -31.30 24.93
C PRO D 265 0.84 -30.17 25.79
N ASP D 266 -0.33 -29.64 25.47
CA ASP D 266 -0.93 -28.61 26.31
C ASP D 266 -1.57 -29.27 27.53
N LYS D 267 -2.19 -30.42 27.33
CA LYS D 267 -2.92 -31.08 28.40
C LYS D 267 -2.24 -32.33 29.01
N PHE D 268 -1.24 -32.87 28.31
CA PHE D 268 -0.60 -34.09 28.78
C PHE D 268 0.92 -34.02 28.74
N GLU D 269 1.56 -34.64 29.72
CA GLU D 269 3.01 -34.79 29.71
C GLU D 269 3.25 -36.28 29.70
N VAL D 270 3.94 -36.78 28.67
CA VAL D 270 4.06 -38.23 28.43
C VAL D 270 5.41 -38.78 28.85
N PHE D 271 5.37 -39.73 29.76
CA PHE D 271 6.59 -40.41 30.21
C PHE D 271 6.54 -41.86 29.73
N CYS D 272 7.63 -42.34 29.14
CA CYS D 272 7.68 -43.73 28.74
C CYS D 272 8.74 -44.42 29.58
N TYR D 273 8.32 -45.44 30.33
CA TYR D 273 9.24 -46.21 31.16
C TYR D 273 9.55 -47.55 30.51
N ALA D 274 10.75 -47.65 29.93
CA ALA D 274 11.20 -48.84 29.23
C ALA D 274 11.68 -49.86 30.24
N LEU D 275 11.19 -51.10 30.13
CA LEU D 275 11.67 -52.16 31.01
C LEU D 275 12.82 -52.95 30.40
N SER D 276 13.15 -52.62 29.16
CA SER D 276 14.18 -53.38 28.41
C SER D 276 15.20 -52.44 27.78
N PRO D 277 16.45 -52.91 27.65
CA PRO D 277 17.51 -52.08 27.03
C PRO D 277 17.19 -51.77 25.54
N ASP D 278 17.87 -50.75 25.00
CA ASP D 278 17.69 -50.27 23.63
C ASP D 278 18.08 -51.41 22.71
N ASP D 279 17.14 -51.90 21.91
CA ASP D 279 17.48 -52.98 20.97
C ASP D 279 17.97 -52.47 19.63
N GLY D 280 18.18 -51.16 19.56
CA GLY D 280 18.75 -50.53 18.37
C GLY D 280 17.80 -50.26 17.21
N THR D 281 16.56 -50.70 17.33
CA THR D 281 15.59 -50.59 16.23
C THR D 281 14.94 -49.21 16.20
N ASN D 282 14.42 -48.85 15.04
CA ASN D 282 13.74 -47.58 14.88
C ASN D 282 12.51 -47.43 15.76
N PHE D 283 11.88 -48.55 16.13
CA PHE D 283 10.71 -48.48 17.00
C PHE D 283 11.11 -47.82 18.32
N ARG D 284 12.24 -48.26 18.86
CA ARG D 284 12.73 -47.70 20.10
C ARG D 284 13.16 -46.25 19.86
N VAL D 285 13.79 -45.99 18.72
CA VAL D 285 14.23 -44.62 18.39
C VAL D 285 13.05 -43.66 18.47
N LYS D 286 11.97 -43.99 17.75
CA LYS D 286 10.80 -43.12 17.66
C LYS D 286 10.25 -42.77 19.04
N VAL D 287 9.91 -43.79 19.83
CA VAL D 287 9.36 -43.56 21.16
C VAL D 287 10.27 -42.62 21.96
N MET D 288 11.57 -42.92 22.03
CA MET D 288 12.52 -42.04 22.69
C MET D 288 12.47 -40.60 22.19
N ALA D 289 12.33 -40.43 20.88
CA ALA D 289 12.35 -39.11 20.25
C ALA D 289 11.07 -38.34 20.43
N GLU D 290 9.96 -39.03 20.70
CA GLU D 290 8.66 -38.39 20.66
C GLU D 290 8.00 -38.27 22.01
N ALA D 291 8.23 -39.24 22.89
CA ALA D 291 7.78 -39.10 24.28
C ALA D 291 8.40 -37.84 24.88
N ASN D 292 7.63 -37.12 25.68
CA ASN D 292 8.17 -35.97 26.43
C ASN D 292 9.32 -36.35 27.32
N HIS D 293 9.24 -37.53 27.93
CA HIS D 293 10.35 -38.09 28.71
C HIS D 293 10.49 -39.58 28.48
N PHE D 294 11.71 -40.05 28.30
CA PHE D 294 11.92 -41.47 28.16
C PHE D 294 12.82 -41.98 29.25
N ILE D 295 12.39 -42.97 30.00
CA ILE D 295 13.16 -43.41 31.17
C ILE D 295 13.52 -44.87 31.06
N ASP D 296 14.83 -45.14 31.05
CA ASP D 296 15.31 -46.50 30.93
C ASP D 296 15.37 -47.21 32.30
N LEU D 297 14.31 -47.95 32.62
CA LEU D 297 14.25 -48.65 33.90
C LEU D 297 15.02 -49.96 33.91
N SER D 298 15.51 -50.38 32.75
CA SER D 298 16.33 -51.57 32.71
C SER D 298 17.65 -51.27 33.41
N GLN D 299 18.01 -49.98 33.50
CA GLN D 299 19.16 -49.52 34.30
C GLN D 299 18.89 -49.45 35.80
N ILE D 300 17.62 -49.50 36.20
CA ILE D 300 17.25 -49.44 37.61
C ILE D 300 16.56 -50.76 37.96
N PRO D 301 17.38 -51.80 38.24
CA PRO D 301 16.80 -53.14 38.36
C PRO D 301 16.05 -53.38 39.68
N CYS D 302 16.42 -52.66 40.75
CA CYS D 302 15.66 -52.72 42.03
C CYS D 302 14.24 -52.15 41.89
N ASN D 303 13.22 -52.93 42.23
CA ASN D 303 11.85 -52.43 42.07
C ASN D 303 11.47 -51.25 42.95
N GLY D 304 12.08 -51.16 44.12
CA GLY D 304 11.83 -50.04 44.99
C GLY D 304 12.35 -48.72 44.45
N LYS D 305 13.59 -48.74 43.95
CA LYS D 305 14.19 -47.53 43.40
C LYS D 305 13.48 -47.08 42.12
N ALA D 306 13.00 -48.04 41.34
CA ALA D 306 12.28 -47.75 40.11
C ALA D 306 10.94 -47.12 40.43
N ALA D 307 10.17 -47.74 41.32
CA ALA D 307 8.89 -47.15 41.75
C ALA D 307 9.10 -45.75 42.30
N ASP D 308 10.13 -45.54 43.13
CA ASP D 308 10.49 -44.21 43.61
C ASP D 308 10.57 -43.23 42.46
N ARG D 309 11.30 -43.62 41.43
CA ARG D 309 11.55 -42.78 40.28
C ARG D 309 10.25 -42.43 39.62
N ILE D 310 9.37 -43.40 39.46
CA ILE D 310 8.06 -43.16 38.86
C ILE D 310 7.35 -42.07 39.68
N HIS D 311 7.35 -42.22 40.99
CA HIS D 311 6.61 -41.35 41.89
C HIS D 311 7.16 -39.94 41.86
N GLN D 312 8.48 -39.85 41.85
CA GLN D 312 9.17 -38.60 41.92
C GLN D 312 9.05 -37.84 40.58
N ASP D 313 8.80 -38.57 39.49
CA ASP D 313 8.47 -37.95 38.22
C ASP D 313 7.08 -37.32 38.25
N GLY D 314 6.23 -37.78 39.15
CA GLY D 314 4.96 -37.16 39.42
C GLY D 314 3.77 -37.65 38.63
N ILE D 315 3.82 -38.92 38.23
CA ILE D 315 2.78 -39.54 37.38
C ILE D 315 1.39 -39.56 38.01
N HIS D 316 0.38 -39.17 37.24
CA HIS D 316 -1.01 -39.32 37.67
C HIS D 316 -1.60 -40.66 37.22
N ILE D 317 -1.46 -40.98 35.94
CA ILE D 317 -1.90 -42.28 35.44
C ILE D 317 -0.71 -43.12 34.94
N LEU D 318 -0.52 -44.28 35.57
CA LEU D 318 0.47 -45.23 35.15
C LEU D 318 -0.16 -46.35 34.34
N VAL D 319 0.34 -46.54 33.13
CA VAL D 319 -0.27 -47.50 32.22
C VAL D 319 0.54 -48.81 32.12
N ASN D 320 -0.13 -49.93 32.43
CA ASN D 320 0.51 -51.23 32.35
C ASN D 320 0.29 -51.82 30.96
N MET D 321 1.34 -51.87 30.15
CA MET D 321 1.23 -52.44 28.82
C MET D 321 1.71 -53.89 28.75
N ASN D 322 1.91 -54.49 29.91
CA ASN D 322 2.55 -55.79 29.94
C ASN D 322 1.69 -56.91 30.49
N GLY D 323 0.89 -56.60 31.50
CA GLY D 323 0.17 -57.64 32.22
C GLY D 323 1.16 -58.74 32.62
N TYR D 324 0.86 -59.97 32.22
CA TYR D 324 1.69 -61.11 32.59
C TYR D 324 2.48 -61.64 31.42
N THR D 325 2.92 -60.74 30.54
CA THR D 325 3.79 -61.14 29.45
C THR D 325 5.27 -61.08 29.87
N LYS D 326 6.16 -61.72 29.11
CA LYS D 326 7.59 -61.73 29.41
C LYS D 326 8.10 -60.30 29.57
N GLY D 327 8.97 -60.08 30.56
CA GLY D 327 9.64 -58.79 30.71
C GLY D 327 8.97 -57.88 31.71
N ALA D 328 7.67 -58.15 31.97
CA ALA D 328 6.87 -57.38 32.95
C ALA D 328 7.55 -57.18 34.30
N ARG D 329 7.20 -56.11 34.97
CA ARG D 329 7.67 -55.90 36.33
C ARG D 329 6.53 -55.32 37.13
N ASN D 330 5.51 -56.15 37.35
CA ASN D 330 4.29 -55.69 37.98
C ASN D 330 4.49 -55.27 39.43
N GLU D 331 5.60 -55.69 40.01
CA GLU D 331 6.05 -55.23 41.29
C GLU D 331 6.01 -53.71 41.31
N LEU D 332 6.34 -53.08 40.18
CA LEU D 332 6.25 -51.61 40.09
C LEU D 332 4.84 -51.13 40.34
N PHE D 333 3.87 -51.82 39.77
CA PHE D 333 2.49 -51.41 39.96
C PHE D 333 1.98 -51.78 41.34
N ALA D 334 2.49 -52.89 41.86
CA ALA D 334 2.09 -53.37 43.17
C ALA D 334 2.53 -52.36 44.21
N LEU D 335 3.69 -51.74 43.99
CA LEU D 335 4.18 -50.68 44.88
C LEU D 335 3.28 -49.45 44.88
N ARG D 336 2.45 -49.34 43.85
CA ARG D 336 1.43 -48.32 43.78
C ARG D 336 2.00 -46.89 43.89
N PRO D 337 2.82 -46.46 42.90
CA PRO D 337 3.39 -45.12 42.93
C PRO D 337 2.54 -44.07 42.25
N ALA D 338 1.44 -44.47 41.63
CA ALA D 338 0.60 -43.49 40.97
C ALA D 338 -0.86 -43.67 41.40
N PRO D 339 -1.61 -42.57 41.49
CA PRO D 339 -2.97 -42.60 42.05
C PRO D 339 -3.92 -43.44 41.24
N ILE D 340 -3.74 -43.49 39.93
CA ILE D 340 -4.58 -44.27 39.01
C ILE D 340 -3.69 -45.14 38.14
N GLN D 341 -4.02 -46.43 38.01
CA GLN D 341 -3.19 -47.36 37.25
C GLN D 341 -4.06 -48.23 36.33
N ALA D 342 -3.74 -48.25 35.05
CA ALA D 342 -4.62 -48.91 34.10
C ALA D 342 -3.90 -49.93 33.25
N MET D 343 -4.59 -51.02 32.96
CA MET D 343 -4.14 -52.00 31.99
C MET D 343 -4.46 -51.48 30.62
N TRP D 344 -3.54 -51.61 29.67
CA TRP D 344 -3.81 -51.17 28.31
C TRP D 344 -3.10 -52.00 27.25
N LEU D 345 -3.89 -52.48 26.29
CA LEU D 345 -3.37 -52.94 24.98
C LEU D 345 -2.47 -54.20 24.92
N GLY D 346 -1.41 -54.27 25.73
CA GLY D 346 -0.40 -55.32 25.57
C GLY D 346 -0.82 -56.71 26.07
N TYR D 347 -1.74 -56.74 27.04
CA TYR D 347 -2.15 -58.01 27.63
C TYR D 347 -3.67 -58.22 27.55
N PRO D 348 -4.12 -59.30 26.92
CA PRO D 348 -5.54 -59.51 26.58
C PRO D 348 -6.34 -60.28 27.65
N GLY D 349 -6.40 -59.74 28.86
CA GLY D 349 -7.13 -60.40 29.95
C GLY D 349 -7.01 -59.61 31.21
N THR D 350 -7.71 -60.03 32.25
CA THR D 350 -7.62 -59.34 33.52
C THR D 350 -6.31 -59.66 34.24
N SER D 351 -5.91 -58.74 35.10
CA SER D 351 -4.73 -58.91 35.93
C SER D 351 -5.14 -59.58 37.24
N GLY D 352 -6.42 -59.49 37.57
CA GLY D 352 -6.92 -60.07 38.80
C GLY D 352 -6.40 -59.37 40.04
N ALA D 353 -5.47 -58.45 39.83
CA ALA D 353 -4.76 -57.82 40.94
C ALA D 353 -5.49 -56.59 41.44
N LEU D 354 -5.37 -56.33 42.75
CA LEU D 354 -5.98 -55.16 43.37
C LEU D 354 -5.27 -53.86 43.00
N PHE D 355 -3.96 -53.92 42.75
CA PHE D 355 -3.17 -52.70 42.44
C PHE D 355 -3.50 -52.06 41.08
N MET D 356 -4.11 -52.81 40.18
CA MET D 356 -4.59 -52.26 38.93
C MET D 356 -6.04 -51.77 39.09
N ASP D 357 -6.28 -50.50 38.75
CA ASP D 357 -7.60 -49.88 38.86
C ASP D 357 -8.52 -50.12 37.67
N TYR D 358 -8.11 -49.70 36.48
CA TYR D 358 -8.98 -49.84 35.32
C TYR D 358 -8.37 -50.77 34.31
N ILE D 359 -9.21 -51.36 33.46
CA ILE D 359 -8.72 -51.93 32.21
C ILE D 359 -9.28 -51.12 31.06
N ILE D 360 -8.41 -50.60 30.20
CA ILE D 360 -8.87 -49.88 29.02
C ILE D 360 -9.28 -50.88 27.95
N THR D 361 -10.57 -50.85 27.64
CA THR D 361 -11.15 -51.80 26.70
C THR D 361 -12.27 -51.09 25.93
N ASP D 362 -13.22 -51.83 25.37
CA ASP D 362 -14.37 -51.18 24.76
C ASP D 362 -15.64 -52.01 24.96
N GLN D 363 -16.76 -51.45 24.53
CA GLN D 363 -18.05 -52.08 24.75
C GLN D 363 -18.30 -53.40 23.97
N GLU D 364 -17.59 -53.60 22.85
CA GLU D 364 -17.75 -54.84 22.06
C GLU D 364 -16.85 -55.95 22.57
N THR D 365 -15.75 -55.55 23.19
CA THR D 365 -14.76 -56.51 23.66
C THR D 365 -15.19 -56.98 25.03
N SER D 366 -15.54 -56.01 25.86
CA SER D 366 -15.95 -56.31 27.22
C SER D 366 -17.34 -55.71 27.50
N PRO D 367 -18.41 -56.31 26.97
CA PRO D 367 -19.73 -55.76 27.32
C PRO D 367 -19.96 -55.81 28.84
N ALA D 368 -20.83 -54.93 29.35
CA ALA D 368 -21.05 -54.83 30.80
C ALA D 368 -21.58 -56.14 31.43
N GLU D 369 -22.32 -56.91 30.62
CA GLU D 369 -22.82 -58.25 31.03
C GLU D 369 -21.71 -59.07 31.67
N VAL D 370 -20.51 -58.95 31.13
CA VAL D 370 -19.40 -59.78 31.59
C VAL D 370 -18.36 -59.02 32.44
N ALA D 371 -18.82 -58.01 33.19
CA ALA D 371 -17.90 -57.23 34.03
C ALA D 371 -17.22 -58.10 35.08
N GLU D 372 -17.82 -59.25 35.35
CA GLU D 372 -17.36 -60.10 36.43
C GLU D 372 -16.12 -60.92 36.05
N GLN D 373 -15.75 -60.86 34.77
CA GLN D 373 -14.52 -61.50 34.26
C GLN D 373 -13.28 -60.75 34.72
N TYR D 374 -13.43 -59.45 34.96
CA TYR D 374 -12.29 -58.56 35.25
C TYR D 374 -12.33 -58.07 36.69
N SER D 375 -11.16 -58.00 37.30
CA SER D 375 -11.04 -57.45 38.63
C SER D 375 -10.98 -55.89 38.59
N GLU D 376 -10.51 -55.37 37.47
CA GLU D 376 -10.41 -53.92 37.26
C GLU D 376 -11.78 -53.40 36.88
N LYS D 377 -11.99 -52.10 37.01
CA LYS D 377 -13.17 -51.45 36.46
C LYS D 377 -12.93 -51.18 35.00
N LEU D 378 -13.98 -51.37 34.20
CA LEU D 378 -13.92 -51.15 32.77
C LEU D 378 -13.84 -49.67 32.38
N ALA D 379 -12.91 -49.33 31.49
CA ALA D 379 -12.87 -47.99 30.96
C ALA D 379 -13.01 -48.10 29.43
N TYR D 380 -14.06 -47.48 28.90
CA TYR D 380 -14.38 -47.66 27.49
C TYR D 380 -13.80 -46.62 26.53
N MET D 381 -13.06 -47.12 25.53
CA MET D 381 -12.81 -46.33 24.34
C MET D 381 -14.09 -46.39 23.54
N PRO D 382 -14.38 -45.32 22.77
CA PRO D 382 -15.66 -45.24 22.07
C PRO D 382 -15.84 -46.20 20.87
N HIS D 383 -14.78 -46.81 20.35
CA HIS D 383 -14.97 -47.70 19.20
C HIS D 383 -14.34 -49.08 19.38
N THR D 384 -13.01 -49.09 19.40
CA THR D 384 -12.24 -50.26 19.81
C THR D 384 -11.04 -49.79 20.56
N PHE D 385 -10.59 -50.59 21.54
CA PHE D 385 -9.42 -50.22 22.30
C PHE D 385 -8.21 -50.60 21.47
N PHE D 386 -8.42 -51.40 20.43
CA PHE D 386 -7.30 -51.79 19.58
C PHE D 386 -6.87 -50.67 18.64
N ILE D 387 -5.59 -50.65 18.31
CA ILE D 387 -5.07 -49.66 17.38
C ILE D 387 -3.87 -50.29 16.71
N GLY D 388 -3.50 -49.79 15.53
CA GLY D 388 -2.31 -50.30 14.84
C GLY D 388 -1.59 -49.18 14.12
N ASP D 389 -0.29 -49.34 13.91
CA ASP D 389 0.48 -48.28 13.29
C ASP D 389 0.63 -48.44 11.77
N HIS D 390 -0.25 -49.22 11.15
CA HIS D 390 -0.04 -49.64 9.77
C HIS D 390 -0.06 -48.48 8.79
N ALA D 391 -0.88 -47.46 9.09
CA ALA D 391 -0.99 -46.30 8.22
C ALA D 391 0.36 -45.63 8.14
N ASN D 392 1.07 -45.61 9.27
CA ASN D 392 2.39 -45.02 9.35
C ASN D 392 3.51 -45.94 8.87
N MET D 393 3.38 -47.25 9.19
CA MET D 393 4.45 -48.23 8.94
C MET D 393 4.51 -48.69 7.50
N PHE D 394 3.33 -48.98 6.94
CA PHE D 394 3.15 -49.54 5.60
C PHE D 394 2.25 -48.69 4.69
N PRO D 395 2.60 -47.41 4.48
CA PRO D 395 1.77 -46.59 3.57
C PRO D 395 1.84 -47.05 2.10
N HIS D 396 2.86 -47.85 1.75
CA HIS D 396 2.97 -48.35 0.37
C HIS D 396 1.87 -49.35 0.03
N LEU D 397 1.12 -49.79 1.04
CA LEU D 397 -0.03 -50.67 0.79
C LEU D 397 -1.38 -49.92 0.79
N LYS D 398 -1.33 -48.59 0.63
CA LYS D 398 -2.55 -47.81 0.67
C LYS D 398 -3.24 -47.94 -0.67
N LYS D 399 -2.44 -48.15 -1.72
CA LYS D 399 -2.95 -48.29 -3.08
C LYS D 399 -2.27 -49.50 -3.69
N LYS D 400 -2.94 -50.16 -4.61
CA LYS D 400 -2.33 -51.29 -5.31
C LYS D 400 -2.59 -51.20 -6.80
N ALA D 401 -2.04 -52.14 -7.54
CA ALA D 401 -2.27 -52.26 -8.97
C ALA D 401 -2.05 -53.72 -9.31
N VAL D 402 -2.67 -54.22 -10.37
CA VAL D 402 -2.55 -55.64 -10.70
C VAL D 402 -2.09 -55.85 -12.11
N ILE D 403 -1.61 -57.04 -12.38
CA ILE D 403 -1.31 -57.45 -13.74
C ILE D 403 -2.35 -58.49 -14.18
N ASP D 404 -2.94 -58.25 -15.35
CA ASP D 404 -3.88 -59.19 -15.95
C ASP D 404 -3.13 -60.20 -16.81
N PHE D 405 -3.27 -61.49 -16.50
CA PHE D 405 -2.47 -62.49 -17.19
C PHE D 405 -3.28 -63.53 -18.02
N LYS D 406 -4.48 -63.14 -18.46
CA LYS D 406 -5.35 -64.01 -19.29
C LYS D 406 -5.32 -63.67 -20.79
N ILE D 411 -10.28 -59.95 -14.56
CA ILE D 411 -9.73 -58.85 -13.77
C ILE D 411 -9.77 -59.15 -12.26
N TYR D 412 -8.69 -59.78 -11.78
CA TYR D 412 -8.60 -60.20 -10.38
C TYR D 412 -7.76 -59.23 -9.55
N ASP D 413 -8.22 -58.93 -8.34
CA ASP D 413 -7.55 -57.98 -7.46
C ASP D 413 -6.43 -58.59 -6.60
N ASN D 414 -6.20 -59.88 -6.73
CA ASN D 414 -5.28 -60.55 -5.81
C ASN D 414 -4.43 -61.71 -6.38
N ARG D 415 -4.03 -61.60 -7.63
CA ARG D 415 -3.25 -62.66 -8.24
C ARG D 415 -1.83 -62.24 -8.50
N ILE D 416 -1.69 -61.06 -9.10
CA ILE D 416 -0.38 -60.42 -9.19
C ILE D 416 -0.60 -58.99 -8.70
N VAL D 417 0.11 -58.59 -7.65
CA VAL D 417 -0.12 -57.29 -7.03
C VAL D 417 1.15 -56.44 -6.96
N LEU D 418 1.02 -55.16 -7.31
CA LEU D 418 2.11 -54.20 -7.15
C LEU D 418 1.76 -53.16 -6.09
N ASN D 419 2.73 -52.87 -5.23
CA ASN D 419 2.62 -51.74 -4.31
C ASN D 419 3.90 -50.91 -4.36
N GLY D 420 3.79 -49.64 -4.00
CA GLY D 420 4.98 -48.80 -3.96
C GLY D 420 4.60 -47.35 -3.86
N ILE D 421 5.43 -46.60 -3.11
CA ILE D 421 5.21 -45.17 -2.95
C ILE D 421 5.12 -44.49 -4.33
N ASP D 422 6.00 -44.90 -5.25
CA ASP D 422 6.04 -44.30 -6.59
C ASP D 422 5.31 -45.15 -7.65
N LEU D 423 4.29 -45.88 -7.22
CA LEU D 423 3.52 -46.73 -8.14
C LEU D 423 2.84 -45.91 -9.26
N LYS D 424 2.09 -44.88 -8.86
CA LYS D 424 1.45 -43.97 -9.82
C LYS D 424 2.41 -43.48 -10.91
N ALA D 425 3.56 -42.94 -10.52
CA ALA D 425 4.56 -42.47 -11.47
C ALA D 425 5.00 -43.55 -12.47
N PHE D 426 5.10 -44.78 -12.00
CA PHE D 426 5.52 -45.89 -12.84
C PHE D 426 4.45 -46.25 -13.84
N LEU D 427 3.21 -46.26 -13.35
CA LEU D 427 2.06 -46.56 -14.19
C LEU D 427 1.85 -45.49 -15.28
N ASP D 428 2.22 -44.26 -14.98
CA ASP D 428 2.11 -43.18 -15.95
C ASP D 428 3.16 -43.30 -17.04
N SER D 429 4.18 -44.12 -16.82
CA SER D 429 5.17 -44.33 -17.88
C SER D 429 4.80 -45.50 -18.77
N LEU D 430 3.73 -46.20 -18.43
CA LEU D 430 3.27 -47.35 -19.20
C LEU D 430 2.18 -46.96 -20.21
N PRO D 431 2.14 -47.66 -21.36
CA PRO D 431 1.18 -47.30 -22.41
C PRO D 431 -0.29 -47.64 -22.11
N ASP D 432 -0.58 -48.88 -21.70
CA ASP D 432 -1.95 -49.40 -21.86
C ASP D 432 -2.75 -49.66 -20.59
N VAL D 433 -2.41 -48.91 -19.54
CA VAL D 433 -3.01 -49.10 -18.22
C VAL D 433 -4.52 -48.85 -18.22
N LYS D 434 -5.31 -49.82 -17.77
CA LYS D 434 -6.77 -49.65 -17.63
C LYS D 434 -7.09 -49.37 -16.18
N ILE D 435 -8.04 -48.49 -15.93
CA ILE D 435 -8.40 -48.12 -14.56
C ILE D 435 -9.77 -48.66 -14.17
N VAL D 436 -9.81 -49.82 -13.49
CA VAL D 436 -11.07 -50.38 -12.94
C VAL D 436 -11.53 -49.58 -11.72
N LYS D 437 -12.79 -49.18 -11.72
CA LYS D 437 -13.33 -48.31 -10.66
C LYS D 437 -13.88 -49.14 -9.50
N MET D 438 -13.82 -48.59 -8.28
CA MET D 438 -14.36 -49.27 -7.08
C MET D 438 -15.55 -48.52 -6.46
N LEU D 454 -10.80 -45.94 -3.35
CA LEU D 454 -10.34 -45.25 -4.55
C LEU D 454 -10.75 -45.99 -5.87
N ASN D 455 -9.82 -46.76 -6.45
CA ASN D 455 -9.95 -47.44 -7.77
C ASN D 455 -8.64 -48.16 -8.12
N MET D 456 -8.68 -49.18 -8.97
CA MET D 456 -7.53 -50.04 -9.12
C MET D 456 -6.98 -50.19 -10.55
N PRO D 457 -5.75 -49.69 -10.79
CA PRO D 457 -5.10 -49.80 -12.10
C PRO D 457 -4.77 -51.22 -12.49
N VAL D 458 -4.90 -51.54 -13.77
CA VAL D 458 -4.61 -52.89 -14.28
C VAL D 458 -3.68 -52.87 -15.47
N ILE D 459 -2.47 -53.37 -15.27
CA ILE D 459 -1.51 -53.49 -16.36
C ILE D 459 -1.93 -54.70 -17.22
N PRO D 460 -2.03 -54.51 -18.55
CA PRO D 460 -2.32 -55.60 -19.49
C PRO D 460 -1.07 -56.43 -19.74
N MET D 461 -1.27 -57.67 -20.22
CA MET D 461 -0.17 -58.58 -20.54
C MET D 461 0.65 -58.13 -21.77
N ASN D 462 1.59 -57.20 -21.57
CA ASN D 462 2.49 -56.75 -22.64
C ASN D 462 3.90 -57.29 -22.41
N THR D 463 4.91 -56.68 -23.02
CA THR D 463 6.30 -57.11 -22.84
C THR D 463 6.78 -56.80 -21.43
N ILE D 464 6.39 -55.63 -20.93
CA ILE D 464 6.65 -55.20 -19.57
C ILE D 464 6.10 -56.21 -18.56
N ALA D 465 4.81 -56.49 -18.62
CA ALA D 465 4.20 -57.47 -17.72
C ALA D 465 5.00 -58.79 -17.71
N GLU D 466 5.50 -59.19 -18.88
CA GLU D 466 6.22 -60.46 -19.01
C GLU D 466 7.56 -60.42 -18.31
N ALA D 467 8.22 -59.27 -18.37
CA ALA D 467 9.52 -59.07 -17.72
C ALA D 467 9.38 -59.19 -16.22
N VAL D 468 8.28 -58.63 -15.70
CA VAL D 468 7.95 -58.71 -14.28
C VAL D 468 7.72 -60.16 -13.89
N ILE D 469 6.90 -60.86 -14.67
CA ILE D 469 6.56 -62.25 -14.36
C ILE D 469 7.80 -63.11 -14.42
N GLU D 470 8.67 -62.81 -15.38
CA GLU D 470 9.89 -63.61 -15.54
C GLU D 470 10.81 -63.47 -14.33
N MET D 471 10.94 -62.25 -13.81
CA MET D 471 11.68 -61.99 -12.58
C MET D 471 11.14 -62.86 -11.44
N ILE D 472 9.81 -62.83 -11.26
CA ILE D 472 9.15 -63.67 -10.25
C ILE D 472 9.39 -65.17 -10.46
N ASN D 473 9.25 -65.64 -11.70
CA ASN D 473 9.41 -67.08 -11.98
C ASN D 473 10.85 -67.53 -11.83
N ARG D 474 11.79 -66.78 -12.40
CA ARG D 474 13.20 -67.14 -12.29
C ARG D 474 13.74 -66.89 -10.85
N GLY D 475 12.91 -66.29 -10.00
CA GLY D 475 13.28 -65.95 -8.61
C GLY D 475 14.46 -64.99 -8.54
N GLN D 476 14.41 -63.89 -9.27
CA GLN D 476 15.47 -62.88 -9.23
C GLN D 476 15.10 -61.79 -8.24
N ILE D 477 16.11 -61.08 -7.76
CA ILE D 477 15.93 -60.04 -6.72
C ILE D 477 15.08 -58.85 -7.19
N GLN D 478 15.46 -58.28 -8.34
CA GLN D 478 14.91 -57.02 -8.81
C GLN D 478 15.16 -56.82 -10.30
N ILE D 479 14.35 -55.98 -10.92
CA ILE D 479 14.59 -55.55 -12.29
C ILE D 479 14.43 -54.03 -12.39
N THR D 480 14.76 -53.47 -13.55
CA THR D 480 14.51 -52.06 -13.83
C THR D 480 13.57 -51.97 -15.05
N ILE D 481 12.59 -51.08 -15.00
CA ILE D 481 11.71 -50.86 -16.12
C ILE D 481 11.44 -49.39 -16.18
N ASN D 482 11.85 -48.76 -17.29
CA ASN D 482 11.66 -47.30 -17.47
C ASN D 482 12.30 -46.49 -16.35
N GLY D 483 13.43 -47.00 -15.83
CA GLY D 483 14.15 -46.36 -14.73
C GLY D 483 13.63 -46.58 -13.31
N PHE D 484 12.45 -47.21 -13.19
CA PHE D 484 11.87 -47.55 -11.90
C PHE D 484 12.43 -48.87 -11.42
N SER D 485 12.64 -48.99 -10.11
CA SER D 485 13.10 -50.25 -9.53
C SER D 485 11.90 -51.11 -9.15
N ILE D 486 11.87 -52.31 -9.71
CA ILE D 486 10.82 -53.25 -9.43
C ILE D 486 11.46 -54.39 -8.66
N SER D 487 10.95 -54.63 -7.45
CA SER D 487 11.51 -55.61 -6.52
C SER D 487 10.65 -56.84 -6.34
N ASN D 488 11.32 -57.98 -6.22
CA ASN D 488 10.67 -59.25 -5.92
C ASN D 488 10.22 -59.30 -4.44
N GLY D 489 8.93 -59.50 -4.21
CA GLY D 489 8.36 -59.49 -2.85
C GLY D 489 8.98 -60.45 -1.84
N LEU D 490 9.58 -61.53 -2.35
CA LEU D 490 10.25 -62.53 -1.50
C LEU D 490 11.66 -62.16 -1.14
N ALA D 491 12.20 -61.09 -1.72
CA ALA D 491 13.60 -60.75 -1.54
C ALA D 491 13.84 -59.40 -0.87
N THR D 492 12.88 -58.93 -0.07
CA THR D 492 13.02 -57.55 0.43
C THR D 492 14.12 -57.39 1.47
N THR D 493 14.38 -58.43 2.29
CA THR D 493 15.44 -58.30 3.30
C THR D 493 16.82 -58.16 2.65
N GLN D 494 16.91 -58.50 1.38
CA GLN D 494 18.17 -58.39 0.66
C GLN D 494 18.29 -57.04 0.06
N ILE D 495 17.16 -56.44 -0.27
CA ILE D 495 17.13 -55.12 -0.92
C ILE D 495 17.30 -54.03 0.12
N ASN D 496 16.51 -54.10 1.20
CA ASN D 496 16.54 -53.12 2.28
C ASN D 496 15.99 -53.73 3.57
N ASN D 497 16.88 -54.26 4.40
CA ASN D 497 16.52 -55.02 5.60
C ASN D 497 15.64 -54.26 6.57
N LYS D 498 15.83 -52.95 6.67
CA LYS D 498 15.01 -52.15 7.59
C LYS D 498 13.57 -52.07 7.08
N ALA D 499 13.40 -52.06 5.75
CA ALA D 499 12.07 -52.02 5.17
C ALA D 499 11.34 -53.34 5.43
N ALA D 500 12.09 -54.44 5.42
CA ALA D 500 11.49 -55.76 5.64
C ALA D 500 10.85 -55.86 7.03
N THR D 501 11.45 -55.18 8.02
CA THR D 501 11.02 -55.33 9.41
C THR D 501 9.94 -54.35 9.76
N GLY D 502 9.77 -53.34 8.93
CA GLY D 502 8.75 -52.33 9.15
C GLY D 502 9.35 -51.08 9.75
N GLU D 503 10.67 -51.07 9.90
CA GLU D 503 11.38 -49.92 10.43
C GLU D 503 11.55 -48.78 9.42
N GLU D 504 11.46 -49.09 8.13
CA GLU D 504 11.44 -48.10 7.07
C GLU D 504 10.33 -48.44 6.08
N VAL D 505 9.85 -47.41 5.38
CA VAL D 505 8.95 -47.60 4.26
C VAL D 505 9.81 -47.97 3.05
N PRO D 506 9.50 -49.08 2.35
CA PRO D 506 10.27 -49.46 1.15
C PRO D 506 10.33 -48.34 0.10
N ARG D 507 11.47 -48.18 -0.55
CA ARG D 507 11.63 -47.14 -1.60
C ARG D 507 11.53 -47.68 -3.04
N THR D 508 11.10 -48.93 -3.18
CA THR D 508 10.96 -49.53 -4.51
C THR D 508 9.53 -50.02 -4.71
N ILE D 509 9.21 -50.34 -5.96
CA ILE D 509 7.91 -50.93 -6.26
C ILE D 509 8.01 -52.45 -6.05
N ILE D 510 7.05 -53.04 -5.34
CA ILE D 510 7.18 -54.43 -4.94
C ILE D 510 6.07 -55.33 -5.50
N VAL D 511 6.49 -56.34 -6.26
CA VAL D 511 5.59 -57.33 -6.83
C VAL D 511 5.31 -58.49 -5.88
N THR D 512 4.03 -58.80 -5.69
CA THR D 512 3.59 -59.90 -4.84
C THR D 512 2.63 -60.75 -5.67
N THR D 513 2.89 -62.06 -5.75
CA THR D 513 2.08 -62.97 -6.58
C THR D 513 1.69 -64.24 -5.84
N ARG D 514 0.57 -64.81 -6.24
CA ARG D 514 0.16 -66.09 -5.68
C ARG D 514 1.17 -67.19 -5.98
N SER D 515 1.69 -67.18 -7.21
CA SER D 515 2.60 -68.23 -7.64
C SER D 515 3.81 -68.29 -6.75
N GLN D 516 4.27 -67.14 -6.24
CA GLN D 516 5.36 -67.09 -5.24
C GLN D 516 5.18 -68.07 -4.07
N TYR D 517 3.96 -68.16 -3.54
CA TYR D 517 3.68 -68.98 -2.36
C TYR D 517 2.98 -70.31 -2.67
N GLY D 518 2.94 -70.67 -3.96
CA GLY D 518 2.32 -71.92 -4.42
C GLY D 518 0.81 -71.98 -4.21
N LEU D 519 0.17 -70.80 -4.22
CA LEU D 519 -1.26 -70.71 -4.18
C LEU D 519 -1.82 -70.84 -5.61
N PRO D 520 -2.91 -71.61 -5.78
CA PRO D 520 -3.53 -71.76 -7.12
C PRO D 520 -4.10 -70.45 -7.66
N GLU D 521 -3.71 -70.10 -8.90
CA GLU D 521 -4.07 -68.84 -9.52
C GLU D 521 -5.59 -68.55 -9.47
N ASP D 522 -6.39 -69.58 -9.68
CA ASP D 522 -7.83 -69.40 -9.89
C ASP D 522 -8.68 -69.98 -8.76
N ALA D 523 -8.22 -69.84 -7.52
CA ALA D 523 -8.92 -70.47 -6.39
C ALA D 523 -9.40 -69.46 -5.35
N ILE D 524 -10.39 -69.83 -4.55
CA ILE D 524 -10.71 -69.00 -3.39
C ILE D 524 -9.70 -69.33 -2.27
N VAL D 525 -8.99 -68.31 -1.80
CA VAL D 525 -7.98 -68.55 -0.76
C VAL D 525 -8.48 -68.05 0.59
N TYR D 526 -8.60 -68.97 1.54
CA TYR D 526 -8.92 -68.60 2.90
C TYR D 526 -7.64 -68.61 3.71
N CYS D 527 -7.32 -67.52 4.40
CA CYS D 527 -6.05 -67.50 5.13
C CYS D 527 -6.29 -67.45 6.64
N ASN D 528 -5.30 -67.97 7.38
CA ASN D 528 -5.12 -67.59 8.77
C ASN D 528 -3.66 -67.54 9.13
N PHE D 529 -3.18 -66.34 9.45
CA PHE D 529 -1.76 -66.15 9.67
C PHE D 529 -1.33 -66.19 11.13
N ASN D 530 -2.25 -66.57 12.03
CA ASN D 530 -1.91 -66.67 13.44
C ASN D 530 -0.99 -67.84 13.71
N GLN D 531 -0.34 -67.82 14.88
CA GLN D 531 0.38 -68.99 15.37
C GLN D 531 -0.62 -70.15 15.55
N LEU D 532 -0.17 -71.38 15.30
CA LEU D 532 -1.06 -72.54 15.26
C LEU D 532 -1.70 -72.91 16.60
N TYR D 533 -1.07 -72.53 17.72
CA TYR D 533 -1.69 -72.77 19.05
C TYR D 533 -3.11 -72.23 19.20
N LYS D 534 -3.47 -71.22 18.41
CA LYS D 534 -4.84 -70.65 18.47
C LYS D 534 -5.94 -71.54 17.83
N ILE D 535 -5.52 -72.55 17.07
CA ILE D 535 -6.44 -73.49 16.45
C ILE D 535 -6.75 -74.67 17.38
N ASP D 536 -8.02 -75.07 17.41
CA ASP D 536 -8.47 -76.25 18.16
C ASP D 536 -9.28 -77.17 17.21
N PRO D 537 -9.65 -78.40 17.66
CA PRO D 537 -10.27 -79.35 16.73
C PRO D 537 -11.61 -78.87 16.17
N SER D 538 -12.34 -78.09 16.97
CA SER D 538 -13.60 -77.50 16.47
C SER D 538 -13.31 -76.51 15.37
N THR D 539 -12.35 -75.62 15.60
CA THR D 539 -12.01 -74.61 14.59
C THR D 539 -11.63 -75.29 13.28
N LEU D 540 -10.82 -76.34 13.36
CA LEU D 540 -10.35 -76.97 12.15
C LEU D 540 -11.53 -77.64 11.48
N GLN D 541 -12.46 -78.17 12.28
CA GLN D 541 -13.66 -78.81 11.76
C GLN D 541 -14.46 -77.78 10.93
N MET D 542 -14.80 -76.66 11.57
CA MET D 542 -15.43 -75.52 10.92
C MET D 542 -14.81 -75.20 9.56
N TRP D 543 -13.48 -75.21 9.50
CA TRP D 543 -12.80 -74.82 8.29
C TRP D 543 -12.94 -75.88 7.22
N ALA D 544 -12.82 -77.14 7.65
CA ALA D 544 -13.03 -78.29 6.76
C ALA D 544 -14.43 -78.18 6.16
N ASN D 545 -15.43 -77.89 7.02
CA ASN D 545 -16.81 -77.69 6.56
C ASN D 545 -16.85 -76.66 5.43
N ILE D 546 -16.26 -75.49 5.67
CA ILE D 546 -16.24 -74.41 4.69
C ILE D 546 -15.57 -74.88 3.41
N LEU D 547 -14.43 -75.56 3.54
CA LEU D 547 -13.67 -75.99 2.37
C LEU D 547 -14.44 -77.00 1.49
N LYS D 548 -15.19 -77.90 2.11
CA LYS D 548 -15.95 -78.87 1.31
C LYS D 548 -17.07 -78.15 0.54
N ARG D 549 -17.75 -77.21 1.20
CA ARG D 549 -18.87 -76.47 0.61
C ARG D 549 -18.48 -75.45 -0.46
N VAL D 550 -17.20 -75.07 -0.49
CA VAL D 550 -16.71 -74.12 -1.50
C VAL D 550 -15.66 -74.80 -2.35
N PRO D 551 -16.08 -75.52 -3.40
CA PRO D 551 -15.11 -76.44 -4.01
C PRO D 551 -14.07 -75.62 -4.79
N ASN D 552 -12.87 -76.20 -4.95
CA ASN D 552 -11.67 -75.55 -5.52
C ASN D 552 -10.90 -74.62 -4.53
N SER D 553 -11.55 -74.22 -3.43
CA SER D 553 -10.94 -73.34 -2.41
C SER D 553 -9.76 -74.01 -1.69
N VAL D 554 -8.90 -73.20 -1.08
CA VAL D 554 -7.78 -73.69 -0.28
C VAL D 554 -7.69 -72.92 1.04
N LEU D 555 -7.00 -73.52 2.00
CA LEU D 555 -6.73 -72.84 3.26
C LEU D 555 -5.24 -72.51 3.36
N TRP D 556 -4.92 -71.29 3.79
CA TRP D 556 -3.55 -70.80 3.78
C TRP D 556 -3.07 -70.57 5.21
N LEU D 557 -2.13 -71.41 5.66
CA LEU D 557 -1.70 -71.34 7.04
C LEU D 557 -0.19 -71.20 7.06
N LEU D 558 0.34 -70.83 8.24
CA LEU D 558 1.79 -70.69 8.39
C LEU D 558 2.44 -71.83 9.16
N ARG D 559 3.71 -72.09 8.86
CA ARG D 559 4.52 -73.03 9.63
C ARG D 559 4.99 -72.30 10.89
N PHE D 560 4.09 -72.23 11.86
CA PHE D 560 4.21 -71.31 12.95
C PHE D 560 3.71 -72.01 14.23
N PRO D 561 4.48 -72.99 14.73
CA PRO D 561 5.79 -73.49 14.26
C PRO D 561 5.66 -74.61 13.24
N ALA D 562 6.71 -74.78 12.44
CA ALA D 562 6.76 -75.80 11.36
C ALA D 562 6.35 -77.21 11.80
N VAL D 563 6.71 -77.59 13.02
CA VAL D 563 6.43 -78.96 13.49
C VAL D 563 4.95 -79.19 13.72
N GLY D 564 4.19 -78.09 13.77
CA GLY D 564 2.75 -78.17 13.87
C GLY D 564 2.11 -78.61 12.57
N GLU D 565 2.76 -78.32 11.45
CA GLU D 565 2.20 -78.58 10.12
C GLU D 565 1.75 -80.04 9.90
N PRO D 566 2.69 -81.03 10.01
CA PRO D 566 2.27 -82.42 9.80
C PRO D 566 1.07 -82.83 10.65
N ASN D 567 0.96 -82.31 11.88
CA ASN D 567 -0.20 -82.61 12.75
C ASN D 567 -1.51 -82.11 12.17
N ILE D 568 -1.51 -80.90 11.62
CA ILE D 568 -2.71 -80.36 11.03
C ILE D 568 -3.07 -81.16 9.79
N GLN D 569 -2.12 -81.34 8.87
CA GLN D 569 -2.29 -82.21 7.68
C GLN D 569 -3.01 -83.51 8.06
N GLN D 570 -2.58 -84.09 9.18
CA GLN D 570 -3.10 -85.34 9.69
C GLN D 570 -4.59 -85.23 10.02
N TYR D 571 -4.95 -84.34 10.95
CA TYR D 571 -6.37 -84.13 11.32
C TYR D 571 -7.24 -83.65 10.16
N ALA D 572 -6.59 -83.02 9.18
CA ALA D 572 -7.27 -82.50 8.01
C ALA D 572 -7.74 -83.66 7.14
N GLN D 573 -6.88 -84.66 6.96
CA GLN D 573 -7.22 -85.82 6.12
C GLN D 573 -8.24 -86.72 6.80
N ASN D 574 -8.07 -86.89 8.10
CA ASN D 574 -9.11 -87.43 8.96
C ASN D 574 -10.49 -86.82 8.72
N MET D 575 -10.53 -85.52 8.42
CA MET D 575 -11.78 -84.82 8.22
C MET D 575 -12.17 -84.83 6.74
N GLY D 576 -11.42 -85.61 5.94
CA GLY D 576 -11.67 -85.77 4.51
C GLY D 576 -11.26 -84.60 3.62
N LEU D 577 -10.09 -84.02 3.90
CA LEU D 577 -9.49 -83.01 3.01
C LEU D 577 -8.16 -83.50 2.53
N PRO D 578 -8.06 -83.80 1.21
CA PRO D 578 -6.77 -84.15 0.59
C PRO D 578 -5.68 -83.13 0.97
N GLN D 579 -4.44 -83.60 1.01
CA GLN D 579 -3.28 -82.77 1.42
C GLN D 579 -3.21 -81.39 0.74
N ASN D 580 -3.64 -81.34 -0.52
CA ASN D 580 -3.50 -80.18 -1.38
C ASN D 580 -4.49 -79.05 -1.17
N ARG D 581 -5.40 -79.23 -0.24
CA ARG D 581 -6.38 -78.19 0.05
C ARG D 581 -5.91 -77.25 1.17
N ILE D 582 -4.83 -77.64 1.85
CA ILE D 582 -4.24 -76.75 2.83
C ILE D 582 -2.80 -76.48 2.45
N ILE D 583 -2.48 -75.19 2.29
CA ILE D 583 -1.15 -74.75 1.87
C ILE D 583 -0.44 -74.03 3.00
N PHE D 584 0.76 -74.50 3.30
CA PHE D 584 1.56 -73.90 4.34
C PHE D 584 2.70 -73.04 3.80
N SER D 585 2.77 -71.80 4.28
CA SER D 585 3.94 -70.99 3.98
C SER D 585 4.87 -70.78 5.20
N PRO D 586 6.17 -70.51 4.97
CA PRO D 586 7.03 -70.11 6.09
C PRO D 586 6.63 -68.75 6.71
N VAL D 587 7.05 -68.51 7.94
CA VAL D 587 6.85 -67.21 8.57
C VAL D 587 7.69 -66.17 7.84
N ALA D 588 7.08 -65.03 7.49
CA ALA D 588 7.76 -63.96 6.73
C ALA D 588 8.24 -62.82 7.60
N PRO D 589 9.12 -61.96 7.07
CA PRO D 589 9.44 -60.70 7.76
C PRO D 589 8.17 -59.86 7.89
N LYS D 590 8.12 -58.98 8.88
CA LYS D 590 6.88 -58.24 9.15
C LYS D 590 6.20 -57.64 7.90
N GLU D 591 6.96 -56.93 7.07
CA GLU D 591 6.41 -56.21 5.92
C GLU D 591 5.87 -57.17 4.87
N GLU D 592 6.65 -58.21 4.53
CA GLU D 592 6.16 -59.23 3.58
C GLU D 592 4.90 -59.91 4.11
N HIS D 593 4.88 -60.20 5.40
CA HIS D 593 3.73 -60.80 6.02
C HIS D 593 2.46 -59.98 5.83
N VAL D 594 2.51 -58.70 6.21
CA VAL D 594 1.37 -57.82 6.02
C VAL D 594 0.95 -57.77 4.54
N ARG D 595 1.93 -57.55 3.68
CA ARG D 595 1.72 -57.35 2.25
C ARG D 595 1.06 -58.55 1.60
N ARG D 596 1.44 -59.76 1.99
CA ARG D 596 0.98 -60.92 1.24
C ARG D 596 -0.47 -61.31 1.59
N GLY D 597 -1.01 -60.67 2.62
CA GLY D 597 -2.45 -60.74 2.92
C GLY D 597 -3.30 -60.31 1.72
N GLN D 598 -2.73 -59.44 0.87
CA GLN D 598 -3.42 -58.95 -0.34
C GLN D 598 -3.78 -60.09 -1.30
N LEU D 599 -2.94 -61.13 -1.33
CA LEU D 599 -3.19 -62.35 -2.13
C LEU D 599 -4.39 -63.20 -1.67
N ALA D 600 -4.78 -63.11 -0.39
CA ALA D 600 -5.91 -63.90 0.12
C ALA D 600 -7.24 -63.39 -0.43
N ASP D 601 -8.29 -64.22 -0.36
CA ASP D 601 -9.66 -63.77 -0.65
C ASP D 601 -10.45 -63.40 0.58
N VAL D 602 -10.41 -64.28 1.58
CA VAL D 602 -11.02 -64.01 2.88
C VAL D 602 -10.08 -64.56 3.96
N CYS D 603 -10.13 -63.98 5.14
CA CYS D 603 -9.39 -64.56 6.24
C CYS D 603 -10.35 -65.12 7.29
N LEU D 604 -10.07 -66.35 7.70
CA LEU D 604 -10.86 -67.06 8.71
C LEU D 604 -10.22 -66.93 10.06
N ASP D 605 -10.87 -66.22 10.96
CA ASP D 605 -10.28 -65.94 12.25
C ASP D 605 -10.55 -67.05 13.27
N THR D 606 -9.51 -67.47 13.96
CA THR D 606 -9.59 -68.43 15.09
C THR D 606 -10.48 -67.90 16.22
N PRO D 607 -11.61 -68.61 16.48
CA PRO D 607 -12.56 -68.25 17.54
C PRO D 607 -12.06 -68.53 18.95
N LEU D 608 -11.11 -69.46 19.11
CA LEU D 608 -10.61 -69.76 20.46
C LEU D 608 -9.93 -68.55 21.11
N CYS D 609 -8.95 -68.03 20.39
CA CYS D 609 -8.24 -66.82 20.76
C CYS D 609 -8.04 -66.13 19.44
N ASN D 610 -8.68 -64.96 19.26
CA ASN D 610 -8.65 -64.19 17.99
C ASN D 610 -7.24 -63.79 17.57
N GLY D 611 -7.07 -63.54 16.28
CA GLY D 611 -5.90 -62.77 15.82
C GLY D 611 -6.02 -61.35 16.38
N HIS D 612 -4.96 -60.86 17.02
CA HIS D 612 -5.00 -59.50 17.59
C HIS D 612 -4.25 -58.54 16.70
N THR D 613 -2.92 -58.49 16.83
CA THR D 613 -2.11 -57.72 15.91
C THR D 613 -2.35 -58.26 14.52
N THR D 614 -2.50 -59.59 14.45
CA THR D 614 -2.71 -60.31 13.20
C THR D 614 -4.04 -59.92 12.51
N GLY D 615 -5.07 -59.67 13.32
CA GLY D 615 -6.32 -59.09 12.82
C GLY D 615 -6.07 -57.79 12.05
N MET D 616 -5.44 -56.83 12.73
CA MET D 616 -5.07 -55.55 12.12
C MET D 616 -4.24 -55.72 10.86
N ASP D 617 -3.29 -56.65 10.89
CA ASP D 617 -2.42 -56.92 9.75
C ASP D 617 -3.23 -57.37 8.52
N VAL D 618 -4.27 -58.18 8.74
CA VAL D 618 -5.00 -58.79 7.62
C VAL D 618 -6.00 -57.78 7.09
N LEU D 619 -6.56 -56.99 8.00
CA LEU D 619 -7.46 -55.89 7.62
C LEU D 619 -6.77 -54.75 6.85
N TRP D 620 -5.49 -54.48 7.18
CA TRP D 620 -4.76 -53.45 6.47
C TRP D 620 -4.55 -53.83 4.99
N ALA D 621 -4.47 -55.11 4.69
CA ALA D 621 -4.33 -55.59 3.33
C ALA D 621 -5.67 -55.49 2.57
N GLY D 622 -6.73 -55.22 3.33
CA GLY D 622 -8.06 -55.05 2.74
C GLY D 622 -8.66 -56.41 2.49
N THR D 623 -8.40 -57.33 3.40
CA THR D 623 -8.89 -58.69 3.29
C THR D 623 -9.95 -58.88 4.34
N PRO D 624 -11.19 -59.18 3.93
CA PRO D 624 -12.27 -59.35 4.93
C PRO D 624 -11.95 -60.54 5.81
N MET D 625 -12.41 -60.48 7.06
CA MET D 625 -12.09 -61.49 8.04
C MET D 625 -13.36 -61.88 8.78
N VAL D 626 -13.71 -63.17 8.69
CA VAL D 626 -14.86 -63.73 9.40
C VAL D 626 -14.49 -64.11 10.84
N THR D 627 -15.27 -63.68 11.81
CA THR D 627 -14.96 -63.98 13.20
C THR D 627 -16.19 -64.46 13.95
N MET D 628 -15.94 -65.14 15.07
CA MET D 628 -17.01 -65.60 15.94
C MET D 628 -16.66 -65.26 17.40
N PRO D 629 -17.10 -64.06 17.86
CA PRO D 629 -16.79 -63.54 19.23
C PRO D 629 -17.20 -64.50 20.33
N GLY D 630 -16.23 -64.97 21.09
CA GLY D 630 -16.49 -65.88 22.20
C GLY D 630 -16.82 -65.13 23.48
N GLU D 631 -16.33 -65.64 24.60
CA GLU D 631 -16.70 -65.05 25.89
C GLU D 631 -15.56 -64.26 26.55
N THR D 632 -14.35 -64.84 26.48
CA THR D 632 -13.10 -64.21 26.93
C THR D 632 -12.78 -63.00 26.07
N LEU D 633 -12.15 -62.01 26.70
CA LEU D 633 -11.60 -60.85 25.98
C LEU D 633 -10.89 -61.31 24.69
N ALA D 634 -9.91 -62.20 24.87
CA ALA D 634 -9.04 -62.60 23.77
C ALA D 634 -9.78 -63.12 22.54
N SER D 635 -11.03 -63.55 22.74
CA SER D 635 -11.82 -64.14 21.64
C SER D 635 -12.85 -63.15 21.08
N ARG D 636 -12.72 -61.89 21.46
CA ARG D 636 -13.71 -60.93 21.04
C ARG D 636 -13.08 -59.77 20.26
N VAL D 637 -11.75 -59.67 20.32
CA VAL D 637 -11.00 -58.57 19.74
C VAL D 637 -11.24 -58.41 18.22
N ALA D 638 -11.27 -59.51 17.50
CA ALA D 638 -11.49 -59.44 16.05
C ALA D 638 -12.87 -58.84 15.72
N ALA D 639 -13.89 -59.28 16.46
CA ALA D 639 -15.24 -58.73 16.32
C ALA D 639 -15.23 -57.22 16.59
N SER D 640 -14.48 -56.83 17.62
CA SER D 640 -14.36 -55.46 18.03
C SER D 640 -13.70 -54.65 16.93
N GLN D 641 -12.65 -55.20 16.34
CA GLN D 641 -12.01 -54.51 15.24
C GLN D 641 -12.98 -54.35 14.07
N LEU D 642 -13.74 -55.40 13.78
CA LEU D 642 -14.68 -55.35 12.64
C LEU D 642 -15.84 -54.40 12.88
N THR D 643 -16.34 -54.36 14.12
CA THR D 643 -17.41 -53.45 14.47
C THR D 643 -16.98 -52.04 14.16
N CYS D 644 -15.77 -51.68 14.60
CA CYS D 644 -15.19 -50.35 14.40
C CYS D 644 -15.01 -49.97 12.91
N LEU D 645 -14.58 -50.94 12.12
CA LEU D 645 -14.40 -50.80 10.69
C LEU D 645 -15.76 -50.59 9.99
N GLY D 646 -16.82 -51.10 10.61
CA GLY D 646 -18.19 -51.01 10.09
C GLY D 646 -18.59 -52.18 9.19
N CYS D 647 -18.24 -53.41 9.61
CA CYS D 647 -18.53 -54.61 8.83
C CYS D 647 -19.23 -55.67 9.67
N LEU D 648 -20.44 -55.35 10.12
CA LEU D 648 -21.18 -56.29 10.99
C LEU D 648 -21.52 -57.62 10.30
N GLU D 649 -21.52 -57.64 8.97
CA GLU D 649 -21.85 -58.86 8.23
C GLU D 649 -20.79 -59.94 8.29
N LEU D 650 -19.64 -59.64 8.88
CA LEU D 650 -18.55 -60.63 9.01
C LEU D 650 -18.46 -61.20 10.43
N ILE D 651 -19.38 -60.79 11.30
CA ILE D 651 -19.41 -61.27 12.67
C ILE D 651 -20.49 -62.35 12.82
N ALA D 652 -20.08 -63.56 13.18
CA ALA D 652 -21.04 -64.66 13.34
C ALA D 652 -21.54 -64.83 14.78
N LYS D 653 -22.82 -65.19 14.94
CA LYS D 653 -23.39 -65.51 16.27
C LYS D 653 -23.09 -66.94 16.75
N ASN D 654 -22.79 -67.84 15.80
CA ASN D 654 -22.49 -69.24 16.09
C ASN D 654 -21.74 -69.91 14.95
N ARG D 655 -21.30 -71.15 15.17
CA ARG D 655 -20.46 -71.85 14.20
C ARG D 655 -21.17 -72.05 12.86
N GLN D 656 -22.48 -72.29 12.92
CA GLN D 656 -23.23 -72.45 11.68
C GLN D 656 -23.17 -71.13 10.88
N GLU D 657 -23.36 -70.00 11.58
CA GLU D 657 -23.35 -68.72 10.89
C GLU D 657 -21.97 -68.37 10.31
N TYR D 658 -20.93 -68.74 11.06
CA TYR D 658 -19.55 -68.51 10.64
C TYR D 658 -19.34 -69.22 9.31
N GLU D 659 -19.69 -70.51 9.27
CA GLU D 659 -19.48 -71.31 8.07
C GLU D 659 -20.25 -70.71 6.88
N ASP D 660 -21.46 -70.24 7.17
CA ASP D 660 -22.35 -69.70 6.15
C ASP D 660 -21.81 -68.41 5.51
N ILE D 661 -21.42 -67.45 6.36
CA ILE D 661 -20.81 -66.21 5.91
C ILE D 661 -19.61 -66.52 5.02
N ALA D 662 -18.71 -67.38 5.52
CA ALA D 662 -17.51 -67.80 4.80
C ALA D 662 -17.82 -68.39 3.43
N VAL D 663 -18.81 -69.28 3.42
CA VAL D 663 -19.18 -70.03 2.21
C VAL D 663 -19.80 -69.08 1.20
N LYS D 664 -20.67 -68.19 1.68
CA LYS D 664 -21.27 -67.20 0.81
C LYS D 664 -20.15 -66.42 0.12
N LEU D 665 -19.19 -65.92 0.91
CA LEU D 665 -18.03 -65.16 0.40
C LEU D 665 -17.24 -65.94 -0.67
N GLY D 666 -17.19 -67.26 -0.53
CA GLY D 666 -16.43 -68.05 -1.47
C GLY D 666 -17.20 -68.37 -2.72
N THR D 667 -18.52 -68.53 -2.60
CA THR D 667 -19.33 -68.96 -3.77
C THR D 667 -19.92 -67.80 -4.55
N ASP D 668 -20.28 -66.70 -3.87
CA ASP D 668 -20.94 -65.56 -4.53
C ASP D 668 -19.94 -64.45 -4.86
N LEU D 669 -19.24 -64.61 -5.98
CA LEU D 669 -18.16 -63.68 -6.33
C LEU D 669 -18.54 -62.18 -6.36
N GLU D 670 -19.79 -61.88 -6.69
CA GLU D 670 -20.27 -60.48 -6.69
C GLU D 670 -20.29 -59.91 -5.27
N TYR D 671 -20.75 -60.72 -4.32
CA TYR D 671 -20.80 -60.33 -2.92
C TYR D 671 -19.39 -60.18 -2.37
N LEU D 672 -18.49 -61.05 -2.82
CA LEU D 672 -17.11 -61.00 -2.35
C LEU D 672 -16.50 -59.65 -2.74
N LYS D 673 -16.49 -59.34 -4.04
CA LYS D 673 -16.02 -58.05 -4.55
C LYS D 673 -16.61 -56.87 -3.76
N LYS D 674 -17.89 -56.93 -3.46
CA LYS D 674 -18.56 -55.90 -2.68
C LYS D 674 -17.95 -55.76 -1.28
N VAL D 675 -17.88 -56.85 -0.53
CA VAL D 675 -17.29 -56.84 0.83
C VAL D 675 -15.79 -56.46 0.83
N ARG D 676 -15.01 -57.08 -0.06
CA ARG D 676 -13.59 -56.75 -0.23
C ARG D 676 -13.39 -55.25 -0.47
N GLY D 677 -14.27 -54.66 -1.31
CA GLY D 677 -14.18 -53.24 -1.63
C GLY D 677 -14.51 -52.39 -0.42
N LYS D 678 -15.39 -52.93 0.42
CA LYS D 678 -15.89 -52.21 1.57
C LYS D 678 -14.78 -52.13 2.61
N VAL D 679 -14.07 -53.24 2.79
CA VAL D 679 -12.94 -53.28 3.72
C VAL D 679 -11.84 -52.34 3.23
N TRP D 680 -11.52 -52.45 1.94
CA TRP D 680 -10.46 -51.65 1.35
C TRP D 680 -10.66 -50.17 1.56
N LYS D 681 -11.92 -49.76 1.61
CA LYS D 681 -12.31 -48.36 1.74
C LYS D 681 -12.33 -47.96 3.22
N GLN D 682 -13.03 -48.78 4.02
CA GLN D 682 -13.27 -48.54 5.44
C GLN D 682 -11.99 -48.48 6.27
N ARG D 683 -10.93 -49.12 5.76
CA ARG D 683 -9.70 -49.22 6.53
C ARG D 683 -9.03 -47.84 6.63
N ILE D 684 -9.30 -46.97 5.65
CA ILE D 684 -8.95 -45.55 5.73
C ILE D 684 -10.05 -44.72 6.41
N SER D 685 -11.29 -44.91 5.98
CA SER D 685 -12.36 -43.99 6.37
C SER D 685 -12.92 -44.22 7.78
N SER D 686 -12.80 -45.44 8.31
CA SER D 686 -13.27 -45.71 9.67
C SER D 686 -12.24 -45.20 10.64
N PRO D 687 -12.54 -45.25 11.95
CA PRO D 687 -11.51 -44.84 12.91
C PRO D 687 -10.45 -45.90 13.23
N LEU D 688 -10.55 -47.09 12.63
CA LEU D 688 -9.71 -48.24 13.08
C LEU D 688 -8.18 -48.05 13.06
N PHE D 689 -7.67 -47.45 11.98
CA PHE D 689 -6.23 -47.25 11.80
C PHE D 689 -5.76 -45.81 12.00
N ASN D 690 -6.67 -44.96 12.52
CA ASN D 690 -6.46 -43.52 12.69
C ASN D 690 -5.89 -43.23 14.05
N THR D 691 -4.56 -43.21 14.12
CA THR D 691 -3.87 -43.12 15.41
C THR D 691 -4.06 -41.75 16.06
N LYS D 692 -4.27 -40.71 15.26
CA LYS D 692 -4.54 -39.40 15.85
C LYS D 692 -5.86 -39.39 16.61
N GLN D 693 -6.94 -39.78 15.94
CA GLN D 693 -8.26 -39.89 16.57
C GLN D 693 -8.20 -40.79 17.80
N TYR D 694 -7.59 -41.97 17.66
CA TYR D 694 -7.42 -42.87 18.78
C TYR D 694 -6.81 -42.15 20.00
N THR D 695 -5.64 -41.54 19.82
CA THR D 695 -4.98 -40.85 20.92
C THR D 695 -5.92 -39.87 21.57
N MET D 696 -6.60 -39.06 20.77
CA MET D 696 -7.54 -38.09 21.30
C MET D 696 -8.64 -38.73 22.16
N GLU D 697 -9.18 -39.85 21.69
CA GLU D 697 -10.18 -40.61 22.46
C GLU D 697 -9.60 -41.14 23.77
N LEU D 698 -8.38 -41.68 23.68
CA LEU D 698 -7.63 -42.11 24.85
C LEU D 698 -7.38 -40.97 25.85
N GLU D 699 -7.03 -39.80 25.32
CA GLU D 699 -6.86 -38.60 26.13
C GLU D 699 -8.14 -38.22 26.87
N ARG D 700 -9.27 -38.27 26.17
CA ARG D 700 -10.56 -37.94 26.79
C ARG D 700 -10.85 -38.94 27.94
N LEU D 701 -10.56 -40.22 27.67
CA LEU D 701 -10.71 -41.25 28.67
C LEU D 701 -9.84 -40.99 29.89
N TYR D 702 -8.59 -40.59 29.67
CA TYR D 702 -7.69 -40.30 30.79
C TYR D 702 -8.26 -39.20 31.66
N LEU D 703 -8.74 -38.15 31.00
CA LEU D 703 -9.24 -36.98 31.71
C LEU D 703 -10.46 -37.34 32.54
N GLN D 704 -11.34 -38.23 32.04
CA GLN D 704 -12.47 -38.76 32.81
C GLN D 704 -11.98 -39.41 34.08
N MET D 705 -10.96 -40.25 33.96
CA MET D 705 -10.45 -41.02 35.08
C MET D 705 -9.89 -40.11 36.15
N TRP D 706 -9.29 -39.02 35.69
CA TRP D 706 -8.69 -38.08 36.59
C TRP D 706 -9.71 -37.20 37.29
N GLU D 707 -10.65 -36.63 36.53
CA GLU D 707 -11.72 -35.76 37.09
C GLU D 707 -12.40 -36.49 38.22
N HIS D 708 -12.66 -37.77 37.97
CA HIS D 708 -13.24 -38.68 38.94
C HIS D 708 -12.39 -38.84 40.20
N TYR D 709 -11.09 -39.05 40.04
CA TYR D 709 -10.20 -39.25 41.18
C TYR D 709 -10.01 -37.96 41.98
N ALA D 710 -9.91 -36.83 41.28
CA ALA D 710 -9.65 -35.53 41.93
C ALA D 710 -10.87 -35.06 42.69
N ALA D 711 -12.04 -35.52 42.25
CA ALA D 711 -13.28 -35.29 42.97
C ALA D 711 -13.36 -36.13 44.25
N GLY D 712 -12.32 -36.91 44.53
CA GLY D 712 -12.24 -37.68 45.77
C GLY D 712 -12.83 -39.08 45.72
N ASN D 713 -13.19 -39.55 44.52
CA ASN D 713 -13.77 -40.89 44.32
C ASN D 713 -12.81 -42.06 44.06
N LYS D 714 -13.18 -43.24 44.55
CA LYS D 714 -12.49 -44.48 44.20
C LYS D 714 -12.91 -44.92 42.79
N PRO D 715 -12.04 -45.69 42.10
CA PRO D 715 -12.38 -45.99 40.71
C PRO D 715 -13.73 -46.70 40.56
N ASP D 716 -14.52 -46.28 39.58
CA ASP D 716 -15.70 -47.03 39.17
C ASP D 716 -15.74 -47.04 37.63
N HIS D 717 -16.64 -47.83 37.03
CA HIS D 717 -16.71 -48.00 35.57
C HIS D 717 -16.86 -46.70 34.77
N MET D 718 -16.10 -46.56 33.70
CA MET D 718 -16.16 -45.36 32.88
C MET D 718 -16.81 -45.71 31.56
N ILE D 719 -18.10 -46.03 31.61
CA ILE D 719 -18.80 -46.57 30.45
C ILE D 719 -19.62 -45.55 29.62
N LYS D 720 -19.45 -44.24 29.95
CA LYS D 720 -19.88 -43.11 29.09
C LYS D 720 -21.38 -43.12 28.68
C ACE E 1 24.75 -20.11 14.06
O ACE E 1 24.33 -18.93 14.10
CH3 ACE E 1 26.22 -20.39 13.63
N VAL E 2 24.04 -21.27 14.37
CA VAL E 2 22.59 -21.46 14.77
C VAL E 2 21.65 -21.63 13.55
N THR E 3 21.97 -20.88 12.48
CA THR E 3 21.25 -20.91 11.20
C THR E 3 22.34 -20.85 10.09
N PRO E 4 22.85 -22.05 9.69
CA PRO E 4 23.91 -22.39 8.67
C PRO E 4 23.59 -21.95 7.38
N VAL E 5 24.64 -21.44 6.73
CA VAL E 5 24.61 -20.78 5.43
C VAL E 5 25.77 -21.28 4.58
CZ SRZ E 6 23.08 -21.31 -1.11
CE SRZ E 6 23.55 -22.66 -0.60
CD SRZ E 6 25.05 -22.67 -0.77
OG SRZ E 6 25.60 -22.79 0.52
CB SRZ E 6 26.24 -21.56 0.86
CA SRZ E 6 26.71 -21.64 2.31
C SRZ E 6 27.79 -20.60 2.44
O SRZ E 6 27.56 -19.45 2.09
N SRZ E 6 25.61 -21.26 3.23
N THR E 7 28.92 -21.02 2.99
CA THR E 7 30.06 -20.09 3.21
C THR E 7 31.20 -20.43 2.27
N ALA E 8 32.05 -19.44 2.03
CA ALA E 8 33.18 -19.60 1.11
C ALA E 8 34.35 -20.20 1.82
N NH2 E 9 35.11 -20.97 1.06
C ACE F 1 -4.53 45.41 11.23
O ACE F 1 -3.35 45.79 11.40
CH3 ACE F 1 -5.21 44.63 12.41
N VAL F 2 -5.34 45.61 10.08
CA VAL F 2 -5.03 46.29 8.76
C VAL F 2 -4.16 45.47 7.78
N THR F 3 -3.16 44.76 8.31
CA THR F 3 -2.28 43.92 7.46
C THR F 3 -2.30 42.47 8.06
N PRO F 4 -3.13 41.61 7.46
CA PRO F 4 -3.42 40.16 7.79
C PRO F 4 -2.32 39.29 7.67
N VAL F 5 -2.12 38.57 8.77
CA VAL F 5 -1.00 37.65 8.98
C VAL F 5 -1.51 36.27 9.36
CZ SRZ F 6 2.37 32.20 6.25
CE SRZ F 6 0.90 32.20 5.87
CD SRZ F 6 0.10 31.51 6.98
OG SRZ F 6 -0.70 32.50 7.64
CB SRZ F 6 -0.24 32.77 8.95
CA SRZ F 6 -1.12 33.83 9.58
C SRZ F 6 -1.07 33.76 11.13
O SRZ F 6 -0.01 33.95 11.75
N SRZ F 6 -0.68 35.20 9.15
N THR F 7 -2.24 33.59 11.77
CA THR F 7 -2.26 33.61 13.25
C THR F 7 -2.83 32.32 13.82
N ALA F 8 -2.33 31.96 15.02
CA ALA F 8 -2.70 30.73 15.74
C ALA F 8 -4.11 30.76 16.23
N NH2 F 9 -4.76 29.61 16.17
C ACE G 1 -33.25 39.27 -25.21
O ACE G 1 -33.17 38.77 -26.36
CH3 ACE G 1 -34.36 40.35 -24.97
N VAL G 2 -32.45 39.00 -24.07
CA VAL G 2 -31.28 38.04 -23.82
C VAL G 2 -29.96 38.38 -24.57
N THR G 3 -30.06 39.23 -25.63
CA THR G 3 -28.91 39.67 -26.43
C THR G 3 -29.18 41.15 -26.77
N PRO G 4 -28.71 42.07 -25.90
CA PRO G 4 -28.90 43.56 -25.92
C PRO G 4 -28.39 44.16 -27.07
N VAL G 5 -29.17 45.13 -27.56
CA VAL G 5 -28.95 45.88 -28.79
C VAL G 5 -29.31 47.37 -28.63
CZ SRZ G 6 -24.39 49.97 -32.35
CE SRZ G 6 -24.53 50.42 -30.88
CD SRZ G 6 -25.91 51.09 -30.71
OG SRZ G 6 -26.80 50.09 -30.21
CB SRZ G 6 -28.13 50.51 -30.35
CA SRZ G 6 -29.00 49.70 -29.39
C SRZ G 6 -30.42 49.85 -29.93
O SRZ G 6 -30.66 49.59 -31.11
N SRZ G 6 -28.66 48.26 -29.40
N THR G 7 -31.35 50.24 -29.06
CA THR G 7 -32.73 50.35 -29.55
C THR G 7 -33.21 51.78 -29.32
N ALA G 8 -34.14 52.22 -30.20
CA ALA G 8 -34.72 53.57 -30.25
C ALA G 8 -35.47 53.92 -28.96
N NH2 G 9 -35.13 55.08 -28.39
C ACE H 1 13.37 -65.64 16.48
O ACE H 1 13.16 -66.57 15.68
CH3 ACE H 1 13.31 -65.96 18.00
N VAL H 2 13.68 -64.31 16.20
CA VAL H 2 13.81 -63.52 14.88
C VAL H 2 12.48 -62.75 14.50
N THR H 3 11.34 -63.41 14.70
CA THR H 3 10.04 -62.76 14.45
C THR H 3 9.41 -62.82 15.82
N PRO H 4 9.41 -61.68 16.55
CA PRO H 4 8.92 -61.52 17.97
C PRO H 4 7.52 -61.58 18.08
N VAL H 5 7.12 -62.22 19.17
CA VAL H 5 5.71 -62.51 19.51
C VAL H 5 5.44 -62.18 21.00
CZ SRZ H 6 -0.94 -60.13 20.49
CE SRZ H 6 0.09 -59.14 21.07
CD SRZ H 6 0.76 -59.75 22.31
OG SRZ H 6 1.81 -60.62 21.86
CB SRZ H 6 2.32 -61.35 22.98
CA SRZ H 6 3.78 -61.79 22.78
C SRZ H 6 3.97 -63.15 23.48
O SRZ H 6 3.35 -64.15 23.10
N SRZ H 6 4.15 -62.02 21.36
N THR H 7 4.88 -63.20 24.47
CA THR H 7 5.14 -64.48 25.15
C THR H 7 4.83 -64.34 26.65
N ALA H 8 4.48 -65.46 27.29
CA ALA H 8 4.08 -65.48 28.71
C ALA H 8 5.23 -65.17 29.66
N NH2 H 9 4.96 -64.32 30.66
S SO4 I . 64.76 -12.82 1.84
O1 SO4 I . 65.03 -12.56 3.26
O2 SO4 I . 65.72 -12.03 1.05
O3 SO4 I . 64.92 -14.24 1.56
O4 SO4 I . 63.41 -12.37 1.53
S SO4 J . 34.34 -46.01 7.53
O1 SO4 J . 33.84 -46.46 8.82
O2 SO4 J . 35.14 -44.81 7.75
O3 SO4 J . 35.13 -47.12 6.95
O4 SO4 J . 33.21 -45.71 6.65
S SO4 K . 30.19 -51.00 4.35
O1 SO4 K . 29.35 -52.21 4.31
O2 SO4 K . 31.15 -51.12 5.44
O3 SO4 K . 30.91 -50.87 3.08
O4 SO4 K . 29.35 -49.82 4.55
S SO4 L . 34.16 -25.94 -25.41
O1 SO4 L . 34.24 -27.00 -24.40
O2 SO4 L . 35.08 -24.85 -25.02
O3 SO4 L . 34.56 -26.48 -26.70
O4 SO4 L . 32.77 -25.45 -25.50
S SO4 M . 50.94 -14.97 -5.51
O1 SO4 M . 51.23 -15.35 -4.13
O2 SO4 M . 50.07 -13.79 -5.45
O3 SO4 M . 52.17 -14.68 -6.25
O4 SO4 M . 50.28 -16.08 -6.21
S SO4 N . 2.13 2.71 -13.35
O1 SO4 N . 2.63 1.59 -12.56
O2 SO4 N . 1.94 3.87 -12.46
O3 SO4 N . 3.10 3.08 -14.37
O4 SO4 N . 0.88 2.18 -13.92
S SO4 O . 18.40 -3.13 -18.07
O1 SO4 O . 18.03 -4.43 -17.50
O2 SO4 O . 19.11 -2.31 -17.08
O3 SO4 O . 19.30 -3.41 -19.19
O4 SO4 O . 17.20 -2.40 -18.48
S SO4 P . 51.35 -11.21 25.60
O1 SO4 P . 50.21 -12.14 25.44
O2 SO4 P . 52.63 -11.80 25.19
O3 SO4 P . 51.17 -10.01 24.78
O4 SO4 P . 51.48 -10.84 27.02
S SO4 Q . -13.38 19.92 43.91
O1 SO4 Q . -14.52 20.82 44.00
O2 SO4 Q . -13.31 19.23 45.19
O3 SO4 Q . -13.68 19.00 42.82
O4 SO4 Q . -12.12 20.65 43.67
S SO4 R . -25.09 28.13 0.90
O1 SO4 R . -26.40 28.47 0.36
O2 SO4 R . -24.33 29.28 1.45
O3 SO4 R . -25.30 27.16 1.98
O4 SO4 R . -24.34 27.51 -0.19
S SO4 S . -25.61 26.04 -6.60
O1 SO4 S . -25.75 27.48 -6.89
O2 SO4 S . -24.24 25.81 -6.14
O3 SO4 S . -26.56 25.66 -5.56
O4 SO4 S . -25.94 25.28 -7.81
S SO4 T . 4.22 5.65 7.99
O1 SO4 T . 3.31 6.80 7.90
O2 SO4 T . 5.58 6.15 8.23
O3 SO4 T . 3.72 4.73 9.03
O4 SO4 T . 4.32 4.98 6.68
S SO4 U . -5.58 20.07 30.86
O1 SO4 U . -5.66 21.35 31.58
O2 SO4 U . -4.25 19.44 30.99
O3 SO4 U . -6.60 19.15 31.37
O4 SO4 U . -5.80 20.33 29.44
S SO4 V . 36.04 37.42 3.07
O1 SO4 V . 35.07 37.69 2.00
O2 SO4 V . 36.03 38.52 4.03
O3 SO4 V . 35.73 36.17 3.77
O4 SO4 V . 37.36 37.29 2.46
S SO4 W . 26.16 24.85 11.30
O1 SO4 W . 24.82 24.99 10.72
O2 SO4 W . 26.16 25.41 12.65
O3 SO4 W . 26.50 23.44 11.35
O4 SO4 W . 27.16 25.59 10.51
S SO4 X . -62.47 69.04 -28.82
O1 SO4 X . -62.36 68.41 -27.52
O2 SO4 X . -63.88 69.36 -29.06
O3 SO4 X . -61.71 70.29 -28.77
O4 SO4 X . -61.97 68.14 -29.86
S SO4 Y . -35.84 49.63 -32.57
O1 SO4 Y . -35.07 48.43 -32.27
O2 SO4 Y . -36.78 49.25 -33.61
O3 SO4 Y . -36.59 50.10 -31.39
O4 SO4 Y . -34.91 50.68 -33.02
S SO4 Z . -25.49 58.25 -5.09
O1 SO4 Z . -24.59 57.60 -4.13
O2 SO4 Z . -26.23 57.24 -5.85
O3 SO4 Z . -26.35 59.15 -4.32
O4 SO4 Z . -24.68 59.03 -6.03
S SO4 AA . -18.13 59.34 -3.72
O1 SO4 AA . -16.76 59.44 -3.19
O2 SO4 AA . -19.03 59.03 -2.62
O3 SO4 AA . -18.55 60.60 -4.32
O4 SO4 AA . -18.18 58.28 -4.73
S SO4 BA . -47.93 66.56 -32.85
O1 SO4 BA . -47.65 65.19 -32.43
O2 SO4 BA . -48.95 66.55 -33.91
O3 SO4 BA . -48.44 67.30 -31.70
O4 SO4 BA . -46.71 67.19 -33.36
S SO4 CA . -22.80 53.51 -57.38
O1 SO4 CA . -22.74 53.34 -55.92
O2 SO4 CA . -24.20 53.52 -57.82
O3 SO4 CA . -22.16 54.79 -57.70
O4 SO4 CA . -22.07 52.42 -58.03
S SO4 DA . 11.76 -80.38 55.83
O1 SO4 DA . 12.96 -79.55 55.91
O2 SO4 DA . 11.71 -81.26 57.00
O3 SO4 DA . 10.61 -79.47 55.81
O4 SO4 DA . 11.72 -81.21 54.62
S SO4 EA . 17.00 -41.97 32.68
O1 SO4 EA . 18.13 -41.64 31.81
O2 SO4 EA . 16.88 -43.42 32.83
O3 SO4 EA . 17.24 -41.29 33.97
O4 SO4 EA . 15.75 -41.49 32.10
S SO4 FA . 14.54 -34.93 30.53
O1 SO4 FA . 13.95 -33.67 30.08
O2 SO4 FA . 15.93 -34.96 30.09
O3 SO4 FA . 14.47 -35.01 31.99
O4 SO4 FA . 13.82 -36.06 29.94
S SO4 GA . -18.64 -54.76 40.14
O1 SO4 GA . -17.56 -53.80 39.87
O2 SO4 GA . -18.13 -56.12 40.04
O3 SO4 GA . -19.17 -54.51 41.47
O4 SO4 GA . -19.71 -54.56 39.15
S SO4 HA . 2.52 -73.27 45.76
O1 SO4 HA . 3.65 -73.07 44.85
O2 SO4 HA . 1.92 -74.57 45.47
O3 SO4 HA . 2.96 -73.27 47.15
O4 SO4 HA . 1.53 -72.22 45.56
S SO4 IA . -24.27 -75.08 0.49
O1 SO4 IA . -23.13 -74.24 0.89
O2 SO4 IA . -24.48 -76.14 1.48
O3 SO4 IA . -25.47 -74.24 0.40
O4 SO4 IA . -23.94 -75.68 -0.79
S SO4 JA . -22.44 -73.00 18.05
O1 SO4 JA . -21.71 -71.75 18.20
O2 SO4 JA . -21.55 -74.11 18.36
O3 SO4 JA . -23.57 -72.99 18.96
O4 SO4 JA . -22.92 -73.14 16.67
N1 UDP KA . 17.15 -19.55 6.48
C2 UDP KA . 16.61 -19.91 7.66
N3 UDP KA . 15.84 -19.04 8.41
C4 UDP KA . 15.70 -17.74 7.96
C5 UDP KA . 16.27 -17.32 6.76
C6 UDP KA . 16.99 -18.23 6.00
O2 UDP KA . 16.73 -21.05 8.11
O4 UDP KA . 15.05 -16.98 8.66
C1' UDP KA . 18.03 -20.53 5.77
C2' UDP KA . 17.70 -20.81 4.36
O2' UDP KA . 16.65 -21.74 4.34
C3' UDP KA . 18.99 -21.51 3.94
C4' UDP KA . 20.03 -20.62 4.60
O4' UDP KA . 19.37 -19.95 5.70
O3' UDP KA . 19.04 -22.82 4.51
C5' UDP KA . 20.44 -19.51 3.65
O5' UDP KA . 21.82 -19.63 3.37
PA UDP KA . 22.41 -19.09 2.00
O1A UDP KA . 22.31 -17.61 2.10
O2A UDP KA . 23.73 -19.68 1.64
O3A UDP KA . 21.28 -19.72 1.03
PB UDP KA . 21.24 -19.67 -0.62
O1B UDP KA . 19.80 -19.48 -0.94
O2B UDP KA . 22.24 -18.81 -1.34
O3B UDP KA . 21.70 -21.17 -0.79
S SO4 LA . 31.46 -15.91 3.19
O1 SO4 LA . 30.17 -16.25 3.81
O2 SO4 LA . 31.93 -14.60 3.68
O3 SO4 LA . 32.42 -16.92 3.61
O4 SO4 LA . 31.35 -15.88 1.73
N1 UDP MA . 3.03 41.99 4.17
C2 UDP MA . 2.55 43.18 3.81
N3 UDP MA . 3.31 44.34 3.97
C4 UDP MA . 4.59 44.26 4.52
C5 UDP MA . 5.09 43.01 4.90
C6 UDP MA . 4.30 41.88 4.74
O2 UDP MA . 1.44 43.28 3.29
O4 UDP MA . 5.25 45.28 4.67
C1' UDP MA . 2.19 40.81 4.01
C2' UDP MA . 2.80 39.66 3.28
O2' UDP MA . 2.69 39.86 1.89
C3' UDP MA . 1.87 38.58 3.75
C4' UDP MA . 1.76 38.91 5.21
O4' UDP MA . 2.16 40.28 5.29
O3' UDP MA . 0.55 38.72 3.20
C5' UDP MA . 2.77 38.11 6.01
O5' UDP MA . 2.09 37.24 6.91
PA UDP MA . 2.85 35.98 7.56
O1A UDP MA . 3.92 36.56 8.44
O2A UDP MA . 1.85 35.00 8.08
O3A UDP MA . 3.50 35.46 6.21
PB UDP MA . 4.22 34.09 6.00
O1B UDP MA . 5.22 34.39 4.92
O2B UDP MA . 4.71 33.46 7.24
O3B UDP MA . 2.94 33.25 5.49
S SO4 NA . -0.05 34.38 16.86
O1 SO4 NA . -0.01 35.45 15.85
O2 SO4 NA . 0.44 34.92 18.12
O3 SO4 NA . -1.42 33.88 17.02
O4 SO4 NA . 0.82 33.26 16.44
N1 UDP OA . -24.18 40.06 -30.94
C2 UDP OA . -24.21 38.94 -30.18
N3 UDP OA . -24.42 37.68 -30.74
C4 UDP OA . -24.65 37.55 -32.10
C5 UDP OA . -24.64 38.68 -32.91
C6 UDP OA . -24.43 39.94 -32.34
O2 UDP OA . -24.01 38.97 -28.97
O4 UDP OA . -24.85 36.43 -32.54
C1' UDP OA . -24.01 41.40 -30.28
C2' UDP OA . -23.06 42.39 -30.90
O2' UDP OA . -21.73 42.23 -30.46
C3' UDP OA . -23.62 43.64 -30.27
C4' UDP OA . -25.11 43.45 -30.50
O4' UDP OA . -25.29 42.02 -30.49
O3' UDP OA . -23.42 43.65 -28.84
C5' UDP OA . -25.53 44.09 -31.84
O5' UDP OA . -26.44 45.18 -31.57
PA UDP OA . -26.59 46.41 -32.59
O1A UDP OA . -27.45 46.02 -33.75
O2A UDP OA . -26.93 47.60 -31.80
O3A UDP OA . -25.08 46.48 -33.11
PB UDP OA . -24.41 47.76 -33.75
O1B UDP OA . -23.09 47.29 -34.27
O2B UDP OA . -25.34 48.49 -34.64
O3B UDP OA . -24.19 48.57 -32.38
N1 UDP PA . 4.12 -62.10 11.94
C2 UDP PA . 5.25 -62.01 11.25
N3 UDP PA . 5.49 -62.75 10.12
C4 UDP PA . 4.56 -63.66 9.68
C5 UDP PA . 3.38 -63.79 10.41
C6 UDP PA . 3.16 -63.02 11.54
O2 UDP PA . 6.11 -61.22 11.61
O4 UDP PA . 4.82 -64.32 8.68
C1' UDP PA . 4.02 -61.27 13.17
C2' UDP PA . 2.76 -60.56 13.33
O2' UDP PA . 2.89 -59.39 12.56
C3' UDP PA . 2.79 -60.22 14.83
C4' UDP PA . 3.49 -61.39 15.46
O4' UDP PA . 4.13 -62.07 14.38
O3' UDP PA . 3.57 -59.03 15.10
C5' UDP PA . 2.45 -62.37 15.93
O5' UDP PA . 2.60 -62.64 17.31
PA UDP PA . 1.29 -62.99 18.16
O1A UDP PA . 0.85 -64.38 17.88
O2A UDP PA . 1.52 -62.53 19.55
O3A UDP PA . 0.19 -62.01 17.52
PB UDP PA . -1.16 -61.61 18.30
O1B UDP PA . -2.14 -61.24 17.22
O2B UDP PA . -1.54 -62.63 19.31
O3B UDP PA . -0.74 -60.25 19.09
S SO4 QA . 4.37 -68.62 25.63
O1 SO4 QA . 4.88 -67.82 24.51
O2 SO4 QA . 4.39 -70.03 25.21
O3 SO4 QA . 5.23 -68.49 26.81
O4 SO4 QA . 3.01 -68.17 25.94
#